data_7NGF
#
_entry.id   7NGF
#
_cell.length_a   1.00
_cell.length_b   1.00
_cell.length_c   1.00
_cell.angle_alpha   90.00
_cell.angle_beta   90.00
_cell.angle_gamma   90.00
#
_symmetry.space_group_name_H-M   'P 1'
#
loop_
_entity.id
_entity.type
_entity.pdbx_description
1 polymer 'Lon protease homolog, mitochondrial'
2 polymer 'substrate protein chain:G'
3 non-polymer "ADENOSINE-5'-TRIPHOSPHATE"
4 non-polymer 'MAGNESIUM ION'
5 non-polymer "ADENOSINE-5'-DIPHOSPHATE"
#
loop_
_entity_poly.entity_id
_entity_poly.type
_entity_poly.pdbx_seq_one_letter_code
_entity_poly.pdbx_strand_id
1 'polypeptide(L)'
;HLPLIAITRNPVFPRFIKIIEVKNKKLVELLRRKVRLAQPYVGVFLKRDDSNESDVVESLDEIYHTGTFAQIHEMQDLGD
KLRMIVMGHRRVHISRQLEVEPEEPEAENKHKPRRKSKRGKKEAEDELSARHPAELAMEPTPELPAEVLMVEVENVVHED
FQVTEEVKALTAEIVKTIRDIIALNPLYRESVLQMMQAGQRVVDNPIYLSDMGAALTGAESHELQDVLEETNIPKRLYKA
LSLLKKEFELSKLQQRLGREVEEKIKQTHRKYLLQEQLKIIKKELGLEKDDKDAIEEKFRERLKELVVPKHVMDVVDEEL
SKLGLLDNHSSEFNVTRNYLDWLTSIPWGKYSNENLDLARAQAVLEEDHYGMEDVKKRILEFIAVSQLRGSTQGKILCFY
GPPGVGKTSIARSIARALNREYFRFSVGGMTDVAEIKGHRRTYVGAMPGKIIQCLKKTKTENPLILIDEVDKIGRGYQGD
PSSALLELLDPEQNANFLDHYLDVPVDLSKVLFICTANVTDTIPEPLRDRMEMINVSGYVAQEKLAIAERYLVPQARALC
GLDESKAKLSSDVLTLLIKQYCRESGVRNLQKQVEKVLRKSAYKIVSGEAESVEVTPENLQDFVGKPVFTVERMYDVTPP
GVVMGLAWTAMGGSTLFVETSLRRPQDKDAKGDKDGSLEVTGQLGEVMKESARIAYTFARAFLMQHAPANDYLVTSHIHL
HVPEGATPKDGPSAGCTIVTALLSLAMGRPVRQNLAMTGEVSLTGKILPVGGIKEKTIAAKRAGVTCIVLPAENKKDFYD
LAAFITEGLEVHFVEHYREIFDIAFP
;
A,B,C,D,E,F
2 'polypeptide(L)'
;(UNK)(UNK)(UNK)(UNK)(UNK)(UNK)(UNK)(UNK)(UNK)(UNK)(UNK)(UNK)(UNK)(UNK)(UNK)(UNK)
(UNK)(UNK)(UNK)(UNK)(UNK)(UNK)(UNK)(UNK)(UNK)(UNK)(UNK)(UNK)(UNK)(UNK)(UNK)(UNK)
(UNK)(UNK)(UNK)(UNK)(UNK)(UNK)(UNK)(UNK)(UNK)(UNK)(UNK)(UNK)(UNK)(UNK)(UNK)(UNK)
(UNK)(UNK)(UNK)(UNK)(UNK)(UNK)(UNK)
;
G
#
loop_
_chem_comp.id
_chem_comp.type
_chem_comp.name
_chem_comp.formula
ADP non-polymer ADENOSINE-5'-DIPHOSPHATE 'C10 H15 N5 O10 P2'
ATP non-polymer ADENOSINE-5'-TRIPHOSPHATE 'C10 H16 N5 O13 P3'
MG non-polymer 'MAGNESIUM ION' 'Mg 2'
#
# COMPACT_ATOMS: atom_id res chain seq x y z
N HIS A 1 -11.51 -53.29 63.74
CA HIS A 1 -12.48 -53.53 62.67
C HIS A 1 -13.22 -52.27 62.27
N LEU A 2 -12.49 -51.27 61.76
CA LEU A 2 -13.11 -50.03 61.32
C LEU A 2 -12.67 -49.77 59.89
N PRO A 3 -13.50 -49.10 59.07
CA PRO A 3 -13.07 -48.83 57.68
C PRO A 3 -12.00 -47.75 57.61
N LEU A 4 -11.22 -47.81 56.54
CA LEU A 4 -10.18 -46.83 56.32
C LEU A 4 -10.79 -45.44 56.09
N ILE A 5 -10.07 -44.41 56.50
CA ILE A 5 -10.53 -43.03 56.37
C ILE A 5 -10.16 -42.54 54.99
N ALA A 6 -10.97 -41.61 54.48
CA ALA A 6 -10.81 -41.00 53.16
C ALA A 6 -9.94 -39.77 53.31
N ILE A 7 -8.63 -40.01 53.21
CA ILE A 7 -7.62 -38.95 53.35
C ILE A 7 -7.95 -37.77 52.45
N THR A 8 -8.22 -38.04 51.17
CA THR A 8 -8.59 -37.02 50.18
C THR A 8 -7.64 -35.83 50.20
N ARG A 9 -6.42 -36.08 49.71
CA ARG A 9 -5.35 -35.09 49.60
C ARG A 9 -5.11 -34.31 50.90
N ASN A 10 -4.68 -35.04 51.95
CA ASN A 10 -4.38 -34.44 53.25
C ASN A 10 -3.27 -35.23 53.96
N PRO A 11 -2.00 -34.81 53.85
CA PRO A 11 -0.94 -35.56 54.54
C PRO A 11 -0.93 -35.16 56.01
N VAL A 12 -0.80 -36.16 56.87
CA VAL A 12 -0.77 -35.97 58.33
C VAL A 12 0.56 -36.53 58.83
N PHE A 13 1.56 -35.66 58.79
CA PHE A 13 2.92 -35.99 59.20
C PHE A 13 2.93 -36.38 60.68
N PRO A 14 3.79 -37.33 61.10
CA PRO A 14 3.85 -37.71 62.53
C PRO A 14 4.07 -36.53 63.48
N ARG A 15 3.38 -36.59 64.63
CA ARG A 15 3.44 -35.56 65.69
C ARG A 15 3.24 -34.14 65.17
N PHE A 16 2.13 -33.96 64.45
CA PHE A 16 1.77 -32.67 63.89
C PHE A 16 0.25 -32.61 63.77
N ILE A 17 -0.38 -31.79 64.62
CA ILE A 17 -1.84 -31.65 64.59
C ILE A 17 -2.27 -31.24 63.19
N LYS A 18 -3.33 -31.89 62.70
CA LYS A 18 -3.85 -31.61 61.37
C LYS A 18 -5.37 -31.73 61.43
N ILE A 19 -6.03 -31.14 60.44
CA ILE A 19 -7.49 -31.14 60.34
C ILE A 19 -7.84 -31.88 59.05
N ILE A 20 -8.94 -32.63 59.09
CA ILE A 20 -9.43 -33.39 57.94
C ILE A 20 -10.89 -33.00 57.74
N GLU A 21 -11.23 -32.65 56.49
CA GLU A 21 -12.58 -32.23 56.11
C GLU A 21 -13.04 -32.90 54.82
N VAL A 22 -13.45 -34.17 54.89
CA VAL A 22 -13.94 -34.84 53.69
C VAL A 22 -15.31 -34.24 53.33
N LYS A 23 -15.60 -34.15 52.03
CA LYS A 23 -16.88 -33.58 51.61
C LYS A 23 -18.02 -34.59 51.70
N ASN A 24 -17.71 -35.88 51.56
CA ASN A 24 -18.72 -36.94 51.63
C ASN A 24 -19.29 -37.05 53.03
N LYS A 25 -20.54 -37.54 53.11
CA LYS A 25 -21.25 -37.72 54.36
C LYS A 25 -21.29 -39.17 54.79
N LYS A 26 -20.65 -40.08 54.06
CA LYS A 26 -20.71 -41.47 54.50
C LYS A 26 -19.76 -41.71 55.66
N LEU A 27 -18.71 -40.90 55.79
CA LEU A 27 -17.78 -41.01 56.91
C LEU A 27 -18.31 -40.35 58.16
N VAL A 28 -19.26 -39.41 58.03
CA VAL A 28 -19.77 -38.75 59.21
C VAL A 28 -20.61 -39.72 60.01
N GLU A 29 -21.24 -40.69 59.34
CA GLU A 29 -22.04 -41.66 60.07
C GLU A 29 -21.11 -42.47 60.96
N LEU A 30 -19.91 -42.77 60.44
CA LEU A 30 -18.93 -43.51 61.21
C LEU A 30 -18.35 -42.65 62.31
N LEU A 31 -18.24 -41.33 62.07
CA LEU A 31 -17.70 -40.43 63.09
C LEU A 31 -18.68 -40.23 64.23
N ARG A 32 -19.99 -40.36 63.95
CA ARG A 32 -21.02 -40.23 64.97
C ARG A 32 -21.19 -41.55 65.72
N ARG A 33 -20.81 -42.66 65.09
CA ARG A 33 -20.90 -43.97 65.73
C ARG A 33 -19.75 -44.20 66.71
N LYS A 34 -18.64 -43.44 66.60
CA LYS A 34 -17.48 -43.57 67.49
C LYS A 34 -17.44 -42.51 68.59
N VAL A 35 -18.49 -41.70 68.74
CA VAL A 35 -18.51 -40.66 69.78
C VAL A 35 -18.84 -41.29 71.13
N ARG A 36 -19.45 -42.48 71.13
CA ARG A 36 -19.86 -43.17 72.34
C ARG A 36 -18.70 -43.80 73.10
N LEU A 37 -17.56 -44.08 72.46
CA LEU A 37 -16.42 -44.68 73.15
C LEU A 37 -15.82 -43.70 74.15
N ALA A 38 -15.21 -44.24 75.21
CA ALA A 38 -14.60 -43.41 76.24
C ALA A 38 -13.22 -42.91 75.80
N GLN A 39 -12.53 -43.69 74.97
CA GLN A 39 -11.22 -43.36 74.42
C GLN A 39 -11.47 -43.46 72.93
N PRO A 40 -11.92 -42.39 72.28
CA PRO A 40 -12.19 -42.47 70.84
C PRO A 40 -10.88 -42.42 70.08
N TYR A 41 -10.92 -42.98 68.88
CA TYR A 41 -9.70 -42.99 68.10
C TYR A 41 -10.06 -43.03 66.64
N VAL A 42 -9.03 -42.73 65.86
CA VAL A 42 -9.10 -42.67 64.42
C VAL A 42 -7.72 -43.05 63.95
N GLY A 43 -7.65 -43.63 62.76
CA GLY A 43 -6.38 -44.02 62.20
C GLY A 43 -6.18 -43.00 61.11
N VAL A 44 -4.92 -42.76 60.79
CA VAL A 44 -4.57 -41.78 59.77
C VAL A 44 -3.62 -42.49 58.84
N PHE A 45 -3.89 -42.42 57.56
CA PHE A 45 -3.08 -43.06 56.56
C PHE A 45 -2.74 -42.03 55.51
N LEU A 46 -1.94 -42.45 54.54
CA LEU A 46 -1.54 -41.61 53.43
C LEU A 46 -2.08 -42.28 52.18
N LYS A 47 -2.34 -41.47 51.16
CA LYS A 47 -2.89 -41.94 49.89
C LYS A 47 -1.76 -42.27 48.93
N ARG A 48 -2.06 -43.15 47.98
CA ARG A 48 -1.06 -43.52 47.00
C ARG A 48 -1.20 -42.61 45.80
N ASP A 49 -0.36 -42.87 44.80
CA ASP A 49 -0.36 -42.07 43.59
C ASP A 49 -1.71 -42.17 42.89
N ASP A 50 -2.00 -41.17 42.06
CA ASP A 50 -3.24 -41.05 41.30
C ASP A 50 -4.47 -41.15 42.22
N SER A 51 -4.62 -40.10 43.04
CA SER A 51 -5.73 -39.99 43.99
C SER A 51 -7.07 -40.13 43.29
N ASN A 52 -8.02 -40.79 43.97
CA ASN A 52 -9.35 -40.99 43.41
C ASN A 52 -10.30 -41.18 44.58
N GLU A 53 -11.28 -40.27 44.71
CA GLU A 53 -12.23 -40.33 45.81
C GLU A 53 -13.21 -41.49 45.69
N SER A 54 -13.53 -41.93 44.46
CA SER A 54 -14.45 -43.05 44.29
C SER A 54 -13.81 -44.39 44.63
N ASP A 55 -12.48 -44.50 44.47
CA ASP A 55 -11.82 -45.76 44.78
C ASP A 55 -11.58 -45.89 46.27
N VAL A 56 -11.47 -44.76 46.97
CA VAL A 56 -11.27 -44.81 48.41
C VAL A 56 -12.47 -45.45 49.08
N VAL A 57 -13.67 -45.16 48.58
CA VAL A 57 -14.89 -45.73 49.15
C VAL A 57 -15.21 -47.08 48.52
N GLU A 58 -14.67 -47.37 47.33
CA GLU A 58 -14.96 -48.64 46.68
C GLU A 58 -14.02 -49.73 47.20
N SER A 59 -12.71 -49.49 47.11
CA SER A 59 -11.68 -50.42 47.54
C SER A 59 -10.90 -49.83 48.70
N LEU A 60 -10.18 -50.71 49.41
CA LEU A 60 -9.37 -50.32 50.56
C LEU A 60 -7.88 -50.53 50.33
N ASP A 61 -7.45 -50.81 49.08
CA ASP A 61 -6.04 -51.00 48.76
C ASP A 61 -5.35 -49.70 48.34
N GLU A 62 -6.13 -48.71 47.90
CA GLU A 62 -5.60 -47.41 47.49
C GLU A 62 -4.78 -46.79 48.61
N ILE A 63 -5.34 -46.82 49.80
CA ILE A 63 -4.67 -46.24 50.96
C ILE A 63 -3.41 -47.06 51.22
N TYR A 64 -2.32 -46.38 51.63
CA TYR A 64 -1.10 -47.13 51.87
C TYR A 64 -1.21 -47.94 53.15
N HIS A 65 -0.33 -48.93 53.26
CA HIS A 65 -0.32 -49.78 54.43
C HIS A 65 0.14 -49.02 55.67
N THR A 66 1.03 -48.05 55.52
CA THR A 66 1.45 -47.29 56.69
C THR A 66 0.29 -46.48 57.24
N GLY A 67 0.29 -46.35 58.56
CA GLY A 67 -0.75 -45.63 59.27
C GLY A 67 -0.15 -45.01 60.52
N THR A 68 -0.83 -43.99 61.02
CA THR A 68 -0.43 -43.28 62.22
C THR A 68 -1.75 -43.21 63.00
N PHE A 69 -1.97 -44.21 63.83
CA PHE A 69 -3.17 -44.26 64.66
C PHE A 69 -3.06 -43.27 65.80
N ALA A 70 -4.19 -42.72 66.19
CA ALA A 70 -4.18 -41.74 67.28
C ALA A 70 -5.58 -41.64 67.86
N GLN A 71 -5.67 -40.90 68.96
CA GLN A 71 -6.94 -40.65 69.64
C GLN A 71 -7.47 -39.32 69.17
N ILE A 72 -8.78 -39.22 69.10
CA ILE A 72 -9.41 -37.98 68.65
C ILE A 72 -9.32 -36.98 69.79
N HIS A 73 -9.30 -35.70 69.43
CA HIS A 73 -9.19 -34.58 70.36
C HIS A 73 -10.57 -33.96 70.51
N GLU A 74 -11.07 -33.27 69.49
CA GLU A 74 -12.38 -32.65 69.60
C GLU A 74 -12.89 -32.26 68.23
N MET A 75 -14.21 -32.37 68.05
CA MET A 75 -14.90 -32.01 66.83
C MET A 75 -15.28 -30.55 66.91
N GLN A 76 -15.41 -29.91 65.74
CA GLN A 76 -15.72 -28.49 65.68
C GLN A 76 -16.91 -28.21 64.77
N ASP A 77 -16.82 -28.60 63.50
CA ASP A 77 -17.88 -28.38 62.50
C ASP A 77 -18.33 -26.91 62.49
N LEU A 78 -17.40 -26.05 62.08
CA LEU A 78 -17.66 -24.62 62.02
C LEU A 78 -18.56 -24.29 60.84
N GLY A 79 -18.15 -24.65 59.63
CA GLY A 79 -18.95 -24.39 58.44
C GLY A 79 -19.61 -25.69 58.01
N ASP A 80 -18.78 -26.71 57.79
CA ASP A 80 -19.23 -28.02 57.42
C ASP A 80 -19.54 -28.84 58.67
N LYS A 81 -20.05 -30.04 58.45
CA LYS A 81 -20.43 -30.99 59.50
C LYS A 81 -19.34 -32.03 59.73
N LEU A 82 -18.15 -31.87 59.10
CA LEU A 82 -17.04 -32.80 59.20
C LEU A 82 -15.69 -32.08 59.31
N ARG A 83 -15.39 -31.60 60.51
CA ARG A 83 -14.15 -30.91 60.85
C ARG A 83 -13.44 -31.76 61.91
N MET A 84 -12.83 -32.87 61.49
CA MET A 84 -12.17 -33.71 62.47
C MET A 84 -10.71 -33.30 62.65
N ILE A 85 -10.19 -33.56 63.85
CA ILE A 85 -8.80 -33.26 64.17
C ILE A 85 -8.06 -34.59 64.17
N VAL A 86 -6.86 -34.60 63.61
CA VAL A 86 -6.01 -35.77 63.52
C VAL A 86 -4.64 -35.45 64.09
N MET A 87 -3.94 -36.52 64.46
CA MET A 87 -2.61 -36.45 65.05
C MET A 87 -1.85 -37.70 64.67
N GLY A 88 -0.53 -37.58 64.72
CA GLY A 88 0.37 -38.67 64.44
C GLY A 88 0.90 -39.11 65.78
N HIS A 89 0.34 -40.17 66.36
CA HIS A 89 0.74 -40.65 67.67
C HIS A 89 1.43 -42.01 67.63
N ARG A 90 0.78 -43.03 67.09
CA ARG A 90 1.31 -44.39 67.00
C ARG A 90 1.51 -44.75 65.54
N ARG A 91 2.75 -44.74 65.08
CA ARG A 91 2.99 -45.10 63.69
C ARG A 91 2.90 -46.61 63.58
N VAL A 92 2.50 -47.07 62.40
CA VAL A 92 2.30 -48.48 62.14
C VAL A 92 2.47 -48.74 60.65
N HIS A 93 2.84 -49.98 60.32
CA HIS A 93 3.01 -50.40 58.95
C HIS A 93 2.24 -51.72 58.95
N ILE A 94 0.94 -51.61 58.70
CA ILE A 94 0.06 -52.76 58.67
C ILE A 94 0.54 -53.73 57.59
N SER A 95 0.53 -55.03 57.89
CA SER A 95 0.96 -55.98 56.87
C SER A 95 0.00 -55.96 55.68
N ARG A 96 -1.30 -55.95 55.97
CA ARG A 96 -2.38 -55.92 54.98
C ARG A 96 -3.50 -55.11 55.63
N GLN A 97 -3.78 -53.90 55.13
CA GLN A 97 -4.84 -53.13 55.77
C GLN A 97 -6.20 -53.74 55.50
N LEU A 98 -6.35 -54.40 54.34
CA LEU A 98 -7.61 -55.04 53.99
C LEU A 98 -7.97 -56.07 55.06
N GLU A 99 -6.98 -56.84 55.49
CA GLU A 99 -7.12 -57.89 56.48
C GLU A 99 -7.31 -57.27 57.87
N MET A 150 -9.55 -54.49 61.71
CA MET A 150 -8.38 -54.89 60.96
C MET A 150 -7.19 -55.00 61.90
N VAL A 151 -6.48 -56.12 61.76
CA VAL A 151 -5.31 -56.41 62.57
C VAL A 151 -4.25 -55.34 62.44
N GLU A 152 -3.62 -55.02 63.56
CA GLU A 152 -2.56 -54.02 63.60
C GLU A 152 -1.62 -54.36 64.75
N VAL A 153 -0.38 -53.87 64.62
CA VAL A 153 0.66 -54.09 65.61
C VAL A 153 1.61 -52.91 65.54
N GLU A 154 2.10 -52.46 66.70
CA GLU A 154 3.02 -51.32 66.79
C GLU A 154 4.44 -51.71 66.40
N ASN A 155 4.61 -51.92 65.10
CA ASN A 155 5.88 -52.29 64.47
C ASN A 155 6.70 -51.03 64.16
N VAL A 156 6.90 -50.22 65.20
CA VAL A 156 7.63 -48.96 65.12
C VAL A 156 9.12 -49.23 65.16
N VAL A 157 9.71 -49.67 64.05
CA VAL A 157 11.15 -49.94 64.05
C VAL A 157 11.92 -48.64 64.24
N HIS A 158 12.97 -48.71 65.07
CA HIS A 158 13.85 -47.58 65.37
C HIS A 158 15.23 -48.04 65.84
N GLU A 159 15.95 -48.79 65.02
CA GLU A 159 17.25 -49.25 65.43
C GLU A 159 18.23 -48.08 65.49
N ASP A 160 19.12 -48.11 66.49
CA ASP A 160 20.15 -47.09 66.72
C ASP A 160 21.36 -47.70 67.40
N PHE A 161 22.53 -47.20 67.04
CA PHE A 161 23.80 -47.69 67.58
C PHE A 161 23.96 -47.38 69.08
N GLN A 162 24.60 -48.32 69.79
CA GLN A 162 24.84 -48.19 71.24
C GLN A 162 25.61 -46.92 71.62
N VAL A 163 26.70 -46.63 70.93
CA VAL A 163 27.49 -45.44 71.23
C VAL A 163 26.70 -44.23 70.75
N THR A 164 26.11 -43.48 71.69
CA THR A 164 25.33 -42.29 71.38
C THR A 164 26.04 -41.06 71.93
N GLU A 165 27.16 -40.77 71.26
CA GLU A 165 28.04 -39.64 71.56
C GLU A 165 28.17 -38.84 70.26
N GLU A 166 28.61 -39.50 69.18
CA GLU A 166 28.78 -38.92 67.86
C GLU A 166 27.52 -39.03 67.01
N VAL A 167 26.43 -39.63 67.52
CA VAL A 167 25.22 -39.78 66.73
C VAL A 167 24.39 -38.50 66.76
N LYS A 168 24.61 -37.63 67.74
CA LYS A 168 23.87 -36.38 67.83
C LYS A 168 24.52 -35.26 67.04
N ALA A 169 25.62 -35.52 66.33
CA ALA A 169 26.23 -34.47 65.55
C ALA A 169 25.39 -34.19 64.30
N LEU A 170 24.72 -35.23 63.79
CA LEU A 170 23.87 -35.06 62.61
C LEU A 170 22.64 -34.25 62.97
N THR A 171 22.15 -34.40 64.21
CA THR A 171 20.99 -33.64 64.66
C THR A 171 21.25 -32.14 64.51
N ALA A 172 22.49 -31.71 64.78
CA ALA A 172 22.84 -30.31 64.65
C ALA A 172 22.70 -29.84 63.21
N GLU A 173 23.01 -30.73 62.26
CA GLU A 173 22.89 -30.38 60.84
C GLU A 173 21.44 -30.42 60.41
N ILE A 174 20.65 -31.30 61.00
CA ILE A 174 19.23 -31.37 60.65
C ILE A 174 18.56 -30.09 61.11
N VAL A 175 18.90 -29.60 62.31
CA VAL A 175 18.27 -28.37 62.78
C VAL A 175 18.87 -27.18 62.04
N LYS A 176 20.12 -27.29 61.54
CA LYS A 176 20.66 -26.16 60.79
C LYS A 176 20.01 -26.07 59.42
N THR A 177 19.67 -27.23 58.84
CA THR A 177 19.02 -27.20 57.53
C THR A 177 17.58 -26.76 57.71
N ILE A 178 16.96 -27.11 58.84
CA ILE A 178 15.60 -26.68 59.08
C ILE A 178 15.61 -25.18 59.33
N ARG A 179 16.67 -24.67 59.97
CA ARG A 179 16.77 -23.25 60.22
C ARG A 179 16.97 -22.52 58.91
N ASP A 180 17.68 -23.14 57.97
CA ASP A 180 17.88 -22.47 56.70
C ASP A 180 16.66 -22.57 55.83
N ILE A 181 15.84 -23.61 56.01
CA ILE A 181 14.65 -23.71 55.19
C ILE A 181 13.63 -22.71 55.68
N ILE A 182 13.52 -22.56 57.01
CA ILE A 182 12.55 -21.60 57.53
C ILE A 182 13.07 -20.17 57.55
N ALA A 183 14.39 -19.95 57.41
CA ALA A 183 14.96 -18.61 57.38
C ALA A 183 15.05 -18.04 55.98
N LEU A 184 15.48 -18.84 55.01
CA LEU A 184 15.61 -18.37 53.63
C LEU A 184 14.32 -18.54 52.86
N ASN A 185 13.50 -19.51 53.24
CA ASN A 185 12.20 -19.76 52.63
C ASN A 185 11.22 -19.99 53.77
N PRO A 186 10.83 -18.93 54.49
CA PRO A 186 9.92 -19.15 55.62
C PRO A 186 8.54 -19.58 55.14
N LEU A 187 8.13 -20.77 55.59
CA LEU A 187 6.85 -21.36 55.23
C LEU A 187 5.92 -21.33 56.43
N TYR A 188 6.33 -21.96 57.52
CA TYR A 188 5.57 -22.00 58.75
C TYR A 188 6.33 -21.23 59.81
N ARG A 189 5.70 -21.09 60.96
CA ARG A 189 6.32 -20.38 62.06
C ARG A 189 7.50 -21.17 62.59
N GLU A 190 8.43 -20.46 63.24
CA GLU A 190 9.61 -21.03 63.83
C GLU A 190 9.39 -21.32 65.31
N SER A 191 8.16 -21.13 65.81
CA SER A 191 7.84 -21.36 67.20
C SER A 191 7.90 -22.84 67.54
N VAL A 192 7.62 -23.72 66.56
CA VAL A 192 7.71 -25.15 66.85
C VAL A 192 9.18 -25.49 67.08
N LEU A 193 10.09 -24.80 66.39
CA LEU A 193 11.50 -25.06 66.58
C LEU A 193 11.95 -24.55 67.95
N GLN A 194 11.32 -23.48 68.44
CA GLN A 194 11.64 -22.96 69.77
C GLN A 194 11.04 -23.79 70.89
N MET A 195 9.95 -24.51 70.64
CA MET A 195 9.39 -25.33 71.70
C MET A 195 10.27 -26.54 71.97
N MET A 196 10.71 -27.23 70.92
CA MET A 196 11.55 -28.42 71.04
C MET A 196 12.98 -28.05 70.63
N GLN A 197 13.77 -27.67 71.63
CA GLN A 197 15.18 -27.30 71.46
C GLN A 197 16.07 -28.44 71.96
N ALA A 198 17.33 -28.43 71.52
CA ALA A 198 18.24 -29.49 71.96
C ALA A 198 18.86 -29.20 73.32
N GLY A 199 18.79 -27.96 73.81
CA GLY A 199 19.36 -27.60 75.09
C GLY A 199 18.41 -27.82 76.26
N GLN A 200 17.15 -28.13 75.95
CA GLN A 200 16.08 -28.37 76.92
C GLN A 200 16.06 -29.81 77.42
N ARG A 201 16.73 -30.74 76.72
CA ARG A 201 16.77 -32.17 77.05
C ARG A 201 15.35 -32.78 76.98
N VAL A 202 14.46 -32.16 76.20
CA VAL A 202 13.08 -32.62 76.00
C VAL A 202 12.88 -33.41 74.71
N VAL A 203 13.94 -33.72 73.95
CA VAL A 203 13.77 -34.48 72.71
C VAL A 203 13.89 -35.95 73.08
N ASP A 204 12.84 -36.44 73.73
CA ASP A 204 12.72 -37.83 74.17
C ASP A 204 12.56 -38.84 73.03
N ASN A 205 12.07 -38.40 71.87
CA ASN A 205 11.82 -39.26 70.72
C ASN A 205 12.51 -38.73 69.47
N PRO A 206 13.79 -39.10 69.22
CA PRO A 206 14.48 -38.57 68.03
C PRO A 206 13.78 -38.91 66.72
N ILE A 207 13.22 -40.13 66.57
CA ILE A 207 12.51 -40.46 65.32
C ILE A 207 11.42 -39.42 65.05
N TYR A 208 10.70 -39.03 66.10
CA TYR A 208 9.65 -38.02 65.96
C TYR A 208 10.25 -36.66 65.64
N LEU A 209 11.38 -36.30 66.26
CA LEU A 209 11.94 -34.99 65.94
C LEU A 209 12.43 -34.94 64.50
N SER A 210 13.02 -36.03 64.00
CA SER A 210 13.49 -36.02 62.63
C SER A 210 12.31 -35.99 61.67
N ASP A 211 11.24 -36.71 62.02
CA ASP A 211 10.05 -36.73 61.17
C ASP A 211 9.34 -35.38 61.20
N MET A 212 9.25 -34.75 62.37
CA MET A 212 8.60 -33.45 62.50
C MET A 212 9.41 -32.42 61.70
N GLY A 213 10.74 -32.58 61.69
CA GLY A 213 11.56 -31.66 60.94
C GLY A 213 11.42 -31.93 59.45
N ALA A 214 11.24 -33.20 59.09
CA ALA A 214 11.06 -33.60 57.69
C ALA A 214 9.66 -33.23 57.20
N ALA A 215 8.73 -32.94 58.13
CA ALA A 215 7.38 -32.57 57.75
C ALA A 215 7.35 -31.20 57.10
N LEU A 216 8.35 -30.35 57.40
CA LEU A 216 8.40 -29.03 56.80
C LEU A 216 8.72 -29.15 55.31
N THR A 217 9.35 -30.26 54.91
CA THR A 217 9.69 -30.52 53.52
C THR A 217 8.44 -30.53 52.65
N GLY A 218 8.61 -30.06 51.43
CA GLY A 218 7.57 -29.97 50.43
C GLY A 218 7.53 -31.16 49.51
N ALA A 219 8.29 -32.22 49.81
CA ALA A 219 8.34 -33.42 48.99
C ALA A 219 6.95 -34.02 48.82
N GLU A 220 6.73 -34.57 47.62
CA GLU A 220 5.47 -35.18 47.23
C GLU A 220 5.06 -36.28 48.19
N SER A 221 3.74 -36.51 48.29
CA SER A 221 3.20 -37.55 49.18
C SER A 221 3.87 -38.90 48.93
N HIS A 222 4.03 -39.27 47.65
CA HIS A 222 4.71 -40.52 47.31
C HIS A 222 6.06 -40.59 48.02
N GLU A 223 6.83 -39.50 47.93
CA GLU A 223 8.14 -39.43 48.59
C GLU A 223 8.00 -39.66 50.09
N LEU A 224 6.94 -39.14 50.70
CA LEU A 224 6.75 -39.34 52.14
C LEU A 224 6.56 -40.82 52.42
N GLN A 225 5.73 -41.48 51.61
CA GLN A 225 5.54 -42.91 51.80
C GLN A 225 6.85 -43.64 51.60
N ASP A 226 7.64 -43.20 50.61
CA ASP A 226 8.92 -43.84 50.34
C ASP A 226 9.84 -43.69 51.54
N VAL A 227 9.79 -42.54 52.20
CA VAL A 227 10.64 -42.37 53.37
C VAL A 227 10.13 -43.30 54.45
N LEU A 228 8.81 -43.55 54.50
CA LEU A 228 8.29 -44.47 55.51
C LEU A 228 8.66 -45.91 55.16
N GLU A 229 8.78 -46.23 53.86
CA GLU A 229 9.16 -47.57 53.46
C GLU A 229 10.55 -47.90 53.95
N GLU A 230 11.42 -46.89 53.98
CA GLU A 230 12.78 -47.09 54.46
C GLU A 230 12.69 -47.51 55.91
N THR A 231 13.44 -48.54 56.27
CA THR A 231 13.42 -49.02 57.64
C THR A 231 14.62 -48.53 58.44
N ASN A 232 15.82 -48.52 57.85
CA ASN A 232 16.97 -48.06 58.60
C ASN A 232 16.84 -46.57 58.91
N ILE A 233 17.43 -46.17 60.02
CA ILE A 233 17.38 -44.79 60.49
C ILE A 233 18.34 -43.90 59.71
N PRO A 234 19.58 -44.32 59.38
CA PRO A 234 20.41 -43.40 58.60
C PRO A 234 19.91 -43.27 57.17
N LYS A 235 19.24 -44.29 56.61
CA LYS A 235 18.73 -44.14 55.24
C LYS A 235 17.62 -43.10 55.21
N ARG A 236 16.67 -43.15 56.15
CA ARG A 236 15.60 -42.16 56.13
C ARG A 236 16.17 -40.80 56.46
N LEU A 237 17.21 -40.75 57.31
CA LEU A 237 17.81 -39.47 57.66
C LEU A 237 18.49 -38.87 56.44
N TYR A 238 19.20 -39.71 55.67
CA TYR A 238 19.86 -39.26 54.44
C TYR A 238 18.83 -38.79 53.43
N LYS A 239 17.74 -39.54 53.27
CA LYS A 239 16.69 -39.14 52.34
C LYS A 239 16.02 -37.86 52.79
N ALA A 240 15.80 -37.70 54.10
CA ALA A 240 15.17 -36.48 54.60
C ALA A 240 16.05 -35.27 54.29
N LEU A 241 17.37 -35.42 54.48
CA LEU A 241 18.26 -34.32 54.15
C LEU A 241 18.24 -34.04 52.64
N SER A 242 18.22 -35.10 51.84
CA SER A 242 18.17 -34.91 50.39
C SER A 242 16.89 -34.22 49.98
N LEU A 243 15.78 -34.58 50.63
CA LEU A 243 14.49 -33.97 50.32
C LEU A 243 14.54 -32.48 50.63
N LEU A 244 15.13 -32.16 51.80
CA LEU A 244 15.23 -30.77 52.22
C LEU A 244 16.04 -29.96 51.22
N LYS A 245 17.22 -30.47 50.84
CA LYS A 245 18.03 -29.73 49.87
C LYS A 245 17.34 -29.63 48.51
N LYS A 246 16.61 -30.67 48.09
CA LYS A 246 15.99 -30.65 46.77
C LYS A 246 14.93 -29.56 46.68
N GLU A 247 14.13 -29.43 47.76
CA GLU A 247 13.18 -28.33 47.78
C GLU A 247 13.92 -27.02 47.86
N PHE A 248 15.02 -26.97 48.64
CA PHE A 248 15.69 -25.69 48.81
C PHE A 248 16.24 -25.23 47.48
N GLU A 249 16.68 -26.19 46.66
CA GLU A 249 17.26 -25.90 45.36
C GLU A 249 16.21 -25.29 44.46
N LEU A 250 15.02 -25.90 44.43
CA LEU A 250 13.96 -25.34 43.60
C LEU A 250 13.59 -23.93 44.06
N SER A 251 13.54 -23.74 45.39
CA SER A 251 13.16 -22.45 45.94
C SER A 251 14.18 -21.42 45.52
N LYS A 252 15.46 -21.76 45.68
CA LYS A 252 16.54 -20.86 45.34
C LYS A 252 16.52 -20.54 43.86
N LEU A 253 16.13 -21.49 43.00
CA LEU A 253 16.09 -21.17 41.58
C LEU A 253 15.05 -20.08 41.35
N GLN A 254 13.86 -20.25 41.94
CA GLN A 254 12.82 -19.24 41.76
C GLN A 254 13.25 -17.91 42.35
N GLN A 255 13.94 -17.96 43.49
CA GLN A 255 14.36 -16.74 44.17
C GLN A 255 15.39 -16.00 43.35
N ARG A 256 16.39 -16.73 42.81
CA ARG A 256 17.41 -16.09 41.99
C ARG A 256 16.76 -15.46 40.78
N LEU A 257 15.78 -16.14 40.19
CA LEU A 257 15.14 -15.59 39.01
C LEU A 257 14.38 -14.32 39.37
N GLY A 258 13.73 -14.33 40.53
CA GLY A 258 12.96 -13.16 40.92
C GLY A 258 13.87 -11.95 41.19
N ARG A 259 14.94 -12.15 41.97
CA ARG A 259 15.85 -11.05 42.27
C ARG A 259 16.48 -10.56 40.97
N GLU A 260 16.73 -11.48 40.04
CA GLU A 260 17.34 -11.14 38.78
C GLU A 260 16.39 -10.23 38.01
N VAL A 261 15.11 -10.61 37.97
CA VAL A 261 14.13 -9.80 37.26
C VAL A 261 14.04 -8.43 37.91
N GLU A 262 14.14 -8.39 39.23
CA GLU A 262 14.03 -7.10 39.91
C GLU A 262 15.23 -6.23 39.58
N GLU A 263 16.43 -6.83 39.56
CA GLU A 263 17.61 -6.07 39.22
C GLU A 263 17.54 -5.58 37.80
N LYS A 264 16.91 -6.34 36.93
CA LYS A 264 16.71 -5.89 35.56
C LYS A 264 15.81 -4.68 35.55
N ILE A 265 14.78 -4.68 36.40
CA ILE A 265 13.89 -3.53 36.48
C ILE A 265 14.64 -2.32 37.00
N LYS A 266 15.58 -2.54 37.92
CA LYS A 266 16.33 -1.40 38.45
C LYS A 266 17.24 -0.85 37.39
N GLN A 267 17.89 -1.73 36.64
CA GLN A 267 18.78 -1.29 35.60
C GLN A 267 18.01 -0.58 34.50
N THR A 268 16.75 -0.97 34.31
CA THR A 268 15.84 -0.28 33.41
C THR A 268 15.61 1.12 33.93
N HIS A 269 14.92 1.19 35.07
CA HIS A 269 14.41 2.47 35.51
C HIS A 269 15.55 3.40 35.86
N ARG A 270 16.69 2.88 36.33
CA ARG A 270 17.74 3.79 36.75
C ARG A 270 18.26 4.52 35.54
N LYS A 271 18.38 3.78 34.42
CA LYS A 271 18.83 4.44 33.20
C LYS A 271 17.81 5.45 32.76
N TYR A 272 16.52 5.18 33.07
CA TYR A 272 15.57 6.23 32.78
C TYR A 272 15.80 7.45 33.65
N LEU A 273 16.25 7.25 34.90
CA LEU A 273 16.56 8.41 35.73
C LEU A 273 17.69 9.20 35.11
N LEU A 274 18.68 8.48 34.57
CA LEU A 274 19.79 9.12 33.91
C LEU A 274 19.37 9.88 32.67
N GLN A 275 18.49 9.28 31.86
CA GLN A 275 18.06 9.93 30.65
C GLN A 275 17.26 11.17 30.96
N GLU A 276 16.46 11.09 32.02
CA GLU A 276 15.66 12.23 32.42
C GLU A 276 16.55 13.37 32.92
N GLN A 277 17.57 13.03 33.70
CA GLN A 277 18.50 14.05 34.18
C GLN A 277 19.18 14.72 33.01
N LEU A 278 19.55 13.92 32.01
CA LEU A 278 20.22 14.43 30.82
C LEU A 278 19.32 15.40 30.10
N LYS A 279 18.04 15.01 29.97
CA LYS A 279 17.07 15.83 29.28
C LYS A 279 16.94 17.16 29.99
N ILE A 280 16.70 17.14 31.31
CA ILE A 280 16.54 18.39 32.05
C ILE A 280 17.76 19.29 31.90
N ILE A 281 18.97 18.73 31.83
CA ILE A 281 20.11 19.64 31.72
C ILE A 281 20.22 20.24 30.34
N LYS A 282 19.76 19.54 29.33
CA LYS A 282 19.83 20.13 28.00
C LYS A 282 18.65 21.08 27.81
N LYS A 283 17.49 20.66 28.28
CA LYS A 283 16.23 21.39 28.21
C LYS A 283 16.22 22.67 29.01
N GLU A 284 16.98 22.76 30.10
CA GLU A 284 16.98 23.98 30.92
C GLU A 284 18.22 24.82 30.80
N LEU A 285 19.24 24.34 30.10
CA LEU A 285 20.44 25.14 29.97
C LEU A 285 21.06 24.86 28.60
N GLY A 286 21.50 23.62 28.36
CA GLY A 286 22.15 23.29 27.11
C GLY A 286 21.45 23.75 25.84
N LEU A 287 20.32 23.12 25.49
CA LEU A 287 19.55 23.48 24.31
C LEU A 287 18.37 24.41 24.61
N GLU A 288 17.56 24.67 23.58
CA GLU A 288 16.36 25.50 23.63
C GLU A 288 15.43 25.14 24.76
N LYS A 289 15.22 26.06 25.70
CA LYS A 289 14.23 25.82 26.75
C LYS A 289 12.79 26.09 26.34
N ASP A 290 12.56 27.12 25.53
CA ASP A 290 11.23 27.50 25.05
C ASP A 290 11.01 27.16 23.59
N ASP A 291 11.03 25.88 23.23
CA ASP A 291 10.84 25.58 21.81
C ASP A 291 9.47 26.07 21.35
N LYS A 292 8.44 25.92 22.20
CA LYS A 292 7.11 26.41 21.83
C LYS A 292 7.13 27.91 21.62
N ASP A 293 7.51 28.66 22.65
CA ASP A 293 7.51 30.11 22.56
C ASP A 293 8.38 30.58 21.42
N ALA A 294 9.50 29.89 21.20
CA ALA A 294 10.45 30.29 20.20
C ALA A 294 9.78 30.29 18.84
N ILE A 295 9.22 29.15 18.43
CA ILE A 295 8.59 29.12 17.11
C ILE A 295 7.36 30.00 17.10
N GLU A 296 6.66 30.10 18.23
CA GLU A 296 5.43 30.89 18.27
C GLU A 296 5.71 32.35 17.96
N GLU A 297 6.81 32.85 18.51
CA GLU A 297 7.19 34.23 18.28
C GLU A 297 7.88 34.37 16.93
N LYS A 298 8.69 33.39 16.57
CA LYS A 298 9.45 33.47 15.34
C LYS A 298 8.55 33.40 14.12
N PHE A 299 7.49 32.60 14.19
CA PHE A 299 6.51 32.62 13.13
C PHE A 299 5.88 33.99 13.01
N ARG A 300 5.57 34.60 14.15
CA ARG A 300 4.93 35.90 14.15
C ARG A 300 5.82 36.93 13.48
N GLU A 301 7.11 36.89 13.78
CA GLU A 301 8.01 37.89 13.21
C GLU A 301 8.22 37.62 11.73
N ARG A 302 8.35 36.34 11.34
CA ARG A 302 8.46 36.02 9.91
C ARG A 302 7.22 36.51 9.17
N LEU A 303 6.10 36.54 9.85
CA LEU A 303 4.84 36.97 9.33
C LEU A 303 4.71 38.49 9.33
N LYS A 304 5.65 39.21 9.95
CA LYS A 304 5.49 40.65 10.13
C LYS A 304 5.40 41.39 8.80
N GLU A 305 6.40 41.25 7.93
CA GLU A 305 6.51 42.19 6.81
C GLU A 305 5.51 41.95 5.69
N LEU A 306 5.05 40.72 5.48
CA LEU A 306 4.13 40.48 4.39
C LEU A 306 2.78 41.10 4.69
N VAL A 307 2.03 41.45 3.65
CA VAL A 307 0.66 41.91 3.82
C VAL A 307 -0.20 40.65 3.72
N VAL A 308 -0.32 39.99 4.86
CA VAL A 308 -0.99 38.70 4.96
C VAL A 308 -2.51 38.90 5.03
N PRO A 309 -3.31 38.27 4.16
CA PRO A 309 -4.78 38.45 4.21
C PRO A 309 -5.48 37.94 5.46
N LYS A 310 -6.60 38.59 5.79
CA LYS A 310 -7.38 38.23 6.98
C LYS A 310 -7.83 36.79 6.92
N HIS A 311 -8.06 36.29 5.69
CA HIS A 311 -8.44 34.90 5.49
C HIS A 311 -7.37 34.02 6.06
N VAL A 312 -6.12 34.49 6.03
CA VAL A 312 -5.03 33.69 6.48
C VAL A 312 -4.89 33.89 7.97
N MET A 313 -4.94 35.18 8.36
CA MET A 313 -4.51 35.56 9.70
C MET A 313 -5.30 34.83 10.76
N ASP A 314 -6.58 34.62 10.48
CA ASP A 314 -7.42 33.92 11.45
C ASP A 314 -6.99 32.48 11.64
N VAL A 315 -6.72 31.78 10.53
CA VAL A 315 -6.34 30.38 10.62
C VAL A 315 -5.01 30.24 11.29
N VAL A 316 -4.05 31.07 10.88
CA VAL A 316 -2.72 30.96 11.46
C VAL A 316 -2.76 31.26 12.94
N ASP A 317 -3.62 32.19 13.37
CA ASP A 317 -3.60 32.50 14.78
C ASP A 317 -4.21 31.37 15.59
N GLU A 318 -5.36 30.87 15.14
CA GLU A 318 -6.00 29.81 15.90
C GLU A 318 -5.13 28.56 15.93
N GLU A 319 -4.48 28.27 14.81
CA GLU A 319 -3.59 27.13 14.80
C GLU A 319 -2.39 27.35 15.70
N LEU A 320 -1.88 28.58 15.73
CA LEU A 320 -0.74 28.85 16.59
C LEU A 320 -1.13 28.69 18.04
N SER A 321 -2.37 29.03 18.36
CA SER A 321 -2.88 28.80 19.69
C SER A 321 -2.93 27.30 19.94
N LYS A 322 -3.40 26.56 18.93
CA LYS A 322 -3.47 25.12 19.02
C LYS A 322 -2.10 24.54 19.30
N LEU A 323 -1.09 25.13 18.70
CA LEU A 323 0.28 24.74 18.99
C LEU A 323 0.64 25.10 20.41
N GLY A 324 0.09 26.19 20.91
CA GLY A 324 0.44 26.60 22.26
C GLY A 324 -0.17 25.71 23.32
N LEU A 325 -1.24 25.00 22.99
CA LEU A 325 -1.84 24.16 24.02
C LEU A 325 -0.99 22.91 24.23
N LEU A 326 -0.66 22.25 23.14
CA LEU A 326 -0.25 20.85 23.17
C LEU A 326 1.19 20.62 23.60
N ASP A 327 1.40 19.40 24.10
CA ASP A 327 2.70 18.89 24.52
C ASP A 327 3.64 18.76 23.33
N ASN A 328 4.91 19.01 23.61
CA ASN A 328 5.94 19.12 22.58
C ASN A 328 6.06 17.82 21.82
N HIS A 329 5.85 16.69 22.50
CA HIS A 329 6.01 15.37 21.93
C HIS A 329 4.83 14.91 21.10
N SER A 330 3.71 15.64 21.11
CA SER A 330 2.50 15.16 20.45
C SER A 330 2.78 14.92 18.98
N SER A 331 2.36 13.75 18.48
CA SER A 331 2.78 13.39 17.15
C SER A 331 2.22 14.36 16.12
N GLU A 332 1.01 14.87 16.37
CA GLU A 332 0.47 15.86 15.47
C GLU A 332 1.27 17.15 15.56
N PHE A 333 1.82 17.44 16.74
CA PHE A 333 2.38 18.77 16.96
C PHE A 333 3.46 19.06 15.95
N ASN A 334 4.25 18.05 15.64
CA ASN A 334 5.30 18.25 14.67
C ASN A 334 4.74 18.65 13.31
N VAL A 335 3.70 17.94 12.86
CA VAL A 335 3.13 18.21 11.55
C VAL A 335 2.57 19.61 11.53
N THR A 336 2.01 20.02 12.66
CA THR A 336 1.43 21.34 12.73
C THR A 336 2.51 22.39 12.69
N ARG A 337 3.61 22.14 13.40
CA ARG A 337 4.75 23.04 13.29
C ARG A 337 5.29 23.08 11.88
N ASN A 338 5.09 22.01 11.13
CA ASN A 338 5.51 22.04 9.74
C ASN A 338 4.52 22.88 8.96
N TYR A 339 3.23 22.72 9.28
CA TYR A 339 2.20 23.37 8.50
C TYR A 339 2.51 24.84 8.53
N LEU A 340 2.67 25.36 9.77
CA LEU A 340 2.93 26.78 9.91
C LEU A 340 4.18 27.17 9.17
N ASP A 341 5.16 26.24 9.10
CA ASP A 341 6.41 26.57 8.44
C ASP A 341 6.15 26.89 6.99
N TRP A 342 5.11 26.27 6.43
CA TRP A 342 4.75 26.68 5.08
C TRP A 342 3.96 27.95 5.11
N LEU A 343 2.98 28.03 6.02
CA LEU A 343 2.06 29.17 5.98
C LEU A 343 2.80 30.45 6.28
N THR A 344 3.81 30.35 7.12
CA THR A 344 4.63 31.48 7.44
C THR A 344 5.72 31.71 6.42
N SER A 345 5.94 30.77 5.52
CA SER A 345 6.99 30.92 4.54
C SER A 345 6.55 31.66 3.30
N ILE A 346 5.37 31.33 2.78
CA ILE A 346 5.02 31.83 1.46
C ILE A 346 4.78 33.33 1.49
N PRO A 347 5.20 34.07 0.48
CA PRO A 347 4.97 35.52 0.47
C PRO A 347 3.50 35.82 0.34
N TRP A 348 3.09 36.92 0.96
CA TRP A 348 1.72 37.39 0.93
C TRP A 348 1.82 38.85 0.52
N GLY A 349 1.87 39.09 -0.78
CA GLY A 349 1.92 40.42 -1.31
C GLY A 349 3.29 40.86 -1.79
N LYS A 350 4.34 40.30 -1.24
CA LYS A 350 5.70 40.69 -1.63
C LYS A 350 5.94 40.53 -3.13
N TYR A 351 6.43 41.59 -3.74
CA TYR A 351 6.52 41.74 -5.19
C TYR A 351 7.91 42.16 -5.59
N SER A 352 8.58 41.34 -6.36
CA SER A 352 9.86 41.74 -6.91
C SER A 352 9.61 42.84 -7.93
N ASN A 353 9.91 44.08 -7.58
CA ASN A 353 9.64 45.20 -8.48
C ASN A 353 10.44 45.02 -9.77
N GLU A 354 9.76 45.21 -10.89
CA GLU A 354 10.31 44.99 -12.22
C GLU A 354 10.59 46.27 -12.98
N ASN A 355 11.69 46.25 -13.73
CA ASN A 355 12.03 47.34 -14.62
C ASN A 355 10.87 47.52 -15.59
N LEU A 356 10.69 48.77 -16.01
CA LEU A 356 9.61 49.23 -16.87
C LEU A 356 10.05 49.73 -18.23
N ASP A 357 11.17 50.46 -18.34
CA ASP A 357 11.49 51.12 -19.60
C ASP A 357 11.69 50.12 -20.73
N LEU A 358 11.06 50.41 -21.87
CA LEU A 358 11.10 49.49 -23.00
C LEU A 358 12.27 49.72 -23.94
N ALA A 359 12.81 50.94 -24.00
CA ALA A 359 13.88 51.22 -24.94
C ALA A 359 15.07 50.34 -24.61
N ARG A 360 15.47 50.35 -23.36
CA ARG A 360 16.56 49.52 -22.90
C ARG A 360 16.19 48.05 -23.01
N ALA A 361 14.90 47.75 -22.80
CA ALA A 361 14.51 46.37 -22.86
C ALA A 361 14.67 45.82 -24.25
N GLN A 362 14.48 46.67 -25.28
CA GLN A 362 14.66 46.23 -26.65
C GLN A 362 16.01 45.61 -26.81
N ALA A 363 17.01 46.31 -26.29
CA ALA A 363 18.38 45.91 -26.50
C ALA A 363 18.62 44.57 -25.83
N VAL A 364 18.19 44.44 -24.57
CA VAL A 364 18.45 43.15 -23.91
C VAL A 364 17.65 42.04 -24.57
N LEU A 365 16.54 42.37 -25.22
CA LEU A 365 15.74 41.35 -25.89
C LEU A 365 16.40 40.90 -27.17
N GLU A 366 16.91 41.84 -27.93
CA GLU A 366 17.51 41.52 -29.21
C GLU A 366 18.94 41.06 -29.10
N GLU A 367 19.56 41.17 -27.93
CA GLU A 367 21.00 41.02 -27.87
C GLU A 367 21.43 39.61 -28.20
N ASP A 368 20.60 38.61 -27.92
CA ASP A 368 20.97 37.23 -28.20
C ASP A 368 19.78 36.48 -28.79
N HIS A 369 19.01 37.12 -29.66
CA HIS A 369 18.02 36.42 -30.48
C HIS A 369 17.77 37.28 -31.69
N TYR A 370 17.04 36.74 -32.66
CA TYR A 370 16.83 37.50 -33.87
C TYR A 370 15.50 37.19 -34.53
N GLY A 371 14.94 38.21 -35.16
CA GLY A 371 13.66 38.08 -35.80
C GLY A 371 12.58 37.81 -34.78
N MET A 372 11.54 37.14 -35.23
CA MET A 372 10.41 36.73 -34.41
C MET A 372 9.81 37.94 -33.72
N GLU A 373 9.74 39.04 -34.46
CA GLU A 373 9.38 40.32 -33.87
C GLU A 373 8.01 40.32 -33.25
N ASP A 374 7.10 39.48 -33.75
CA ASP A 374 5.74 39.54 -33.27
C ASP A 374 5.66 39.25 -31.78
N VAL A 375 6.45 38.29 -31.31
CA VAL A 375 6.45 37.98 -29.90
C VAL A 375 7.03 39.14 -29.12
N LYS A 376 8.12 39.71 -29.65
CA LYS A 376 8.75 40.82 -28.96
C LYS A 376 7.81 42.00 -28.90
N LYS A 377 7.02 42.16 -29.96
CA LYS A 377 6.02 43.20 -30.00
C LYS A 377 4.95 42.93 -28.96
N ARG A 378 4.61 41.66 -28.79
CA ARG A 378 3.58 41.35 -27.81
C ARG A 378 4.05 41.68 -26.41
N ILE A 379 5.26 41.25 -26.10
CA ILE A 379 5.75 41.53 -24.77
C ILE A 379 5.96 43.03 -24.60
N LEU A 380 6.28 43.73 -25.69
CA LEU A 380 6.43 45.16 -25.60
C LEU A 380 5.12 45.81 -25.25
N GLU A 381 4.06 45.30 -25.87
CA GLU A 381 2.72 45.72 -25.56
C GLU A 381 2.44 45.49 -24.10
N PHE A 382 2.87 44.33 -23.59
CA PHE A 382 2.53 44.00 -22.22
C PHE A 382 3.21 44.92 -21.25
N ILE A 383 4.52 45.09 -21.41
CA ILE A 383 5.24 45.93 -20.47
C ILE A 383 4.72 47.34 -20.58
N ALA A 384 4.39 47.77 -21.79
CA ALA A 384 3.90 49.12 -21.98
C ALA A 384 2.59 49.31 -21.26
N VAL A 385 1.65 48.39 -21.49
CA VAL A 385 0.33 48.53 -20.90
C VAL A 385 0.44 48.49 -19.40
N SER A 386 1.32 47.62 -18.89
CA SER A 386 1.50 47.55 -17.46
C SER A 386 2.08 48.84 -16.93
N GLN A 387 2.96 49.46 -17.72
CA GLN A 387 3.53 50.72 -17.28
C GLN A 387 2.48 51.82 -17.32
N LEU A 388 1.48 51.67 -18.18
CA LEU A 388 0.49 52.73 -18.32
C LEU A 388 -0.53 52.64 -17.21
N ARG A 389 -0.92 51.44 -16.84
CA ARG A 389 -1.98 51.29 -15.88
C ARG A 389 -1.45 51.33 -14.46
N GLY A 390 -0.12 51.39 -14.28
CA GLY A 390 0.42 51.42 -12.95
C GLY A 390 0.75 50.02 -12.53
N SER A 391 -0.16 49.39 -11.80
CA SER A 391 0.13 48.10 -11.20
C SER A 391 0.46 47.01 -12.21
N THR A 392 1.42 46.19 -11.83
CA THR A 392 1.82 45.05 -12.63
C THR A 392 0.70 44.03 -12.65
N GLN A 393 0.56 43.32 -13.76
CA GLN A 393 -0.46 42.30 -13.81
C GLN A 393 -0.11 41.31 -14.90
N GLY A 394 -0.46 40.05 -14.65
CA GLY A 394 -0.01 38.95 -15.47
C GLY A 394 -1.05 38.49 -16.48
N LYS A 395 -0.78 37.33 -17.08
CA LYS A 395 -1.54 36.85 -18.23
C LYS A 395 -1.27 35.35 -18.36
N ILE A 396 -1.67 34.78 -19.50
CA ILE A 396 -1.29 33.43 -19.89
C ILE A 396 -0.99 33.46 -21.37
N LEU A 397 0.07 32.79 -21.79
CA LEU A 397 0.42 32.76 -23.21
C LEU A 397 0.87 31.37 -23.66
N CYS A 398 0.81 31.16 -24.98
CA CYS A 398 1.23 29.89 -25.56
C CYS A 398 1.66 30.07 -27.01
N PHE A 399 2.96 30.01 -27.21
CA PHE A 399 3.52 29.94 -28.54
C PHE A 399 3.33 28.54 -29.08
N TYR A 400 3.33 28.41 -30.40
CA TYR A 400 3.38 27.08 -30.97
C TYR A 400 3.84 27.18 -32.41
N GLY A 401 4.58 26.15 -32.81
CA GLY A 401 5.20 26.09 -34.09
C GLY A 401 6.11 24.88 -34.17
N PRO A 402 6.87 24.76 -35.24
CA PRO A 402 7.73 23.59 -35.43
C PRO A 402 8.79 23.49 -34.34
N PRO A 403 9.17 22.28 -33.96
CA PRO A 403 10.12 22.11 -32.85
C PRO A 403 11.45 22.74 -33.20
N GLY A 404 12.15 23.23 -32.18
CA GLY A 404 13.49 23.70 -32.42
C GLY A 404 13.52 25.10 -32.97
N VAL A 405 12.36 25.72 -33.08
CA VAL A 405 12.27 27.09 -33.55
C VAL A 405 12.75 28.07 -32.48
N GLY A 406 12.97 27.63 -31.23
CA GLY A 406 13.39 28.51 -30.15
C GLY A 406 12.46 28.68 -28.97
N LYS A 407 11.40 27.87 -28.88
CA LYS A 407 10.39 28.12 -27.85
C LYS A 407 10.96 28.05 -26.46
N THR A 408 11.88 27.14 -26.23
CA THR A 408 12.33 26.93 -24.87
C THR A 408 13.46 27.86 -24.53
N SER A 409 14.26 28.23 -25.50
CA SER A 409 15.38 29.10 -25.23
C SER A 409 15.02 30.56 -25.12
N ILE A 410 13.83 30.96 -25.55
CA ILE A 410 13.50 32.37 -25.50
C ILE A 410 12.97 32.78 -24.14
N ALA A 411 12.30 31.87 -23.45
CA ALA A 411 11.65 32.21 -22.19
C ALA A 411 12.65 32.72 -21.19
N ARG A 412 13.81 32.08 -21.12
CA ARG A 412 14.80 32.46 -20.12
C ARG A 412 15.24 33.89 -20.34
N SER A 413 15.40 34.26 -21.60
CA SER A 413 15.77 35.63 -21.89
C SER A 413 14.65 36.57 -21.52
N ILE A 414 13.41 36.14 -21.70
CA ILE A 414 12.30 37.00 -21.35
C ILE A 414 12.29 37.26 -19.86
N ALA A 415 12.56 36.22 -19.06
CA ALA A 415 12.56 36.41 -17.62
C ALA A 415 13.67 37.34 -17.21
N ARG A 416 14.79 37.24 -17.91
CA ARG A 416 15.87 38.16 -17.62
C ARG A 416 15.53 39.56 -18.09
N ALA A 417 14.65 39.68 -19.06
CA ALA A 417 14.36 41.00 -19.59
C ALA A 417 13.42 41.74 -18.65
N LEU A 418 12.25 41.17 -18.42
CA LEU A 418 11.33 41.79 -17.46
C LEU A 418 11.90 41.80 -16.06
N ASN A 419 12.82 40.90 -15.76
CA ASN A 419 13.54 40.75 -14.52
C ASN A 419 12.71 40.01 -13.50
N ARG A 420 11.50 39.55 -13.83
CA ARG A 420 10.87 38.66 -12.87
C ARG A 420 11.57 37.33 -12.94
N GLU A 421 11.59 36.68 -11.81
CA GLU A 421 12.40 35.50 -11.63
C GLU A 421 11.88 34.34 -12.45
N TYR A 422 12.81 33.50 -12.85
CA TYR A 422 12.56 32.47 -13.81
C TYR A 422 12.14 31.23 -13.07
N PHE A 423 11.52 30.32 -13.78
CA PHE A 423 11.23 29.02 -13.25
C PHE A 423 11.07 28.16 -14.48
N ARG A 424 10.90 26.88 -14.28
CA ARG A 424 10.56 26.02 -15.37
C ARG A 424 9.92 24.76 -14.85
N PHE A 425 9.01 24.22 -15.64
CA PHE A 425 8.15 23.13 -15.20
C PHE A 425 7.71 22.31 -16.40
N SER A 426 8.51 21.31 -16.74
CA SER A 426 8.11 20.37 -17.76
C SER A 426 7.01 19.50 -17.18
N VAL A 427 5.98 19.23 -17.99
CA VAL A 427 4.90 18.34 -17.60
C VAL A 427 4.71 17.28 -18.66
N GLY A 428 5.77 16.89 -19.34
CA GLY A 428 5.63 15.89 -20.38
C GLY A 428 5.21 14.57 -19.76
N GLY A 429 4.06 14.05 -20.18
CA GLY A 429 3.68 12.70 -19.86
C GLY A 429 3.28 12.47 -18.42
N MET A 430 3.29 13.51 -17.57
CA MET A 430 2.96 13.33 -16.17
C MET A 430 1.50 12.91 -16.07
N THR A 431 1.17 12.11 -15.06
CA THR A 431 -0.19 11.60 -14.87
C THR A 431 -0.61 11.55 -13.40
N ASP A 432 -0.19 12.51 -12.57
CA ASP A 432 -0.47 12.46 -11.12
C ASP A 432 -0.84 13.86 -10.66
N VAL A 433 -2.09 14.02 -10.24
CA VAL A 433 -2.61 15.31 -9.80
C VAL A 433 -1.91 15.89 -8.59
N ALA A 434 -1.25 15.05 -7.78
CA ALA A 434 -0.64 15.54 -6.55
C ALA A 434 0.40 16.62 -6.81
N GLU A 435 1.06 16.55 -7.97
CA GLU A 435 2.10 17.52 -8.29
C GLU A 435 1.52 18.91 -8.35
N ILE A 436 0.26 19.03 -8.78
CA ILE A 436 -0.39 20.32 -8.77
C ILE A 436 -1.16 20.57 -7.49
N LYS A 437 -1.34 19.57 -6.63
CA LYS A 437 -2.24 19.72 -5.50
C LYS A 437 -1.80 19.19 -4.16
N GLY A 438 -0.60 18.64 -4.02
CA GLY A 438 -0.17 18.33 -2.69
C GLY A 438 -1.05 17.23 -2.12
N HIS A 439 -1.10 17.19 -0.80
CA HIS A 439 -1.86 16.16 -0.13
C HIS A 439 -2.41 16.70 1.18
N ARG A 440 -3.29 15.90 1.77
CA ARG A 440 -4.30 16.34 2.71
C ARG A 440 -3.73 16.60 4.10
N ARG A 441 -2.46 16.32 4.36
CA ARG A 441 -1.67 16.61 5.56
C ARG A 441 -1.98 15.59 6.67
N THR A 442 -3.03 14.79 6.59
CA THR A 442 -3.12 13.70 7.53
C THR A 442 -2.31 12.52 7.08
N TYR A 443 -2.01 12.45 5.79
CA TYR A 443 -1.11 11.42 5.32
C TYR A 443 0.29 11.75 5.78
N VAL A 444 1.03 10.72 6.17
CA VAL A 444 2.38 10.94 6.61
C VAL A 444 3.18 11.46 5.44
N GLY A 445 3.99 12.47 5.69
CA GLY A 445 4.89 12.95 4.67
C GLY A 445 4.20 13.68 3.54
N ALA A 446 2.99 14.18 3.76
CA ALA A 446 2.35 14.97 2.73
C ALA A 446 3.10 16.27 2.58
N MET A 447 3.22 16.76 1.35
CA MET A 447 3.80 18.06 1.03
C MET A 447 2.95 18.77 0.01
N PRO A 448 2.94 20.11 0.03
CA PRO A 448 2.12 20.84 -0.92
C PRO A 448 2.61 20.62 -2.33
N GLY A 449 1.66 20.73 -3.27
CA GLY A 449 1.91 20.58 -4.69
C GLY A 449 3.08 21.38 -5.21
N LYS A 450 3.57 20.96 -6.38
CA LYS A 450 4.84 21.45 -6.91
C LYS A 450 4.79 22.93 -7.22
N ILE A 451 3.61 23.45 -7.52
CA ILE A 451 3.49 24.87 -7.82
C ILE A 451 3.80 25.66 -6.58
N ILE A 452 3.29 25.19 -5.45
CA ILE A 452 3.55 25.93 -4.23
C ILE A 452 5.02 25.82 -3.90
N GLN A 453 5.62 24.68 -4.22
CA GLN A 453 7.05 24.52 -4.00
C GLN A 453 7.80 25.53 -4.83
N CYS A 454 7.31 25.81 -6.03
CA CYS A 454 7.94 26.85 -6.83
C CYS A 454 7.80 28.17 -6.13
N LEU A 455 6.57 28.50 -5.73
CA LEU A 455 6.31 29.81 -5.18
C LEU A 455 7.03 30.03 -3.87
N LYS A 456 7.44 28.97 -3.21
CA LYS A 456 8.27 29.16 -2.04
C LYS A 456 9.70 29.33 -2.51
N LYS A 457 10.10 28.54 -3.51
CA LYS A 457 11.48 28.58 -3.98
C LYS A 457 11.83 29.94 -4.54
N THR A 458 10.88 30.59 -5.20
CA THR A 458 11.04 31.96 -5.66
C THR A 458 10.30 32.80 -4.66
N LYS A 459 11.03 33.63 -3.94
CA LYS A 459 10.42 34.31 -2.81
C LYS A 459 9.31 35.27 -3.24
N THR A 460 9.35 35.75 -4.48
CA THR A 460 8.37 36.73 -4.91
C THR A 460 6.99 36.09 -4.94
N GLU A 461 5.99 36.94 -5.09
CA GLU A 461 4.61 36.49 -5.23
C GLU A 461 4.21 36.44 -6.69
N ASN A 462 4.98 37.07 -7.58
CA ASN A 462 4.62 37.21 -8.98
C ASN A 462 5.75 36.75 -9.90
N PRO A 463 6.05 35.46 -9.90
CA PRO A 463 7.03 34.88 -10.83
C PRO A 463 6.52 34.61 -12.24
N LEU A 464 7.49 34.41 -13.13
CA LEU A 464 7.27 33.98 -14.52
C LEU A 464 7.24 32.47 -14.59
N ILE A 465 6.06 31.89 -14.37
CA ILE A 465 5.91 30.46 -14.58
C ILE A 465 6.20 30.11 -16.04
N LEU A 466 6.73 28.91 -16.24
CA LEU A 466 7.01 28.36 -17.56
C LEU A 466 6.54 26.92 -17.61
N ILE A 467 5.26 26.76 -17.94
CA ILE A 467 4.74 25.44 -18.26
C ILE A 467 5.32 25.01 -19.60
N ASP A 468 5.49 23.70 -19.78
CA ASP A 468 6.10 23.20 -20.99
C ASP A 468 5.47 21.87 -21.41
N GLU A 469 5.42 21.67 -22.73
CA GLU A 469 4.92 20.45 -23.39
C GLU A 469 3.52 20.05 -22.94
N VAL A 470 2.60 21.01 -22.95
CA VAL A 470 1.27 20.75 -22.40
C VAL A 470 0.58 19.64 -23.16
N ASP A 471 0.86 19.53 -24.46
CA ASP A 471 0.07 18.63 -25.26
C ASP A 471 0.50 17.18 -25.08
N LYS A 472 1.64 16.94 -24.46
CA LYS A 472 2.09 15.60 -24.17
C LYS A 472 1.69 15.14 -22.78
N ILE A 473 0.89 15.93 -22.07
CA ILE A 473 0.38 15.49 -20.78
C ILE A 473 -0.41 14.21 -21.01
N GLY A 474 -0.16 13.20 -20.18
CA GLY A 474 -0.77 11.90 -20.41
C GLY A 474 -2.14 11.74 -19.80
N ARG A 475 -2.83 10.69 -20.27
CA ARG A 475 -4.06 10.22 -19.63
C ARG A 475 -3.71 9.00 -18.79
N GLY A 476 -3.79 9.17 -17.48
CA GLY A 476 -3.30 8.18 -16.55
C GLY A 476 -4.34 7.17 -16.12
N TYR A 477 -5.47 7.08 -16.84
CA TYR A 477 -6.59 6.15 -16.63
C TYR A 477 -7.20 6.28 -15.22
N GLN A 478 -6.86 7.33 -14.49
CA GLN A 478 -7.40 7.71 -13.20
C GLN A 478 -6.98 9.14 -12.90
N GLY A 479 -7.96 10.04 -12.90
CA GLY A 479 -7.72 11.46 -12.70
C GLY A 479 -6.60 12.07 -13.53
N ASP A 480 -6.78 12.18 -14.85
CA ASP A 480 -5.71 12.74 -15.65
C ASP A 480 -5.49 14.18 -15.17
N PRO A 481 -4.25 14.60 -14.96
CA PRO A 481 -4.01 15.92 -14.34
C PRO A 481 -4.58 17.08 -15.10
N SER A 482 -4.76 16.96 -16.42
CA SER A 482 -5.17 18.08 -17.24
C SER A 482 -6.47 18.73 -16.78
N SER A 483 -7.33 17.95 -16.11
CA SER A 483 -8.56 18.52 -15.58
C SER A 483 -8.22 19.48 -14.48
N ALA A 484 -7.36 19.05 -13.56
CA ALA A 484 -7.08 19.88 -12.41
C ALA A 484 -6.45 21.17 -12.88
N LEU A 485 -5.66 21.09 -13.96
CA LEU A 485 -4.98 22.26 -14.47
C LEU A 485 -5.94 23.35 -14.89
N LEU A 486 -7.15 22.96 -15.28
CA LEU A 486 -8.14 23.94 -15.69
C LEU A 486 -8.46 24.89 -14.55
N GLU A 487 -8.42 24.37 -13.31
CA GLU A 487 -8.66 25.20 -12.14
C GLU A 487 -7.57 26.23 -12.02
N LEU A 488 -6.40 25.93 -12.53
CA LEU A 488 -5.29 26.81 -12.33
C LEU A 488 -5.29 27.92 -13.34
N LEU A 489 -5.85 27.68 -14.53
CA LEU A 489 -5.59 28.58 -15.64
C LEU A 489 -6.73 29.52 -15.99
N ASP A 490 -7.80 29.54 -15.21
CA ASP A 490 -8.87 30.47 -15.49
C ASP A 490 -8.34 31.90 -15.37
N PRO A 491 -8.53 32.77 -16.38
CA PRO A 491 -7.89 34.10 -16.31
C PRO A 491 -8.30 34.91 -15.11
N GLU A 492 -9.53 34.75 -14.63
CA GLU A 492 -10.04 35.55 -13.53
C GLU A 492 -10.20 34.71 -12.27
N GLN A 493 -10.70 33.50 -12.38
CA GLN A 493 -10.91 32.67 -11.20
C GLN A 493 -9.60 32.28 -10.52
N ASN A 494 -8.47 32.41 -11.23
CA ASN A 494 -7.17 32.05 -10.67
C ASN A 494 -6.90 32.74 -9.34
N ALA A 495 -7.50 33.91 -9.11
CA ALA A 495 -7.20 34.66 -7.90
C ALA A 495 -7.63 33.95 -6.62
N ASN A 496 -8.31 32.79 -6.69
CA ASN A 496 -8.75 32.06 -5.52
C ASN A 496 -8.38 30.60 -5.70
N PHE A 497 -7.16 30.34 -6.14
CA PHE A 497 -6.70 28.96 -6.23
C PHE A 497 -6.71 28.31 -4.87
N LEU A 498 -7.02 27.00 -4.83
CA LEU A 498 -7.38 26.31 -3.59
C LEU A 498 -6.74 24.92 -3.42
N ASP A 499 -5.41 24.86 -3.48
CA ASP A 499 -4.71 23.59 -3.31
C ASP A 499 -5.03 22.96 -1.96
N HIS A 500 -5.03 21.62 -1.95
CA HIS A 500 -5.59 20.92 -0.82
C HIS A 500 -4.78 21.18 0.44
N TYR A 501 -3.45 21.09 0.35
CA TYR A 501 -2.57 20.94 1.50
C TYR A 501 -2.76 22.08 2.50
N LEU A 502 -2.32 23.27 2.17
CA LEU A 502 -2.66 24.45 2.95
C LEU A 502 -3.98 24.91 2.37
N ASP A 503 -5.02 24.90 3.18
CA ASP A 503 -6.34 24.91 2.57
C ASP A 503 -6.82 26.34 2.24
N VAL A 504 -6.13 27.39 2.67
CA VAL A 504 -6.62 28.74 2.36
C VAL A 504 -6.47 29.03 0.87
N PRO A 505 -7.49 29.58 0.18
CA PRO A 505 -7.30 29.89 -1.24
C PRO A 505 -6.20 30.92 -1.41
N VAL A 506 -5.42 30.81 -2.50
CA VAL A 506 -4.32 31.74 -2.77
C VAL A 506 -4.55 32.49 -4.07
N ASP A 507 -4.28 33.80 -4.04
CA ASP A 507 -4.28 34.64 -5.22
C ASP A 507 -3.02 34.49 -6.05
N LEU A 508 -3.17 34.69 -7.35
CA LEU A 508 -2.02 34.53 -8.25
C LEU A 508 -2.01 35.48 -9.44
N SER A 509 -2.91 36.47 -9.50
CA SER A 509 -3.20 37.20 -10.75
C SER A 509 -2.00 37.85 -11.41
N LYS A 510 -1.00 38.26 -10.63
CA LYS A 510 0.14 38.89 -11.25
C LYS A 510 0.97 37.93 -12.08
N VAL A 511 0.90 36.62 -11.78
CA VAL A 511 1.78 35.66 -12.42
C VAL A 511 1.53 35.68 -13.92
N LEU A 512 2.59 35.43 -14.68
CA LEU A 512 2.59 35.46 -16.12
C LEU A 512 2.89 34.06 -16.63
N PHE A 513 1.85 33.27 -16.76
CA PHE A 513 2.08 31.92 -17.25
C PHE A 513 2.47 31.91 -18.71
N ILE A 514 3.18 30.85 -19.08
CA ILE A 514 3.46 30.56 -20.47
C ILE A 514 3.47 29.05 -20.57
N CYS A 515 3.12 28.56 -21.75
CA CYS A 515 3.08 27.15 -22.04
C CYS A 515 3.80 26.90 -23.34
N THR A 516 3.79 25.65 -23.78
CA THR A 516 4.32 25.28 -25.08
C THR A 516 3.65 24.01 -25.57
N ALA A 517 3.56 23.93 -26.89
CA ALA A 517 2.92 22.82 -27.58
C ALA A 517 3.45 22.84 -29.00
N ASN A 518 4.11 21.77 -29.40
CA ASN A 518 4.66 21.72 -30.75
C ASN A 518 3.55 21.81 -31.79
N VAL A 519 2.36 21.34 -31.45
CA VAL A 519 1.21 21.38 -32.32
C VAL A 519 -0.02 21.47 -31.43
N THR A 520 -1.00 22.24 -31.89
CA THR A 520 -2.12 22.68 -31.06
C THR A 520 -3.42 21.96 -31.34
N ASP A 521 -3.38 20.64 -31.57
CA ASP A 521 -4.60 19.87 -31.80
C ASP A 521 -4.99 18.94 -30.69
N THR A 522 -4.03 18.30 -30.03
CA THR A 522 -4.36 17.32 -28.99
C THR A 522 -5.08 17.94 -27.81
N ILE A 523 -4.90 19.24 -27.59
CA ILE A 523 -5.32 19.90 -26.35
C ILE A 523 -6.84 19.83 -26.20
N PRO A 524 -7.38 19.49 -25.02
CA PRO A 524 -8.84 19.51 -24.88
C PRO A 524 -9.35 20.92 -25.07
N GLU A 525 -10.54 21.01 -25.67
CA GLU A 525 -11.04 22.29 -26.16
C GLU A 525 -11.12 23.36 -25.09
N PRO A 526 -11.77 23.15 -23.92
CA PRO A 526 -11.87 24.26 -22.95
C PRO A 526 -10.52 24.78 -22.56
N LEU A 527 -9.57 23.86 -22.44
CA LEU A 527 -8.23 24.24 -22.09
C LEU A 527 -7.60 25.01 -23.21
N ARG A 528 -7.93 24.66 -24.44
CA ARG A 528 -7.49 25.46 -25.56
C ARG A 528 -8.14 26.84 -25.53
N ASP A 529 -9.34 26.95 -24.98
CA ASP A 529 -10.05 28.21 -25.07
C ASP A 529 -9.61 29.21 -24.01
N ARG A 530 -9.15 28.75 -22.85
CA ARG A 530 -8.82 29.68 -21.77
C ARG A 530 -7.68 30.62 -22.17
N MET A 531 -6.82 30.17 -23.06
CA MET A 531 -5.47 30.65 -23.25
C MET A 531 -5.29 31.25 -24.63
N GLU A 532 -4.44 32.28 -24.71
CA GLU A 532 -4.06 32.86 -26.00
C GLU A 532 -3.18 31.91 -26.80
N MET A 533 -3.25 32.04 -28.14
CA MET A 533 -2.49 31.16 -29.04
C MET A 533 -1.66 32.02 -29.96
N ILE A 534 -0.52 32.50 -29.48
CA ILE A 534 0.44 33.05 -30.42
C ILE A 534 0.96 31.88 -31.23
N ASN A 535 1.38 32.14 -32.47
CA ASN A 535 1.84 31.09 -33.37
C ASN A 535 3.18 31.56 -33.88
N VAL A 536 4.23 31.02 -33.29
CA VAL A 536 5.55 31.15 -33.87
C VAL A 536 5.63 30.30 -35.13
N SER A 537 6.51 30.68 -36.06
CA SER A 537 6.64 30.02 -37.35
C SER A 537 8.11 29.94 -37.75
N GLY A 538 8.35 29.36 -38.94
CA GLY A 538 9.69 29.08 -39.42
C GLY A 538 10.45 30.28 -39.94
N TYR A 539 11.73 30.05 -40.21
CA TYR A 539 12.69 31.07 -40.61
C TYR A 539 13.02 31.02 -42.09
N VAL A 540 13.23 32.18 -42.67
CA VAL A 540 13.74 32.26 -44.03
C VAL A 540 15.23 31.97 -43.99
N ALA A 541 15.74 31.45 -45.11
CA ALA A 541 17.11 30.97 -45.13
C ALA A 541 18.07 32.10 -44.88
N GLN A 542 17.75 33.28 -45.38
CA GLN A 542 18.58 34.43 -45.07
C GLN A 542 18.55 34.73 -43.58
N GLU A 543 17.40 34.51 -42.96
CA GLU A 543 17.32 34.73 -41.52
C GLU A 543 18.22 33.77 -40.80
N LYS A 544 18.16 32.50 -41.20
CA LYS A 544 19.00 31.48 -40.62
C LYS A 544 20.45 31.82 -40.85
N LEU A 545 20.74 32.42 -42.00
CA LEU A 545 22.09 32.82 -42.33
C LEU A 545 22.56 33.85 -41.33
N ALA A 546 21.71 34.86 -41.11
CA ALA A 546 22.09 35.96 -40.24
C ALA A 546 22.37 35.46 -38.84
N ILE A 547 21.58 34.49 -38.40
CA ILE A 547 21.84 33.90 -37.10
C ILE A 547 23.14 33.12 -37.13
N ALA A 548 23.54 32.64 -38.31
CA ALA A 548 24.79 31.91 -38.33
C ALA A 548 25.95 32.83 -38.05
N GLU A 549 25.95 34.01 -38.68
CA GLU A 549 27.06 34.93 -38.40
C GLU A 549 27.01 35.37 -36.96
N ARG A 550 25.83 35.81 -36.53
CA ARG A 550 25.74 36.56 -35.30
C ARG A 550 25.99 35.67 -34.11
N TYR A 551 25.31 34.55 -34.05
CA TYR A 551 25.15 33.77 -32.83
C TYR A 551 25.76 32.39 -32.92
N LEU A 552 25.40 31.63 -33.95
CA LEU A 552 25.76 30.22 -33.97
C LEU A 552 27.24 30.04 -34.11
N VAL A 553 27.83 30.69 -35.11
CA VAL A 553 29.26 30.53 -35.34
C VAL A 553 30.09 30.95 -34.14
N PRO A 554 29.94 32.16 -33.58
CA PRO A 554 30.74 32.49 -32.39
C PRO A 554 30.47 31.56 -31.23
N GLN A 555 29.22 31.13 -31.10
CA GLN A 555 28.87 30.30 -29.96
C GLN A 555 29.53 28.95 -30.05
N ALA A 556 29.37 28.27 -31.17
CA ALA A 556 29.96 26.96 -31.31
C ALA A 556 31.47 27.05 -31.29
N ARG A 557 32.04 28.12 -31.85
CA ARG A 557 33.48 28.22 -31.84
C ARG A 557 34.00 28.42 -30.43
N ALA A 558 33.26 29.17 -29.62
CA ALA A 558 33.61 29.25 -28.22
C ALA A 558 33.42 27.92 -27.54
N LEU A 559 32.42 27.16 -27.97
CA LEU A 559 32.17 25.88 -27.34
C LEU A 559 33.28 24.91 -27.63
N CYS A 560 33.87 25.00 -28.80
CA CYS A 560 34.93 24.07 -29.19
C CYS A 560 36.31 24.59 -28.83
N GLY A 561 36.45 25.87 -28.55
CA GLY A 561 37.73 26.45 -28.25
C GLY A 561 38.55 26.77 -29.47
N LEU A 562 38.03 26.54 -30.67
CA LEU A 562 38.73 26.95 -31.87
C LEU A 562 38.73 28.46 -31.94
N ASP A 563 39.36 29.01 -32.97
CA ASP A 563 39.45 30.45 -33.11
C ASP A 563 39.17 30.87 -34.53
N GLU A 564 38.68 32.09 -34.65
CA GLU A 564 38.69 32.75 -35.94
C GLU A 564 40.15 32.90 -36.30
N SER A 565 40.43 32.77 -37.57
CA SER A 565 41.74 32.83 -38.22
C SER A 565 42.41 31.48 -38.10
N LYS A 566 41.92 30.57 -37.26
CA LYS A 566 42.35 29.19 -37.25
C LYS A 566 41.38 28.32 -38.03
N ALA A 567 40.11 28.69 -38.05
CA ALA A 567 39.06 27.92 -38.69
C ALA A 567 38.08 28.80 -39.47
N LYS A 568 38.57 29.71 -40.30
CA LYS A 568 37.66 30.60 -41.01
C LYS A 568 36.69 29.87 -41.93
N LEU A 569 35.48 30.42 -41.99
CA LEU A 569 34.43 29.98 -42.89
C LEU A 569 33.95 31.19 -43.67
N SER A 570 34.17 31.19 -44.96
CA SER A 570 33.58 32.21 -45.81
C SER A 570 32.06 32.08 -45.82
N SER A 571 31.40 33.24 -45.82
CA SER A 571 29.95 33.26 -45.81
C SER A 571 29.38 32.58 -47.04
N ASP A 572 30.09 32.66 -48.16
CA ASP A 572 29.64 31.97 -49.36
C ASP A 572 29.61 30.47 -49.16
N VAL A 573 30.56 29.97 -48.39
CA VAL A 573 30.55 28.56 -48.01
C VAL A 573 29.30 28.27 -47.20
N LEU A 574 28.95 29.18 -46.30
CA LEU A 574 27.79 28.92 -45.45
C LEU A 574 26.56 28.91 -46.32
N THR A 575 26.53 29.81 -47.31
CA THR A 575 25.42 29.88 -48.24
C THR A 575 25.29 28.56 -48.96
N LEU A 576 26.42 27.96 -49.28
CA LEU A 576 26.39 26.66 -49.92
C LEU A 576 25.85 25.61 -48.97
N LEU A 577 26.31 25.65 -47.72
CA LEU A 577 25.92 24.63 -46.77
C LEU A 577 24.43 24.65 -46.51
N ILE A 578 23.85 25.83 -46.54
CA ILE A 578 22.44 25.94 -46.25
C ILE A 578 21.65 25.65 -47.51
N LYS A 579 22.18 26.09 -48.65
CA LYS A 579 21.50 25.85 -49.91
C LYS A 579 21.41 24.37 -50.19
N GLN A 580 22.39 23.59 -49.75
CA GLN A 580 22.42 22.18 -50.07
C GLN A 580 21.98 21.30 -48.92
N TYR A 581 22.60 21.40 -47.76
CA TYR A 581 22.56 20.24 -46.90
C TYR A 581 21.44 20.30 -45.86
N CYS A 582 20.88 21.48 -45.60
CA CYS A 582 19.84 21.65 -44.59
C CYS A 582 18.88 22.69 -45.11
N ARG A 583 17.61 22.32 -45.21
CA ARG A 583 16.61 23.15 -45.86
C ARG A 583 15.27 23.05 -45.13
N GLU A 584 15.31 23.17 -43.80
CA GLU A 584 14.15 22.89 -42.95
C GLU A 584 13.90 24.04 -42.00
N SER A 585 12.69 24.04 -41.43
CA SER A 585 12.22 25.19 -40.67
C SER A 585 13.04 25.41 -39.41
N GLY A 586 13.57 24.34 -38.82
CA GLY A 586 14.27 24.49 -37.57
C GLY A 586 15.66 24.97 -37.82
N VAL A 587 16.35 25.26 -36.73
CA VAL A 587 17.73 25.71 -36.80
C VAL A 587 18.56 24.74 -35.96
N ARG A 588 18.14 23.48 -35.93
CA ARG A 588 18.85 22.45 -35.22
C ARG A 588 19.72 21.67 -36.18
N ASN A 589 19.12 21.12 -37.24
CA ASN A 589 19.85 20.31 -38.19
C ASN A 589 21.08 21.02 -38.72
N LEU A 590 20.88 22.29 -39.10
CA LEU A 590 22.00 23.11 -39.52
C LEU A 590 23.01 23.27 -38.42
N GLN A 591 22.54 23.30 -37.19
CA GLN A 591 23.43 23.43 -36.05
C GLN A 591 24.39 22.26 -36.02
N LYS A 592 23.87 21.06 -36.30
CA LYS A 592 24.75 19.92 -36.28
C LYS A 592 25.72 19.97 -37.44
N GLN A 593 25.26 20.45 -38.59
CA GLN A 593 26.19 20.48 -39.73
C GLN A 593 27.37 21.36 -39.40
N VAL A 594 27.09 22.52 -38.84
CA VAL A 594 28.17 23.44 -38.59
C VAL A 594 29.00 23.03 -37.39
N GLU A 595 28.47 22.15 -36.55
CA GLU A 595 29.34 21.65 -35.51
C GLU A 595 30.24 20.60 -36.07
N LYS A 596 29.72 19.77 -36.96
CA LYS A 596 30.58 18.76 -37.54
C LYS A 596 31.69 19.45 -38.30
N VAL A 597 31.34 20.56 -38.95
CA VAL A 597 32.29 21.32 -39.72
C VAL A 597 33.42 21.80 -38.85
N LEU A 598 33.12 22.03 -37.58
CA LEU A 598 34.23 22.44 -36.73
C LEU A 598 35.02 21.23 -36.30
N ARG A 599 34.31 20.21 -35.84
CA ARG A 599 34.97 19.11 -35.16
C ARG A 599 35.92 18.35 -36.05
N LYS A 600 35.59 18.19 -37.34
CA LYS A 600 36.54 17.51 -38.20
C LYS A 600 37.83 18.30 -38.32
N SER A 601 37.70 19.61 -38.47
CA SER A 601 38.89 20.44 -38.55
C SER A 601 39.64 20.40 -37.26
N ALA A 602 38.92 20.32 -36.15
CA ALA A 602 39.56 20.35 -34.86
C ALA A 602 40.44 19.12 -34.69
N TYR A 603 39.90 17.96 -35.06
CA TYR A 603 40.73 16.77 -34.98
C TYR A 603 41.87 16.84 -35.98
N LYS A 604 41.61 17.44 -37.13
CA LYS A 604 42.64 17.52 -38.14
C LYS A 604 43.80 18.38 -37.70
N ILE A 605 43.55 19.33 -36.81
CA ILE A 605 44.61 20.22 -36.40
C ILE A 605 45.29 19.68 -35.18
N VAL A 606 44.46 19.37 -34.17
CA VAL A 606 44.98 19.03 -32.86
C VAL A 606 45.86 17.80 -32.92
N SER A 607 45.59 16.91 -33.86
CA SER A 607 46.39 15.70 -33.96
C SER A 607 46.47 15.18 -35.39
N GLY A 608 46.15 16.00 -36.38
CA GLY A 608 46.51 15.71 -37.73
C GLY A 608 47.80 16.46 -37.90
N GLU A 609 47.92 17.14 -39.03
CA GLU A 609 49.14 17.82 -39.41
C GLU A 609 48.98 19.34 -39.40
N ALA A 610 47.96 19.84 -40.10
CA ALA A 610 47.85 21.26 -40.36
C ALA A 610 47.68 22.06 -39.09
N GLU A 611 48.44 23.14 -39.01
CA GLU A 611 48.28 24.08 -37.90
C GLU A 611 46.93 24.76 -37.97
N SER A 612 46.38 24.95 -39.17
CA SER A 612 45.12 25.64 -39.33
C SER A 612 44.43 25.31 -40.64
N VAL A 613 43.30 24.61 -40.53
CA VAL A 613 42.52 24.30 -41.71
C VAL A 613 41.96 25.61 -42.25
N GLU A 614 41.66 25.62 -43.53
CA GLU A 614 41.00 26.76 -44.16
C GLU A 614 40.03 26.18 -45.18
N VAL A 615 38.79 26.06 -44.72
CA VAL A 615 37.77 25.46 -45.54
C VAL A 615 37.55 26.34 -46.75
N THR A 616 37.26 25.68 -47.86
CA THR A 616 36.82 26.26 -49.11
C THR A 616 35.65 25.40 -49.53
N PRO A 617 34.74 25.92 -50.38
CA PRO A 617 33.52 25.16 -50.70
C PRO A 617 33.82 23.78 -51.27
N GLU A 618 34.94 23.70 -51.98
CA GLU A 618 35.41 22.47 -52.59
C GLU A 618 35.70 21.42 -51.53
N ASN A 619 36.06 21.85 -50.33
CA ASN A 619 36.34 20.91 -49.28
C ASN A 619 35.08 20.24 -48.75
N LEU A 620 33.93 20.92 -48.85
CA LEU A 620 32.78 20.56 -47.99
C LEU A 620 32.32 19.14 -48.18
N GLN A 621 32.16 18.73 -49.44
CA GLN A 621 31.60 17.42 -49.71
C GLN A 621 32.48 16.34 -49.12
N ASP A 622 33.82 16.55 -49.10
CA ASP A 622 34.65 15.55 -48.45
C ASP A 622 34.68 15.85 -46.97
N PHE A 623 34.64 17.13 -46.63
CA PHE A 623 34.82 17.55 -45.27
C PHE A 623 33.53 17.49 -44.47
N VAL A 624 32.38 17.31 -45.10
CA VAL A 624 31.12 17.22 -44.39
C VAL A 624 30.39 15.94 -44.75
N GLY A 625 30.63 15.43 -45.94
CA GLY A 625 29.95 14.26 -46.45
C GLY A 625 29.25 14.55 -47.75
N LYS A 626 28.58 13.53 -48.26
CA LYS A 626 27.92 13.67 -49.52
C LYS A 626 26.72 14.61 -49.36
N PRO A 627 26.42 15.44 -50.38
CA PRO A 627 25.23 16.29 -50.25
C PRO A 627 23.95 15.50 -50.14
N VAL A 628 23.03 16.04 -49.36
CA VAL A 628 21.71 15.45 -49.27
C VAL A 628 20.90 15.94 -50.45
N PHE A 629 20.64 17.23 -50.51
CA PHE A 629 20.06 17.77 -51.72
C PHE A 629 21.16 17.93 -52.75
N THR A 630 20.76 17.86 -54.00
CA THR A 630 21.58 18.15 -55.17
C THR A 630 21.23 19.53 -55.71
N VAL A 631 22.08 20.03 -56.59
CA VAL A 631 21.71 21.19 -57.40
C VAL A 631 20.80 20.65 -58.49
N GLU A 632 19.50 20.82 -58.25
CA GLU A 632 18.45 20.09 -58.96
C GLU A 632 18.17 20.80 -60.30
N ARG A 633 19.06 20.55 -61.27
CA ARG A 633 18.96 21.10 -62.62
C ARG A 633 18.57 19.96 -63.55
N MET A 634 17.31 19.90 -63.98
CA MET A 634 16.88 18.81 -64.85
C MET A 634 16.92 19.14 -66.34
N TYR A 635 16.87 20.42 -66.70
CA TYR A 635 17.02 20.89 -68.07
C TYR A 635 17.42 22.35 -68.06
N ASP A 636 18.19 22.71 -69.07
CA ASP A 636 18.45 24.08 -69.44
C ASP A 636 18.02 24.38 -70.86
N VAL A 637 17.62 23.36 -71.64
CA VAL A 637 17.15 23.56 -73.00
C VAL A 637 15.63 23.60 -73.10
N THR A 638 14.91 22.99 -72.14
CA THR A 638 13.45 22.84 -72.18
C THR A 638 13.02 22.30 -73.53
N PRO A 639 13.23 21.01 -73.80
CA PRO A 639 12.82 20.48 -75.11
C PRO A 639 11.32 20.59 -75.29
N PRO A 640 10.86 20.65 -76.56
CA PRO A 640 9.48 21.11 -76.81
C PRO A 640 8.47 20.24 -76.10
N GLY A 641 7.46 20.90 -75.58
CA GLY A 641 6.43 20.26 -74.80
C GLY A 641 6.78 20.21 -73.33
N VAL A 642 8.06 20.35 -72.98
CA VAL A 642 8.43 20.47 -71.59
C VAL A 642 7.97 21.83 -71.13
N VAL A 643 7.59 21.94 -69.86
CA VAL A 643 7.18 23.23 -69.34
C VAL A 643 7.60 23.30 -67.87
N MET A 644 8.09 24.47 -67.51
CA MET A 644 8.47 24.78 -66.14
C MET A 644 7.21 24.89 -65.30
N GLY A 645 7.33 24.66 -63.99
CA GLY A 645 6.21 25.01 -63.14
C GLY A 645 6.48 25.00 -61.65
N LEU A 646 6.13 26.08 -60.97
CA LEU A 646 6.21 26.09 -59.52
C LEU A 646 5.04 25.34 -58.91
N ALA A 647 5.29 24.82 -57.71
CA ALA A 647 4.28 24.06 -56.99
C ALA A 647 4.63 24.14 -55.51
N TRP A 648 3.61 24.03 -54.67
CA TRP A 648 3.79 24.18 -53.22
C TRP A 648 4.08 22.81 -52.64
N THR A 649 5.34 22.53 -52.32
CA THR A 649 5.63 21.35 -51.51
C THR A 649 5.23 21.61 -50.07
N ALA A 650 4.90 20.54 -49.34
CA ALA A 650 4.50 20.72 -47.95
C ALA A 650 5.60 21.39 -47.14
N MET A 651 6.85 21.19 -47.53
CA MET A 651 8.04 21.83 -46.98
C MET A 651 8.71 22.59 -48.13
N GLY A 652 8.41 23.88 -48.30
CA GLY A 652 9.01 24.65 -49.38
C GLY A 652 8.28 24.49 -50.68
N GLY A 653 8.73 25.22 -51.70
CA GLY A 653 8.22 25.07 -53.04
C GLY A 653 8.98 24.02 -53.82
N SER A 654 8.58 23.84 -55.08
CA SER A 654 9.29 22.94 -55.97
C SER A 654 9.03 23.32 -57.41
N THR A 655 10.08 23.17 -58.21
CA THR A 655 10.09 23.56 -59.60
C THR A 655 9.93 22.31 -60.47
N LEU A 656 8.70 21.83 -60.55
CA LEU A 656 8.43 20.62 -61.32
C LEU A 656 8.48 20.94 -62.80
N PHE A 657 8.78 19.93 -63.61
CA PHE A 657 8.70 20.03 -65.07
C PHE A 657 7.55 19.14 -65.50
N VAL A 658 6.48 19.75 -65.96
CA VAL A 658 5.40 18.99 -66.57
C VAL A 658 5.75 18.67 -68.01
N GLU A 659 5.22 17.54 -68.49
CA GLU A 659 5.59 17.03 -69.81
C GLU A 659 4.42 16.25 -70.41
N THR A 660 4.46 16.13 -71.74
CA THR A 660 3.46 15.37 -72.45
C THR A 660 4.00 15.14 -73.86
N SER A 661 3.49 14.09 -74.49
CA SER A 661 3.90 13.77 -75.84
C SER A 661 2.89 12.82 -76.47
N LEU A 662 2.94 12.75 -77.80
CA LEU A 662 2.07 11.86 -78.54
C LEU A 662 2.42 10.41 -78.24
N ARG A 663 1.42 9.54 -78.26
CA ARG A 663 1.60 8.18 -77.79
C ARG A 663 2.03 7.26 -78.94
N ARG A 664 1.17 7.09 -79.93
CA ARG A 664 1.44 6.37 -81.16
C ARG A 664 1.40 7.43 -82.25
N PRO A 665 1.68 7.12 -83.53
CA PRO A 665 1.82 8.20 -84.52
C PRO A 665 0.51 8.94 -84.72
N GLN A 666 0.60 10.25 -85.00
CA GLN A 666 -0.61 10.98 -85.38
C GLN A 666 -1.01 10.67 -86.82
N ASP A 667 -0.15 9.96 -87.57
CA ASP A 667 -0.46 9.44 -88.89
C ASP A 667 -1.18 8.09 -88.83
N LYS A 668 -1.71 7.70 -87.67
CA LYS A 668 -2.47 6.44 -87.54
C LYS A 668 -3.55 6.35 -88.61
N ASP A 669 -4.19 7.47 -88.88
CA ASP A 669 -5.12 7.62 -90.00
C ASP A 669 -5.29 9.13 -90.15
N ALA A 670 -4.51 9.72 -91.07
CA ALA A 670 -4.56 11.16 -91.26
C ALA A 670 -5.94 11.61 -91.72
N LYS A 671 -6.62 10.74 -92.47
CA LYS A 671 -8.00 11.00 -92.88
C LYS A 671 -8.96 10.84 -91.72
N GLY A 672 -8.66 9.93 -90.78
CA GLY A 672 -9.55 9.69 -89.67
C GLY A 672 -9.73 10.91 -88.80
N ASP A 673 -10.99 11.21 -88.49
CA ASP A 673 -11.35 12.36 -87.66
C ASP A 673 -11.45 12.01 -86.19
N LYS A 674 -10.68 11.01 -85.74
CA LYS A 674 -10.75 10.56 -84.36
C LYS A 674 -10.35 11.70 -83.43
N ASP A 675 -11.05 11.81 -82.31
CA ASP A 675 -10.67 12.79 -81.31
C ASP A 675 -9.27 12.51 -80.80
N GLY A 676 -8.51 13.57 -80.59
CA GLY A 676 -7.25 13.42 -79.91
C GLY A 676 -7.47 13.06 -78.46
N SER A 677 -7.26 11.80 -78.13
CA SER A 677 -7.44 11.37 -76.76
C SER A 677 -6.33 11.95 -75.91
N LEU A 678 -6.68 12.38 -74.71
CA LEU A 678 -5.70 12.81 -73.74
C LEU A 678 -5.62 11.70 -72.70
N GLU A 679 -4.39 11.36 -72.34
CA GLU A 679 -4.14 10.32 -71.35
C GLU A 679 -3.09 10.92 -70.44
N VAL A 680 -3.64 11.61 -69.45
CA VAL A 680 -2.90 12.29 -68.41
C VAL A 680 -2.33 11.26 -67.44
N THR A 681 -1.24 11.63 -66.78
CA THR A 681 -0.60 10.76 -65.82
C THR A 681 -0.02 11.68 -64.75
N GLY A 682 0.37 11.08 -63.61
CA GLY A 682 1.01 11.82 -62.54
C GLY A 682 0.20 12.14 -61.31
N GLN A 683 -0.57 11.16 -60.83
CA GLN A 683 -1.36 11.25 -59.60
C GLN A 683 -2.25 12.48 -59.62
N LEU A 684 -2.94 12.62 -60.74
CA LEU A 684 -3.86 13.72 -60.92
C LEU A 684 -4.97 13.69 -59.87
N GLY A 685 -5.31 14.86 -59.35
CA GLY A 685 -6.52 15.00 -58.60
C GLY A 685 -7.73 14.93 -59.52
N GLU A 686 -8.87 14.55 -58.97
CA GLU A 686 -10.09 14.47 -59.78
C GLU A 686 -10.40 15.84 -60.38
N VAL A 687 -10.12 16.89 -59.59
CA VAL A 687 -10.19 18.24 -60.13
C VAL A 687 -9.12 18.47 -61.15
N MET A 688 -7.97 17.78 -61.03
CA MET A 688 -6.95 17.99 -62.02
C MET A 688 -7.45 17.47 -63.36
N LYS A 689 -8.24 16.40 -63.34
CA LYS A 689 -8.77 15.92 -64.60
C LYS A 689 -9.73 16.96 -65.16
N GLU A 690 -10.47 17.63 -64.28
CA GLU A 690 -11.34 18.67 -64.81
C GLU A 690 -10.55 19.83 -65.39
N SER A 691 -9.51 20.28 -64.69
CA SER A 691 -8.67 21.34 -65.23
C SER A 691 -8.01 20.92 -66.52
N ALA A 692 -7.66 19.64 -66.63
CA ALA A 692 -6.95 19.18 -67.81
C ALA A 692 -7.87 19.09 -69.00
N ARG A 693 -9.07 18.56 -68.83
CA ARG A 693 -9.98 18.54 -69.96
C ARG A 693 -10.36 19.96 -70.35
N ILE A 694 -10.52 20.83 -69.34
CA ILE A 694 -10.75 22.24 -69.61
C ILE A 694 -9.56 22.82 -70.36
N ALA A 695 -8.37 22.35 -70.02
CA ALA A 695 -7.16 22.81 -70.68
C ALA A 695 -7.16 22.38 -72.13
N TYR A 696 -7.54 21.14 -72.39
CA TYR A 696 -7.58 20.65 -73.76
C TYR A 696 -8.57 21.46 -74.56
N THR A 697 -9.71 21.76 -73.96
CA THR A 697 -10.76 22.50 -74.66
C THR A 697 -10.29 23.92 -74.96
N PHE A 698 -9.78 24.62 -73.94
CA PHE A 698 -9.32 25.98 -74.16
C PHE A 698 -8.11 25.99 -75.07
N ALA A 699 -7.29 24.94 -75.05
CA ALA A 699 -6.17 24.91 -75.97
C ALA A 699 -6.68 24.84 -77.39
N ARG A 700 -7.70 24.03 -77.62
CA ARG A 700 -8.29 23.97 -78.94
C ARG A 700 -8.90 25.33 -79.31
N ALA A 701 -9.58 25.96 -78.35
CA ALA A 701 -10.22 27.25 -78.63
C ALA A 701 -9.19 28.32 -78.90
N PHE A 702 -8.12 28.35 -78.11
CA PHE A 702 -7.06 29.32 -78.26
C PHE A 702 -6.30 29.07 -79.54
N LEU A 703 -6.16 27.80 -79.91
CA LEU A 703 -5.49 27.46 -81.16
C LEU A 703 -6.28 27.93 -82.35
N MET A 704 -7.59 27.79 -82.29
CA MET A 704 -8.39 28.37 -83.36
C MET A 704 -8.30 29.88 -83.32
N GLN A 705 -8.19 30.45 -82.13
CA GLN A 705 -8.11 31.90 -82.04
C GLN A 705 -6.81 32.41 -82.64
N HIS A 706 -5.72 31.64 -82.53
CA HIS A 706 -4.38 32.11 -82.89
C HIS A 706 -3.78 31.45 -84.12
N ALA A 707 -3.88 30.12 -84.23
CA ALA A 707 -3.34 29.38 -85.37
C ALA A 707 -4.38 28.39 -85.90
N PRO A 708 -5.39 28.88 -86.63
CA PRO A 708 -6.44 27.97 -87.11
C PRO A 708 -5.93 26.83 -87.98
N ALA A 709 -4.88 27.06 -88.76
CA ALA A 709 -4.38 26.00 -89.65
C ALA A 709 -3.83 24.81 -88.86
N ASN A 710 -3.32 25.04 -87.66
CA ASN A 710 -2.71 23.98 -86.86
C ASN A 710 -3.76 22.93 -86.49
N ASP A 711 -3.33 21.66 -86.44
CA ASP A 711 -4.25 20.53 -86.31
C ASP A 711 -3.84 19.49 -85.28
N TYR A 712 -2.90 19.78 -84.36
CA TYR A 712 -2.52 18.73 -83.42
C TYR A 712 -3.69 18.43 -82.48
N LEU A 713 -4.10 19.43 -81.69
CA LEU A 713 -5.03 19.21 -80.59
C LEU A 713 -6.36 18.69 -81.08
N VAL A 714 -6.76 19.12 -82.28
CA VAL A 714 -8.03 18.69 -82.81
C VAL A 714 -8.00 17.20 -83.17
N THR A 715 -6.86 16.71 -83.68
CA THR A 715 -6.80 15.35 -84.21
C THR A 715 -5.51 14.65 -83.81
N SER A 716 -5.11 14.77 -82.54
CA SER A 716 -3.92 14.05 -82.09
C SER A 716 -4.11 13.66 -80.64
N HIS A 717 -4.12 12.36 -80.43
CA HIS A 717 -4.02 11.79 -79.10
C HIS A 717 -2.74 12.27 -78.43
N ILE A 718 -2.80 12.51 -77.12
CA ILE A 718 -1.67 13.09 -76.42
C ILE A 718 -1.56 12.60 -74.99
N HIS A 719 -0.55 11.79 -74.71
CA HIS A 719 -0.23 11.46 -73.34
C HIS A 719 0.36 12.65 -72.61
N LEU A 720 0.05 12.74 -71.32
CA LEU A 720 0.59 13.75 -70.45
C LEU A 720 0.93 13.20 -69.08
N HIS A 721 1.87 13.88 -68.43
CA HIS A 721 2.30 13.56 -67.09
C HIS A 721 2.66 14.84 -66.36
N VAL A 722 2.15 14.96 -65.14
CA VAL A 722 2.42 16.03 -64.18
C VAL A 722 3.19 15.42 -63.03
N PRO A 723 4.44 15.83 -62.72
CA PRO A 723 5.08 15.24 -61.55
C PRO A 723 4.25 15.55 -60.31
N GLU A 724 4.13 14.57 -59.44
CA GLU A 724 3.27 14.67 -58.28
C GLU A 724 3.99 15.22 -57.05
N GLY A 725 3.19 15.56 -56.04
CA GLY A 725 3.67 16.00 -54.73
C GLY A 725 2.91 17.15 -54.10
N ALA A 726 2.48 18.10 -54.92
CA ALA A 726 1.78 19.28 -54.44
C ALA A 726 0.37 18.94 -53.95
N THR A 727 -0.13 19.73 -53.00
CA THR A 727 -1.47 19.52 -52.47
C THR A 727 -2.51 19.85 -53.55
N PRO A 728 -3.63 19.09 -53.63
CA PRO A 728 -4.59 19.29 -54.73
C PRO A 728 -5.15 20.69 -54.82
N LYS A 729 -5.29 21.37 -53.68
CA LYS A 729 -5.83 22.72 -53.67
C LYS A 729 -4.97 23.69 -54.45
N ASP A 730 -3.65 23.48 -54.47
CA ASP A 730 -2.78 24.29 -55.31
C ASP A 730 -2.61 23.67 -56.67
N GLY A 731 -3.21 22.50 -56.91
CA GLY A 731 -2.97 21.74 -58.09
C GLY A 731 -3.39 22.54 -59.32
N PRO A 732 -4.46 23.36 -59.25
CA PRO A 732 -4.74 24.22 -60.40
C PRO A 732 -3.67 25.28 -60.65
N SER A 733 -2.68 25.45 -59.75
CA SER A 733 -1.64 26.44 -59.96
C SER A 733 -0.90 26.16 -61.26
N ALA A 734 -0.79 24.89 -61.64
CA ALA A 734 -0.13 24.53 -62.87
C ALA A 734 -1.09 24.59 -64.05
N GLY A 735 -2.38 24.88 -63.83
CA GLY A 735 -3.34 24.75 -64.91
C GLY A 735 -3.05 25.73 -66.03
N CYS A 736 -2.64 26.95 -65.68
CA CYS A 736 -2.25 27.91 -66.69
C CYS A 736 -1.03 27.42 -67.45
N THR A 737 -0.16 26.70 -66.75
CA THR A 737 0.97 26.08 -67.40
C THR A 737 0.53 25.02 -68.39
N ILE A 738 -0.59 24.32 -68.10
CA ILE A 738 -0.96 23.14 -68.88
C ILE A 738 -1.16 23.52 -70.33
N VAL A 739 -1.99 24.52 -70.58
CA VAL A 739 -2.26 24.94 -71.94
C VAL A 739 -0.99 25.45 -72.60
N THR A 740 -0.13 26.12 -71.83
CA THR A 740 1.10 26.62 -72.41
C THR A 740 1.95 25.48 -72.95
N ALA A 741 1.88 24.32 -72.26
CA ALA A 741 2.57 23.13 -72.76
C ALA A 741 1.94 22.73 -74.06
N LEU A 742 0.60 22.73 -74.07
CA LEU A 742 -0.10 22.24 -75.23
C LEU A 742 0.36 23.08 -76.40
N LEU A 743 0.33 24.42 -76.21
CA LEU A 743 0.79 25.29 -77.28
C LEU A 743 2.25 25.03 -77.57
N SER A 744 3.03 24.68 -76.54
CA SER A 744 4.42 24.34 -76.77
C SER A 744 4.50 23.14 -77.68
N LEU A 745 3.70 22.12 -77.38
CA LEU A 745 3.61 21.00 -78.29
C LEU A 745 2.99 21.43 -79.61
N ALA A 746 2.11 22.43 -79.58
CA ALA A 746 1.43 22.81 -80.81
C ALA A 746 2.41 23.31 -81.85
N MET A 747 3.03 24.45 -81.60
CA MET A 747 4.00 24.95 -82.55
C MET A 747 5.27 24.10 -82.59
N GLY A 748 5.60 23.44 -81.48
CA GLY A 748 6.90 22.78 -81.41
C GLY A 748 8.05 23.70 -81.01
N ARG A 749 7.76 24.98 -80.73
CA ARG A 749 8.79 25.93 -80.28
C ARG A 749 9.14 25.67 -78.81
N PRO A 750 10.41 25.47 -78.46
CA PRO A 750 10.73 25.41 -77.03
C PRO A 750 10.42 26.75 -76.36
N VAL A 751 9.96 26.65 -75.11
CA VAL A 751 9.72 27.86 -74.32
C VAL A 751 11.06 28.54 -74.02
N ARG A 752 11.03 29.87 -73.91
CA ARG A 752 12.23 30.63 -73.64
C ARG A 752 12.83 30.23 -72.29
N GLN A 753 14.16 30.19 -72.24
CA GLN A 753 14.88 29.61 -71.11
C GLN A 753 14.68 30.38 -69.82
N ASN A 754 14.67 29.62 -68.72
CA ASN A 754 14.70 30.14 -67.36
C ASN A 754 13.57 31.15 -67.14
N LEU A 755 12.36 30.61 -67.15
CA LEU A 755 11.17 31.33 -66.79
C LEU A 755 10.19 30.33 -66.23
N ALA A 756 9.18 30.83 -65.53
CA ALA A 756 8.18 29.97 -64.90
C ALA A 756 6.87 30.72 -64.82
N MET A 757 5.81 29.96 -64.56
CA MET A 757 4.47 30.49 -64.39
C MET A 757 3.61 29.57 -63.55
N THR A 758 2.78 30.17 -62.69
CA THR A 758 1.93 29.44 -61.76
C THR A 758 0.55 30.08 -61.67
N GLY A 759 -0.50 29.35 -62.10
CA GLY A 759 -1.86 29.86 -62.00
C GLY A 759 -3.00 29.00 -62.55
N GLU A 760 -4.19 29.19 -61.96
CA GLU A 760 -5.43 28.62 -62.47
C GLU A 760 -5.99 29.40 -63.63
N VAL A 761 -6.73 28.71 -64.51
CA VAL A 761 -7.44 29.32 -65.60
C VAL A 761 -8.89 28.85 -65.58
N SER A 762 -9.79 29.69 -66.09
CA SER A 762 -11.23 29.49 -65.99
C SER A 762 -11.79 29.46 -67.41
N LEU A 763 -11.20 28.60 -68.24
CA LEU A 763 -11.60 28.34 -69.64
C LEU A 763 -11.81 29.61 -70.47
N THR A 764 -11.15 30.71 -70.10
CA THR A 764 -11.13 31.91 -70.90
C THR A 764 -9.77 32.60 -70.92
N GLY A 765 -8.75 32.01 -70.30
CA GLY A 765 -7.44 32.59 -70.22
C GLY A 765 -7.25 33.57 -69.10
N LYS A 766 -8.30 33.85 -68.33
CA LYS A 766 -8.14 34.64 -67.13
C LYS A 766 -7.35 33.84 -66.13
N ILE A 767 -6.40 34.48 -65.50
CA ILE A 767 -5.68 33.88 -64.39
C ILE A 767 -6.46 34.20 -63.12
N LEU A 768 -6.36 33.32 -62.13
CA LEU A 768 -7.04 33.38 -60.86
C LEU A 768 -6.04 33.22 -59.72
N PRO A 769 -6.32 33.77 -58.54
CA PRO A 769 -5.34 33.72 -57.44
C PRO A 769 -5.06 32.30 -57.00
N VAL A 770 -3.83 32.06 -56.55
CA VAL A 770 -3.43 30.77 -55.99
C VAL A 770 -2.52 31.03 -54.77
N GLY A 771 -2.62 30.13 -53.79
CA GLY A 771 -1.90 30.25 -52.54
C GLY A 771 -0.51 29.64 -52.53
N GLY A 772 0.09 29.67 -51.34
CA GLY A 772 1.41 29.06 -51.12
C GLY A 772 2.55 29.87 -51.68
N ILE A 773 2.31 31.15 -51.98
CA ILE A 773 3.29 31.97 -52.69
C ILE A 773 4.56 32.15 -51.87
N LYS A 774 4.47 32.18 -50.54
CA LYS A 774 5.64 32.47 -49.73
C LYS A 774 6.72 31.43 -49.93
N GLU A 775 6.31 30.19 -50.17
CA GLU A 775 7.25 29.12 -50.43
C GLU A 775 7.64 29.09 -51.90
N LYS A 776 6.66 29.31 -52.79
CA LYS A 776 6.95 29.26 -54.22
C LYS A 776 7.94 30.33 -54.63
N THR A 777 7.87 31.51 -54.01
CA THR A 777 8.77 32.59 -54.37
C THR A 777 10.20 32.23 -54.04
N ILE A 778 10.43 31.81 -52.80
CA ILE A 778 11.78 31.47 -52.36
C ILE A 778 12.29 30.28 -53.15
N ALA A 779 11.43 29.33 -53.47
CA ALA A 779 11.89 28.17 -54.20
C ALA A 779 12.28 28.57 -55.61
N ALA A 780 11.52 29.48 -56.21
CA ALA A 780 11.87 30.00 -57.52
C ALA A 780 13.17 30.78 -57.43
N LYS A 781 13.35 31.50 -56.34
CA LYS A 781 14.56 32.28 -56.17
C LYS A 781 15.76 31.36 -56.08
N ARG A 782 15.59 30.20 -55.46
CA ARG A 782 16.69 29.28 -55.32
C ARG A 782 17.12 28.71 -56.66
N ALA A 783 16.19 28.55 -57.60
CA ALA A 783 16.46 27.91 -58.87
C ALA A 783 17.16 28.80 -59.88
N GLY A 784 17.33 30.08 -59.58
CA GLY A 784 17.94 31.01 -60.50
C GLY A 784 17.02 31.58 -61.53
N VAL A 785 15.75 31.19 -61.54
CA VAL A 785 14.79 31.81 -62.45
C VAL A 785 14.63 33.28 -62.08
N THR A 786 14.50 34.13 -63.10
CA THR A 786 14.34 35.56 -62.93
C THR A 786 13.09 36.13 -63.61
N CYS A 787 12.32 35.30 -64.33
CA CYS A 787 11.13 35.73 -65.05
C CYS A 787 9.89 35.08 -64.44
N ILE A 788 9.85 35.01 -63.11
CA ILE A 788 8.70 34.45 -62.42
C ILE A 788 7.48 35.34 -62.71
N VAL A 789 6.32 34.71 -62.78
CA VAL A 789 5.06 35.38 -63.06
C VAL A 789 4.05 34.83 -62.07
N LEU A 790 3.19 35.69 -61.56
CA LEU A 790 2.17 35.36 -60.59
C LEU A 790 0.85 35.96 -61.06
N PRO A 791 -0.28 35.44 -60.57
CA PRO A 791 -1.55 36.08 -60.90
C PRO A 791 -1.58 37.52 -60.42
N ALA A 792 -2.16 38.39 -61.24
CA ALA A 792 -2.31 39.76 -60.79
C ALA A 792 -3.28 39.81 -59.60
N GLU A 793 -4.17 38.82 -59.49
CA GLU A 793 -5.22 38.83 -58.49
C GLU A 793 -4.67 38.75 -57.07
N ASN A 794 -3.47 38.18 -56.87
CA ASN A 794 -2.86 38.09 -55.55
C ASN A 794 -1.58 38.90 -55.47
N LYS A 795 -1.39 39.90 -56.35
CA LYS A 795 -0.19 40.73 -56.23
C LYS A 795 -0.22 41.53 -54.94
N LYS A 796 -1.42 41.82 -54.42
CA LYS A 796 -1.51 42.62 -53.20
C LYS A 796 -0.84 41.91 -52.05
N ASP A 797 -0.94 40.60 -52.01
CA ASP A 797 -0.31 39.80 -50.98
C ASP A 797 1.13 39.48 -51.33
N PHE A 798 1.61 39.91 -52.48
CA PHE A 798 2.99 39.72 -52.89
C PHE A 798 3.85 40.87 -52.40
N TYR A 799 3.49 42.10 -52.79
CA TYR A 799 4.36 43.24 -52.54
C TYR A 799 4.60 43.48 -51.05
N ASP A 800 3.69 43.04 -50.18
CA ASP A 800 3.90 43.17 -48.74
C ASP A 800 5.10 42.36 -48.26
N LEU A 801 5.53 41.35 -49.02
CA LEU A 801 6.64 40.49 -48.66
C LEU A 801 7.96 41.24 -48.60
N ALA A 802 8.86 40.72 -47.77
CA ALA A 802 10.17 41.34 -47.54
C ALA A 802 10.94 41.50 -48.84
N ALA A 803 11.65 42.62 -48.95
CA ALA A 803 12.26 43.02 -50.21
C ALA A 803 13.28 42.01 -50.70
N PHE A 804 14.04 41.41 -49.77
CA PHE A 804 15.16 40.54 -50.16
C PHE A 804 14.67 39.34 -50.95
N ILE A 805 13.42 38.95 -50.75
CA ILE A 805 12.83 37.85 -51.49
C ILE A 805 12.61 38.26 -52.95
N THR A 806 12.04 39.44 -53.17
CA THR A 806 11.56 39.77 -54.51
C THR A 806 12.67 40.26 -55.44
N GLU A 807 13.85 40.59 -54.93
CA GLU A 807 14.88 41.15 -55.78
C GLU A 807 15.38 40.14 -56.79
N GLY A 808 15.86 40.66 -57.91
CA GLY A 808 16.53 39.85 -58.91
C GLY A 808 15.61 39.09 -59.83
N LEU A 809 14.31 39.39 -59.82
CA LEU A 809 13.36 38.78 -60.74
C LEU A 809 12.29 39.75 -61.16
N GLU A 810 11.97 39.71 -62.45
CA GLU A 810 11.00 40.62 -63.05
C GLU A 810 9.63 39.98 -62.97
N VAL A 811 8.91 40.26 -61.89
CA VAL A 811 7.54 39.79 -61.80
C VAL A 811 6.76 40.46 -62.92
N HIS A 812 5.96 39.68 -63.63
CA HIS A 812 5.09 40.20 -64.68
C HIS A 812 3.68 39.72 -64.33
N PHE A 813 3.02 40.48 -63.46
CA PHE A 813 1.69 40.12 -63.03
C PHE A 813 0.72 40.22 -64.18
N VAL A 814 -0.22 39.29 -64.20
CA VAL A 814 -1.10 39.09 -65.33
C VAL A 814 -2.49 38.71 -64.82
N GLU A 815 -3.47 38.94 -65.69
CA GLU A 815 -4.86 38.64 -65.44
C GLU A 815 -5.52 37.93 -66.61
N HIS A 816 -4.85 37.81 -67.75
CA HIS A 816 -5.40 37.10 -68.88
C HIS A 816 -4.24 36.46 -69.63
N TYR A 817 -4.53 35.28 -70.19
CA TYR A 817 -3.48 34.45 -70.75
C TYR A 817 -2.78 35.07 -71.94
N ARG A 818 -3.43 35.99 -72.67
CA ARG A 818 -2.81 36.53 -73.87
C ARG A 818 -1.46 37.17 -73.58
N GLU A 819 -1.34 37.86 -72.45
CA GLU A 819 -0.04 38.39 -72.08
C GLU A 819 0.96 37.28 -71.81
N ILE A 820 0.48 36.15 -71.30
CA ILE A 820 1.37 35.03 -71.06
C ILE A 820 1.85 34.47 -72.39
N PHE A 821 0.94 34.42 -73.36
CA PHE A 821 1.32 33.95 -74.68
C PHE A 821 2.31 34.92 -75.31
N ASP A 822 2.19 36.20 -75.00
CA ASP A 822 3.14 37.15 -75.60
C ASP A 822 4.52 36.96 -75.01
N ILE A 823 4.59 36.90 -73.68
CA ILE A 823 5.91 36.80 -73.06
C ILE A 823 6.55 35.46 -73.35
N ALA A 824 5.81 34.35 -73.23
CA ALA A 824 6.47 33.08 -73.45
C ALA A 824 6.80 32.86 -74.92
N PHE A 825 5.95 33.39 -75.81
CA PHE A 825 6.00 33.08 -77.23
C PHE A 825 5.96 34.42 -77.95
N PRO A 826 7.10 35.12 -78.01
CA PRO A 826 7.10 36.31 -78.87
C PRO A 826 7.22 35.90 -80.33
N HIS B 1 54.13 5.72 92.57
CA HIS B 1 55.52 5.34 92.31
C HIS B 1 55.53 4.40 91.11
N LEU B 2 55.12 4.95 89.97
CA LEU B 2 55.04 4.29 88.68
C LEU B 2 55.83 5.10 87.66
N PRO B 3 56.35 4.48 86.61
CA PRO B 3 57.13 5.26 85.65
C PRO B 3 56.27 6.23 84.86
N LEU B 4 56.91 7.30 84.41
CA LEU B 4 56.24 8.32 83.63
C LEU B 4 55.78 7.71 82.31
N ILE B 5 54.67 8.21 81.79
CA ILE B 5 54.11 7.67 80.55
C ILE B 5 54.76 8.34 79.35
N ALA B 6 54.83 7.57 78.27
CA ALA B 6 55.39 8.00 76.98
C ALA B 6 54.18 8.56 76.24
N ILE B 7 53.93 9.86 76.46
CA ILE B 7 52.80 10.57 75.86
C ILE B 7 52.75 10.35 74.35
N THR B 8 53.90 10.54 73.67
CA THR B 8 54.04 10.35 72.22
C THR B 8 52.92 11.05 71.43
N ARG B 9 53.00 12.38 71.41
CA ARG B 9 52.07 13.26 70.68
C ARG B 9 50.60 12.91 70.95
N ASN B 10 50.21 13.08 72.20
CA ASN B 10 48.84 12.83 72.64
C ASN B 10 48.61 13.82 73.78
N PRO B 11 48.04 14.99 73.50
CA PRO B 11 47.83 15.96 74.57
C PRO B 11 46.60 15.59 75.37
N VAL B 12 46.72 15.67 76.69
CA VAL B 12 45.59 15.36 77.56
C VAL B 12 45.36 16.63 78.37
N PHE B 13 44.60 17.54 77.79
CA PHE B 13 44.29 18.79 78.45
C PHE B 13 43.50 18.51 79.73
N PRO B 14 43.71 19.26 80.83
CA PRO B 14 42.92 19.03 82.04
C PRO B 14 41.41 19.11 81.77
N ARG B 15 40.64 18.23 82.40
CA ARG B 15 39.17 18.18 82.23
C ARG B 15 38.76 18.17 80.77
N PHE B 16 39.36 17.22 80.04
CA PHE B 16 39.10 17.02 78.63
C PHE B 16 39.33 15.55 78.36
N ILE B 17 38.25 14.80 78.09
CA ILE B 17 38.38 13.37 77.84
C ILE B 17 39.32 13.18 76.67
N LYS B 18 40.24 12.22 76.81
CA LYS B 18 41.19 11.96 75.74
C LYS B 18 41.49 10.47 75.67
N ILE B 19 42.00 10.05 74.52
CA ILE B 19 42.36 8.66 74.25
C ILE B 19 43.85 8.62 74.00
N ILE B 20 44.51 7.54 74.45
CA ILE B 20 45.94 7.34 74.27
C ILE B 20 46.09 5.99 73.61
N GLU B 21 46.88 5.96 72.53
CA GLU B 21 47.13 4.74 71.75
C GLU B 21 48.61 4.60 71.47
N VAL B 22 49.37 4.16 72.46
CA VAL B 22 50.79 3.96 72.25
C VAL B 22 50.97 2.74 71.36
N LYS B 23 52.00 2.76 70.50
CA LYS B 23 52.23 1.64 69.60
C LYS B 23 52.94 0.50 70.30
N ASN B 24 53.75 0.83 71.29
CA ASN B 24 54.50 -0.15 72.07
C ASN B 24 53.58 -1.01 72.93
N LYS B 25 54.03 -2.24 73.19
CA LYS B 25 53.31 -3.20 74.01
C LYS B 25 53.96 -3.32 75.40
N LYS B 26 55.00 -2.51 75.68
CA LYS B 26 55.66 -2.59 76.98
C LYS B 26 54.84 -1.92 78.06
N LEU B 27 53.94 -1.00 77.68
CA LEU B 27 53.07 -0.34 78.64
C LEU B 27 51.92 -1.25 79.02
N VAL B 28 51.63 -2.27 78.20
CA VAL B 28 50.54 -3.17 78.50
C VAL B 28 50.92 -4.04 79.69
N GLU B 29 52.22 -4.30 79.89
CA GLU B 29 52.60 -5.10 81.06
C GLU B 29 52.26 -4.33 82.32
N LEU B 30 52.48 -3.01 82.32
CA LEU B 30 52.15 -2.25 83.51
C LEU B 30 50.65 -2.08 83.64
N LEU B 31 49.92 -2.02 82.53
CA LEU B 31 48.47 -1.87 82.59
C LEU B 31 47.80 -3.15 83.07
N ARG B 32 48.39 -4.32 82.77
CA ARG B 32 47.85 -5.61 83.20
C ARG B 32 48.31 -5.94 84.63
N ARG B 33 49.41 -5.35 85.08
CA ARG B 33 49.88 -5.59 86.45
C ARG B 33 49.09 -4.76 87.46
N LYS B 34 48.40 -3.69 87.02
CA LYS B 34 47.61 -2.87 87.93
C LYS B 34 46.18 -3.38 88.08
N VAL B 35 45.78 -4.39 87.31
CA VAL B 35 44.42 -4.93 87.45
C VAL B 35 44.33 -5.74 88.73
N ARG B 36 45.45 -6.37 89.14
CA ARG B 36 45.51 -7.16 90.35
C ARG B 36 45.62 -6.27 91.58
N LEU B 37 46.05 -5.02 91.41
CA LEU B 37 46.17 -4.05 92.49
C LEU B 37 44.77 -3.72 92.99
N ALA B 38 44.68 -3.34 94.27
CA ALA B 38 43.37 -3.02 94.85
C ALA B 38 42.70 -1.85 94.14
N GLN B 39 43.36 -0.68 94.09
CA GLN B 39 42.81 0.51 93.44
C GLN B 39 43.46 0.72 92.09
N PRO B 40 42.72 0.70 90.94
CA PRO B 40 43.38 0.95 89.65
C PRO B 40 43.40 2.42 89.30
N TYR B 41 44.57 2.97 88.96
CA TYR B 41 44.65 4.37 88.58
C TYR B 41 45.88 4.56 87.70
N VAL B 42 45.93 5.73 87.05
CA VAL B 42 47.03 6.07 86.15
C VAL B 42 47.22 7.58 86.18
N GLY B 43 48.44 8.01 85.93
CA GLY B 43 48.78 9.41 85.92
C GLY B 43 49.00 9.79 84.48
N VAL B 44 48.80 11.07 84.20
CA VAL B 44 48.95 11.63 82.87
C VAL B 44 49.85 12.84 83.00
N PHE B 45 50.88 12.89 82.19
CA PHE B 45 51.84 13.98 82.22
C PHE B 45 52.00 14.51 80.81
N LEU B 46 52.78 15.57 80.65
CA LEU B 46 53.05 16.16 79.35
C LEU B 46 54.55 16.10 79.09
N LYS B 47 54.89 16.03 77.81
CA LYS B 47 56.26 15.94 77.34
C LYS B 47 56.82 17.33 77.05
N ARG B 48 58.14 17.44 77.10
CA ARG B 48 58.81 18.70 76.84
C ARG B 48 59.15 18.80 75.35
N ASP B 49 59.82 19.90 75.01
CA ASP B 49 60.22 20.15 73.63
C ASP B 49 61.15 19.02 73.19
N ASP B 50 61.26 18.83 71.87
CA ASP B 50 62.07 17.77 71.30
C ASP B 50 61.65 16.42 71.90
N SER B 51 60.43 16.03 71.52
CA SER B 51 59.84 14.78 71.97
C SER B 51 60.76 13.62 71.62
N ASN B 52 60.86 12.65 72.52
CA ASN B 52 61.73 11.50 72.26
C ASN B 52 61.23 10.34 73.09
N GLU B 53 60.80 9.26 72.44
CA GLU B 53 60.29 8.11 73.18
C GLU B 53 61.40 7.37 73.91
N SER B 54 62.62 7.39 73.36
CA SER B 54 63.75 6.73 74.01
C SER B 54 64.25 7.48 75.22
N ASP B 55 64.09 8.81 75.24
CA ASP B 55 64.57 9.56 76.38
C ASP B 55 63.58 9.48 77.54
N VAL B 56 62.28 9.28 77.25
CA VAL B 56 61.29 9.17 78.31
C VAL B 56 61.59 7.94 79.15
N VAL B 57 62.02 6.85 78.49
CA VAL B 57 62.32 5.62 79.21
C VAL B 57 63.76 5.62 79.71
N GLU B 58 64.64 6.45 79.13
CA GLU B 58 66.02 6.50 79.58
C GLU B 58 66.13 7.43 80.78
N SER B 59 65.67 8.66 80.59
CA SER B 59 65.66 9.73 81.58
C SER B 59 64.22 10.07 81.90
N LEU B 60 64.02 10.75 83.03
CA LEU B 60 62.69 11.16 83.47
C LEU B 60 62.53 12.67 83.47
N ASP B 61 63.46 13.43 82.86
CA ASP B 61 63.32 14.87 82.81
C ASP B 61 62.55 15.36 81.59
N GLU B 62 62.46 14.54 80.53
CA GLU B 62 61.72 14.93 79.33
C GLU B 62 60.28 15.28 79.68
N ILE B 63 59.64 14.41 80.44
CA ILE B 63 58.27 14.66 80.86
C ILE B 63 58.27 15.87 81.79
N TYR B 64 57.23 16.70 81.69
CA TYR B 64 57.18 17.85 82.57
C TYR B 64 56.82 17.42 83.98
N HIS B 65 57.11 18.31 84.92
CA HIS B 65 56.80 18.04 86.31
C HIS B 65 55.30 18.00 86.55
N THR B 66 54.53 18.76 85.77
CA THR B 66 53.09 18.72 85.95
C THR B 66 52.56 17.34 85.58
N GLY B 67 51.52 16.94 86.29
CA GLY B 67 50.86 15.66 86.10
C GLY B 67 49.40 15.87 86.42
N THR B 68 48.58 14.98 85.89
CA THR B 68 47.14 15.00 86.07
C THR B 68 46.73 13.56 86.40
N PHE B 69 46.69 13.23 87.70
CA PHE B 69 46.30 11.88 88.10
C PHE B 69 44.80 11.67 87.92
N ALA B 70 44.45 10.43 87.55
CA ALA B 70 43.06 10.07 87.35
C ALA B 70 42.95 8.55 87.40
N GLN B 71 41.73 8.06 87.40
CA GLN B 71 41.47 6.62 87.41
C GLN B 71 41.18 6.12 86.00
N ILE B 72 41.59 4.89 85.74
CA ILE B 72 41.34 4.28 84.44
C ILE B 72 39.88 3.87 84.45
N HIS B 73 39.26 3.81 83.27
CA HIS B 73 37.85 3.47 83.16
C HIS B 73 37.72 2.03 82.71
N GLU B 74 38.04 1.74 81.45
CA GLU B 74 37.92 0.38 80.95
C GLU B 74 38.68 0.26 79.65
N MET B 75 39.28 -0.91 79.44
CA MET B 75 40.01 -1.17 78.21
C MET B 75 39.02 -1.74 77.20
N GLN B 76 39.35 -1.52 75.93
CA GLN B 76 38.53 -1.94 74.80
C GLN B 76 39.41 -2.72 73.84
N ASP B 77 40.49 -2.10 73.37
CA ASP B 77 41.42 -2.71 72.42
C ASP B 77 40.68 -3.28 71.21
N LEU B 78 40.12 -2.32 70.45
CA LEU B 78 39.37 -2.66 69.24
C LEU B 78 40.33 -3.06 68.13
N GLY B 79 41.28 -2.19 67.79
CA GLY B 79 42.25 -2.51 66.75
C GLY B 79 43.57 -2.87 67.41
N ASP B 80 44.11 -1.94 68.20
CA ASP B 80 45.36 -2.19 68.91
C ASP B 80 45.05 -2.83 70.25
N LYS B 81 46.10 -3.23 70.98
CA LYS B 81 45.98 -3.83 72.30
C LYS B 81 46.24 -2.82 73.42
N LEU B 82 46.40 -1.53 73.08
CA LEU B 82 46.65 -0.47 74.05
C LEU B 82 45.87 0.78 73.65
N ARG B 83 44.57 0.77 73.98
CA ARG B 83 43.63 1.88 73.73
C ARG B 83 43.12 2.35 75.09
N MET B 84 43.96 3.08 75.83
CA MET B 84 43.54 3.53 77.15
C MET B 84 42.85 4.88 77.07
N ILE B 85 41.95 5.12 78.04
CA ILE B 85 41.19 6.36 78.14
C ILE B 85 41.82 7.18 79.27
N VAL B 86 41.93 8.49 79.06
CA VAL B 86 42.51 9.41 80.04
C VAL B 86 41.57 10.58 80.28
N MET B 87 41.76 11.19 81.46
CA MET B 87 41.01 12.34 81.94
C MET B 87 41.91 13.13 82.86
N GLY B 88 41.58 14.41 83.02
CA GLY B 88 42.28 15.31 83.89
C GLY B 88 41.45 15.56 85.13
N HIS B 89 41.70 14.88 86.25
CA HIS B 89 40.91 15.05 87.47
C HIS B 89 41.70 15.71 88.59
N ARG B 90 42.84 15.14 89.01
CA ARG B 90 43.65 15.71 90.10
C ARG B 90 44.99 16.18 89.56
N ARG B 91 45.14 17.49 89.40
CA ARG B 91 46.40 18.03 88.91
C ARG B 91 47.42 18.08 90.05
N VAL B 92 48.68 17.97 89.65
CA VAL B 92 49.80 17.99 90.58
C VAL B 92 51.03 18.48 89.82
N HIS B 93 51.99 19.05 90.55
CA HIS B 93 53.22 19.54 89.97
C HIS B 93 54.26 18.96 90.92
N ILE B 94 54.71 17.75 90.59
CA ILE B 94 55.68 17.04 91.41
C ILE B 94 56.95 17.87 91.56
N SER B 95 57.50 17.86 92.78
CA SER B 95 58.72 18.62 93.05
C SER B 95 59.88 18.09 92.22
N ARG B 96 59.99 16.76 92.14
CA ARG B 96 61.05 16.10 91.39
C ARG B 96 60.40 14.86 90.79
N GLN B 97 60.20 14.87 89.49
CA GLN B 97 59.59 13.74 88.80
C GLN B 97 60.51 12.53 88.73
N LEU B 98 61.83 12.75 88.68
CA LEU B 98 62.78 11.64 88.63
C LEU B 98 62.63 10.73 89.84
N GLU B 99 62.51 11.33 91.03
CA GLU B 99 62.37 10.60 92.27
C GLU B 99 60.97 10.00 92.36
N MET B 150 57.24 7.65 93.86
CA MET B 150 57.77 8.99 93.80
C MET B 150 56.99 9.87 94.75
N VAL B 151 57.72 10.65 95.56
CA VAL B 151 57.08 11.54 96.52
C VAL B 151 56.17 12.51 95.77
N GLU B 152 54.99 12.78 96.33
CA GLU B 152 54.02 13.67 95.70
C GLU B 152 53.17 14.32 96.76
N VAL B 153 52.57 15.44 96.40
CA VAL B 153 51.70 16.21 97.29
C VAL B 153 50.68 16.91 96.41
N GLU B 154 49.44 16.97 96.91
CA GLU B 154 48.31 17.56 96.22
C GLU B 154 48.37 19.09 96.29
N ASN B 155 49.30 19.64 95.53
CA ASN B 155 49.54 21.08 95.47
C ASN B 155 48.62 21.75 94.42
N VAL B 156 47.32 21.50 94.56
CA VAL B 156 46.28 22.05 93.68
C VAL B 156 46.00 23.47 94.14
N VAL B 157 46.86 24.42 93.78
CA VAL B 157 46.65 25.80 94.20
C VAL B 157 45.38 26.34 93.56
N HIS B 158 44.62 27.10 94.36
CA HIS B 158 43.37 27.73 93.93
C HIS B 158 43.03 28.96 94.76
N GLU B 159 43.93 29.94 94.79
CA GLU B 159 43.62 31.13 95.56
C GLU B 159 42.53 31.90 94.82
N ASP B 160 41.60 32.48 95.58
CA ASP B 160 40.51 33.26 94.99
C ASP B 160 40.13 34.31 96.00
N PHE B 161 39.77 35.51 95.52
CA PHE B 161 39.38 36.54 96.45
C PHE B 161 38.07 36.10 97.08
N GLN B 162 37.88 36.41 98.35
CA GLN B 162 36.65 36.04 99.05
C GLN B 162 35.43 36.59 98.32
N VAL B 163 35.49 37.85 97.93
CA VAL B 163 34.44 38.57 97.20
C VAL B 163 34.37 38.07 95.77
N THR B 164 33.34 37.27 95.44
CA THR B 164 33.17 36.73 94.09
C THR B 164 31.91 37.34 93.46
N GLU B 165 32.02 38.64 93.15
CA GLU B 165 30.97 39.43 92.53
C GLU B 165 31.50 40.08 91.26
N GLU B 166 32.60 40.83 91.34
CA GLU B 166 33.19 41.51 90.20
C GLU B 166 34.21 40.64 89.46
N VAL B 167 34.46 39.42 89.95
CA VAL B 167 35.41 38.52 89.28
C VAL B 167 34.73 37.79 88.13
N LYS B 168 33.39 37.72 88.11
CA LYS B 168 32.69 37.03 87.04
C LYS B 168 32.40 37.93 85.85
N ALA B 169 32.86 39.19 85.88
CA ALA B 169 32.62 40.05 84.73
C ALA B 169 33.52 39.60 83.59
N LEU B 170 34.70 39.06 83.95
CA LEU B 170 35.65 38.55 82.98
C LEU B 170 35.12 37.29 82.33
N THR B 171 34.33 36.50 83.07
CA THR B 171 33.75 35.26 82.55
C THR B 171 32.98 35.53 81.28
N ALA B 172 32.29 36.68 81.21
CA ALA B 172 31.52 37.03 80.02
C ALA B 172 32.46 37.15 78.83
N GLU B 173 33.68 37.64 79.06
CA GLU B 173 34.64 37.78 77.98
C GLU B 173 35.24 36.44 77.62
N ILE B 174 35.50 35.59 78.63
CA ILE B 174 36.03 34.26 78.38
C ILE B 174 35.08 33.47 77.49
N VAL B 175 33.79 33.47 77.85
CA VAL B 175 32.82 32.72 77.06
C VAL B 175 32.58 33.39 75.71
N LYS B 176 32.71 34.73 75.62
CA LYS B 176 32.54 35.35 74.31
C LYS B 176 33.69 34.97 73.38
N THR B 177 34.92 34.94 73.92
CA THR B 177 36.06 34.54 73.10
C THR B 177 35.92 33.09 72.63
N ILE B 178 35.60 32.18 73.56
CA ILE B 178 35.43 30.77 73.19
C ILE B 178 34.30 30.60 72.17
N ARG B 179 33.19 31.30 72.35
CA ARG B 179 32.10 31.22 71.38
C ARG B 179 32.55 31.75 70.03
N ASP B 180 33.29 32.85 70.02
CA ASP B 180 33.75 33.39 68.75
C ASP B 180 34.75 32.42 68.11
N ILE B 181 35.52 31.69 68.92
CA ILE B 181 36.47 30.74 68.37
C ILE B 181 35.75 29.53 67.78
N ILE B 182 34.66 29.07 68.43
CA ILE B 182 33.93 27.93 67.87
C ILE B 182 32.95 28.34 66.79
N ALA B 183 32.65 29.64 66.66
CA ALA B 183 31.73 30.09 65.63
C ALA B 183 32.47 30.39 64.34
N LEU B 184 33.64 31.03 64.46
CA LEU B 184 34.42 31.35 63.27
C LEU B 184 35.35 30.21 62.89
N ASN B 185 35.75 29.40 63.88
CA ASN B 185 36.60 28.23 63.67
C ASN B 185 36.03 27.08 64.50
N PRO B 186 34.91 26.48 64.07
CA PRO B 186 34.34 25.40 64.90
C PRO B 186 35.24 24.17 64.86
N LEU B 187 35.73 23.78 66.04
CA LEU B 187 36.61 22.64 66.21
C LEU B 187 35.94 21.49 66.93
N TYR B 188 35.44 21.71 68.15
CA TYR B 188 34.79 20.69 68.95
C TYR B 188 33.32 21.01 69.11
N ARG B 189 32.61 20.06 69.72
CA ARG B 189 31.19 20.20 69.93
C ARG B 189 30.85 21.30 70.91
N GLU B 190 29.65 21.86 70.74
CA GLU B 190 29.11 22.90 71.59
C GLU B 190 28.16 22.36 72.67
N SER B 191 28.01 21.03 72.76
CA SER B 191 27.10 20.48 73.76
C SER B 191 27.63 20.65 75.18
N VAL B 192 28.95 20.65 75.39
CA VAL B 192 29.43 20.84 76.75
C VAL B 192 29.16 22.27 77.18
N LEU B 193 29.17 23.22 76.24
CA LEU B 193 28.89 24.59 76.60
C LEU B 193 27.41 24.78 76.90
N GLN B 194 26.53 24.03 76.24
CA GLN B 194 25.11 24.17 76.56
C GLN B 194 24.75 23.45 77.86
N MET B 195 25.52 22.41 78.21
CA MET B 195 25.25 21.69 79.45
C MET B 195 25.72 22.51 80.64
N MET B 196 26.91 23.08 80.56
CA MET B 196 27.50 23.87 81.63
C MET B 196 27.40 25.34 81.21
N GLN B 197 26.31 25.99 81.62
CA GLN B 197 26.02 27.39 81.36
C GLN B 197 26.31 28.20 82.62
N ALA B 198 26.47 29.52 82.46
CA ALA B 198 26.72 30.31 83.66
C ALA B 198 25.43 30.69 84.38
N GLY B 199 24.26 30.58 83.72
CA GLY B 199 23.00 30.93 84.37
C GLY B 199 22.31 29.79 85.10
N GLN B 200 22.79 28.56 84.90
CA GLN B 200 22.27 27.35 85.53
C GLN B 200 22.87 27.06 86.89
N ARG B 201 24.02 27.68 87.20
CA ARG B 201 24.74 27.48 88.45
C ARG B 201 25.19 26.03 88.59
N VAL B 202 25.35 25.32 87.45
CA VAL B 202 25.81 23.94 87.47
C VAL B 202 27.32 23.85 87.21
N VAL B 203 27.99 25.00 87.09
CA VAL B 203 29.43 25.07 86.89
C VAL B 203 29.98 25.11 88.31
N ASP B 204 29.96 23.95 88.96
CA ASP B 204 30.42 23.87 90.34
C ASP B 204 31.90 24.14 90.49
N ASN B 205 32.68 23.95 89.42
CA ASN B 205 34.12 24.19 89.44
C ASN B 205 34.47 25.10 88.27
N PRO B 206 34.38 26.43 88.43
CA PRO B 206 34.72 27.30 87.29
C PRO B 206 36.16 27.15 86.81
N ILE B 207 37.14 26.99 87.71
CA ILE B 207 38.53 26.79 87.29
C ILE B 207 38.64 25.59 86.35
N TYR B 208 37.92 24.51 86.68
CA TYR B 208 37.94 23.32 85.83
C TYR B 208 37.29 23.64 84.49
N LEU B 209 36.22 24.43 84.51
CA LEU B 209 35.56 24.80 83.26
C LEU B 209 36.47 25.66 82.40
N SER B 210 37.26 26.56 83.03
CA SER B 210 38.18 27.41 82.28
C SER B 210 39.27 26.55 81.68
N ASP B 211 39.70 25.52 82.40
CA ASP B 211 40.73 24.63 81.88
C ASP B 211 40.18 23.87 80.69
N MET B 212 38.92 23.42 80.78
CA MET B 212 38.28 22.71 79.68
C MET B 212 38.17 23.65 78.49
N GLY B 213 37.93 24.94 78.76
CA GLY B 213 37.83 25.94 77.69
C GLY B 213 39.20 26.23 77.11
N ALA B 214 40.25 26.19 77.95
CA ALA B 214 41.60 26.42 77.51
C ALA B 214 42.11 25.23 76.70
N ALA B 215 41.45 24.08 76.82
CA ALA B 215 41.83 22.90 76.06
C ALA B 215 41.52 23.11 74.59
N LEU B 216 40.56 23.98 74.28
CA LEU B 216 40.18 24.29 72.92
C LEU B 216 41.27 25.06 72.20
N THR B 217 42.14 25.75 72.95
CA THR B 217 43.24 26.53 72.40
C THR B 217 44.18 25.65 71.60
N GLY B 218 44.74 26.22 70.53
CA GLY B 218 45.67 25.54 69.66
C GLY B 218 47.13 25.81 69.99
N ALA B 219 47.40 26.40 71.15
CA ALA B 219 48.75 26.66 71.60
C ALA B 219 49.53 25.36 71.80
N GLU B 220 50.84 25.44 71.57
CA GLU B 220 51.74 24.30 71.69
C GLU B 220 51.79 23.78 73.13
N SER B 221 52.28 22.54 73.25
CA SER B 221 52.43 21.86 74.55
C SER B 221 53.16 22.73 75.56
N HIS B 222 54.29 23.32 75.14
CA HIS B 222 55.04 24.25 76.00
C HIS B 222 54.12 25.31 76.58
N GLU B 223 53.34 25.96 75.73
CA GLU B 223 52.39 26.99 76.20
C GLU B 223 51.43 26.42 77.24
N LEU B 224 50.98 25.16 77.05
CA LEU B 224 50.06 24.57 78.03
C LEU B 224 50.78 24.45 79.36
N GLN B 225 52.03 23.98 79.32
CA GLN B 225 52.83 23.87 80.52
C GLN B 225 53.01 25.22 81.17
N ASP B 226 53.24 26.25 80.35
CA ASP B 226 53.43 27.58 80.87
C ASP B 226 52.17 28.08 81.56
N VAL B 227 51.01 27.79 80.98
CA VAL B 227 49.78 28.24 81.62
C VAL B 227 49.58 27.48 82.92
N LEU B 228 50.00 26.21 82.98
CA LEU B 228 49.82 25.49 84.24
C LEU B 228 50.80 25.97 85.30
N GLU B 229 51.99 26.42 84.88
CA GLU B 229 52.97 26.94 85.83
C GLU B 229 52.46 28.20 86.53
N GLU B 230 51.66 29.01 85.84
CA GLU B 230 51.14 30.24 86.44
C GLU B 230 50.28 29.86 87.63
N THR B 231 50.47 30.55 88.76
CA THR B 231 49.71 30.27 89.97
C THR B 231 48.57 31.25 90.21
N ASN B 232 48.83 32.57 90.14
CA ASN B 232 47.77 33.53 90.41
C ASN B 232 46.68 33.38 89.35
N ILE B 233 45.42 33.57 89.75
CA ILE B 233 44.29 33.41 88.84
C ILE B 233 44.20 34.49 87.77
N PRO B 234 44.42 35.78 88.06
CA PRO B 234 44.35 36.75 86.96
C PRO B 234 45.49 36.57 85.98
N LYS B 235 46.66 36.20 86.47
CA LYS B 235 47.80 35.99 85.58
C LYS B 235 47.54 34.84 84.60
N ARG B 236 47.07 33.68 85.09
CA ARG B 236 46.80 32.58 84.15
C ARG B 236 45.68 32.96 83.20
N LEU B 237 44.68 33.69 83.70
CA LEU B 237 43.59 34.11 82.84
C LEU B 237 44.07 35.07 81.76
N TYR B 238 44.97 35.99 82.11
CA TYR B 238 45.47 36.91 81.10
C TYR B 238 46.34 36.19 80.09
N LYS B 239 47.21 35.27 80.54
CA LYS B 239 48.04 34.56 79.58
C LYS B 239 47.16 33.70 78.68
N ALA B 240 46.15 33.04 79.25
CA ALA B 240 45.23 32.24 78.46
C ALA B 240 44.48 33.10 77.47
N LEU B 241 43.99 34.26 77.90
CA LEU B 241 43.26 35.15 77.01
C LEU B 241 44.18 35.67 75.90
N SER B 242 45.42 36.03 76.24
CA SER B 242 46.37 36.49 75.25
C SER B 242 46.68 35.37 74.26
N LEU B 243 46.85 34.16 74.78
CA LEU B 243 47.10 33.01 73.92
C LEU B 243 45.90 32.78 73.01
N LEU B 244 44.69 33.00 73.53
CA LEU B 244 43.51 32.89 72.69
C LEU B 244 43.54 33.94 71.60
N LYS B 245 44.04 35.14 71.94
CA LYS B 245 44.14 36.21 70.95
C LYS B 245 45.11 35.83 69.85
N LYS B 246 46.29 35.32 70.24
CA LYS B 246 47.31 34.99 69.26
C LYS B 246 46.87 33.82 68.39
N GLU B 247 46.23 32.82 69.00
CA GLU B 247 45.77 31.66 68.23
C GLU B 247 44.67 32.09 67.29
N PHE B 248 43.76 32.95 67.75
CA PHE B 248 42.73 33.45 66.87
C PHE B 248 43.33 34.27 65.74
N GLU B 249 44.41 35.01 66.01
CA GLU B 249 45.06 35.75 64.94
C GLU B 249 45.74 34.82 63.94
N LEU B 250 46.32 33.71 64.41
CA LEU B 250 46.92 32.77 63.45
C LEU B 250 45.84 32.14 62.59
N SER B 251 44.77 31.66 63.23
CA SER B 251 43.69 31.05 62.50
C SER B 251 43.02 32.05 61.58
N LYS B 252 42.93 33.31 62.02
CA LYS B 252 42.28 34.34 61.23
C LYS B 252 43.12 34.70 60.01
N LEU B 253 44.43 34.92 60.18
CA LEU B 253 45.24 35.24 59.02
C LEU B 253 45.28 34.07 58.05
N GLN B 254 45.28 32.84 58.58
CA GLN B 254 45.29 31.70 57.67
C GLN B 254 43.94 31.57 56.96
N GLN B 255 42.84 31.73 57.70
CA GLN B 255 41.50 31.65 57.13
C GLN B 255 41.27 32.76 56.11
N ARG B 256 41.83 33.94 56.38
CA ARG B 256 41.66 35.06 55.47
C ARG B 256 42.52 34.85 54.24
N LEU B 257 43.74 34.38 54.43
CA LEU B 257 44.61 34.09 53.30
C LEU B 257 43.98 33.02 52.43
N GLY B 258 43.31 32.04 53.05
CA GLY B 258 42.68 30.99 52.28
C GLY B 258 41.45 31.52 51.58
N ARG B 259 40.71 32.42 52.25
CA ARG B 259 39.57 33.07 51.60
C ARG B 259 40.00 33.94 50.45
N GLU B 260 41.14 34.62 50.58
CA GLU B 260 41.63 35.46 49.51
C GLU B 260 42.11 34.63 48.33
N VAL B 261 42.86 33.55 48.61
CA VAL B 261 43.30 32.69 47.52
C VAL B 261 42.08 32.06 46.86
N GLU B 262 41.11 31.61 47.67
CA GLU B 262 39.91 30.98 47.14
C GLU B 262 39.14 31.96 46.25
N GLU B 263 39.09 33.23 46.64
CA GLU B 263 38.43 34.20 45.76
C GLU B 263 39.25 34.38 44.49
N LYS B 264 40.58 34.38 44.61
CA LYS B 264 41.40 34.55 43.41
C LYS B 264 41.31 33.34 42.51
N ILE B 265 40.96 32.18 43.06
CA ILE B 265 40.69 31.01 42.23
C ILE B 265 39.28 31.12 41.68
N LYS B 266 38.37 31.73 42.45
CA LYS B 266 37.01 32.00 42.01
C LYS B 266 36.98 33.03 40.89
N GLN B 267 38.05 33.82 40.74
CA GLN B 267 38.17 34.80 39.66
C GLN B 267 38.03 34.17 38.30
N THR B 268 38.32 32.86 38.17
CA THR B 268 38.08 32.18 36.91
C THR B 268 36.60 32.38 36.60
N HIS B 269 36.34 32.73 35.36
CA HIS B 269 35.03 33.19 34.96
C HIS B 269 33.99 32.08 34.93
N ARG B 270 32.74 32.51 35.07
CA ARG B 270 31.63 31.57 35.09
C ARG B 270 31.48 30.90 33.73
N LYS B 271 32.00 31.53 32.67
CA LYS B 271 32.03 30.88 31.37
C LYS B 271 32.80 29.58 31.46
N TYR B 272 33.85 29.54 32.28
CA TYR B 272 34.61 28.31 32.43
C TYR B 272 33.72 27.28 33.11
N LEU B 273 32.88 27.71 34.07
CA LEU B 273 32.00 26.77 34.75
C LEU B 273 31.00 26.22 33.76
N LEU B 274 30.43 27.09 32.94
CA LEU B 274 29.47 26.61 31.96
C LEU B 274 30.17 25.71 30.93
N GLN B 275 31.46 25.97 30.67
CA GLN B 275 32.24 25.06 29.84
C GLN B 275 32.42 23.73 30.56
N GLU B 276 32.54 23.77 31.89
CA GLU B 276 32.63 22.56 32.67
C GLU B 276 31.33 21.81 32.52
N GLN B 277 30.21 22.53 32.61
CA GLN B 277 28.91 21.89 32.42
C GLN B 277 28.78 21.34 31.02
N LEU B 278 29.43 21.99 30.06
CA LEU B 278 29.39 21.48 28.69
C LEU B 278 30.12 20.16 28.63
N LYS B 279 31.31 20.12 29.22
CA LYS B 279 32.06 18.87 29.26
C LYS B 279 31.34 17.83 30.09
N ILE B 280 30.63 18.23 31.13
CA ILE B 280 29.84 17.30 31.94
C ILE B 280 28.72 16.70 31.13
N ILE B 281 28.08 17.53 30.32
CA ILE B 281 27.01 17.05 29.46
C ILE B 281 27.58 16.08 28.46
N LYS B 282 28.79 16.35 27.99
CA LYS B 282 29.46 15.49 27.03
C LYS B 282 30.00 14.23 27.68
N LYS B 283 30.26 14.28 28.98
CA LYS B 283 30.76 13.18 29.78
C LYS B 283 29.64 12.21 30.09
N GLU B 284 28.41 12.71 30.02
CA GLU B 284 27.21 11.94 30.27
C GLU B 284 26.45 11.81 28.95
N LEU B 285 27.18 11.90 27.84
CA LEU B 285 26.67 11.82 26.48
C LEU B 285 27.23 10.58 25.80
N GLY B 286 27.56 9.55 26.58
CA GLY B 286 28.10 8.36 25.97
C GLY B 286 27.04 7.30 26.03
N LEU B 287 25.85 7.71 25.60
CA LEU B 287 24.73 6.80 25.51
C LEU B 287 25.09 5.75 24.48
N GLU B 288 24.73 4.51 24.74
CA GLU B 288 25.10 3.44 23.81
C GLU B 288 24.33 3.52 22.50
N LYS B 289 23.00 3.60 22.56
CA LYS B 289 22.19 3.60 21.35
C LYS B 289 22.45 4.74 20.37
N ASP B 290 22.40 4.34 19.10
CA ASP B 290 22.59 5.19 17.93
C ASP B 290 21.58 6.31 17.95
N ASP B 291 22.05 7.57 17.94
CA ASP B 291 21.15 8.71 17.97
C ASP B 291 21.22 9.51 16.68
N LYS B 292 20.35 10.52 16.65
CA LYS B 292 20.20 11.46 15.54
C LYS B 292 21.52 12.02 15.04
N ASP B 293 22.35 12.48 15.96
CA ASP B 293 23.65 13.06 15.58
C ASP B 293 24.53 12.01 14.94
N ALA B 294 24.43 10.76 15.39
CA ALA B 294 25.26 9.71 14.82
C ALA B 294 24.90 9.46 13.38
N ILE B 295 23.61 9.33 13.08
CA ILE B 295 23.23 9.07 11.70
C ILE B 295 23.40 10.35 10.89
N GLU B 296 23.47 11.52 11.54
CA GLU B 296 23.65 12.77 10.83
C GLU B 296 25.11 13.12 10.65
N GLU B 297 25.99 12.45 11.37
CA GLU B 297 27.38 12.81 11.26
C GLU B 297 27.93 12.16 10.01
N LYS B 298 27.58 10.90 9.79
CA LYS B 298 28.06 10.21 8.61
C LYS B 298 27.59 10.92 7.35
N PHE B 299 26.40 11.48 7.40
CA PHE B 299 25.91 12.28 6.30
C PHE B 299 26.75 13.54 6.16
N ARG B 300 26.90 14.28 7.26
CA ARG B 300 27.57 15.58 7.22
C ARG B 300 29.01 15.46 6.77
N GLU B 301 29.67 14.38 7.16
CA GLU B 301 31.04 14.17 6.73
C GLU B 301 31.08 13.66 5.31
N ARG B 302 30.12 12.84 4.94
CA ARG B 302 30.06 12.34 3.58
C ARG B 302 29.85 13.47 2.60
N LEU B 303 29.22 14.56 3.04
CA LEU B 303 29.03 15.67 2.12
C LEU B 303 30.34 16.30 1.73
N LYS B 304 31.37 16.18 2.58
CA LYS B 304 32.53 17.06 2.54
C LYS B 304 33.24 16.92 1.20
N GLU B 305 33.56 15.67 0.89
CA GLU B 305 34.42 15.32 -0.22
C GLU B 305 33.78 15.68 -1.54
N LEU B 306 32.46 15.67 -1.58
CA LEU B 306 31.75 16.07 -2.77
C LEU B 306 31.88 17.57 -2.89
N VAL B 307 31.84 18.06 -4.12
CA VAL B 307 31.76 19.49 -4.37
C VAL B 307 30.36 19.72 -4.89
N VAL B 308 29.46 19.92 -3.94
CA VAL B 308 28.03 20.04 -4.13
C VAL B 308 27.64 21.41 -4.68
N PRO B 309 26.64 21.53 -5.55
CA PRO B 309 26.16 22.88 -5.85
C PRO B 309 25.62 23.44 -4.55
N LYS B 310 25.83 24.75 -4.31
CA LYS B 310 25.42 25.30 -3.02
C LYS B 310 23.91 25.21 -2.83
N HIS B 311 23.18 25.07 -3.94
CA HIS B 311 21.73 25.01 -3.99
C HIS B 311 21.24 23.97 -3.02
N VAL B 312 21.68 22.74 -3.20
CA VAL B 312 21.02 21.67 -2.47
C VAL B 312 21.41 21.65 -1.01
N MET B 313 22.48 22.35 -0.64
CA MET B 313 22.89 22.40 0.74
C MET B 313 21.85 23.06 1.59
N ASP B 314 21.19 24.06 1.02
CA ASP B 314 20.09 24.69 1.71
C ASP B 314 19.06 23.66 2.07
N VAL B 315 18.62 22.91 1.04
CA VAL B 315 17.56 21.92 1.20
C VAL B 315 17.97 20.94 2.28
N VAL B 316 19.22 20.52 2.19
CA VAL B 316 19.77 19.56 3.10
C VAL B 316 19.79 20.11 4.51
N ASP B 317 19.98 21.42 4.65
CA ASP B 317 20.01 21.98 5.98
C ASP B 317 18.64 21.94 6.61
N GLU B 318 17.59 22.29 5.85
CA GLU B 318 16.28 22.27 6.50
C GLU B 318 15.94 20.86 6.90
N GLU B 319 16.28 19.90 6.05
CA GLU B 319 15.99 18.52 6.39
C GLU B 319 16.79 18.08 7.59
N LEU B 320 18.03 18.56 7.70
CA LEU B 320 18.86 18.20 8.83
C LEU B 320 18.26 18.71 10.11
N SER B 321 17.88 19.98 10.09
CA SER B 321 17.32 20.58 11.27
C SER B 321 16.02 19.90 11.65
N LYS B 322 15.23 19.55 10.64
CA LYS B 322 13.97 18.88 10.91
C LYS B 322 14.23 17.54 11.54
N LEU B 323 15.27 16.88 11.09
CA LEU B 323 15.65 15.63 11.69
C LEU B 323 16.15 15.84 13.09
N GLY B 324 16.80 16.97 13.35
CA GLY B 324 17.34 17.19 14.68
C GLY B 324 16.23 17.34 15.71
N LEU B 325 15.15 18.01 15.33
CA LEU B 325 14.03 18.12 16.24
C LEU B 325 13.15 16.88 16.25
N LEU B 326 13.32 15.99 15.28
CA LEU B 326 12.42 14.86 15.14
C LEU B 326 12.68 13.79 16.18
N ASP B 327 11.64 13.01 16.46
CA ASP B 327 11.72 11.94 17.42
C ASP B 327 12.48 10.75 16.85
N ASN B 328 13.08 9.98 17.74
CA ASN B 328 13.88 8.85 17.27
C ASN B 328 13.01 7.76 16.67
N HIS B 329 11.74 7.67 17.07
CA HIS B 329 10.81 6.67 16.57
C HIS B 329 9.61 7.30 15.89
N SER B 330 9.60 7.25 14.57
CA SER B 330 8.41 7.52 13.78
C SER B 330 8.68 7.18 12.34
N SER B 331 7.60 6.82 11.63
CA SER B 331 7.73 6.48 10.23
C SER B 331 8.20 7.68 9.43
N GLU B 332 7.85 8.87 9.90
CA GLU B 332 8.33 10.07 9.25
C GLU B 332 9.82 10.16 9.39
N PHE B 333 10.34 9.75 10.55
CA PHE B 333 11.76 9.94 10.80
C PHE B 333 12.55 9.04 9.88
N ASN B 334 12.18 7.77 9.82
CA ASN B 334 12.92 6.86 8.98
C ASN B 334 12.79 7.23 7.52
N VAL B 335 11.62 7.74 7.12
CA VAL B 335 11.45 8.11 5.72
C VAL B 335 12.34 9.29 5.38
N THR B 336 12.31 10.32 6.22
CA THR B 336 13.12 11.50 5.96
C THR B 336 14.58 11.13 5.98
N ARG B 337 14.95 10.21 6.85
CA ARG B 337 16.34 9.81 6.94
C ARG B 337 16.76 9.07 5.69
N ASN B 338 15.87 8.22 5.19
CA ASN B 338 16.13 7.49 3.95
C ASN B 338 16.32 8.47 2.82
N TYR B 339 15.44 9.47 2.76
CA TYR B 339 15.52 10.43 1.68
C TYR B 339 16.82 11.21 1.77
N LEU B 340 17.22 11.53 2.99
CA LEU B 340 18.47 12.23 3.16
C LEU B 340 19.64 11.38 2.73
N ASP B 341 19.55 10.09 3.00
CA ASP B 341 20.63 9.22 2.57
C ASP B 341 20.71 9.20 1.06
N TRP B 342 19.54 9.19 0.41
CA TRP B 342 19.55 9.20 -1.04
C TRP B 342 20.17 10.48 -1.55
N LEU B 343 19.98 11.57 -0.82
CA LEU B 343 20.61 12.81 -1.20
C LEU B 343 22.10 12.67 -1.09
N THR B 344 22.56 12.19 0.06
CA THR B 344 23.99 12.16 0.30
C THR B 344 24.68 11.18 -0.62
N SER B 345 23.94 10.23 -1.16
CA SER B 345 24.52 9.23 -2.03
C SER B 345 25.01 9.83 -3.33
N ILE B 346 24.37 10.89 -3.80
CA ILE B 346 24.65 11.39 -5.14
C ILE B 346 26.06 11.95 -5.23
N PRO B 347 26.92 11.52 -6.15
CA PRO B 347 28.18 12.22 -6.34
C PRO B 347 27.95 13.62 -6.85
N TRP B 348 28.78 14.54 -6.40
CA TRP B 348 28.75 15.92 -6.87
C TRP B 348 30.17 16.29 -7.21
N GLY B 349 30.48 16.20 -8.48
CA GLY B 349 31.78 16.53 -8.97
C GLY B 349 32.77 15.41 -8.89
N LYS B 350 32.39 14.25 -8.41
CA LYS B 350 33.28 13.12 -8.60
C LYS B 350 33.30 12.85 -10.10
N TYR B 351 34.48 12.66 -10.68
CA TYR B 351 34.64 12.59 -12.13
C TYR B 351 35.60 11.49 -12.51
N SER B 352 35.13 10.58 -13.35
CA SER B 352 36.00 9.54 -13.88
C SER B 352 37.17 10.15 -14.63
N ASN B 353 38.36 9.64 -14.36
CA ASN B 353 39.56 10.10 -15.04
C ASN B 353 39.40 9.80 -16.52
N GLU B 354 39.76 10.78 -17.33
CA GLU B 354 39.65 10.66 -18.77
C GLU B 354 41.03 10.41 -19.37
N ASN B 355 41.07 9.52 -20.34
CA ASN B 355 42.25 9.37 -21.17
C ASN B 355 42.22 10.47 -22.20
N LEU B 356 43.41 10.87 -22.65
CA LEU B 356 43.54 11.88 -23.69
C LEU B 356 44.47 11.47 -24.82
N ASP B 357 45.34 10.48 -24.62
CA ASP B 357 46.16 10.01 -25.72
C ASP B 357 45.22 9.42 -26.76
N LEU B 358 45.52 9.71 -28.02
CA LEU B 358 44.66 9.22 -29.09
C LEU B 358 45.02 7.80 -29.49
N ALA B 359 46.22 7.63 -30.07
CA ALA B 359 46.54 6.36 -30.72
C ALA B 359 46.51 5.21 -29.73
N ARG B 360 46.94 5.46 -28.51
CA ARG B 360 46.84 4.45 -27.47
C ARG B 360 45.39 4.08 -27.20
N ALA B 361 44.49 5.02 -27.38
CA ALA B 361 43.09 4.70 -27.25
C ALA B 361 42.64 3.99 -28.51
N GLN B 362 43.12 4.48 -29.65
CA GLN B 362 42.69 3.95 -30.94
C GLN B 362 43.03 2.48 -31.04
N ALA B 363 44.15 2.06 -30.47
CA ALA B 363 44.52 0.66 -30.52
C ALA B 363 43.42 -0.17 -29.91
N VAL B 364 43.03 0.16 -28.69
CA VAL B 364 42.02 -0.62 -28.02
C VAL B 364 40.69 -0.46 -28.73
N LEU B 365 40.49 0.70 -29.37
CA LEU B 365 39.29 0.86 -30.17
C LEU B 365 39.27 -0.12 -31.32
N GLU B 366 40.44 -0.47 -31.83
CA GLU B 366 40.46 -1.28 -33.01
C GLU B 366 40.45 -2.74 -32.67
N GLU B 367 41.06 -3.10 -31.54
CA GLU B 367 41.52 -4.47 -31.39
C GLU B 367 40.37 -5.46 -31.37
N ASP B 368 39.18 -5.03 -30.98
CA ASP B 368 38.05 -5.94 -30.86
C ASP B 368 36.97 -5.70 -31.89
N HIS B 369 37.22 -4.90 -32.92
CA HIS B 369 36.25 -4.78 -34.00
C HIS B 369 36.99 -4.41 -35.27
N TYR B 370 36.40 -4.77 -36.39
CA TYR B 370 36.95 -4.42 -37.68
C TYR B 370 36.11 -3.34 -38.32
N GLY B 371 36.80 -2.42 -38.99
CA GLY B 371 36.18 -1.43 -39.85
C GLY B 371 35.17 -0.59 -39.11
N MET B 372 33.99 -0.48 -39.72
CA MET B 372 32.94 0.45 -39.35
C MET B 372 33.56 1.78 -38.92
N GLU B 373 34.31 2.33 -39.86
CA GLU B 373 35.22 3.42 -39.56
C GLU B 373 34.51 4.66 -39.05
N ASP B 374 33.25 4.85 -39.43
CA ASP B 374 32.59 6.14 -39.22
C ASP B 374 32.53 6.49 -37.75
N VAL B 375 32.04 5.56 -36.96
CA VAL B 375 31.87 5.85 -35.55
C VAL B 375 33.21 6.00 -34.90
N LYS B 376 34.17 5.19 -35.36
CA LYS B 376 35.51 5.23 -34.81
C LYS B 376 36.18 6.56 -35.09
N LYS B 377 35.77 7.18 -36.17
CA LYS B 377 36.30 8.46 -36.48
C LYS B 377 35.62 9.48 -35.60
N ARG B 378 34.31 9.33 -35.44
CA ARG B 378 33.55 10.31 -34.69
C ARG B 378 34.00 10.34 -33.24
N ILE B 379 34.11 9.16 -32.65
CA ILE B 379 34.53 9.09 -31.26
C ILE B 379 35.94 9.59 -31.12
N LEU B 380 36.76 9.37 -32.15
CA LEU B 380 38.12 9.86 -32.07
C LEU B 380 38.14 11.37 -32.04
N GLU B 381 37.31 11.98 -32.88
CA GLU B 381 37.20 13.43 -32.84
C GLU B 381 36.68 13.91 -31.52
N PHE B 382 35.78 13.15 -30.91
CA PHE B 382 35.21 13.62 -29.66
C PHE B 382 36.29 13.70 -28.61
N ILE B 383 37.07 12.63 -28.47
CA ILE B 383 38.11 12.68 -27.45
C ILE B 383 39.13 13.74 -27.80
N ALA B 384 39.31 14.00 -29.09
CA ALA B 384 40.27 15.01 -29.49
C ALA B 384 39.81 16.38 -29.02
N VAL B 385 38.54 16.68 -29.30
CA VAL B 385 38.02 17.99 -28.93
C VAL B 385 38.05 18.14 -27.43
N SER B 386 37.79 17.04 -26.72
CA SER B 386 37.78 17.14 -25.27
C SER B 386 39.17 17.47 -24.76
N GLN B 387 40.19 16.90 -25.40
CA GLN B 387 41.54 17.20 -24.97
C GLN B 387 41.86 18.65 -25.31
N LEU B 388 41.27 19.20 -26.37
CA LEU B 388 41.64 20.55 -26.75
C LEU B 388 41.10 21.55 -25.77
N ARG B 389 39.82 21.50 -25.48
CA ARG B 389 39.19 22.50 -24.61
C ARG B 389 39.12 21.98 -23.19
N GLY B 390 40.26 21.52 -22.70
CA GLY B 390 40.43 21.25 -21.29
C GLY B 390 39.40 20.29 -20.76
N SER B 391 38.44 20.86 -20.05
CA SER B 391 37.52 20.10 -19.23
C SER B 391 36.66 19.17 -20.04
N THR B 392 36.25 18.10 -19.39
CA THR B 392 35.43 17.07 -19.99
C THR B 392 34.04 17.62 -20.33
N GLN B 393 33.45 17.00 -21.33
CA GLN B 393 32.16 17.39 -21.85
C GLN B 393 31.42 16.12 -22.24
N GLY B 394 30.11 16.25 -22.41
CA GLY B 394 29.27 15.13 -22.74
C GLY B 394 28.39 15.45 -23.93
N LYS B 395 28.07 14.41 -24.69
CA LYS B 395 27.22 14.56 -25.86
C LYS B 395 26.29 13.37 -25.99
N ILE B 396 25.28 13.55 -26.81
CA ILE B 396 24.22 12.57 -27.02
C ILE B 396 24.11 12.30 -28.51
N LEU B 397 24.08 11.03 -28.89
CA LEU B 397 24.07 10.67 -30.29
C LEU B 397 23.54 9.24 -30.45
N CYS B 398 23.31 8.84 -31.69
CA CYS B 398 22.63 7.57 -31.96
C CYS B 398 23.14 6.93 -33.24
N PHE B 399 22.79 5.64 -33.39
CA PHE B 399 23.21 4.81 -34.51
C PHE B 399 22.05 4.01 -35.07
N TYR B 400 22.20 3.54 -36.30
CA TYR B 400 21.14 2.71 -36.84
C TYR B 400 21.65 1.96 -38.05
N GLY B 401 21.27 0.71 -38.11
CA GLY B 401 21.63 -0.17 -39.19
C GLY B 401 20.99 -1.52 -38.93
N PRO B 402 21.24 -2.51 -39.78
CA PRO B 402 20.62 -3.81 -39.62
C PRO B 402 20.98 -4.45 -38.29
N PRO B 403 20.08 -5.17 -37.65
CA PRO B 403 20.36 -5.69 -36.30
C PRO B 403 21.52 -6.68 -36.36
N GLY B 404 22.28 -6.74 -35.27
CA GLY B 404 23.32 -7.75 -35.17
C GLY B 404 24.60 -7.35 -35.85
N VAL B 405 24.68 -6.13 -36.34
CA VAL B 405 25.88 -5.64 -37.01
C VAL B 405 26.98 -5.27 -36.03
N GLY B 406 26.76 -5.41 -34.72
CA GLY B 406 27.71 -4.94 -33.73
C GLY B 406 27.32 -3.66 -33.04
N LYS B 407 26.08 -3.18 -33.20
CA LYS B 407 25.73 -1.88 -32.65
C LYS B 407 25.91 -1.83 -31.15
N THR B 408 25.67 -2.94 -30.47
CA THR B 408 25.74 -2.98 -29.03
C THR B 408 27.07 -3.45 -28.52
N SER B 409 27.78 -4.27 -29.30
CA SER B 409 29.05 -4.78 -28.85
C SER B 409 30.05 -3.66 -28.63
N ILE B 410 30.01 -2.64 -29.46
CA ILE B 410 31.05 -1.62 -29.45
C ILE B 410 31.07 -0.81 -28.17
N ALA B 411 29.92 -0.74 -27.51
CA ALA B 411 29.74 0.16 -26.38
C ALA B 411 30.70 -0.11 -25.25
N ARG B 412 30.79 -1.37 -24.85
CA ARG B 412 31.63 -1.70 -23.72
C ARG B 412 33.08 -1.41 -23.99
N SER B 413 33.53 -1.69 -25.22
CA SER B 413 34.92 -1.38 -25.52
C SER B 413 35.16 0.11 -25.48
N ILE B 414 34.16 0.87 -25.93
CA ILE B 414 34.28 2.30 -25.94
C ILE B 414 34.38 2.80 -24.53
N ALA B 415 33.55 2.27 -23.64
CA ALA B 415 33.58 2.77 -22.28
C ALA B 415 34.88 2.41 -21.62
N ARG B 416 35.47 1.29 -22.01
CA ARG B 416 36.77 0.98 -21.46
C ARG B 416 37.84 1.74 -22.19
N ALA B 417 37.53 2.34 -23.33
CA ALA B 417 38.56 3.10 -24.00
C ALA B 417 38.59 4.48 -23.36
N LEU B 418 37.48 5.19 -23.43
CA LEU B 418 37.43 6.50 -22.79
C LEU B 418 37.55 6.42 -21.29
N ASN B 419 37.29 5.27 -20.68
CA ASN B 419 37.35 5.05 -19.26
C ASN B 419 36.09 5.52 -18.53
N ARG B 420 35.09 6.09 -19.20
CA ARG B 420 33.84 6.31 -18.50
C ARG B 420 33.26 4.99 -18.04
N GLU B 421 32.55 5.04 -16.92
CA GLU B 421 31.88 3.85 -16.44
C GLU B 421 30.76 3.40 -17.35
N TYR B 422 30.67 2.10 -17.54
CA TYR B 422 29.67 1.55 -18.41
C TYR B 422 28.41 1.36 -17.61
N PHE B 423 27.31 1.46 -18.32
CA PHE B 423 26.06 0.97 -17.79
C PHE B 423 25.13 0.95 -18.98
N ARG B 424 24.25 -0.02 -18.95
CA ARG B 424 23.28 -0.24 -19.99
C ARG B 424 21.98 -0.56 -19.29
N PHE B 425 20.87 -0.19 -19.91
CA PHE B 425 19.61 -0.78 -19.46
C PHE B 425 18.63 -0.69 -20.61
N SER B 426 18.27 -1.85 -21.14
CA SER B 426 17.34 -1.87 -22.24
C SER B 426 16.02 -1.30 -21.74
N VAL B 427 15.44 -0.44 -22.56
CA VAL B 427 14.15 0.17 -22.27
C VAL B 427 12.98 -0.43 -23.04
N GLY B 428 13.25 -1.12 -24.16
CA GLY B 428 12.20 -1.51 -25.08
C GLY B 428 11.01 -2.24 -24.51
N GLY B 429 9.83 -1.71 -24.82
CA GLY B 429 8.57 -2.21 -24.34
C GLY B 429 8.17 -1.70 -22.98
N MET B 430 9.01 -0.91 -22.33
CA MET B 430 8.61 -0.27 -21.08
C MET B 430 7.61 0.83 -21.40
N THR B 431 6.79 1.16 -20.40
CA THR B 431 5.81 2.25 -20.50
C THR B 431 5.71 3.13 -19.27
N ASP B 432 6.31 2.76 -18.13
CA ASP B 432 6.11 3.51 -16.89
C ASP B 432 7.14 4.63 -16.80
N VAL B 433 6.65 5.86 -16.95
CA VAL B 433 7.51 7.02 -16.81
C VAL B 433 8.11 7.10 -15.44
N ALA B 434 7.36 6.64 -14.42
CA ALA B 434 7.86 6.72 -13.06
C ALA B 434 9.16 5.95 -12.90
N GLU B 435 9.40 4.95 -13.75
CA GLU B 435 10.61 4.16 -13.64
C GLU B 435 11.83 5.03 -13.83
N ILE B 436 11.70 6.06 -14.66
CA ILE B 436 12.77 6.97 -14.99
C ILE B 436 12.60 8.31 -14.31
N LYS B 437 11.61 8.46 -13.43
CA LYS B 437 11.41 9.70 -12.70
C LYS B 437 10.97 9.54 -11.26
N GLY B 438 10.85 8.33 -10.74
CA GLY B 438 10.58 8.23 -9.34
C GLY B 438 9.15 8.63 -9.03
N HIS B 439 8.88 8.72 -7.74
CA HIS B 439 7.59 9.10 -7.20
C HIS B 439 7.73 10.33 -6.33
N ARG B 440 6.62 10.69 -5.69
CA ARG B 440 6.45 11.96 -5.00
C ARG B 440 7.17 11.98 -3.67
N ARG B 441 7.66 10.84 -3.19
CA ARG B 441 8.40 10.59 -1.95
C ARG B 441 7.44 10.53 -0.76
N THR B 442 6.18 10.93 -0.90
CA THR B 442 5.17 10.74 0.13
C THR B 442 4.39 9.45 -0.02
N TYR B 443 4.66 8.65 -1.04
CA TYR B 443 3.93 7.40 -1.20
C TYR B 443 4.53 6.38 -0.25
N VAL B 444 4.19 5.11 -0.43
CA VAL B 444 4.70 4.08 0.47
C VAL B 444 6.09 3.60 0.05
N GLY B 445 6.23 3.03 -1.13
CA GLY B 445 7.48 2.36 -1.48
C GLY B 445 8.35 3.18 -2.39
N ALA B 446 8.12 4.49 -2.42
CA ALA B 446 8.71 5.35 -3.43
C ALA B 446 10.23 5.31 -3.40
N MET B 447 10.80 5.19 -4.59
CA MET B 447 12.22 5.25 -4.86
C MET B 447 12.47 6.10 -6.10
N PRO B 448 13.62 6.76 -6.18
CA PRO B 448 13.89 7.60 -7.33
C PRO B 448 14.01 6.77 -8.60
N GLY B 449 13.70 7.41 -9.72
CA GLY B 449 13.75 6.82 -11.05
C GLY B 449 15.07 6.15 -11.38
N LYS B 450 15.09 5.41 -12.50
CA LYS B 450 16.21 4.53 -12.82
C LYS B 450 17.54 5.25 -12.93
N ILE B 451 17.53 6.46 -13.48
CA ILE B 451 18.80 7.05 -13.84
C ILE B 451 19.61 7.37 -12.61
N ILE B 452 18.95 7.87 -11.58
CA ILE B 452 19.69 8.20 -10.39
C ILE B 452 20.17 6.95 -9.69
N GLN B 453 19.41 5.86 -9.80
CA GLN B 453 19.88 4.61 -9.23
C GLN B 453 21.15 4.17 -9.91
N CYS B 454 21.20 4.35 -11.23
CA CYS B 454 22.42 4.07 -11.96
C CYS B 454 23.53 5.00 -11.50
N LEU B 455 23.17 6.22 -11.21
CA LEU B 455 24.15 7.23 -10.92
C LEU B 455 24.68 7.12 -9.51
N LYS B 456 24.01 6.37 -8.67
CA LYS B 456 24.60 6.02 -7.39
C LYS B 456 25.44 4.78 -7.54
N LYS B 457 24.97 3.83 -8.35
CA LYS B 457 25.69 2.58 -8.49
C LYS B 457 27.06 2.79 -9.10
N THR B 458 27.21 3.83 -9.91
CA THR B 458 28.48 4.17 -10.54
C THR B 458 28.87 5.52 -9.97
N LYS B 459 29.91 5.51 -9.16
CA LYS B 459 30.17 6.64 -8.27
C LYS B 459 30.47 7.92 -9.05
N THR B 460 30.99 7.81 -10.25
CA THR B 460 31.37 8.98 -11.01
C THR B 460 30.13 9.79 -11.39
N GLU B 461 30.33 11.09 -11.58
CA GLU B 461 29.26 11.96 -12.04
C GLU B 461 29.11 11.92 -13.55
N ASN B 462 30.01 11.25 -14.26
CA ASN B 462 30.01 11.20 -15.72
C ASN B 462 30.08 9.75 -16.17
N PRO B 463 29.05 8.97 -15.89
CA PRO B 463 28.94 7.63 -16.47
C PRO B 463 28.58 7.63 -17.95
N LEU B 464 28.94 6.52 -18.59
CA LEU B 464 28.56 6.23 -19.97
C LEU B 464 27.27 5.43 -20.00
N ILE B 465 26.18 6.12 -19.68
CA ILE B 465 24.86 5.51 -19.74
C ILE B 465 24.58 5.09 -21.18
N LEU B 466 23.89 3.94 -21.34
CA LEU B 466 23.56 3.38 -22.66
C LEU B 466 22.07 2.99 -22.70
N ILE B 467 21.19 3.95 -22.96
CA ILE B 467 19.84 3.55 -23.30
C ILE B 467 19.95 2.73 -24.57
N ASP B 468 19.15 1.68 -24.67
CA ASP B 468 19.25 0.72 -25.76
C ASP B 468 17.85 0.40 -26.31
N GLU B 469 17.80 0.16 -27.61
CA GLU B 469 16.60 -0.24 -28.35
C GLU B 469 15.47 0.76 -28.14
N VAL B 470 15.79 2.02 -28.43
CA VAL B 470 14.83 3.09 -28.24
C VAL B 470 13.58 2.90 -29.09
N ASP B 471 13.71 2.19 -30.22
CA ASP B 471 12.62 2.09 -31.18
C ASP B 471 11.40 1.41 -30.58
N LYS B 472 11.60 0.51 -29.63
CA LYS B 472 10.60 -0.44 -29.22
C LYS B 472 10.15 -0.16 -27.80
N ILE B 473 10.08 1.13 -27.46
CA ILE B 473 9.45 1.57 -26.24
C ILE B 473 7.96 1.33 -26.28
N GLY B 474 7.36 1.12 -25.11
CA GLY B 474 5.94 0.87 -25.09
C GLY B 474 5.22 2.17 -25.44
N ARG B 475 3.96 2.09 -25.84
CA ARG B 475 3.30 3.32 -26.26
C ARG B 475 1.80 3.14 -26.32
N GLY B 476 1.10 4.27 -26.19
CA GLY B 476 -0.25 4.38 -26.66
C GLY B 476 -1.36 3.82 -25.81
N TYR B 477 -1.10 3.42 -24.55
CA TYR B 477 -2.15 3.03 -23.62
C TYR B 477 -2.09 3.79 -22.31
N GLN B 478 -0.94 4.32 -21.94
CA GLN B 478 -0.83 5.32 -20.90
C GLN B 478 0.08 6.35 -21.53
N GLY B 479 0.55 7.33 -20.76
CA GLY B 479 1.46 8.30 -21.32
C GLY B 479 2.72 7.68 -21.89
N ASP B 480 3.07 8.10 -23.08
CA ASP B 480 4.20 7.56 -23.77
C ASP B 480 5.45 7.92 -22.96
N PRO B 481 6.32 6.96 -22.60
CA PRO B 481 7.57 7.37 -21.95
C PRO B 481 8.42 8.32 -22.76
N SER B 482 8.32 8.25 -24.09
CA SER B 482 9.10 9.14 -24.94
C SER B 482 8.85 10.58 -24.61
N SER B 483 7.60 10.91 -24.27
CA SER B 483 7.29 12.29 -23.99
C SER B 483 8.02 12.79 -22.76
N ALA B 484 8.36 11.89 -21.85
CA ALA B 484 9.15 12.30 -20.70
C ALA B 484 10.62 12.35 -21.08
N LEU B 485 11.02 11.47 -21.99
CA LEU B 485 12.42 11.28 -22.32
C LEU B 485 13.09 12.58 -22.78
N LEU B 486 12.31 13.50 -23.35
CA LEU B 486 12.88 14.73 -23.89
C LEU B 486 13.67 15.47 -22.84
N GLU B 487 13.19 15.47 -21.57
CA GLU B 487 13.90 16.23 -20.56
C GLU B 487 15.31 15.72 -20.40
N LEU B 488 15.51 14.43 -20.62
CA LEU B 488 16.86 13.93 -20.59
C LEU B 488 17.59 14.43 -21.79
N LEU B 489 16.99 14.23 -22.94
CA LEU B 489 17.83 14.24 -24.12
C LEU B 489 18.02 15.61 -24.70
N ASP B 490 17.36 16.63 -24.17
CA ASP B 490 17.59 17.98 -24.65
C ASP B 490 19.05 18.32 -24.33
N PRO B 491 19.84 18.74 -25.33
CA PRO B 491 21.29 18.90 -25.10
C PRO B 491 21.66 19.86 -23.99
N GLU B 492 20.85 20.89 -23.78
CA GLU B 492 21.10 21.89 -22.77
C GLU B 492 20.23 21.69 -21.54
N GLN B 493 18.95 21.36 -21.74
CA GLN B 493 18.01 21.37 -20.63
C GLN B 493 18.30 20.31 -19.61
N ASN B 494 19.02 19.27 -20.01
CA ASN B 494 19.35 18.17 -19.11
C ASN B 494 20.09 18.67 -17.88
N ALA B 495 20.78 19.80 -18.00
CA ALA B 495 21.49 20.39 -16.87
C ALA B 495 20.59 20.70 -15.67
N ASN B 496 19.26 20.63 -15.79
CA ASN B 496 18.34 20.74 -14.66
C ASN B 496 17.33 19.62 -14.67
N PHE B 497 17.79 18.38 -14.78
CA PHE B 497 16.87 17.27 -14.63
C PHE B 497 16.27 17.24 -13.24
N LEU B 498 14.99 16.85 -13.15
CA LEU B 498 14.20 16.99 -11.92
C LEU B 498 13.44 15.72 -11.54
N ASP B 499 14.09 14.88 -10.76
CA ASP B 499 13.46 13.67 -10.27
C ASP B 499 12.38 13.98 -9.25
N HIS B 500 11.29 13.25 -9.34
CA HIS B 500 10.15 13.54 -8.48
C HIS B 500 10.51 13.25 -7.05
N TYR B 501 11.30 12.21 -6.83
CA TYR B 501 11.67 11.79 -5.51
C TYR B 501 12.48 12.93 -4.90
N LEU B 502 13.66 13.14 -5.43
CA LEU B 502 14.54 14.23 -5.03
C LEU B 502 14.40 15.39 -6.00
N ASP B 503 13.58 16.35 -5.63
CA ASP B 503 13.17 17.41 -6.54
C ASP B 503 14.30 18.31 -6.98
N VAL B 504 15.41 18.38 -6.23
CA VAL B 504 16.45 19.35 -6.57
C VAL B 504 16.99 19.05 -7.95
N PRO B 505 17.18 20.03 -8.82
CA PRO B 505 17.62 19.72 -10.19
C PRO B 505 18.96 19.02 -10.17
N VAL B 506 19.13 18.06 -11.06
CA VAL B 506 20.37 17.31 -11.17
C VAL B 506 20.97 17.59 -12.54
N ASP B 507 22.01 18.40 -12.57
CA ASP B 507 22.77 18.57 -13.80
C ASP B 507 23.41 17.24 -14.15
N LEU B 508 23.36 16.91 -15.42
CA LEU B 508 24.07 15.74 -15.91
C LEU B 508 24.64 15.95 -17.31
N SER B 509 25.03 17.18 -17.64
CA SER B 509 25.46 17.47 -19.01
C SER B 509 26.72 16.73 -19.42
N LYS B 510 27.57 16.37 -18.47
CA LYS B 510 28.81 15.74 -18.88
C LYS B 510 28.63 14.32 -19.33
N VAL B 511 27.51 13.68 -19.01
CA VAL B 511 27.32 12.30 -19.41
C VAL B 511 27.42 12.21 -20.93
N LEU B 512 27.75 11.03 -21.44
CA LEU B 512 27.90 10.78 -22.86
C LEU B 512 26.87 9.73 -23.20
N PHE B 513 25.70 10.22 -23.57
CA PHE B 513 24.61 9.34 -23.91
C PHE B 513 24.87 8.65 -25.22
N ILE B 514 24.23 7.50 -25.39
CA ILE B 514 24.20 6.83 -26.68
C ILE B 514 22.82 6.19 -26.77
N CYS B 515 22.39 5.95 -28.01
CA CYS B 515 21.11 5.31 -28.27
C CYS B 515 21.24 4.48 -29.53
N THR B 516 20.42 3.43 -29.61
CA THR B 516 20.60 2.36 -30.59
C THR B 516 19.24 1.87 -31.05
N ALA B 517 18.80 2.36 -32.21
CA ALA B 517 17.61 1.85 -32.89
C ALA B 517 18.03 1.47 -34.29
N ASN B 518 17.48 0.38 -34.81
CA ASN B 518 17.95 -0.15 -36.09
C ASN B 518 17.20 0.43 -37.29
N VAL B 519 16.17 1.24 -37.08
CA VAL B 519 15.45 1.89 -38.18
C VAL B 519 14.99 3.25 -37.71
N THR B 520 15.34 4.27 -38.49
CA THR B 520 15.17 5.66 -38.06
C THR B 520 13.87 6.26 -38.58
N ASP B 521 12.79 5.58 -38.32
CA ASP B 521 11.45 6.04 -38.64
C ASP B 521 10.49 6.08 -37.47
N THR B 522 10.53 5.10 -36.59
CA THR B 522 9.52 4.99 -35.54
C THR B 522 9.63 6.10 -34.53
N ILE B 523 10.80 6.68 -34.38
CA ILE B 523 11.03 7.69 -33.35
C ILE B 523 10.19 8.91 -33.68
N PRO B 524 9.41 9.48 -32.75
CA PRO B 524 8.66 10.67 -33.10
C PRO B 524 9.64 11.77 -33.45
N GLU B 525 9.25 12.57 -34.42
CA GLU B 525 10.16 13.56 -34.98
C GLU B 525 10.74 14.54 -33.97
N PRO B 526 9.95 15.19 -33.08
CA PRO B 526 10.55 16.21 -32.22
C PRO B 526 11.68 15.68 -31.38
N LEU B 527 11.51 14.44 -30.95
CA LEU B 527 12.55 13.79 -30.19
C LEU B 527 13.65 13.32 -31.10
N ARG B 528 13.25 12.83 -32.27
CA ARG B 528 14.22 12.31 -33.22
C ARG B 528 15.18 13.39 -33.66
N ASP B 529 14.74 14.64 -33.61
CA ASP B 529 15.59 15.74 -34.00
C ASP B 529 16.77 15.88 -33.05
N ARG B 530 16.57 15.61 -31.76
CA ARG B 530 17.61 15.96 -30.79
C ARG B 530 18.92 15.22 -31.06
N MET B 531 18.86 14.03 -31.64
CA MET B 531 19.99 13.11 -31.62
C MET B 531 20.47 12.89 -33.03
N GLU B 532 21.71 13.24 -33.30
CA GLU B 532 22.19 13.04 -34.66
C GLU B 532 22.22 11.56 -34.95
N MET B 533 21.86 11.19 -36.16
CA MET B 533 21.93 9.81 -36.58
C MET B 533 23.28 9.56 -37.21
N ILE B 534 23.69 8.30 -37.19
CA ILE B 534 24.89 7.87 -37.86
C ILE B 534 24.62 6.45 -38.33
N ASN B 535 24.74 6.23 -39.62
CA ASN B 535 24.26 5.01 -40.23
C ASN B 535 25.44 4.05 -40.22
N VAL B 536 25.37 3.03 -39.38
CA VAL B 536 26.26 1.89 -39.58
C VAL B 536 25.76 1.10 -40.78
N SER B 537 26.69 0.47 -41.51
CA SER B 537 26.39 -0.18 -42.77
C SER B 537 26.87 -1.63 -42.84
N GLY B 538 26.14 -2.44 -43.60
CA GLY B 538 26.44 -3.86 -43.69
C GLY B 538 27.76 -4.15 -44.40
N TYR B 539 28.37 -5.24 -43.97
CA TYR B 539 29.70 -5.64 -44.41
C TYR B 539 29.67 -6.38 -45.73
N VAL B 540 30.78 -6.31 -46.44
CA VAL B 540 31.00 -7.07 -47.66
C VAL B 540 31.78 -8.33 -47.29
N ALA B 541 31.59 -9.38 -48.08
CA ALA B 541 32.04 -10.71 -47.69
C ALA B 541 33.56 -10.80 -47.55
N GLN B 542 34.29 -10.10 -48.41
CA GLN B 542 35.73 -10.28 -48.53
C GLN B 542 36.47 -9.96 -47.26
N GLU B 543 35.94 -9.02 -46.50
CA GLU B 543 36.48 -8.66 -45.21
C GLU B 543 35.62 -9.10 -44.05
N LYS B 544 34.38 -9.52 -44.29
CA LYS B 544 33.67 -10.22 -43.24
C LYS B 544 34.41 -11.50 -42.88
N LEU B 545 35.00 -12.12 -43.89
CA LEU B 545 35.88 -13.25 -43.65
C LEU B 545 37.03 -12.86 -42.77
N ALA B 546 37.68 -11.76 -43.14
CA ALA B 546 38.93 -11.47 -42.48
C ALA B 546 38.74 -10.96 -41.08
N ILE B 547 37.53 -10.50 -40.75
CA ILE B 547 37.27 -10.23 -39.35
C ILE B 547 37.01 -11.54 -38.64
N ALA B 548 36.16 -12.39 -39.24
CA ALA B 548 35.81 -13.61 -38.54
C ALA B 548 37.02 -14.50 -38.37
N GLU B 549 37.99 -14.38 -39.28
CA GLU B 549 39.17 -15.20 -39.24
C GLU B 549 40.17 -14.65 -38.23
N ARG B 550 39.89 -13.48 -37.67
CA ARG B 550 40.74 -12.83 -36.69
C ARG B 550 40.14 -12.89 -35.32
N TYR B 551 38.83 -12.69 -35.21
CA TYR B 551 38.16 -12.68 -33.94
C TYR B 551 37.28 -13.91 -33.76
N LEU B 552 36.31 -14.11 -34.65
CA LEU B 552 35.28 -15.12 -34.42
C LEU B 552 35.87 -16.50 -34.32
N VAL B 553 36.71 -16.89 -35.28
CA VAL B 553 37.26 -18.23 -35.26
C VAL B 553 38.00 -18.47 -33.95
N PRO B 554 38.92 -17.60 -33.54
CA PRO B 554 39.53 -17.81 -32.23
C PRO B 554 38.53 -17.82 -31.11
N GLN B 555 37.47 -17.01 -31.23
CA GLN B 555 36.46 -16.98 -30.18
C GLN B 555 35.77 -18.31 -30.05
N ALA B 556 35.28 -18.84 -31.16
CA ALA B 556 34.56 -20.09 -31.10
C ALA B 556 35.47 -21.20 -30.64
N ARG B 557 36.73 -21.17 -31.04
CA ARG B 557 37.62 -22.24 -30.65
C ARG B 557 37.87 -22.19 -29.17
N ALA B 558 38.09 -20.98 -28.66
CA ALA B 558 38.26 -20.80 -27.24
C ALA B 558 36.99 -21.12 -26.49
N LEU B 559 35.85 -20.91 -27.13
CA LEU B 559 34.61 -21.21 -26.45
C LEU B 559 34.46 -22.71 -26.32
N CYS B 560 34.72 -23.44 -27.38
CA CYS B 560 34.55 -24.87 -27.37
C CYS B 560 35.79 -25.62 -26.90
N GLY B 561 36.89 -24.94 -26.65
CA GLY B 561 38.03 -25.62 -26.09
C GLY B 561 38.86 -26.40 -27.09
N LEU B 562 38.62 -26.25 -28.39
CA LEU B 562 39.36 -27.03 -29.37
C LEU B 562 40.71 -26.35 -29.58
N ASP B 563 41.45 -26.84 -30.56
CA ASP B 563 42.78 -26.37 -30.87
C ASP B 563 42.87 -26.15 -32.37
N GLU B 564 43.78 -25.25 -32.75
CA GLU B 564 44.03 -25.01 -34.15
C GLU B 564 44.59 -26.25 -34.83
N SER B 565 45.30 -27.09 -34.09
CA SER B 565 45.81 -28.29 -34.71
C SER B 565 44.68 -29.28 -34.82
N LYS B 566 43.94 -29.42 -33.74
CA LYS B 566 42.90 -30.43 -33.70
C LYS B 566 41.77 -30.08 -34.64
N ALA B 567 41.58 -28.78 -34.92
CA ALA B 567 40.37 -28.28 -35.56
C ALA B 567 40.72 -27.27 -36.65
N LYS B 568 41.66 -27.63 -37.52
CA LYS B 568 42.03 -26.73 -38.59
C LYS B 568 40.87 -26.51 -39.55
N LEU B 569 40.77 -25.29 -40.05
CA LEU B 569 39.85 -24.98 -41.11
C LEU B 569 40.52 -23.96 -42.01
N SER B 570 40.51 -24.25 -43.31
CA SER B 570 41.19 -23.37 -44.26
C SER B 570 40.39 -22.12 -44.49
N SER B 571 41.09 -21.09 -44.92
CA SER B 571 40.42 -19.88 -45.35
C SER B 571 39.54 -20.21 -46.54
N ASP B 572 39.99 -21.15 -47.37
CA ASP B 572 39.28 -21.45 -48.58
C ASP B 572 37.90 -22.03 -48.27
N VAL B 573 37.81 -22.90 -47.27
CA VAL B 573 36.50 -23.41 -46.95
C VAL B 573 35.64 -22.31 -46.37
N LEU B 574 36.26 -21.36 -45.69
CA LEU B 574 35.49 -20.25 -45.17
C LEU B 574 34.92 -19.43 -46.31
N THR B 575 35.68 -19.30 -47.39
CA THR B 575 35.16 -18.57 -48.54
C THR B 575 33.98 -19.30 -49.11
N LEU B 576 34.12 -20.62 -49.25
CA LEU B 576 33.02 -21.43 -49.74
C LEU B 576 31.78 -21.22 -48.90
N LEU B 577 31.92 -21.35 -47.58
CA LEU B 577 30.77 -21.28 -46.72
C LEU B 577 30.12 -19.92 -46.82
N ILE B 578 30.95 -18.89 -46.94
CA ILE B 578 30.44 -17.53 -47.00
C ILE B 578 29.62 -17.36 -48.25
N LYS B 579 30.18 -17.81 -49.35
CA LYS B 579 29.55 -17.58 -50.63
C LYS B 579 28.43 -18.55 -50.92
N GLN B 580 28.22 -19.56 -50.06
CA GLN B 580 27.12 -20.49 -50.21
C GLN B 580 26.04 -20.23 -49.19
N TYR B 581 26.34 -20.42 -47.92
CA TYR B 581 25.32 -20.60 -46.90
C TYR B 581 24.87 -19.32 -46.20
N CYS B 582 25.46 -18.17 -46.46
CA CYS B 582 25.09 -16.96 -45.71
C CYS B 582 25.33 -15.68 -46.50
N ARG B 583 24.24 -15.07 -46.97
CA ARG B 583 24.23 -13.72 -47.54
C ARG B 583 23.43 -12.83 -46.61
N GLU B 584 24.11 -11.92 -45.91
CA GLU B 584 23.36 -11.00 -45.09
C GLU B 584 24.30 -9.92 -44.57
N SER B 585 23.73 -8.77 -44.24
CA SER B 585 24.55 -7.70 -43.71
C SER B 585 25.10 -8.11 -42.35
N GLY B 586 24.37 -8.98 -41.64
CA GLY B 586 24.70 -9.42 -40.30
C GLY B 586 25.80 -10.45 -40.30
N VAL B 587 26.12 -10.91 -39.09
CA VAL B 587 27.20 -11.85 -38.86
C VAL B 587 26.76 -12.99 -37.94
N ARG B 588 25.57 -12.85 -37.33
CA ARG B 588 25.10 -13.84 -36.37
C ARG B 588 24.96 -15.20 -37.02
N ASN B 589 24.50 -15.22 -38.28
CA ASN B 589 24.20 -16.47 -38.94
C ASN B 589 25.47 -17.23 -39.23
N LEU B 590 26.45 -16.52 -39.77
CA LEU B 590 27.72 -17.14 -40.08
C LEU B 590 28.38 -17.63 -38.82
N GLN B 591 28.20 -16.93 -37.72
CA GLN B 591 28.74 -17.39 -36.47
C GLN B 591 28.14 -18.73 -36.12
N LYS B 592 26.82 -18.83 -36.27
CA LYS B 592 26.15 -20.07 -35.92
C LYS B 592 26.61 -21.21 -36.82
N GLN B 593 26.78 -20.94 -38.11
CA GLN B 593 27.20 -22.02 -38.99
C GLN B 593 28.60 -22.49 -38.63
N VAL B 594 29.48 -21.53 -38.37
CA VAL B 594 30.86 -21.88 -38.10
C VAL B 594 30.94 -22.72 -36.85
N GLU B 595 30.28 -22.26 -35.80
CA GLU B 595 30.34 -23.02 -34.56
C GLU B 595 29.68 -24.37 -34.74
N LYS B 596 28.68 -24.47 -35.61
CA LYS B 596 28.08 -25.78 -35.83
C LYS B 596 29.10 -26.71 -36.39
N VAL B 597 29.89 -26.23 -37.35
CA VAL B 597 30.90 -27.08 -37.95
C VAL B 597 31.86 -27.53 -36.88
N LEU B 598 32.23 -26.59 -36.02
CA LEU B 598 33.18 -26.88 -34.98
C LEU B 598 32.62 -27.92 -34.04
N ARG B 599 31.38 -27.73 -33.64
CA ARG B 599 30.80 -28.63 -32.66
C ARG B 599 30.57 -30.02 -33.23
N LYS B 600 30.27 -30.13 -34.52
CA LYS B 600 30.19 -31.46 -35.10
C LYS B 600 31.53 -32.12 -35.11
N SER B 601 32.56 -31.33 -35.37
CA SER B 601 33.91 -31.87 -35.27
C SER B 601 34.20 -32.30 -33.85
N ALA B 602 33.68 -31.55 -32.88
CA ALA B 602 33.95 -31.87 -31.48
C ALA B 602 33.32 -33.18 -31.10
N TYR B 603 32.11 -33.42 -31.61
CA TYR B 603 31.46 -34.67 -31.33
C TYR B 603 32.21 -35.81 -31.96
N LYS B 604 32.75 -35.60 -33.13
CA LYS B 604 33.51 -36.69 -33.72
C LYS B 604 34.80 -36.92 -32.93
N ILE B 605 35.31 -35.87 -32.31
CA ILE B 605 36.54 -36.00 -31.53
C ILE B 605 36.31 -36.80 -30.26
N VAL B 606 35.39 -36.33 -29.43
CA VAL B 606 35.32 -36.90 -28.09
C VAL B 606 34.42 -38.12 -28.00
N SER B 607 33.59 -38.34 -29.00
CA SER B 607 32.68 -39.46 -28.98
C SER B 607 33.27 -40.51 -29.90
N GLY B 608 33.45 -40.17 -31.16
CA GLY B 608 34.10 -41.13 -32.00
C GLY B 608 35.57 -41.10 -31.73
N GLU B 609 36.21 -42.16 -32.22
CA GLU B 609 37.63 -42.37 -32.03
C GLU B 609 38.49 -41.36 -32.76
N ALA B 610 37.91 -40.61 -33.70
CA ALA B 610 38.63 -39.60 -34.46
C ALA B 610 39.29 -38.68 -33.47
N GLU B 611 40.60 -38.51 -33.60
CA GLU B 611 41.33 -37.65 -32.67
C GLU B 611 41.60 -36.26 -33.21
N SER B 612 41.60 -36.05 -34.52
CA SER B 612 41.86 -34.73 -35.08
C SER B 612 41.04 -34.52 -36.33
N VAL B 613 40.01 -33.69 -36.25
CA VAL B 613 39.19 -33.42 -37.42
C VAL B 613 40.03 -32.62 -38.38
N GLU B 614 39.89 -32.91 -39.68
CA GLU B 614 40.67 -32.25 -40.70
C GLU B 614 39.67 -31.85 -41.77
N VAL B 615 39.10 -30.67 -41.57
CA VAL B 615 38.15 -30.11 -42.50
C VAL B 615 38.81 -29.88 -43.85
N THR B 616 38.08 -30.26 -44.87
CA THR B 616 38.35 -30.07 -46.28
C THR B 616 37.00 -29.71 -46.83
N PRO B 617 36.93 -29.05 -48.00
CA PRO B 617 35.62 -28.71 -48.57
C PRO B 617 34.72 -29.92 -48.70
N GLU B 618 35.32 -31.08 -48.97
CA GLU B 618 34.56 -32.30 -49.09
C GLU B 618 33.86 -32.61 -47.78
N ASN B 619 34.47 -32.28 -46.66
CA ASN B 619 33.79 -32.57 -45.41
C ASN B 619 32.63 -31.63 -45.20
N LEU B 620 32.64 -30.47 -45.87
CA LEU B 620 31.79 -29.38 -45.45
C LEU B 620 30.34 -29.77 -45.66
N GLN B 621 30.10 -30.46 -46.77
CA GLN B 621 28.76 -30.87 -47.11
C GLN B 621 28.25 -31.84 -46.08
N ASP B 622 29.17 -32.69 -45.63
CA ASP B 622 28.84 -33.71 -44.66
C ASP B 622 28.46 -33.06 -43.37
N PHE B 623 29.13 -31.95 -43.06
CA PHE B 623 28.97 -31.42 -41.73
C PHE B 623 27.73 -30.56 -41.68
N VAL B 624 27.69 -29.50 -42.48
CA VAL B 624 26.55 -28.61 -42.33
C VAL B 624 25.37 -29.10 -43.11
N GLY B 625 25.61 -29.78 -44.22
CA GLY B 625 24.55 -30.20 -45.09
C GLY B 625 24.77 -29.76 -46.51
N LYS B 626 23.88 -28.92 -47.01
CA LYS B 626 23.84 -28.53 -48.41
C LYS B 626 23.78 -27.02 -48.63
N PRO B 627 24.27 -26.52 -49.77
CA PRO B 627 24.08 -25.11 -50.07
C PRO B 627 22.60 -24.80 -50.20
N VAL B 628 22.25 -23.60 -49.78
CA VAL B 628 20.88 -23.11 -49.82
C VAL B 628 20.85 -22.17 -50.99
N PHE B 629 21.69 -21.16 -50.96
CA PHE B 629 21.90 -20.36 -52.15
C PHE B 629 22.85 -21.12 -53.05
N THR B 630 22.68 -20.89 -54.35
CA THR B 630 23.46 -21.56 -55.38
C THR B 630 23.97 -20.54 -56.38
N VAL B 631 24.54 -21.03 -57.47
CA VAL B 631 24.93 -20.17 -58.58
C VAL B 631 23.64 -19.91 -59.34
N GLU B 632 22.85 -18.99 -58.82
CA GLU B 632 21.55 -18.70 -59.38
C GLU B 632 21.70 -17.99 -60.72
N ARG B 633 21.15 -18.58 -61.78
CA ARG B 633 21.12 -17.96 -63.10
C ARG B 633 19.94 -18.53 -63.87
N MET B 634 18.82 -17.81 -63.88
CA MET B 634 17.65 -18.35 -64.56
C MET B 634 17.88 -18.56 -66.04
N TYR B 635 18.68 -17.71 -66.68
CA TYR B 635 18.87 -17.82 -68.12
C TYR B 635 20.29 -17.41 -68.43
N ASP B 636 21.09 -18.38 -68.88
CA ASP B 636 22.46 -18.08 -69.21
C ASP B 636 22.65 -17.49 -70.61
N VAL B 637 21.60 -17.48 -71.45
CA VAL B 637 21.71 -17.00 -72.81
C VAL B 637 20.62 -16.00 -73.18
N THR B 638 19.67 -15.75 -72.28
CA THR B 638 18.68 -14.69 -72.40
C THR B 638 17.92 -14.71 -73.72
N PRO B 639 16.97 -15.62 -73.92
CA PRO B 639 16.18 -15.58 -75.13
C PRO B 639 15.38 -14.30 -75.17
N PRO B 640 15.11 -13.75 -76.38
CA PRO B 640 14.70 -12.34 -76.49
C PRO B 640 13.42 -12.09 -75.72
N GLY B 641 13.30 -10.91 -75.13
CA GLY B 641 12.20 -10.64 -74.25
C GLY B 641 12.47 -10.94 -72.80
N VAL B 642 13.74 -11.08 -72.42
CA VAL B 642 14.13 -11.25 -71.02
C VAL B 642 15.34 -10.37 -70.83
N VAL B 643 15.38 -9.66 -69.71
CA VAL B 643 16.51 -8.79 -69.45
C VAL B 643 16.85 -8.63 -67.98
N MET B 644 18.05 -9.04 -67.61
CA MET B 644 18.42 -9.04 -66.21
C MET B 644 18.44 -7.59 -65.75
N GLY B 645 18.07 -7.37 -64.48
CA GLY B 645 18.01 -6.03 -63.95
C GLY B 645 18.42 -5.96 -62.49
N LEU B 646 19.17 -4.92 -62.15
CA LEU B 646 19.58 -4.70 -60.77
C LEU B 646 18.40 -4.13 -60.00
N ALA B 647 18.38 -4.36 -58.69
CA ALA B 647 17.36 -3.70 -57.89
C ALA B 647 17.81 -3.70 -56.44
N TRP B 648 17.44 -2.64 -55.73
CA TRP B 648 17.88 -2.44 -54.37
C TRP B 648 16.73 -2.92 -53.49
N THR B 649 16.68 -4.22 -53.27
CA THR B 649 15.72 -4.75 -52.33
C THR B 649 16.11 -4.33 -50.93
N ALA B 650 15.12 -4.34 -50.04
CA ALA B 650 15.40 -3.89 -48.68
C ALA B 650 16.52 -4.70 -48.04
N MET B 651 16.64 -5.97 -48.42
CA MET B 651 17.72 -6.85 -47.94
C MET B 651 18.86 -6.83 -48.95
N GLY B 652 19.51 -5.67 -49.06
CA GLY B 652 20.64 -5.57 -49.96
C GLY B 652 20.23 -5.46 -51.40
N GLY B 653 21.19 -5.65 -52.28
CA GLY B 653 20.87 -5.64 -53.68
C GLY B 653 20.31 -6.98 -54.13
N SER B 654 19.85 -7.01 -55.37
CA SER B 654 19.45 -8.27 -55.98
C SER B 654 19.43 -8.09 -57.47
N THR B 655 19.57 -9.21 -58.16
CA THR B 655 19.57 -9.28 -59.61
C THR B 655 18.35 -10.05 -60.09
N LEU B 656 17.26 -9.34 -60.34
CA LEU B 656 16.04 -9.98 -60.83
C LEU B 656 15.96 -9.83 -62.33
N PHE B 657 15.41 -10.82 -62.98
CA PHE B 657 15.24 -10.75 -64.43
C PHE B 657 13.88 -10.13 -64.67
N VAL B 658 13.60 -9.70 -65.90
CA VAL B 658 12.29 -9.14 -66.22
C VAL B 658 11.87 -9.65 -67.58
N GLU B 659 10.58 -10.02 -67.70
CA GLU B 659 10.08 -10.68 -68.89
C GLU B 659 8.86 -9.98 -69.46
N THR B 660 8.66 -10.23 -70.75
CA THR B 660 7.54 -9.74 -71.52
C THR B 660 7.26 -10.76 -72.61
N SER B 661 6.03 -10.80 -73.09
CA SER B 661 5.75 -11.77 -74.14
C SER B 661 4.41 -11.46 -74.77
N LEU B 662 4.26 -11.97 -75.99
CA LEU B 662 3.01 -11.76 -76.71
C LEU B 662 1.86 -12.46 -76.03
N ARG B 663 0.72 -11.79 -76.03
CA ARG B 663 -0.48 -12.28 -75.38
C ARG B 663 -1.58 -12.71 -76.33
N ARG B 664 -1.49 -12.41 -77.61
CA ARG B 664 -2.56 -12.73 -78.53
C ARG B 664 -2.09 -12.46 -79.95
N PRO B 665 -2.37 -13.32 -80.94
CA PRO B 665 -1.72 -13.19 -82.24
C PRO B 665 -2.05 -11.87 -82.91
N GLN B 666 -1.07 -11.30 -83.58
CA GLN B 666 -1.18 -9.95 -84.10
C GLN B 666 -1.70 -9.87 -85.52
N ASP B 667 -1.77 -10.99 -86.22
CA ASP B 667 -2.21 -10.97 -87.61
C ASP B 667 -3.72 -11.03 -87.77
N LYS B 668 -4.49 -11.10 -86.67
CA LYS B 668 -5.95 -11.22 -86.79
C LYS B 668 -6.56 -10.09 -87.58
N ASP B 669 -5.95 -8.91 -87.50
CA ASP B 669 -6.29 -7.77 -88.34
C ASP B 669 -4.96 -7.05 -88.55
N ALA B 670 -4.31 -7.33 -89.68
CA ALA B 670 -3.02 -6.74 -89.97
C ALA B 670 -3.11 -5.22 -90.00
N LYS B 671 -4.27 -4.69 -90.38
CA LYS B 671 -4.54 -3.27 -90.39
C LYS B 671 -5.32 -2.80 -89.16
N GLY B 672 -5.84 -3.72 -88.35
CA GLY B 672 -6.60 -3.32 -87.18
C GLY B 672 -5.84 -2.48 -86.20
N ASP B 673 -6.14 -1.18 -86.19
CA ASP B 673 -5.38 -0.22 -85.41
C ASP B 673 -5.90 -0.23 -83.97
N LYS B 674 -5.28 -1.04 -83.12
CA LYS B 674 -5.65 -1.12 -81.72
C LYS B 674 -4.39 -1.33 -80.91
N ASP B 675 -4.40 -0.73 -79.72
CA ASP B 675 -3.21 -0.67 -78.90
C ASP B 675 -2.74 -2.05 -78.49
N GLY B 676 -1.43 -2.20 -78.42
CA GLY B 676 -0.89 -3.37 -77.81
C GLY B 676 -0.84 -3.19 -76.32
N SER B 677 -2.00 -3.29 -75.67
CA SER B 677 -2.06 -3.00 -74.25
C SER B 677 -1.13 -3.95 -73.52
N LEU B 678 -0.53 -3.45 -72.45
CA LEU B 678 0.42 -4.22 -71.68
C LEU B 678 -0.06 -4.45 -70.27
N GLU B 679 0.25 -5.64 -69.77
CA GLU B 679 -0.20 -6.09 -68.47
C GLU B 679 1.02 -6.31 -67.59
N VAL B 680 1.33 -5.28 -66.81
CA VAL B 680 2.37 -5.36 -65.80
C VAL B 680 1.90 -6.20 -64.62
N THR B 681 2.82 -6.94 -64.04
CA THR B 681 2.54 -7.70 -62.83
C THR B 681 3.61 -7.46 -61.78
N GLY B 682 3.55 -8.21 -60.69
CA GLY B 682 4.53 -8.10 -59.63
C GLY B 682 4.24 -6.98 -58.67
N GLN B 683 3.12 -7.10 -57.94
CA GLN B 683 2.69 -6.22 -56.83
C GLN B 683 3.01 -4.75 -57.07
N LEU B 684 2.65 -4.30 -58.27
CA LEU B 684 2.83 -2.90 -58.60
C LEU B 684 2.11 -2.03 -57.59
N GLY B 685 2.80 -0.99 -57.16
CA GLY B 685 2.20 0.11 -56.44
C GLY B 685 1.69 1.11 -57.44
N GLU B 686 1.64 2.36 -57.01
CA GLU B 686 1.17 3.43 -57.87
C GLU B 686 2.28 4.02 -58.73
N VAL B 687 3.44 4.29 -58.15
CA VAL B 687 4.45 5.06 -58.85
C VAL B 687 5.03 4.29 -60.02
N MET B 688 5.42 3.05 -59.78
CA MET B 688 6.00 2.23 -60.82
C MET B 688 5.02 1.88 -61.91
N LYS B 689 3.74 1.76 -61.61
CA LYS B 689 2.83 1.47 -62.72
C LYS B 689 2.70 2.67 -63.65
N GLU B 690 2.70 3.89 -63.10
CA GLU B 690 2.83 5.04 -63.97
C GLU B 690 4.15 5.00 -64.71
N SER B 691 5.22 4.58 -64.02
CA SER B 691 6.52 4.53 -64.66
C SER B 691 6.48 3.56 -65.82
N ALA B 692 5.70 2.50 -65.65
CA ALA B 692 5.59 1.50 -66.68
C ALA B 692 4.88 2.07 -67.88
N ARG B 693 3.75 2.73 -67.65
CA ARG B 693 3.06 3.31 -68.78
C ARG B 693 3.90 4.38 -69.44
N ILE B 694 4.70 5.09 -68.66
CA ILE B 694 5.55 6.10 -69.23
C ILE B 694 6.60 5.45 -70.10
N ALA B 695 7.20 4.38 -69.61
CA ALA B 695 8.16 3.65 -70.42
C ALA B 695 7.52 3.09 -71.66
N TYR B 696 6.26 2.67 -71.54
CA TYR B 696 5.53 2.17 -72.68
C TYR B 696 5.37 3.24 -73.72
N THR B 697 5.01 4.42 -73.23
CA THR B 697 4.78 5.54 -74.10
C THR B 697 6.06 5.94 -74.78
N PHE B 698 7.11 6.12 -73.99
CA PHE B 698 8.36 6.57 -74.55
C PHE B 698 8.90 5.50 -75.49
N ALA B 699 8.67 4.23 -75.17
CA ALA B 699 9.18 3.20 -76.05
C ALA B 699 8.49 3.26 -77.38
N ARG B 700 7.18 3.52 -77.33
CA ARG B 700 6.43 3.63 -78.56
C ARG B 700 6.95 4.82 -79.36
N ALA B 701 7.33 5.87 -78.64
CA ALA B 701 7.85 7.05 -79.32
C ALA B 701 9.22 6.78 -79.88
N PHE B 702 10.07 6.13 -79.09
CA PHE B 702 11.45 5.96 -79.50
C PHE B 702 11.48 5.04 -80.70
N LEU B 703 10.71 3.96 -80.63
CA LEU B 703 10.69 3.03 -81.74
C LEU B 703 10.15 3.69 -82.97
N MET B 704 9.18 4.59 -82.80
CA MET B 704 8.77 5.40 -83.92
C MET B 704 9.96 6.18 -84.46
N GLN B 705 10.60 6.99 -83.61
CA GLN B 705 11.59 7.93 -84.12
C GLN B 705 12.82 7.26 -84.70
N HIS B 706 13.18 6.08 -84.21
CA HIS B 706 14.36 5.41 -84.71
C HIS B 706 14.05 4.65 -85.98
N ALA B 707 13.11 3.73 -85.89
CA ALA B 707 12.70 2.87 -87.00
C ALA B 707 11.19 2.97 -87.11
N PRO B 708 10.69 4.07 -87.70
CA PRO B 708 9.23 4.26 -87.75
C PRO B 708 8.53 3.13 -88.46
N ALA B 709 9.22 2.52 -89.44
CA ALA B 709 8.60 1.50 -90.29
C ALA B 709 8.06 0.35 -89.47
N ASN B 710 8.68 0.06 -88.33
CA ASN B 710 8.11 -0.94 -87.46
C ASN B 710 6.87 -0.38 -86.79
N ASP B 711 5.98 -1.27 -86.48
CA ASP B 711 4.78 -0.95 -85.72
C ASP B 711 4.36 -2.08 -84.79
N TYR B 712 5.15 -3.16 -84.72
CA TYR B 712 4.89 -4.36 -83.92
C TYR B 712 4.39 -3.99 -82.55
N LEU B 713 5.28 -3.31 -81.82
CA LEU B 713 4.94 -2.86 -80.50
C LEU B 713 3.80 -1.86 -80.54
N VAL B 714 3.66 -1.14 -81.64
CA VAL B 714 2.64 -0.11 -81.69
C VAL B 714 1.28 -0.76 -81.60
N THR B 715 1.14 -2.00 -82.10
CA THR B 715 -0.12 -2.71 -81.99
C THR B 715 0.17 -4.21 -81.87
N SER B 716 0.33 -4.67 -80.63
CA SER B 716 0.26 -6.09 -80.31
C SER B 716 0.29 -6.19 -78.79
N HIS B 717 -0.71 -6.84 -78.21
CA HIS B 717 -0.75 -6.91 -76.76
C HIS B 717 0.39 -7.75 -76.24
N ILE B 718 0.92 -7.35 -75.09
CA ILE B 718 2.12 -7.98 -74.56
C ILE B 718 1.97 -7.98 -73.06
N HIS B 719 1.92 -9.14 -72.48
CA HIS B 719 1.94 -9.22 -71.04
C HIS B 719 3.37 -9.01 -70.57
N LEU B 720 3.52 -8.45 -69.38
CA LEU B 720 4.81 -8.11 -68.80
C LEU B 720 4.86 -8.40 -67.31
N HIS B 721 6.06 -8.73 -66.83
CA HIS B 721 6.23 -9.08 -65.44
C HIS B 721 7.60 -8.63 -64.97
N VAL B 722 7.60 -7.96 -63.82
CA VAL B 722 8.79 -7.54 -63.11
C VAL B 722 8.72 -8.14 -61.71
N PRO B 723 9.65 -9.00 -61.30
CA PRO B 723 9.50 -9.67 -60.00
C PRO B 723 9.52 -8.68 -58.85
N GLU B 724 8.75 -9.01 -57.82
CA GLU B 724 8.73 -8.22 -56.61
C GLU B 724 10.00 -8.45 -55.78
N GLY B 725 10.29 -7.46 -54.95
CA GLY B 725 11.42 -7.46 -54.04
C GLY B 725 12.01 -6.07 -53.89
N ALA B 726 11.84 -5.23 -54.91
CA ALA B 726 12.31 -3.87 -54.81
C ALA B 726 11.47 -3.11 -53.79
N THR B 727 12.12 -2.22 -53.04
CA THR B 727 11.34 -1.31 -52.22
C THR B 727 10.63 -0.35 -53.17
N PRO B 728 9.43 0.13 -52.81
CA PRO B 728 8.56 0.82 -53.79
C PRO B 728 9.22 2.02 -54.44
N LYS B 729 10.05 2.73 -53.69
CA LYS B 729 10.71 3.93 -54.21
C LYS B 729 11.66 3.55 -55.34
N ASP B 730 12.17 2.33 -55.31
CA ASP B 730 13.09 1.89 -56.33
C ASP B 730 12.39 1.46 -57.59
N GLY B 731 11.06 1.26 -57.54
CA GLY B 731 10.26 0.80 -58.65
C GLY B 731 10.62 1.46 -59.97
N PRO B 732 10.51 2.79 -60.04
CA PRO B 732 10.89 3.47 -61.29
C PRO B 732 12.33 3.24 -61.66
N SER B 733 13.22 3.10 -60.67
CA SER B 733 14.65 3.06 -60.97
C SER B 733 14.99 1.87 -61.85
N ALA B 734 14.19 0.81 -61.80
CA ALA B 734 14.40 -0.31 -62.70
C ALA B 734 13.99 0.01 -64.12
N GLY B 735 13.23 1.10 -64.30
CA GLY B 735 12.40 1.27 -65.47
C GLY B 735 13.14 1.25 -66.78
N CYS B 736 14.41 1.66 -66.76
CA CYS B 736 15.16 1.79 -67.99
C CYS B 736 15.30 0.45 -68.68
N THR B 737 15.27 -0.63 -67.91
CA THR B 737 15.35 -1.94 -68.54
C THR B 737 14.13 -2.27 -69.35
N ILE B 738 12.97 -1.70 -68.96
CA ILE B 738 11.72 -2.09 -69.58
C ILE B 738 11.75 -1.78 -71.05
N VAL B 739 12.28 -0.61 -71.40
CA VAL B 739 12.29 -0.23 -72.79
C VAL B 739 13.20 -1.17 -73.55
N THR B 740 14.30 -1.56 -72.90
CA THR B 740 15.21 -2.49 -73.53
C THR B 740 14.52 -3.81 -73.79
N ALA B 741 13.66 -4.22 -72.85
CA ALA B 741 12.90 -5.45 -73.03
C ALA B 741 12.02 -5.30 -74.22
N LEU B 742 11.32 -4.16 -74.24
CA LEU B 742 10.40 -3.85 -75.31
C LEU B 742 11.13 -3.87 -76.62
N LEU B 743 12.29 -3.20 -76.65
CA LEU B 743 13.00 -3.12 -77.91
C LEU B 743 13.46 -4.49 -78.35
N SER B 744 13.98 -5.29 -77.42
CA SER B 744 14.44 -6.58 -77.85
C SER B 744 13.26 -7.42 -78.26
N LEU B 745 12.15 -7.29 -77.55
CA LEU B 745 10.99 -8.02 -77.98
C LEU B 745 10.50 -7.48 -79.32
N ALA B 746 10.55 -6.17 -79.50
CA ALA B 746 10.03 -5.62 -80.73
C ALA B 746 10.88 -6.00 -81.92
N MET B 747 12.08 -5.45 -81.96
CA MET B 747 12.98 -5.70 -83.07
C MET B 747 13.40 -7.17 -83.12
N GLY B 748 13.39 -7.86 -81.98
CA GLY B 748 13.83 -9.25 -81.87
C GLY B 748 15.29 -9.55 -81.63
N ARG B 749 16.17 -8.57 -81.56
CA ARG B 749 17.56 -8.90 -81.25
C ARG B 749 17.61 -9.25 -79.76
N PRO B 750 18.21 -10.37 -79.36
CA PRO B 750 18.45 -10.54 -77.93
C PRO B 750 19.41 -9.45 -77.49
N VAL B 751 19.21 -8.95 -76.27
CA VAL B 751 20.17 -8.00 -75.73
C VAL B 751 21.50 -8.70 -75.53
N ARG B 752 22.57 -7.92 -75.63
CA ARG B 752 23.92 -8.45 -75.52
C ARG B 752 24.09 -9.17 -74.17
N GLN B 753 24.74 -10.31 -74.20
CA GLN B 753 24.87 -11.15 -73.02
C GLN B 753 25.72 -10.49 -71.94
N ASN B 754 25.34 -10.71 -70.68
CA ASN B 754 26.13 -10.23 -69.54
C ASN B 754 26.31 -8.72 -69.59
N LEU B 755 25.18 -8.06 -69.48
CA LEU B 755 25.16 -6.60 -69.54
C LEU B 755 24.02 -6.15 -68.64
N ALA B 756 24.34 -5.90 -67.39
CA ALA B 756 23.33 -5.40 -66.50
C ALA B 756 23.05 -3.96 -66.84
N MET B 757 21.96 -3.43 -66.32
CA MET B 757 21.64 -2.02 -66.45
C MET B 757 20.47 -1.67 -65.56
N THR B 758 20.34 -0.39 -65.25
CA THR B 758 19.33 0.10 -64.34
C THR B 758 19.12 1.59 -64.64
N GLY B 759 18.46 2.30 -63.72
CA GLY B 759 18.19 3.71 -63.84
C GLY B 759 16.77 4.04 -64.28
N GLU B 760 16.39 5.28 -63.96
CA GLU B 760 15.09 5.85 -64.24
C GLU B 760 15.19 6.77 -65.46
N VAL B 761 14.05 6.96 -66.12
CA VAL B 761 13.94 7.75 -67.35
C VAL B 761 12.73 8.66 -67.24
N SER B 762 12.83 9.85 -67.84
CA SER B 762 11.88 10.92 -67.61
C SER B 762 11.21 11.23 -68.94
N LEU B 763 10.58 10.21 -69.47
CA LEU B 763 9.51 10.27 -70.45
C LEU B 763 10.04 10.61 -71.83
N THR B 764 11.33 10.87 -72.00
CA THR B 764 11.86 11.13 -73.34
C THR B 764 13.27 10.57 -73.49
N GLY B 765 13.65 9.59 -72.68
CA GLY B 765 14.95 8.97 -72.71
C GLY B 765 16.03 9.66 -71.94
N LYS B 766 15.76 10.80 -71.32
CA LYS B 766 16.76 11.39 -70.47
C LYS B 766 16.88 10.49 -69.25
N ILE B 767 18.08 10.29 -68.78
CA ILE B 767 18.34 9.43 -67.64
C ILE B 767 18.44 10.27 -66.38
N LEU B 768 18.20 9.63 -65.23
CA LEU B 768 18.17 10.27 -63.92
C LEU B 768 18.99 9.51 -62.88
N PRO B 769 19.50 10.21 -61.85
CA PRO B 769 20.26 9.54 -60.80
C PRO B 769 19.44 8.65 -59.90
N VAL B 770 20.12 7.65 -59.31
CA VAL B 770 19.51 6.79 -58.32
C VAL B 770 20.53 6.43 -57.25
N GLY B 771 20.03 6.22 -56.04
CA GLY B 771 20.84 5.90 -54.89
C GLY B 771 21.06 4.40 -54.73
N GLY B 772 21.80 4.06 -53.68
CA GLY B 772 22.01 2.66 -53.36
C GLY B 772 23.01 1.93 -54.22
N ILE B 773 23.94 2.64 -54.85
CA ILE B 773 24.76 2.05 -55.90
C ILE B 773 25.58 0.89 -55.36
N LYS B 774 25.96 0.94 -54.08
CA LYS B 774 26.82 -0.08 -53.52
C LYS B 774 26.13 -1.44 -53.51
N GLU B 775 24.83 -1.43 -53.26
CA GLU B 775 24.11 -2.68 -53.12
C GLU B 775 24.03 -3.35 -54.46
N LYS B 776 23.65 -2.57 -55.47
CA LYS B 776 23.59 -3.06 -56.82
C LYS B 776 24.96 -3.49 -57.29
N THR B 777 26.00 -2.79 -56.82
CA THR B 777 27.34 -3.13 -57.23
C THR B 777 27.71 -4.50 -56.75
N ILE B 778 27.50 -4.76 -55.47
CA ILE B 778 27.87 -6.04 -54.93
C ILE B 778 27.04 -7.15 -55.56
N ALA B 779 25.78 -6.87 -55.86
CA ALA B 779 24.96 -7.92 -56.43
C ALA B 779 25.43 -8.26 -57.84
N ALA B 780 25.68 -7.23 -58.65
CA ALA B 780 26.15 -7.46 -60.01
C ALA B 780 27.53 -8.10 -60.03
N LYS B 781 28.38 -7.70 -59.08
CA LYS B 781 29.71 -8.27 -58.98
C LYS B 781 29.60 -9.74 -58.65
N ARG B 782 28.68 -10.06 -57.75
CA ARG B 782 28.45 -11.44 -57.36
C ARG B 782 27.84 -12.22 -58.51
N ALA B 783 27.07 -11.55 -59.35
CA ALA B 783 26.41 -12.26 -60.42
C ALA B 783 27.31 -12.51 -61.61
N GLY B 784 28.49 -11.90 -61.64
CA GLY B 784 29.39 -12.16 -62.73
C GLY B 784 29.14 -11.33 -63.96
N VAL B 785 28.13 -10.47 -63.95
CA VAL B 785 27.89 -9.61 -65.08
C VAL B 785 29.01 -8.58 -65.21
N THR B 786 29.29 -8.17 -66.45
CA THR B 786 30.51 -7.42 -66.77
C THR B 786 30.33 -6.30 -67.79
N CYS B 787 29.13 -5.76 -67.99
CA CYS B 787 29.01 -4.56 -68.81
C CYS B 787 27.95 -3.60 -68.31
N ILE B 788 27.90 -3.37 -66.99
CA ILE B 788 26.87 -2.51 -66.40
C ILE B 788 26.96 -1.10 -66.99
N VAL B 789 25.82 -0.47 -67.19
CA VAL B 789 25.74 0.91 -67.68
C VAL B 789 24.89 1.69 -66.69
N LEU B 790 25.32 2.90 -66.36
CA LEU B 790 24.76 3.68 -65.26
C LEU B 790 24.54 5.13 -65.64
N PRO B 791 23.68 5.85 -64.91
CA PRO B 791 23.57 7.29 -65.17
C PRO B 791 24.88 8.01 -64.92
N ALA B 792 25.17 9.00 -65.77
CA ALA B 792 26.37 9.78 -65.54
C ALA B 792 26.28 10.55 -64.24
N GLU B 793 25.07 10.90 -63.82
CA GLU B 793 24.90 11.82 -62.70
C GLU B 793 25.40 11.21 -61.40
N ASN B 794 25.40 9.89 -61.30
CA ASN B 794 25.87 9.20 -60.12
C ASN B 794 27.37 8.94 -60.16
N LYS B 795 28.10 9.53 -61.12
CA LYS B 795 29.53 9.28 -61.34
C LYS B 795 30.32 9.31 -60.04
N LYS B 796 30.12 10.37 -59.24
CA LYS B 796 30.77 10.52 -57.94
C LYS B 796 30.57 9.27 -57.14
N ASP B 797 29.31 8.86 -57.03
CA ASP B 797 28.94 7.75 -56.18
C ASP B 797 29.61 6.48 -56.68
N PHE B 798 29.87 6.39 -57.99
CA PHE B 798 30.55 5.23 -58.51
C PHE B 798 31.98 5.18 -58.05
N TYR B 799 32.57 6.33 -57.84
CA TYR B 799 33.96 6.40 -57.48
C TYR B 799 34.09 6.31 -55.99
N ASP B 800 32.99 6.34 -55.25
CA ASP B 800 33.09 6.23 -53.82
C ASP B 800 33.35 4.79 -53.38
N LEU B 801 33.19 3.82 -54.27
CA LEU B 801 33.39 2.42 -53.97
C LEU B 801 34.86 2.02 -53.93
N ALA B 802 35.13 1.01 -53.11
CA ALA B 802 36.47 0.43 -53.01
C ALA B 802 36.86 -0.12 -54.37
N ALA B 803 38.14 0.06 -54.73
CA ALA B 803 38.56 -0.25 -56.09
C ALA B 803 38.39 -1.73 -56.42
N PHE B 804 38.62 -2.61 -55.46
CA PHE B 804 38.51 -4.03 -55.72
C PHE B 804 37.06 -4.42 -55.92
N ILE B 805 36.15 -3.74 -55.25
CA ILE B 805 34.73 -4.03 -55.40
C ILE B 805 34.28 -3.67 -56.80
N THR B 806 34.79 -2.59 -57.33
CA THR B 806 34.40 -2.07 -58.62
C THR B 806 35.23 -2.67 -59.74
N GLU B 807 36.07 -3.64 -59.44
CA GLU B 807 36.94 -4.22 -60.44
C GLU B 807 36.15 -5.00 -61.48
N GLY B 808 36.56 -4.86 -62.75
CA GLY B 808 36.18 -5.79 -63.81
C GLY B 808 34.89 -5.56 -64.56
N LEU B 809 34.15 -4.49 -64.32
CA LEU B 809 32.87 -4.24 -64.98
C LEU B 809 32.86 -2.89 -65.67
N GLU B 810 32.48 -2.89 -66.93
CA GLU B 810 32.63 -1.74 -67.84
C GLU B 810 31.48 -0.76 -67.71
N VAL B 811 31.65 0.28 -66.90
CA VAL B 811 30.63 1.32 -66.87
C VAL B 811 30.59 2.04 -68.20
N HIS B 812 29.38 2.45 -68.58
CA HIS B 812 29.16 3.32 -69.73
C HIS B 812 28.22 4.33 -69.13
N PHE B 813 28.75 5.45 -68.65
CA PHE B 813 27.85 6.45 -68.13
C PHE B 813 27.03 7.05 -69.25
N VAL B 814 25.76 7.31 -68.96
CA VAL B 814 24.83 7.79 -69.97
C VAL B 814 23.80 8.70 -69.33
N GLU B 815 23.63 9.88 -69.90
CA GLU B 815 22.62 10.81 -69.46
C GLU B 815 21.33 10.67 -70.23
N HIS B 816 21.37 10.06 -71.42
CA HIS B 816 20.22 9.90 -72.30
C HIS B 816 20.12 8.49 -72.86
N TYR B 817 19.01 7.79 -72.54
CA TYR B 817 18.68 6.45 -73.01
C TYR B 817 19.12 6.10 -74.42
N ARG B 818 18.90 7.01 -75.37
CA ARG B 818 19.34 6.77 -76.73
C ARG B 818 20.78 6.27 -76.85
N GLU B 819 21.67 6.74 -75.98
CA GLU B 819 23.02 6.22 -76.02
C GLU B 819 23.01 4.74 -75.65
N ILE B 820 22.16 4.37 -74.69
CA ILE B 820 22.04 2.99 -74.28
C ILE B 820 21.47 2.21 -75.44
N PHE B 821 20.61 2.84 -76.23
CA PHE B 821 20.11 2.14 -77.40
C PHE B 821 21.24 1.83 -78.35
N ASP B 822 22.25 2.69 -78.41
CA ASP B 822 23.40 2.37 -79.22
C ASP B 822 24.15 1.20 -78.61
N ILE B 823 24.19 1.14 -77.28
CA ILE B 823 25.10 0.20 -76.65
C ILE B 823 24.50 -1.19 -76.64
N ALA B 824 23.20 -1.29 -76.33
CA ALA B 824 22.59 -2.61 -76.22
C ALA B 824 22.64 -3.37 -77.53
N PHE B 825 22.65 -2.66 -78.66
CA PHE B 825 22.53 -3.22 -80.00
C PHE B 825 23.75 -2.75 -80.79
N PRO B 826 24.91 -3.36 -80.56
CA PRO B 826 26.02 -3.04 -81.44
C PRO B 826 25.78 -3.64 -82.82
N HIS C 1 -8.03 50.49 80.44
CA HIS C 1 -8.56 51.45 79.48
C HIS C 1 -7.69 51.55 78.23
N LEU C 2 -7.58 50.45 77.50
CA LEU C 2 -6.81 50.39 76.28
C LEU C 2 -7.73 49.88 75.18
N PRO C 3 -7.51 50.24 73.92
CA PRO C 3 -8.42 49.72 72.90
C PRO C 3 -8.19 48.24 72.69
N LEU C 4 -9.23 47.55 72.21
CA LEU C 4 -9.08 46.12 71.97
C LEU C 4 -8.07 45.92 70.86
N ILE C 5 -7.36 44.84 70.93
CA ILE C 5 -6.33 44.52 69.94
C ILE C 5 -7.01 43.79 68.80
N ALA C 6 -6.46 43.96 67.60
CA ALA C 6 -6.96 43.32 66.40
C ALA C 6 -6.24 41.99 66.33
N ILE C 7 -6.83 40.98 67.00
CA ILE C 7 -6.27 39.63 67.07
C ILE C 7 -5.91 39.13 65.68
N THR C 8 -6.83 39.27 64.73
CA THR C 8 -6.62 38.88 63.33
C THR C 8 -6.11 37.45 63.21
N ARG C 9 -7.02 36.51 63.45
CA ARG C 9 -6.76 35.07 63.37
C ARG C 9 -5.51 34.61 64.14
N ASN C 10 -5.59 34.74 65.47
CA ASN C 10 -4.50 34.33 66.36
C ASN C 10 -5.07 33.84 67.68
N PRO C 11 -5.27 32.51 67.82
CA PRO C 11 -5.82 31.97 69.07
C PRO C 11 -4.73 31.84 70.11
N VAL C 12 -5.00 32.24 71.35
CA VAL C 12 -4.03 32.16 72.43
C VAL C 12 -4.62 31.27 73.52
N PHE C 13 -4.39 29.97 73.35
CA PHE C 13 -4.87 28.95 74.28
C PHE C 13 -4.24 29.23 75.65
N PRO C 14 -4.94 28.98 76.77
CA PRO C 14 -4.31 29.21 78.09
C PRO C 14 -2.98 28.46 78.21
N ARG C 15 -1.98 29.14 78.80
CA ARG C 15 -0.64 28.59 79.03
C ARG C 15 -0.05 27.92 77.78
N PHE C 16 -0.02 28.69 76.69
CA PHE C 16 0.50 28.20 75.42
C PHE C 16 1.07 29.44 74.75
N ILE C 17 2.40 29.52 74.66
CA ILE C 17 3.08 30.66 74.06
C ILE C 17 2.58 30.88 72.65
N LYS C 18 2.30 32.15 72.32
CA LYS C 18 1.82 32.46 70.99
C LYS C 18 2.39 33.81 70.57
N ILE C 19 2.41 34.05 69.27
CA ILE C 19 2.92 35.28 68.67
C ILE C 19 1.78 35.95 67.92
N ILE C 20 1.75 37.28 67.95
CA ILE C 20 0.74 38.07 67.24
C ILE C 20 1.54 39.04 66.38
N GLU C 21 1.18 39.09 65.10
CA GLU C 21 1.81 39.94 64.12
C GLU C 21 0.71 40.61 63.30
N VAL C 22 0.08 41.61 63.88
CA VAL C 22 -0.96 42.32 63.15
C VAL C 22 -0.27 43.12 62.06
N LYS C 23 -0.92 43.26 60.91
CA LYS C 23 -0.29 44.00 59.83
C LYS C 23 -0.43 45.49 60.03
N ASN C 24 -1.48 45.93 60.71
CA ASN C 24 -1.66 47.36 60.93
C ASN C 24 -0.56 47.88 61.84
N LYS C 25 -0.23 49.15 61.68
CA LYS C 25 0.81 49.79 62.49
C LYS C 25 0.21 50.72 63.53
N LYS C 26 -1.12 50.80 63.64
CA LYS C 26 -1.70 51.65 64.67
C LYS C 26 -1.61 50.94 66.01
N LEU C 27 -1.51 49.60 66.00
CA LEU C 27 -1.37 48.83 67.22
C LEU C 27 0.06 48.89 67.73
N VAL C 28 1.01 49.21 66.85
CA VAL C 28 2.40 49.30 67.29
C VAL C 28 2.52 50.56 68.12
N GLU C 29 1.66 51.55 67.86
CA GLU C 29 1.72 52.76 68.65
C GLU C 29 1.33 52.42 70.07
N LEU C 30 0.35 51.52 70.24
CA LEU C 30 -0.03 51.16 71.59
C LEU C 30 1.03 50.27 72.22
N LEU C 31 1.73 49.45 71.42
CA LEU C 31 2.75 48.59 71.99
C LEU C 31 3.99 49.39 72.42
N ARG C 32 4.25 50.52 71.72
CA ARG C 32 5.39 51.39 72.05
C ARG C 32 5.02 52.35 73.16
N ARG C 33 3.72 52.61 73.36
CA ARG C 33 3.27 53.49 74.42
C ARG C 33 3.30 52.77 75.77
N LYS C 34 3.38 51.43 75.78
CA LYS C 34 3.47 50.65 77.01
C LYS C 34 4.91 50.24 77.31
N VAL C 35 5.89 50.72 76.54
CA VAL C 35 7.28 50.40 76.80
C VAL C 35 7.79 51.28 77.94
N ARG C 36 7.10 52.40 78.22
CA ARG C 36 7.50 53.29 79.29
C ARG C 36 7.13 52.67 80.63
N LEU C 37 6.17 51.74 80.64
CA LEU C 37 5.75 51.07 81.85
C LEU C 37 6.87 50.17 82.34
N ALA C 38 6.92 49.95 83.65
CA ALA C 38 7.96 49.09 84.19
C ALA C 38 7.59 47.62 84.01
N GLN C 39 6.29 47.32 83.99
CA GLN C 39 5.74 45.98 83.80
C GLN C 39 4.77 46.08 82.62
N PRO C 40 5.24 45.90 81.38
CA PRO C 40 4.31 46.01 80.25
C PRO C 40 3.46 44.76 80.15
N TYR C 41 2.28 44.93 79.58
CA TYR C 41 1.35 43.81 79.44
C TYR C 41 0.40 44.07 78.28
N VAL C 42 -0.29 43.00 77.89
CA VAL C 42 -1.24 43.04 76.79
C VAL C 42 -2.36 42.04 77.08
N GLY C 43 -3.53 42.35 76.54
CA GLY C 43 -4.67 41.49 76.75
C GLY C 43 -4.93 40.80 75.44
N VAL C 44 -5.56 39.64 75.53
CA VAL C 44 -5.90 38.81 74.40
C VAL C 44 -7.36 38.48 74.53
N PHE C 45 -8.10 38.68 73.47
CA PHE C 45 -9.51 38.41 73.43
C PHE C 45 -9.72 37.52 72.22
N LEU C 46 -10.95 37.06 71.98
CA LEU C 46 -11.23 36.23 70.83
C LEU C 46 -12.24 36.98 69.97
N LYS C 47 -12.19 36.74 68.68
CA LYS C 47 -13.04 37.37 67.69
C LYS C 47 -14.28 36.52 67.43
N ARG C 48 -15.35 37.17 66.96
CA ARG C 48 -16.59 36.46 66.68
C ARG C 48 -16.61 35.98 65.24
N ASP C 49 -17.73 35.35 64.88
CA ASP C 49 -17.88 34.84 63.52
C ASP C 49 -17.83 35.99 62.53
N ASP C 50 -17.47 35.65 61.29
CA ASP C 50 -17.33 36.63 60.21
C ASP C 50 -16.38 37.75 60.65
N SER C 51 -15.12 37.36 60.80
CA SER C 51 -14.07 38.28 61.23
C SER C 51 -13.99 39.51 60.34
N ASN C 52 -13.72 40.67 60.95
CA ASN C 52 -13.61 41.92 60.19
C ASN C 52 -12.74 42.89 60.96
N GLU C 53 -11.60 43.29 60.39
CA GLU C 53 -10.71 44.20 61.08
C GLU C 53 -11.29 45.61 61.16
N SER C 54 -12.11 45.98 60.18
CA SER C 54 -12.69 47.32 60.24
C SER C 54 -13.75 47.39 61.30
N ASP C 55 -14.43 46.26 61.60
CA ASP C 55 -15.44 46.37 62.63
C ASP C 55 -14.77 46.29 63.99
N VAL C 56 -13.59 45.64 64.08
CA VAL C 56 -12.88 45.56 65.34
C VAL C 56 -12.45 46.96 65.76
N VAL C 57 -12.04 47.78 64.79
CA VAL C 57 -11.60 49.15 65.10
C VAL C 57 -12.77 50.13 65.15
N GLU C 58 -13.91 49.81 64.52
CA GLU C 58 -15.05 50.72 64.53
C GLU C 58 -15.87 50.53 65.79
N SER C 59 -16.29 49.29 66.05
CA SER C 59 -17.09 48.91 67.20
C SER C 59 -16.26 47.97 68.06
N LEU C 60 -16.67 47.83 69.31
CA LEU C 60 -15.97 46.97 70.26
C LEU C 60 -16.81 45.78 70.70
N ASP C 61 -17.95 45.51 70.04
CA ASP C 61 -18.80 44.37 70.39
C ASP C 61 -18.44 43.10 69.62
N GLU C 62 -17.76 43.24 68.47
CA GLU C 62 -17.35 42.09 67.65
C GLU C 62 -16.53 41.10 68.47
N ILE C 63 -15.57 41.61 69.24
CA ILE C 63 -14.71 40.76 70.04
C ILE C 63 -15.54 40.04 71.10
N TYR C 64 -15.18 38.79 71.40
CA TYR C 64 -15.94 38.07 72.41
C TYR C 64 -15.62 38.62 73.78
N HIS C 65 -16.53 38.33 74.70
CA HIS C 65 -16.38 38.82 76.06
C HIS C 65 -15.20 38.13 76.76
N THR C 66 -14.90 36.89 76.40
CA THR C 66 -13.78 36.21 77.02
C THR C 66 -12.47 36.88 76.62
N GLY C 67 -11.54 36.85 77.55
CA GLY C 67 -10.23 37.42 77.37
C GLY C 67 -9.23 36.62 78.16
N THR C 68 -7.98 36.71 77.77
CA THR C 68 -6.88 36.03 78.43
C THR C 68 -5.81 37.12 78.56
N PHE C 69 -5.84 37.84 79.68
CA PHE C 69 -4.86 38.88 79.92
C PHE C 69 -3.51 38.26 80.30
N ALA C 70 -2.42 38.91 79.88
CA ALA C 70 -1.11 38.39 80.23
C ALA C 70 -0.07 39.49 80.07
N GLN C 71 1.14 39.20 80.52
CA GLN C 71 2.23 40.15 80.41
C GLN C 71 3.07 39.78 79.19
N ILE C 72 3.61 40.80 78.55
CA ILE C 72 4.46 40.59 77.40
C ILE C 72 5.79 40.14 77.96
N HIS C 73 6.54 39.40 77.16
CA HIS C 73 7.83 38.87 77.58
C HIS C 73 8.86 39.78 76.93
N GLU C 74 9.00 39.73 75.61
CA GLU C 74 9.99 40.60 75.00
C GLU C 74 9.73 40.67 73.51
N MET C 75 10.00 41.84 72.96
CA MET C 75 9.85 42.09 71.54
C MET C 75 11.14 41.71 70.85
N GLN C 76 11.02 41.35 69.57
CA GLN C 76 12.17 40.94 68.77
C GLN C 76 12.14 41.75 67.50
N ASP C 77 11.04 41.65 66.75
CA ASP C 77 10.84 42.35 65.48
C ASP C 77 12.04 42.17 64.56
N LEU C 78 12.23 40.91 64.15
CA LEU C 78 13.34 40.58 63.26
C LEU C 78 13.04 41.02 61.84
N GLY C 79 11.90 40.60 61.29
CA GLY C 79 11.52 40.97 59.94
C GLY C 79 10.47 42.05 59.93
N ASP C 80 9.33 41.83 60.60
CA ASP C 80 8.29 42.85 60.63
C ASP C 80 8.53 43.81 61.78
N LYS C 81 7.70 44.85 61.84
CA LYS C 81 7.77 45.87 62.87
C LYS C 81 6.75 45.64 63.99
N LEU C 82 6.02 44.50 63.97
CA LEU C 82 5.02 44.14 64.96
C LEU C 82 5.10 42.64 65.26
N ARG C 83 6.07 42.26 66.10
CA ARG C 83 6.28 40.86 66.49
C ARG C 83 6.08 40.74 68.01
N MET C 84 4.82 40.77 68.44
CA MET C 84 4.56 40.67 69.87
C MET C 84 4.37 39.23 70.30
N ILE C 85 4.70 38.95 71.56
CA ILE C 85 4.54 37.65 72.16
C ILE C 85 3.33 37.77 73.07
N VAL C 86 2.48 36.76 73.06
CA VAL C 86 1.28 36.70 73.87
C VAL C 86 1.31 35.38 74.63
N MET C 87 0.56 35.37 75.72
CA MET C 87 0.46 34.22 76.59
C MET C 87 -0.91 34.23 77.23
N GLY C 88 -1.31 33.03 77.67
CA GLY C 88 -2.57 32.84 78.34
C GLY C 88 -2.26 32.66 79.80
N HIS C 89 -2.41 33.72 80.59
CA HIS C 89 -2.12 33.71 82.01
C HIS C 89 -3.38 33.86 82.87
N ARG C 90 -4.12 34.94 82.68
CA ARG C 90 -5.33 35.23 83.45
C ARG C 90 -6.54 35.21 82.54
N ARG C 91 -7.32 34.13 82.61
CA ARG C 91 -8.51 34.04 81.80
C ARG C 91 -9.56 34.92 82.45
N VAL C 92 -10.46 35.44 81.63
CA VAL C 92 -11.51 36.33 82.09
C VAL C 92 -12.69 36.24 81.14
N HIS C 93 -13.87 36.59 81.66
CA HIS C 93 -15.11 36.59 80.91
C HIS C 93 -15.64 37.95 81.31
N ILE C 94 -15.24 38.96 80.54
CA ILE C 94 -15.65 40.33 80.84
C ILE C 94 -17.17 40.45 80.83
N SER C 95 -17.72 41.18 81.80
CA SER C 95 -19.17 41.34 81.83
C SER C 95 -19.62 42.14 80.61
N ARG C 96 -18.92 43.24 80.34
CA ARG C 96 -19.20 44.12 79.21
C ARG C 96 -17.87 44.70 78.73
N GLN C 97 -17.40 44.31 77.56
CA GLN C 97 -16.12 44.89 77.11
C GLN C 97 -16.32 46.35 76.71
N LEU C 98 -17.53 46.70 76.25
CA LEU C 98 -17.86 48.06 75.84
C LEU C 98 -17.64 49.05 76.97
N GLU C 99 -18.08 48.71 78.17
CA GLU C 99 -17.93 49.58 79.32
C GLU C 99 -16.49 49.66 79.77
N MET C 150 -11.60 49.96 80.09
CA MET C 150 -12.82 49.20 80.18
C MET C 150 -12.83 48.31 81.42
N VAL C 151 -13.95 48.36 82.13
CA VAL C 151 -14.14 47.59 83.36
C VAL C 151 -13.97 46.10 83.11
N GLU C 152 -13.33 45.43 84.07
CA GLU C 152 -13.09 44.00 83.98
C GLU C 152 -13.01 43.41 85.38
N VAL C 153 -13.27 42.11 85.45
CA VAL C 153 -13.24 41.38 86.71
C VAL C 153 -12.87 39.94 86.39
N GLU C 154 -12.04 39.35 87.25
CA GLU C 154 -11.57 37.98 87.11
C GLU C 154 -12.61 36.95 87.60
N ASN C 155 -13.67 36.80 86.80
CA ASN C 155 -14.77 35.87 87.10
C ASN C 155 -14.45 34.45 86.57
N VAL C 156 -13.29 33.94 86.99
CA VAL C 156 -12.78 32.63 86.61
C VAL C 156 -13.41 31.50 87.41
N VAL C 157 -14.63 31.09 87.04
CA VAL C 157 -15.28 30.01 87.77
C VAL C 157 -14.46 28.73 87.57
N HIS C 158 -14.31 27.95 88.64
CA HIS C 158 -13.53 26.72 88.56
C HIS C 158 -13.92 25.66 89.60
N GLU C 159 -15.17 25.20 89.60
CA GLU C 159 -15.55 24.21 90.58
C GLU C 159 -14.90 22.87 90.29
N ASP C 160 -14.46 22.16 91.33
CA ASP C 160 -13.83 20.85 91.20
C ASP C 160 -14.12 20.05 92.46
N PHE C 161 -14.31 18.75 92.31
CA PHE C 161 -14.62 17.90 93.46
C PHE C 161 -13.43 17.80 94.41
N GLN C 162 -13.72 17.79 95.72
CA GLN C 162 -12.65 17.63 96.71
C GLN C 162 -11.92 16.31 96.47
N VAL C 163 -12.69 15.25 96.29
CA VAL C 163 -12.18 13.90 96.04
C VAL C 163 -11.64 13.87 94.62
N THR C 164 -10.32 13.87 94.50
CA THR C 164 -9.64 13.85 93.21
C THR C 164 -8.92 12.53 93.07
N GLU C 165 -9.70 11.45 93.08
CA GLU C 165 -9.21 10.10 92.86
C GLU C 165 -9.84 9.57 91.58
N GLU C 166 -11.17 9.54 91.51
CA GLU C 166 -11.86 9.12 90.31
C GLU C 166 -11.75 10.18 89.22
N VAL C 167 -11.46 11.43 89.60
CA VAL C 167 -11.45 12.53 88.63
C VAL C 167 -10.17 12.56 87.84
N LYS C 168 -9.15 11.81 88.23
CA LYS C 168 -7.92 11.80 87.48
C LYS C 168 -7.83 10.54 86.64
N ALA C 169 -8.87 9.66 86.66
CA ALA C 169 -8.75 8.49 85.80
C ALA C 169 -8.99 8.90 84.37
N LEU C 170 -9.85 9.91 84.18
CA LEU C 170 -10.10 10.40 82.84
C LEU C 170 -8.87 11.16 82.39
N THR C 171 -8.18 11.83 83.34
CA THR C 171 -6.96 12.56 83.02
C THR C 171 -5.95 11.62 82.36
N ALA C 172 -5.90 10.36 82.84
CA ALA C 172 -4.96 9.39 82.26
C ALA C 172 -5.32 9.14 80.82
N GLU C 173 -6.61 9.17 80.50
CA GLU C 173 -7.07 8.96 79.14
C GLU C 173 -6.84 10.22 78.30
N ILE C 174 -6.91 11.40 78.94
CA ILE C 174 -6.68 12.65 78.20
C ILE C 174 -5.23 12.75 77.75
N VAL C 175 -4.31 12.38 78.62
CA VAL C 175 -2.92 12.45 78.21
C VAL C 175 -2.63 11.28 77.27
N LYS C 176 -3.38 10.18 77.41
CA LYS C 176 -3.15 9.06 76.50
C LYS C 176 -3.72 9.40 75.14
N THR C 177 -4.81 10.19 75.12
CA THR C 177 -5.38 10.56 73.84
C THR C 177 -4.46 11.57 73.20
N ILE C 178 -3.81 12.40 74.02
CA ILE C 178 -2.88 13.38 73.48
C ILE C 178 -1.67 12.63 72.95
N ARG C 179 -1.29 11.53 73.62
CA ARG C 179 -0.14 10.77 73.15
C ARG C 179 -0.50 10.08 71.84
N ASP C 180 -1.76 9.65 71.69
CA ASP C 180 -2.11 9.00 70.43
C ASP C 180 -2.34 10.05 69.36
N ILE C 181 -2.73 11.27 69.76
CA ILE C 181 -2.95 12.31 68.76
C ILE C 181 -1.62 12.79 68.27
N ILE C 182 -0.63 12.89 69.15
CA ILE C 182 0.69 13.33 68.72
C ILE C 182 1.47 12.17 68.11
N ALA C 183 1.02 10.92 68.31
CA ALA C 183 1.73 9.80 67.69
C ALA C 183 1.19 9.51 66.30
N LEU C 184 -0.13 9.54 66.14
CA LEU C 184 -0.77 9.29 64.85
C LEU C 184 -0.89 10.56 64.03
N ASN C 185 -0.94 11.72 64.68
CA ASN C 185 -1.01 13.03 64.04
C ASN C 185 -0.01 13.94 64.74
N PRO C 186 1.29 13.74 64.50
CA PRO C 186 2.28 14.55 65.22
C PRO C 186 2.29 16.00 64.74
N LEU C 187 2.03 16.91 65.69
CA LEU C 187 1.99 18.34 65.42
C LEU C 187 3.20 19.02 66.04
N TYR C 188 3.37 18.92 67.36
CA TYR C 188 4.48 19.50 68.10
C TYR C 188 5.35 18.40 68.71
N ARG C 189 6.45 18.83 69.29
CA ARG C 189 7.41 17.94 69.93
C ARG C 189 6.84 17.28 71.19
N GLU C 190 7.40 16.12 71.52
CA GLU C 190 7.00 15.33 72.69
C GLU C 190 7.88 15.60 73.90
N SER C 191 8.84 16.53 73.81
CA SER C 191 9.72 16.82 74.93
C SER C 191 8.97 17.53 76.04
N VAL C 192 7.92 18.28 75.70
CA VAL C 192 7.15 18.94 76.75
C VAL C 192 6.40 17.89 77.56
N LEU C 193 6.01 16.78 76.92
CA LEU C 193 5.31 15.74 77.65
C LEU C 193 6.29 14.99 78.55
N GLN C 194 7.58 14.88 78.16
CA GLN C 194 8.55 14.22 79.03
C GLN C 194 8.96 15.11 80.19
N MET C 195 8.88 16.43 80.02
CA MET C 195 9.21 17.34 81.11
C MET C 195 8.12 17.29 82.17
N MET C 196 6.87 17.33 81.73
CA MET C 196 5.68 17.31 82.57
C MET C 196 5.07 15.90 82.45
N GLN C 197 5.54 15.01 83.32
CA GLN C 197 5.17 13.59 83.34
C GLN C 197 3.86 13.37 84.09
N ALA C 198 3.31 12.16 83.93
CA ALA C 198 2.08 11.77 84.61
C ALA C 198 2.41 11.12 85.96
N GLY C 199 3.42 10.24 85.97
CA GLY C 199 3.88 9.57 87.17
C GLY C 199 4.26 10.68 88.13
N GLN C 200 5.27 11.44 87.72
CA GLN C 200 5.74 12.60 88.45
C GLN C 200 4.60 13.61 88.42
N ARG C 201 3.90 13.76 89.54
CA ARG C 201 2.74 14.64 89.58
C ARG C 201 3.27 16.04 89.85
N VAL C 202 3.66 16.71 88.76
CA VAL C 202 4.16 18.08 88.79
C VAL C 202 3.24 18.98 87.96
N VAL C 203 1.95 18.65 87.95
CA VAL C 203 0.96 19.40 87.20
C VAL C 203 0.21 20.22 88.23
N ASP C 204 0.84 21.30 88.70
CA ASP C 204 0.21 22.19 89.67
C ASP C 204 -1.07 22.82 89.17
N ASN C 205 -1.25 22.93 87.85
CA ASN C 205 -2.45 23.51 87.24
C ASN C 205 -3.03 22.53 86.23
N PRO C 206 -3.87 21.57 86.66
CA PRO C 206 -4.42 20.62 85.67
C PRO C 206 -5.26 21.29 84.59
N ILE C 207 -6.09 22.28 84.93
CA ILE C 207 -6.87 22.96 83.90
C ILE C 207 -5.95 23.51 82.81
N TYR C 208 -4.81 24.07 83.22
CA TYR C 208 -3.85 24.58 82.25
C TYR C 208 -3.23 23.45 81.45
N LEU C 209 -2.96 22.30 82.09
CA LEU C 209 -2.38 21.20 81.32
C LEU C 209 -3.39 20.72 80.29
N SER C 210 -4.68 20.70 80.67
CA SER C 210 -5.72 20.28 79.73
C SER C 210 -5.83 21.30 78.62
N ASP C 211 -5.66 22.60 78.93
CA ASP C 211 -5.72 23.63 77.90
C ASP C 211 -4.54 23.48 76.95
N MET C 212 -3.37 23.18 77.50
CA MET C 212 -2.18 22.99 76.66
C MET C 212 -2.39 21.79 75.77
N GLY C 213 -3.06 20.76 76.29
CA GLY C 213 -3.34 19.57 75.52
C GLY C 213 -4.41 19.82 74.48
N ALA C 214 -5.38 20.69 74.81
CA ALA C 214 -6.45 21.04 73.91
C ALA C 214 -5.95 21.96 72.83
N ALA C 215 -4.76 22.57 73.03
CA ALA C 215 -4.21 23.44 72.01
C ALA C 215 -3.78 22.61 70.81
N LEU C 216 -3.48 21.32 71.01
CA LEU C 216 -3.11 20.47 69.90
C LEU C 216 -4.31 20.20 69.01
N THR C 217 -5.52 20.33 69.55
CA THR C 217 -6.75 20.13 68.80
C THR C 217 -6.83 21.13 67.65
N GLY C 218 -7.41 20.68 66.55
CA GLY C 218 -7.59 21.47 65.36
C GLY C 218 -8.94 22.15 65.28
N ALA C 219 -9.72 22.08 66.37
CA ALA C 219 -11.04 22.68 66.44
C ALA C 219 -11.02 24.17 66.12
N GLU C 220 -12.08 24.61 65.47
CA GLU C 220 -12.27 26.00 65.06
C GLU C 220 -12.16 26.94 66.25
N SER C 221 -11.75 28.18 65.99
CA SER C 221 -11.65 29.19 67.05
C SER C 221 -12.98 29.29 67.79
N HIS C 222 -14.08 29.33 67.02
CA HIS C 222 -15.44 29.36 67.56
C HIS C 222 -15.61 28.26 68.60
N GLU C 223 -15.20 27.03 68.24
CA GLU C 223 -15.27 25.89 69.14
C GLU C 223 -14.51 26.17 70.43
N LEU C 224 -13.36 26.85 70.33
CA LEU C 224 -12.59 27.16 71.54
C LEU C 224 -13.42 28.08 72.41
N GLN C 225 -14.06 29.07 71.78
CA GLN C 225 -14.92 29.97 72.54
C GLN C 225 -16.02 29.17 73.20
N ASP C 226 -16.58 28.19 72.48
CA ASP C 226 -17.65 27.35 73.02
C ASP C 226 -17.15 26.56 74.22
N VAL C 227 -15.91 26.07 74.18
CA VAL C 227 -15.41 25.32 75.32
C VAL C 227 -15.26 26.28 76.48
N LEU C 228 -14.91 27.54 76.18
CA LEU C 228 -14.79 28.52 77.24
C LEU C 228 -16.17 28.92 77.77
N GLU C 229 -17.20 28.88 76.90
CA GLU C 229 -18.57 29.21 77.30
C GLU C 229 -19.07 28.26 78.36
N GLU C 230 -18.64 27.00 78.29
CA GLU C 230 -19.06 26.00 79.27
C GLU C 230 -18.55 26.48 80.61
N THR C 231 -19.41 26.43 81.62
CA THR C 231 -19.00 26.89 82.95
C THR C 231 -18.62 25.73 83.84
N ASN C 232 -19.36 24.63 83.82
CA ASN C 232 -18.96 23.51 84.65
C ASN C 232 -17.63 22.98 84.12
N ILE C 233 -16.84 22.41 85.02
CA ILE C 233 -15.53 21.88 84.65
C ILE C 233 -15.70 20.54 83.93
N PRO C 234 -16.60 19.62 84.34
CA PRO C 234 -16.69 18.40 83.54
C PRO C 234 -17.30 18.66 82.19
N LYS C 235 -18.15 19.68 82.01
CA LYS C 235 -18.70 19.92 80.69
C LYS C 235 -17.60 20.37 79.73
N ARG C 236 -16.76 21.32 80.16
CA ARG C 236 -15.69 21.78 79.28
C ARG C 236 -14.67 20.67 79.08
N LEU C 237 -14.47 19.82 80.10
CA LEU C 237 -13.52 18.72 79.97
C LEU C 237 -14.02 17.72 78.93
N TYR C 238 -15.30 17.38 78.98
CA TYR C 238 -15.83 16.47 77.98
C TYR C 238 -15.85 17.14 76.63
N LYS C 239 -16.14 18.45 76.57
CA LYS C 239 -16.07 19.14 75.28
C LYS C 239 -14.66 19.09 74.72
N ALA C 240 -13.63 19.25 75.57
CA ALA C 240 -12.26 19.18 75.08
C ALA C 240 -12.00 17.78 74.53
N LEU C 241 -12.50 16.77 75.25
CA LEU C 241 -12.38 15.40 74.77
C LEU C 241 -13.15 15.24 73.48
N SER C 242 -14.32 15.90 73.38
CA SER C 242 -15.12 15.85 72.17
C SER C 242 -14.34 16.44 71.01
N LEU C 243 -13.60 17.52 71.26
CA LEU C 243 -12.81 18.16 70.22
C LEU C 243 -11.79 17.17 69.72
N LEU C 244 -11.16 16.46 70.68
CA LEU C 244 -10.16 15.47 70.34
C LEU C 244 -10.79 14.39 69.47
N LYS C 245 -11.97 13.90 69.86
CA LYS C 245 -12.67 12.88 69.07
C LYS C 245 -13.03 13.40 67.68
N LYS C 246 -13.38 14.68 67.58
CA LYS C 246 -13.79 15.23 66.28
C LYS C 246 -12.59 15.22 65.34
N GLU C 247 -11.42 15.55 65.86
CA GLU C 247 -10.22 15.45 65.04
C GLU C 247 -9.94 13.99 64.73
N PHE C 248 -10.17 13.12 65.72
CA PHE C 248 -9.83 11.70 65.63
C PHE C 248 -10.61 11.00 64.53
N GLU C 249 -11.86 11.41 64.34
CA GLU C 249 -12.71 10.77 63.34
C GLU C 249 -12.19 11.04 61.94
N LEU C 250 -11.88 12.32 61.68
CA LEU C 250 -11.35 12.72 60.38
C LEU C 250 -10.01 12.07 60.12
N SER C 251 -9.19 11.98 61.17
CA SER C 251 -7.86 11.41 60.99
C SER C 251 -7.98 9.96 60.57
N LYS C 252 -8.85 9.21 61.27
CA LYS C 252 -9.04 7.80 60.96
C LYS C 252 -9.57 7.64 59.55
N LEU C 253 -10.42 8.58 59.11
CA LEU C 253 -10.95 8.52 57.76
C LEU C 253 -9.81 8.65 56.75
N GLN C 254 -8.95 9.64 57.00
CA GLN C 254 -7.83 9.90 56.11
C GLN C 254 -6.88 8.72 56.08
N GLN C 255 -6.66 8.10 57.24
CA GLN C 255 -5.70 7.00 57.31
C GLN C 255 -6.21 5.80 56.54
N ARG C 256 -7.49 5.45 56.72
CA ARG C 256 -8.06 4.33 55.99
C ARG C 256 -8.00 4.58 54.50
N LEU C 257 -8.30 5.82 54.11
CA LEU C 257 -8.32 6.15 52.70
C LEU C 257 -6.92 6.02 52.11
N GLY C 258 -5.91 6.45 52.87
CA GLY C 258 -4.55 6.38 52.37
C GLY C 258 -4.06 4.97 52.21
N ARG C 259 -4.28 4.12 53.24
CA ARG C 259 -3.82 2.73 53.14
C ARG C 259 -4.54 2.03 52.00
N GLU C 260 -5.81 2.39 51.77
CA GLU C 260 -6.57 1.75 50.72
C GLU C 260 -5.96 2.06 49.36
N VAL C 261 -5.68 3.34 49.12
CA VAL C 261 -5.10 3.74 47.83
C VAL C 261 -3.72 3.12 47.68
N GLU C 262 -2.94 3.05 48.77
CA GLU C 262 -1.59 2.53 48.66
C GLU C 262 -1.61 1.06 48.34
N GLU C 263 -2.47 0.29 49.01
CA GLU C 263 -2.55 -1.13 48.71
C GLU C 263 -3.05 -1.36 47.32
N LYS C 264 -3.90 -0.46 46.81
CA LYS C 264 -4.33 -0.60 45.43
C LYS C 264 -3.14 -0.43 44.50
N ILE C 265 -2.27 0.51 44.84
CA ILE C 265 -1.06 0.71 44.05
C ILE C 265 -0.17 -0.51 44.14
N LYS C 266 -0.13 -1.15 45.32
CA LYS C 266 0.72 -2.32 45.46
C LYS C 266 0.17 -3.46 44.65
N GLN C 267 -1.14 -3.62 44.67
CA GLN C 267 -1.78 -4.69 43.90
C GLN C 267 -1.60 -4.45 42.41
N THR C 268 -1.51 -3.19 42.01
CA THR C 268 -1.19 -2.83 40.65
C THR C 268 0.23 -3.30 40.33
N HIS C 269 1.18 -2.64 40.98
CA HIS C 269 2.57 -2.80 40.59
C HIS C 269 3.06 -4.21 40.86
N ARG C 270 2.54 -4.91 41.89
CA ARG C 270 3.12 -6.21 42.19
C ARG C 270 2.82 -7.16 41.06
N LYS C 271 1.59 -7.09 40.55
CA LYS C 271 1.25 -7.93 39.42
C LYS C 271 2.04 -7.50 38.22
N TYR C 272 2.37 -6.21 38.14
CA TYR C 272 3.23 -5.82 37.04
C TYR C 272 4.59 -6.45 37.19
N LEU C 273 5.10 -6.62 38.41
CA LEU C 273 6.36 -7.32 38.57
C LEU C 273 6.21 -8.77 38.12
N LEU C 274 5.06 -9.35 38.43
CA LEU C 274 4.78 -10.72 38.00
C LEU C 274 4.75 -10.80 36.48
N GLN C 275 4.13 -9.79 35.85
CA GLN C 275 4.05 -9.79 34.41
C GLN C 275 5.43 -9.66 33.82
N GLU C 276 6.30 -8.90 34.51
CA GLU C 276 7.66 -8.77 34.03
C GLU C 276 8.35 -10.11 34.13
N GLN C 277 8.07 -10.87 35.19
CA GLN C 277 8.69 -12.19 35.32
C GLN C 277 8.22 -13.09 34.20
N LEU C 278 6.94 -12.98 33.84
CA LEU C 278 6.41 -13.78 32.75
C LEU C 278 7.13 -13.44 31.46
N LYS C 279 7.37 -12.16 31.21
CA LYS C 279 8.07 -11.76 29.99
C LYS C 279 9.52 -12.19 30.03
N ILE C 280 10.10 -12.24 31.22
CA ILE C 280 11.50 -12.61 31.39
C ILE C 280 11.61 -14.13 31.35
N ILE C 281 10.50 -14.87 31.40
CA ILE C 281 10.54 -16.32 31.39
C ILE C 281 9.95 -16.91 30.11
N LYS C 282 8.69 -16.60 29.80
CA LYS C 282 8.15 -17.19 28.58
C LYS C 282 8.56 -16.44 27.32
N LYS C 283 8.66 -15.11 27.39
CA LYS C 283 8.99 -14.35 26.20
C LYS C 283 10.48 -14.15 26.01
N GLU C 284 11.25 -14.07 27.08
CA GLU C 284 12.69 -13.85 26.95
C GLU C 284 13.42 -15.18 26.84
N LEU C 285 13.25 -16.02 27.85
CA LEU C 285 13.91 -17.31 27.93
C LEU C 285 12.99 -18.46 27.56
N GLY C 286 11.72 -18.20 27.29
CA GLY C 286 10.84 -19.26 26.90
C GLY C 286 10.97 -19.48 25.42
N LEU C 287 10.30 -20.53 24.98
CA LEU C 287 10.36 -20.94 23.59
C LEU C 287 9.39 -20.19 22.70
N GLU C 288 8.56 -19.31 23.26
CA GLU C 288 7.56 -18.55 22.51
C GLU C 288 8.01 -17.12 22.16
N LYS C 289 7.42 -16.59 21.09
CA LYS C 289 7.64 -15.23 20.56
C LYS C 289 9.10 -14.84 20.37
N ASP C 290 9.73 -15.44 19.37
CA ASP C 290 11.12 -15.13 19.08
C ASP C 290 11.25 -13.70 18.57
N ASP C 291 12.42 -13.12 18.79
CA ASP C 291 12.72 -11.76 18.39
C ASP C 291 12.84 -11.65 16.88
N LYS C 292 12.60 -10.42 16.42
CA LYS C 292 12.67 -10.11 14.99
C LYS C 292 14.06 -10.41 14.46
N ASP C 293 15.07 -10.28 15.32
CA ASP C 293 16.41 -10.57 14.88
C ASP C 293 16.50 -12.03 14.45
N ALA C 294 15.69 -12.92 15.05
CA ALA C 294 15.65 -14.30 14.58
C ALA C 294 15.22 -14.35 13.11
N ILE C 295 14.30 -13.45 12.72
CA ILE C 295 13.88 -13.36 11.33
C ILE C 295 15.06 -13.00 10.45
N GLU C 296 15.81 -11.98 10.90
CA GLU C 296 17.06 -11.64 10.22
C GLU C 296 18.00 -12.82 10.18
N GLU C 297 18.04 -13.57 11.27
CA GLU C 297 19.01 -14.63 11.38
C GLU C 297 18.68 -15.72 10.40
N LYS C 298 17.40 -16.12 10.34
CA LYS C 298 17.02 -17.22 9.47
C LYS C 298 17.28 -16.86 8.01
N PHE C 299 17.17 -15.58 7.69
CA PHE C 299 17.58 -15.18 6.36
C PHE C 299 19.09 -15.30 6.22
N ARG C 300 19.84 -14.77 7.20
CA ARG C 300 21.29 -14.73 7.09
C ARG C 300 21.83 -16.13 6.94
N GLU C 301 21.34 -17.06 7.77
CA GLU C 301 21.81 -18.43 7.74
C GLU C 301 21.47 -19.02 6.40
N ARG C 302 20.33 -18.62 5.83
CA ARG C 302 20.00 -19.13 4.51
C ARG C 302 21.05 -18.71 3.51
N LEU C 303 21.65 -17.55 3.71
CA LEU C 303 22.70 -17.07 2.85
C LEU C 303 24.05 -17.68 3.13
N LYS C 304 24.23 -18.31 4.30
CA LYS C 304 25.57 -18.66 4.75
C LYS C 304 26.24 -19.72 3.91
N GLU C 305 25.48 -20.55 3.21
CA GLU C 305 26.03 -21.73 2.54
C GLU C 305 26.32 -21.43 1.08
N LEU C 306 25.30 -21.10 0.32
CA LEU C 306 25.47 -20.76 -1.07
C LEU C 306 26.30 -19.50 -1.19
N VAL C 307 27.15 -19.46 -2.22
CA VAL C 307 28.08 -18.35 -2.43
C VAL C 307 27.39 -17.36 -3.35
N VAL C 308 26.92 -16.26 -2.77
CA VAL C 308 26.29 -15.21 -3.56
C VAL C 308 27.37 -14.39 -4.24
N PRO C 309 27.11 -13.77 -5.37
CA PRO C 309 28.07 -12.80 -5.90
C PRO C 309 28.22 -11.67 -4.92
N LYS C 310 29.42 -11.10 -4.88
CA LYS C 310 29.71 -10.00 -3.97
C LYS C 310 28.77 -8.84 -4.21
N HIS C 311 28.31 -8.70 -5.46
CA HIS C 311 27.49 -7.58 -5.86
C HIS C 311 26.24 -7.53 -5.01
N VAL C 312 25.51 -8.64 -4.93
CA VAL C 312 24.30 -8.63 -4.12
C VAL C 312 24.59 -8.87 -2.66
N MET C 313 25.83 -9.25 -2.32
CA MET C 313 26.16 -9.49 -0.93
C MET C 313 26.00 -8.26 -0.08
N ASP C 314 26.14 -7.09 -0.67
CA ASP C 314 26.00 -5.87 0.11
C ASP C 314 24.52 -5.54 0.31
N VAL C 315 23.77 -5.49 -0.80
CA VAL C 315 22.41 -4.95 -0.85
C VAL C 315 21.56 -5.54 0.26
N VAL C 316 21.69 -6.85 0.46
CA VAL C 316 21.00 -7.50 1.55
C VAL C 316 21.42 -6.91 2.89
N ASP C 317 22.69 -6.53 3.01
CA ASP C 317 23.15 -5.99 4.27
C ASP C 317 22.43 -4.70 4.58
N GLU C 318 22.40 -3.79 3.59
CA GLU C 318 21.75 -2.51 3.87
C GLU C 318 20.26 -2.68 4.11
N GLU C 319 19.64 -3.64 3.41
CA GLU C 319 18.22 -3.86 3.67
C GLU C 319 18.01 -4.32 5.08
N LEU C 320 18.90 -5.15 5.59
CA LEU C 320 18.78 -5.62 6.96
C LEU C 320 18.95 -4.46 7.93
N SER C 321 19.98 -3.66 7.69
CA SER C 321 20.31 -2.59 8.60
C SER C 321 19.18 -1.59 8.69
N LYS C 322 18.52 -1.30 7.57
CA LYS C 322 17.33 -0.45 7.68
C LYS C 322 16.21 -1.21 8.36
N LEU C 323 16.09 -2.51 8.07
CA LEU C 323 14.90 -3.24 8.48
C LEU C 323 14.79 -3.35 9.98
N GLY C 324 15.92 -3.38 10.68
CA GLY C 324 15.83 -3.61 12.12
C GLY C 324 15.16 -2.45 12.84
N LEU C 325 15.41 -1.23 12.38
CA LEU C 325 14.89 -0.05 13.04
C LEU C 325 13.38 0.11 12.88
N LEU C 326 12.80 -0.51 11.86
CA LEU C 326 11.38 -0.36 11.55
C LEU C 326 10.47 -0.88 12.66
N ASP C 327 9.35 -0.17 12.85
CA ASP C 327 8.23 -0.76 13.57
C ASP C 327 7.58 -1.87 12.77
N ASN C 328 7.28 -2.96 13.47
CA ASN C 328 6.93 -4.19 12.77
C ASN C 328 5.56 -4.10 12.15
N HIS C 329 4.69 -3.28 12.70
CA HIS C 329 3.34 -3.16 12.17
C HIS C 329 3.26 -2.27 10.96
N SER C 330 4.31 -1.50 10.68
CA SER C 330 4.31 -0.65 9.51
C SER C 330 4.27 -1.51 8.25
N SER C 331 3.47 -1.07 7.27
CA SER C 331 3.37 -1.79 6.01
C SER C 331 4.71 -1.82 5.29
N GLU C 332 5.53 -0.80 5.51
CA GLU C 332 6.86 -0.73 4.93
C GLU C 332 7.70 -1.90 5.42
N PHE C 333 7.53 -2.28 6.69
CA PHE C 333 8.24 -3.42 7.23
C PHE C 333 7.81 -4.72 6.58
N ASN C 334 6.52 -4.87 6.35
CA ASN C 334 6.02 -6.05 5.69
C ASN C 334 6.59 -6.16 4.29
N VAL C 335 6.54 -5.05 3.55
CA VAL C 335 6.97 -5.09 2.16
C VAL C 335 8.46 -5.40 2.08
N THR C 336 9.26 -4.73 2.90
CA THR C 336 10.70 -4.95 2.82
C THR C 336 11.04 -6.37 3.22
N ARG C 337 10.30 -6.90 4.18
CA ARG C 337 10.49 -8.26 4.59
C ARG C 337 10.13 -9.22 3.48
N ASN C 338 9.04 -8.91 2.78
CA ASN C 338 8.63 -9.76 1.68
C ASN C 338 9.68 -9.73 0.58
N TYR C 339 10.29 -8.56 0.38
CA TYR C 339 11.29 -8.44 -0.67
C TYR C 339 12.51 -9.22 -0.30
N LEU C 340 12.95 -9.06 0.94
CA LEU C 340 14.12 -9.76 1.41
C LEU C 340 13.90 -11.24 1.40
N ASP C 341 12.68 -11.68 1.68
CA ASP C 341 12.37 -13.10 1.60
C ASP C 341 12.52 -13.52 0.16
N TRP C 342 12.01 -12.71 -0.76
CA TRP C 342 12.09 -13.04 -2.16
C TRP C 342 13.54 -13.12 -2.61
N LEU C 343 14.40 -12.36 -1.95
CA LEU C 343 15.78 -12.28 -2.38
C LEU C 343 16.57 -13.42 -1.82
N THR C 344 16.28 -13.81 -0.58
CA THR C 344 17.01 -14.89 0.04
C THR C 344 16.69 -16.20 -0.64
N SER C 345 15.52 -16.29 -1.25
CA SER C 345 15.07 -17.53 -1.84
C SER C 345 15.91 -17.90 -3.06
N ILE C 346 16.48 -16.90 -3.72
CA ILE C 346 17.16 -17.11 -5.02
C ILE C 346 18.38 -18.00 -4.82
N PRO C 347 18.54 -19.11 -5.57
CA PRO C 347 19.83 -19.82 -5.54
C PRO C 347 20.91 -18.95 -6.14
N TRP C 348 22.13 -19.07 -5.62
CA TRP C 348 23.27 -18.32 -6.14
C TRP C 348 24.42 -19.30 -6.30
N GLY C 349 24.52 -19.90 -7.47
CA GLY C 349 25.57 -20.85 -7.73
C GLY C 349 25.24 -22.27 -7.35
N LYS C 350 24.07 -22.53 -6.77
CA LYS C 350 23.69 -23.92 -6.59
C LYS C 350 23.59 -24.53 -7.96
N TYR C 351 24.24 -25.67 -8.16
CA TYR C 351 24.39 -26.27 -9.48
C TYR C 351 24.03 -27.74 -9.42
N SER C 352 22.90 -28.11 -10.02
CA SER C 352 22.60 -29.52 -10.13
C SER C 352 23.67 -30.18 -10.99
N ASN C 353 24.19 -31.31 -10.52
CA ASN C 353 25.21 -32.00 -11.28
C ASN C 353 24.50 -32.78 -12.37
N GLU C 354 25.19 -32.98 -13.48
CA GLU C 354 24.65 -33.66 -14.65
C GLU C 354 25.47 -34.90 -14.94
N ASN C 355 24.77 -35.96 -15.32
CA ASN C 355 25.43 -37.13 -15.88
C ASN C 355 25.90 -36.81 -17.28
N LEU C 356 26.98 -37.49 -17.69
CA LEU C 356 27.65 -37.17 -18.93
C LEU C 356 28.05 -38.36 -19.80
N ASP C 357 27.97 -39.59 -19.31
CA ASP C 357 28.33 -40.72 -20.16
C ASP C 357 27.41 -40.78 -21.36
N LEU C 358 28.02 -40.87 -22.54
CA LEU C 358 27.25 -40.77 -23.77
C LEU C 358 26.39 -42.00 -24.00
N ALA C 359 26.88 -43.18 -23.62
CA ALA C 359 26.10 -44.39 -23.87
C ALA C 359 24.81 -44.35 -23.10
N ARG C 360 24.86 -43.85 -21.88
CA ARG C 360 23.64 -43.67 -21.11
C ARG C 360 22.74 -42.66 -21.78
N ALA C 361 23.32 -41.66 -22.42
CA ALA C 361 22.50 -40.66 -23.06
C ALA C 361 21.73 -41.31 -24.18
N GLN C 362 22.43 -42.12 -24.98
CA GLN C 362 21.76 -42.85 -26.03
C GLN C 362 20.66 -43.69 -25.46
N ALA C 363 20.93 -44.33 -24.32
CA ALA C 363 19.97 -45.26 -23.75
C ALA C 363 18.71 -44.50 -23.36
N VAL C 364 18.90 -43.39 -22.66
CA VAL C 364 17.75 -42.67 -22.17
C VAL C 364 17.05 -41.97 -23.31
N LEU C 365 17.72 -41.83 -24.45
CA LEU C 365 17.04 -41.26 -25.60
C LEU C 365 16.20 -42.32 -26.26
N GLU C 366 16.79 -43.49 -26.45
CA GLU C 366 16.07 -44.57 -27.08
C GLU C 366 15.01 -45.14 -26.18
N GLU C 367 15.02 -44.79 -24.89
CA GLU C 367 14.01 -45.34 -24.03
C GLU C 367 12.62 -44.85 -24.35
N ASP C 368 12.46 -43.60 -24.82
CA ASP C 368 11.11 -43.06 -24.86
C ASP C 368 10.82 -42.17 -26.04
N HIS C 369 11.57 -42.23 -27.13
CA HIS C 369 11.21 -41.46 -28.32
C HIS C 369 11.95 -42.05 -29.48
N TYR C 370 11.20 -42.53 -30.43
CA TYR C 370 11.77 -43.12 -31.60
C TYR C 370 12.20 -42.02 -32.57
N GLY C 371 13.23 -42.33 -33.35
CA GLY C 371 13.58 -41.55 -34.53
C GLY C 371 13.88 -40.11 -34.25
N MET C 372 13.43 -39.23 -35.16
CA MET C 372 13.71 -37.79 -35.14
C MET C 372 15.14 -37.55 -34.65
N GLU C 373 16.03 -38.21 -35.35
CA GLU C 373 17.39 -38.38 -34.92
C GLU C 373 18.17 -37.09 -34.89
N ASP C 374 17.72 -36.07 -35.62
CA ASP C 374 18.50 -34.86 -35.70
C ASP C 374 18.64 -34.23 -34.33
N VAL C 375 17.51 -34.08 -33.63
CA VAL C 375 17.58 -33.44 -32.33
C VAL C 375 18.42 -34.27 -31.39
N LYS C 376 18.34 -35.59 -31.54
CA LYS C 376 19.13 -36.48 -30.70
C LYS C 376 20.59 -36.21 -30.93
N LYS C 377 20.94 -36.05 -32.19
CA LYS C 377 22.32 -35.80 -32.54
C LYS C 377 22.75 -34.47 -31.98
N ARG C 378 21.86 -33.50 -31.97
CA ARG C 378 22.25 -32.19 -31.50
C ARG C 378 22.53 -32.23 -30.01
N ILE C 379 21.63 -32.84 -29.25
CA ILE C 379 21.88 -32.89 -27.82
C ILE C 379 23.09 -33.72 -27.53
N LEU C 380 23.36 -34.71 -28.38
CA LEU C 380 24.55 -35.51 -28.20
C LEU C 380 25.78 -34.64 -28.37
N GLU C 381 25.74 -33.77 -29.39
CA GLU C 381 26.81 -32.83 -29.58
C GLU C 381 26.92 -31.89 -28.41
N PHE C 382 25.78 -31.57 -27.79
CA PHE C 382 25.83 -30.70 -26.63
C PHE C 382 26.63 -31.36 -25.53
N ILE C 383 26.28 -32.60 -25.21
CA ILE C 383 26.99 -33.25 -24.13
C ILE C 383 28.45 -33.41 -24.49
N ALA C 384 28.75 -33.58 -25.79
CA ALA C 384 30.14 -33.72 -26.20
C ALA C 384 30.91 -32.45 -25.86
N VAL C 385 30.42 -31.32 -26.36
CA VAL C 385 31.18 -30.11 -26.18
C VAL C 385 31.23 -29.79 -24.71
N SER C 386 30.16 -30.12 -23.98
CA SER C 386 30.17 -29.87 -22.55
C SER C 386 31.25 -30.71 -21.88
N GLN C 387 31.55 -31.85 -22.47
CA GLN C 387 32.51 -32.77 -21.89
C GLN C 387 33.94 -32.34 -22.16
N LEU C 388 34.17 -31.54 -23.20
CA LEU C 388 35.54 -31.11 -23.47
C LEU C 388 35.99 -29.88 -22.71
N ARG C 389 35.08 -29.17 -22.07
CA ARG C 389 35.42 -27.87 -21.50
C ARG C 389 34.71 -27.69 -20.18
N GLY C 390 34.69 -28.74 -19.35
CA GLY C 390 34.28 -28.62 -17.98
C GLY C 390 32.87 -28.08 -17.79
N SER C 391 32.80 -26.81 -17.44
CA SER C 391 31.61 -26.18 -16.91
C SER C 391 30.44 -26.24 -17.86
N THR C 392 29.26 -26.27 -17.26
CA THR C 392 28.01 -26.25 -17.99
C THR C 392 27.85 -24.97 -18.77
N GLN C 393 27.08 -25.05 -19.84
CA GLN C 393 26.77 -23.96 -20.74
C GLN C 393 25.27 -23.93 -21.00
N GLY C 394 24.77 -22.75 -21.32
CA GLY C 394 23.39 -22.56 -21.66
C GLY C 394 23.23 -22.48 -23.17
N LYS C 395 21.98 -22.39 -23.61
CA LYS C 395 21.72 -22.30 -25.03
C LYS C 395 20.24 -22.03 -25.24
N ILE C 396 19.93 -21.56 -26.43
CA ILE C 396 18.57 -21.33 -26.90
C ILE C 396 18.33 -22.28 -28.06
N LEU C 397 17.09 -22.76 -28.19
CA LEU C 397 16.78 -23.63 -29.31
C LEU C 397 15.34 -23.41 -29.76
N CYS C 398 15.02 -23.87 -30.98
CA CYS C 398 13.67 -23.84 -31.51
C CYS C 398 13.30 -25.17 -32.12
N PHE C 399 12.06 -25.55 -31.90
CA PHE C 399 11.45 -26.69 -32.56
C PHE C 399 10.25 -26.22 -33.35
N TYR C 400 10.05 -26.83 -34.51
CA TYR C 400 8.88 -26.50 -35.29
C TYR C 400 8.54 -27.59 -36.28
N GLY C 401 7.24 -27.77 -36.43
CA GLY C 401 6.64 -28.79 -37.24
C GLY C 401 5.17 -28.86 -36.91
N PRO C 402 4.47 -29.83 -37.49
CA PRO C 402 3.06 -30.00 -37.17
C PRO C 402 2.88 -30.35 -35.71
N PRO C 403 1.76 -29.94 -35.11
CA PRO C 403 1.52 -30.19 -33.68
C PRO C 403 1.42 -31.68 -33.36
N GLY C 404 1.80 -32.01 -32.13
CA GLY C 404 1.61 -33.37 -31.67
C GLY C 404 2.70 -34.34 -32.08
N VAL C 405 3.83 -33.83 -32.55
CA VAL C 405 4.99 -34.66 -32.85
C VAL C 405 5.76 -35.06 -31.60
N GLY C 406 5.31 -34.65 -30.40
CA GLY C 406 6.00 -34.95 -29.18
C GLY C 406 6.92 -33.88 -28.71
N LYS C 407 6.83 -32.69 -29.31
CA LYS C 407 7.82 -31.65 -29.05
C LYS C 407 7.86 -31.29 -27.59
N THR C 408 6.71 -31.31 -26.93
CA THR C 408 6.74 -30.96 -25.53
C THR C 408 7.34 -32.09 -24.71
N SER C 409 6.83 -33.30 -24.92
CA SER C 409 7.17 -34.40 -24.04
C SER C 409 8.64 -34.78 -24.10
N ILE C 410 9.22 -34.63 -25.28
CA ILE C 410 10.59 -35.04 -25.43
C ILE C 410 11.51 -34.11 -24.68
N ALA C 411 11.08 -32.88 -24.45
CA ALA C 411 11.89 -31.98 -23.67
C ALA C 411 12.03 -32.53 -22.27
N ARG C 412 10.93 -33.00 -21.71
CA ARG C 412 10.98 -33.55 -20.37
C ARG C 412 11.86 -34.78 -20.36
N SER C 413 11.84 -35.53 -21.45
CA SER C 413 12.70 -36.69 -21.52
C SER C 413 14.16 -36.26 -21.50
N ILE C 414 14.45 -35.15 -22.16
CA ILE C 414 15.81 -34.64 -22.18
C ILE C 414 16.20 -34.20 -20.79
N ALA C 415 15.27 -33.58 -20.08
CA ALA C 415 15.60 -33.09 -18.75
C ALA C 415 15.89 -34.25 -17.83
N ARG C 416 15.19 -35.35 -18.03
CA ARG C 416 15.47 -36.53 -17.24
C ARG C 416 16.76 -37.18 -17.68
N ALA C 417 17.17 -36.95 -18.91
CA ALA C 417 18.40 -37.56 -19.37
C ALA C 417 19.58 -36.79 -18.86
N LEU C 418 19.68 -35.52 -19.24
CA LEU C 418 20.78 -34.71 -18.75
C LEU C 418 20.70 -34.49 -17.25
N ASN C 419 19.52 -34.64 -16.66
CA ASN C 419 19.20 -34.41 -15.28
C ASN C 419 18.98 -32.95 -14.93
N ARG C 420 18.86 -32.04 -15.89
CA ARG C 420 18.41 -30.71 -15.48
C ARG C 420 16.97 -30.76 -15.06
N GLU C 421 16.59 -29.78 -14.26
CA GLU C 421 15.20 -29.65 -13.85
C GLU C 421 14.36 -29.20 -15.04
N TYR C 422 13.08 -29.53 -14.97
CA TYR C 422 12.11 -29.21 -16.02
C TYR C 422 11.06 -28.27 -15.49
N PHE C 423 10.54 -27.45 -16.38
CA PHE C 423 9.47 -26.56 -16.00
C PHE C 423 8.86 -25.96 -17.25
N ARG C 424 7.63 -26.33 -17.55
CA ARG C 424 7.00 -25.83 -18.75
C ARG C 424 6.48 -24.42 -18.55
N PHE C 425 6.36 -23.67 -19.64
CA PHE C 425 5.79 -22.34 -19.52
C PHE C 425 5.28 -21.88 -20.89
N SER C 426 3.97 -21.92 -21.08
CA SER C 426 3.39 -21.39 -22.30
C SER C 426 3.41 -19.87 -22.29
N VAL C 427 3.54 -19.29 -23.48
CA VAL C 427 3.44 -17.85 -23.67
C VAL C 427 2.57 -17.51 -24.87
N GLY C 428 1.66 -18.40 -25.24
CA GLY C 428 0.80 -18.09 -26.36
C GLY C 428 -0.10 -16.91 -26.05
N GLY C 429 0.08 -15.81 -26.75
CA GLY C 429 -0.84 -14.70 -26.61
C GLY C 429 -0.59 -13.79 -25.42
N MET C 430 0.49 -13.98 -24.67
CA MET C 430 0.77 -13.12 -23.54
C MET C 430 0.94 -11.68 -24.01
N THR C 431 0.43 -10.75 -23.20
CA THR C 431 0.53 -9.33 -23.48
C THR C 431 0.91 -8.49 -22.28
N ASP C 432 1.04 -9.06 -21.09
CA ASP C 432 1.52 -8.33 -19.92
C ASP C 432 3.03 -8.49 -19.83
N VAL C 433 3.76 -7.56 -20.44
CA VAL C 433 5.20 -7.68 -20.44
C VAL C 433 5.75 -7.61 -19.03
N ALA C 434 5.05 -6.90 -18.13
CA ALA C 434 5.51 -6.78 -16.75
C ALA C 434 5.60 -8.13 -16.07
N GLU C 435 4.79 -9.10 -16.55
CA GLU C 435 4.80 -10.43 -15.98
C GLU C 435 6.18 -11.04 -16.10
N ILE C 436 6.91 -10.70 -17.16
CA ILE C 436 8.25 -11.24 -17.30
C ILE C 436 9.27 -10.42 -16.53
N LYS C 437 8.89 -9.24 -16.02
CA LYS C 437 9.84 -8.33 -15.40
C LYS C 437 9.32 -7.69 -14.12
N GLY C 438 8.26 -8.22 -13.54
CA GLY C 438 7.84 -7.76 -12.24
C GLY C 438 7.35 -6.34 -12.38
N HIS C 439 7.53 -5.55 -11.31
CA HIS C 439 7.03 -4.19 -11.26
C HIS C 439 7.94 -3.40 -10.34
N ARG C 440 7.60 -2.14 -10.11
CA ARG C 440 8.51 -1.22 -9.46
C ARG C 440 8.77 -1.60 -8.00
N ARG C 441 7.94 -2.46 -7.41
CA ARG C 441 7.94 -2.96 -6.03
C ARG C 441 7.33 -1.90 -5.11
N THR C 442 7.02 -0.69 -5.59
CA THR C 442 6.25 0.26 -4.82
C THR C 442 4.77 0.18 -5.06
N TYR C 443 4.34 -0.39 -6.18
CA TYR C 443 2.92 -0.68 -6.30
C TYR C 443 2.52 -1.76 -5.33
N VAL C 444 1.30 -1.63 -4.82
CA VAL C 444 0.70 -2.72 -4.09
C VAL C 444 0.34 -3.83 -5.05
N GLY C 445 0.51 -5.07 -4.61
CA GLY C 445 0.20 -6.21 -5.43
C GLY C 445 1.29 -6.62 -6.38
N ALA C 446 2.44 -5.94 -6.36
CA ALA C 446 3.53 -6.32 -7.24
C ALA C 446 4.13 -7.64 -6.82
N MET C 447 4.53 -8.44 -7.80
CA MET C 447 5.25 -9.67 -7.57
C MET C 447 6.32 -9.76 -8.64
N PRO C 448 7.45 -10.37 -8.33
CA PRO C 448 8.52 -10.45 -9.33
C PRO C 448 8.05 -11.30 -10.49
N GLY C 449 8.55 -10.98 -11.67
CA GLY C 449 8.18 -11.67 -12.89
C GLY C 449 8.33 -13.18 -12.85
N LYS C 450 7.87 -13.88 -13.90
CA LYS C 450 7.81 -15.34 -13.86
C LYS C 450 9.16 -15.98 -13.60
N ILE C 451 10.19 -15.50 -14.27
CA ILE C 451 11.43 -16.25 -14.32
C ILE C 451 12.02 -16.41 -12.92
N ILE C 452 11.85 -15.40 -12.08
CA ILE C 452 12.27 -15.56 -10.70
C ILE C 452 11.40 -16.55 -9.98
N GLN C 453 10.12 -16.63 -10.34
CA GLN C 453 9.24 -17.59 -9.69
C GLN C 453 9.68 -19.01 -9.99
N CYS C 454 10.13 -19.25 -11.21
CA CYS C 454 10.55 -20.60 -11.52
C CYS C 454 11.89 -20.87 -10.89
N LEU C 455 12.77 -19.86 -10.82
CA LEU C 455 14.04 -20.06 -10.11
C LEU C 455 13.81 -20.37 -8.65
N LYS C 456 12.82 -19.74 -8.06
CA LYS C 456 12.48 -20.02 -6.68
C LYS C 456 11.96 -21.44 -6.57
N LYS C 457 11.30 -21.92 -7.60
CA LYS C 457 10.76 -23.25 -7.53
C LYS C 457 11.85 -24.30 -7.65
N THR C 458 12.72 -24.15 -8.65
CA THR C 458 13.74 -25.14 -8.88
C THR C 458 14.96 -25.05 -7.98
N LYS C 459 15.13 -23.95 -7.24
CA LYS C 459 16.19 -23.78 -6.25
C LYS C 459 17.55 -24.24 -6.77
N THR C 460 17.84 -23.91 -8.01
CA THR C 460 19.01 -24.43 -8.71
C THR C 460 19.37 -23.43 -9.79
N GLU C 461 20.66 -23.17 -9.96
CA GLU C 461 21.06 -22.13 -10.89
C GLU C 461 20.73 -22.47 -12.34
N ASN C 462 20.75 -23.74 -12.74
CA ASN C 462 20.71 -24.11 -14.15
C ASN C 462 19.66 -25.15 -14.49
N PRO C 463 18.40 -24.77 -14.42
CA PRO C 463 17.31 -25.61 -14.93
C PRO C 463 17.27 -25.62 -16.45
N LEU C 464 16.16 -26.12 -16.98
CA LEU C 464 15.84 -26.11 -18.42
C LEU C 464 14.41 -25.66 -18.58
N ILE C 465 14.24 -24.35 -18.74
CA ILE C 465 12.92 -23.82 -18.97
C ILE C 465 12.44 -24.35 -20.31
N LEU C 466 11.11 -24.43 -20.48
CA LEU C 466 10.51 -24.78 -21.76
C LEU C 466 9.47 -23.74 -22.10
N ILE C 467 9.96 -22.62 -22.62
CA ILE C 467 9.07 -21.64 -23.21
C ILE C 467 8.39 -22.29 -24.39
N ASP C 468 7.07 -22.09 -24.51
CA ASP C 468 6.28 -22.79 -25.52
C ASP C 468 5.50 -21.78 -26.33
N GLU C 469 5.32 -22.10 -27.61
CA GLU C 469 4.45 -21.38 -28.52
C GLU C 469 4.73 -19.89 -28.58
N VAL C 470 6.01 -19.58 -28.74
CA VAL C 470 6.41 -18.19 -28.86
C VAL C 470 5.79 -17.52 -30.08
N ASP C 471 5.47 -18.29 -31.12
CA ASP C 471 4.96 -17.70 -32.35
C ASP C 471 3.65 -16.97 -32.11
N LYS C 472 2.85 -17.40 -31.15
CA LYS C 472 1.53 -16.83 -30.96
C LYS C 472 1.54 -15.71 -29.92
N ILE C 473 2.73 -15.22 -29.56
CA ILE C 473 2.85 -14.23 -28.50
C ILE C 473 2.04 -13.00 -28.85
N GLY C 474 1.41 -12.42 -27.83
CA GLY C 474 0.58 -11.26 -28.07
C GLY C 474 1.40 -10.11 -28.63
N ARG C 475 0.85 -9.44 -29.64
CA ARG C 475 1.53 -8.32 -30.30
C ARG C 475 0.46 -7.29 -30.66
N GLY C 476 0.23 -6.34 -29.77
CA GLY C 476 -0.82 -5.37 -29.96
C GLY C 476 -0.34 -4.02 -29.52
N TYR C 477 -1.27 -3.07 -29.45
CA TYR C 477 -0.92 -1.71 -29.09
C TYR C 477 -0.60 -1.54 -27.62
N GLN C 478 -0.94 -2.52 -26.78
CA GLN C 478 -0.80 -2.33 -25.35
C GLN C 478 0.63 -2.50 -24.86
N GLY C 479 1.55 -2.93 -25.72
CA GLY C 479 2.92 -3.19 -25.33
C GLY C 479 3.29 -4.63 -25.60
N ASP C 480 4.10 -4.88 -26.62
CA ASP C 480 4.32 -6.24 -27.06
C ASP C 480 5.40 -6.81 -26.15
N PRO C 481 5.13 -7.88 -25.38
CA PRO C 481 6.22 -8.50 -24.62
C PRO C 481 7.37 -9.00 -25.45
N SER C 482 7.11 -9.42 -26.68
CA SER C 482 8.15 -10.05 -27.49
C SER C 482 9.37 -9.17 -27.69
N SER C 483 9.19 -7.85 -27.64
CA SER C 483 10.34 -6.98 -27.72
C SER C 483 11.11 -6.91 -26.42
N ALA C 484 10.55 -7.42 -25.35
CA ALA C 484 11.22 -7.51 -24.08
C ALA C 484 11.86 -8.87 -23.92
N LEU C 485 11.37 -9.87 -24.68
CA LEU C 485 11.99 -11.18 -24.60
C LEU C 485 13.41 -11.15 -25.10
N LEU C 486 13.70 -10.23 -26.00
CA LEU C 486 15.03 -10.19 -26.58
C LEU C 486 16.06 -9.91 -25.50
N GLU C 487 15.64 -9.15 -24.48
CA GLU C 487 16.56 -8.84 -23.40
C GLU C 487 16.85 -10.05 -22.54
N LEU C 488 16.03 -11.08 -22.62
CA LEU C 488 16.36 -12.35 -21.99
C LEU C 488 17.13 -13.15 -23.00
N LEU C 489 16.55 -13.29 -24.17
CA LEU C 489 17.02 -14.29 -25.12
C LEU C 489 18.40 -13.97 -25.68
N ASP C 490 18.83 -12.73 -25.63
CA ASP C 490 20.10 -12.36 -26.23
C ASP C 490 21.22 -13.10 -25.48
N PRO C 491 22.06 -13.92 -26.16
CA PRO C 491 23.01 -14.75 -25.40
C PRO C 491 23.98 -14.00 -24.52
N GLU C 492 24.40 -12.83 -24.94
CA GLU C 492 25.50 -12.20 -24.23
C GLU C 492 24.99 -11.46 -23.01
N GLN C 493 23.89 -10.76 -23.18
CA GLN C 493 23.40 -9.82 -22.20
C GLN C 493 22.50 -10.44 -21.16
N ASN C 494 22.13 -11.72 -21.33
CA ASN C 494 21.32 -12.34 -20.31
C ASN C 494 22.08 -12.46 -19.01
N ALA C 495 23.42 -12.47 -19.09
CA ALA C 495 24.26 -12.66 -17.94
C ALA C 495 24.06 -11.55 -16.93
N ASN C 496 23.52 -10.39 -17.35
CA ASN C 496 23.20 -9.31 -16.43
C ASN C 496 21.74 -8.93 -16.55
N PHE C 497 20.87 -9.92 -16.66
CA PHE C 497 19.45 -9.63 -16.63
C PHE C 497 19.04 -9.03 -15.29
N LEU C 498 18.11 -8.07 -15.33
CA LEU C 498 17.55 -7.47 -14.14
C LEU C 498 16.07 -7.21 -14.38
N ASP C 499 15.25 -7.49 -13.37
CA ASP C 499 13.81 -7.28 -13.36
C ASP C 499 13.42 -6.22 -12.33
N HIS C 500 12.35 -5.49 -12.66
CA HIS C 500 12.07 -4.24 -11.97
C HIS C 500 11.82 -4.46 -10.49
N TYR C 501 11.30 -5.62 -10.14
CA TYR C 501 10.97 -5.93 -8.75
C TYR C 501 12.23 -5.83 -7.93
N LEU C 502 13.14 -6.76 -8.14
CA LEU C 502 14.44 -6.75 -7.49
C LEU C 502 15.47 -6.33 -8.52
N ASP C 503 15.98 -5.13 -8.35
CA ASP C 503 16.80 -4.49 -9.37
C ASP C 503 18.07 -5.27 -9.68
N VAL C 504 18.55 -6.06 -8.72
CA VAL C 504 19.89 -6.62 -8.76
C VAL C 504 20.06 -7.53 -9.97
N PRO C 505 21.17 -7.45 -10.72
CA PRO C 505 21.28 -8.29 -11.90
C PRO C 505 21.31 -9.75 -11.53
N VAL C 506 20.68 -10.56 -12.35
CA VAL C 506 20.80 -12.00 -12.30
C VAL C 506 21.67 -12.41 -13.49
N ASP C 507 22.15 -13.64 -13.44
CA ASP C 507 22.99 -14.23 -14.48
C ASP C 507 22.29 -15.48 -15.00
N LEU C 508 21.81 -15.41 -16.22
CA LEU C 508 20.97 -16.45 -16.78
C LEU C 508 21.73 -17.40 -17.67
N SER C 509 23.06 -17.28 -17.72
CA SER C 509 23.83 -17.91 -18.76
C SER C 509 23.74 -19.43 -18.79
N LYS C 510 23.47 -20.07 -17.66
CA LYS C 510 23.47 -21.54 -17.65
C LYS C 510 22.15 -22.21 -17.98
N VAL C 511 21.05 -21.48 -18.11
CA VAL C 511 19.80 -22.14 -18.50
C VAL C 511 19.95 -22.59 -19.95
N LEU C 512 19.20 -23.61 -20.33
CA LEU C 512 19.21 -24.14 -21.70
C LEU C 512 17.80 -23.96 -22.22
N PHE C 513 17.56 -22.78 -22.77
CA PHE C 513 16.24 -22.43 -23.25
C PHE C 513 15.84 -23.32 -24.41
N ILE C 514 14.54 -23.53 -24.56
CA ILE C 514 13.97 -24.19 -25.73
C ILE C 514 12.67 -23.50 -26.05
N CYS C 515 12.31 -23.49 -27.33
CA CYS C 515 11.11 -22.83 -27.80
C CYS C 515 10.46 -23.63 -28.90
N THR C 516 9.14 -23.50 -28.98
CA THR C 516 8.31 -24.26 -29.89
C THR C 516 7.37 -23.34 -30.63
N ALA C 517 7.10 -23.71 -31.88
CA ALA C 517 6.20 -22.98 -32.76
C ALA C 517 5.85 -23.92 -33.88
N ASN C 518 4.62 -23.88 -34.37
CA ASN C 518 4.33 -24.79 -35.47
C ASN C 518 5.05 -24.41 -36.76
N VAL C 519 5.36 -23.12 -36.94
CA VAL C 519 6.01 -22.69 -38.17
C VAL C 519 6.72 -21.38 -37.92
N THR C 520 7.85 -21.21 -38.59
CA THR C 520 8.72 -20.07 -38.35
C THR C 520 8.11 -18.73 -38.73
N ASP C 521 7.25 -18.70 -39.75
CA ASP C 521 7.03 -17.47 -40.50
C ASP C 521 6.48 -16.33 -39.66
N THR C 522 5.63 -16.63 -38.69
CA THR C 522 5.01 -15.57 -37.93
C THR C 522 5.86 -15.12 -36.74
N ILE C 523 6.93 -15.82 -36.42
CA ILE C 523 7.82 -15.39 -35.34
C ILE C 523 8.49 -14.09 -35.73
N PRO C 524 8.48 -13.05 -34.89
CA PRO C 524 9.13 -11.79 -35.31
C PRO C 524 10.61 -12.01 -35.54
N GLU C 525 11.11 -11.38 -36.60
CA GLU C 525 12.43 -11.71 -37.14
C GLU C 525 13.56 -11.49 -36.14
N PRO C 526 13.71 -10.32 -35.49
CA PRO C 526 14.88 -10.14 -34.61
C PRO C 526 14.93 -11.18 -33.54
N LEU C 527 13.75 -11.58 -33.05
CA LEU C 527 13.74 -12.57 -32.02
C LEU C 527 14.18 -13.89 -32.61
N ARG C 528 13.84 -14.13 -33.86
CA ARG C 528 14.29 -15.34 -34.53
C ARG C 528 15.80 -15.32 -34.68
N ASP C 529 16.37 -14.14 -34.81
CA ASP C 529 17.77 -14.05 -35.18
C ASP C 529 18.68 -14.58 -34.10
N ARG C 530 18.31 -14.39 -32.85
CA ARG C 530 19.17 -14.85 -31.79
C ARG C 530 19.23 -16.37 -31.73
N MET C 531 18.17 -17.03 -32.14
CA MET C 531 17.88 -18.36 -31.65
C MET C 531 17.97 -19.41 -32.75
N GLU C 532 18.58 -20.55 -32.39
CA GLU C 532 18.75 -21.66 -33.31
C GLU C 532 17.41 -22.29 -33.67
N MET C 533 17.36 -22.89 -34.87
CA MET C 533 16.11 -23.38 -35.46
C MET C 533 16.24 -24.84 -35.87
N ILE C 534 15.91 -25.75 -34.97
CA ILE C 534 15.76 -27.15 -35.34
C ILE C 534 14.40 -27.30 -36.01
N ASN C 535 14.25 -28.34 -36.84
CA ASN C 535 13.04 -28.58 -37.61
C ASN C 535 12.68 -30.03 -37.35
N VAL C 536 11.72 -30.25 -36.48
CA VAL C 536 11.17 -31.59 -36.35
C VAL C 536 10.29 -31.90 -37.54
N SER C 537 10.15 -33.18 -37.84
CA SER C 537 9.51 -33.66 -39.06
C SER C 537 8.31 -34.52 -38.73
N GLY C 538 7.66 -35.00 -39.79
CA GLY C 538 6.57 -35.95 -39.65
C GLY C 538 7.03 -37.39 -39.59
N TYR C 539 6.05 -38.28 -39.45
CA TYR C 539 6.26 -39.71 -39.30
C TYR C 539 5.63 -40.43 -40.47
N VAL C 540 6.30 -41.46 -40.97
CA VAL C 540 5.68 -42.30 -41.98
C VAL C 540 4.59 -43.13 -41.32
N ALA C 541 3.55 -43.47 -42.10
CA ALA C 541 2.44 -44.21 -41.51
C ALA C 541 2.92 -45.57 -41.03
N GLN C 542 3.83 -46.19 -41.79
CA GLN C 542 4.44 -47.41 -41.31
C GLN C 542 5.23 -47.08 -40.08
N GLU C 543 5.84 -45.90 -40.08
CA GLU C 543 6.65 -45.59 -38.94
C GLU C 543 5.75 -45.49 -37.74
N LYS C 544 4.53 -44.95 -37.94
CA LYS C 544 3.58 -44.87 -36.84
C LYS C 544 3.19 -46.26 -36.39
N LEU C 545 3.18 -47.21 -37.33
CA LEU C 545 2.86 -48.59 -36.98
C LEU C 545 3.91 -49.09 -36.02
N ALA C 546 5.11 -48.58 -36.16
CA ALA C 546 6.17 -48.96 -35.24
C ALA C 546 6.27 -48.03 -34.05
N ILE C 547 5.69 -46.83 -34.10
CA ILE C 547 5.71 -45.98 -32.91
C ILE C 547 4.75 -46.52 -31.87
N ALA C 548 3.51 -46.72 -32.30
CA ALA C 548 2.49 -47.05 -31.35
C ALA C 548 2.69 -48.41 -30.74
N GLU C 549 3.26 -49.33 -31.52
CA GLU C 549 3.31 -50.72 -31.14
C GLU C 549 4.14 -50.95 -29.89
N ARG C 550 5.05 -50.04 -29.60
CA ARG C 550 6.01 -50.19 -28.52
C ARG C 550 5.85 -49.04 -27.54
N TYR C 551 5.98 -47.78 -27.97
CA TYR C 551 5.96 -46.72 -26.96
C TYR C 551 4.59 -46.18 -26.59
N LEU C 552 3.49 -46.65 -27.17
CA LEU C 552 2.21 -45.99 -26.95
C LEU C 552 1.18 -46.89 -26.29
N VAL C 553 0.84 -48.00 -26.94
CA VAL C 553 -0.16 -48.91 -26.37
C VAL C 553 0.21 -49.35 -24.96
N PRO C 554 1.43 -49.81 -24.69
CA PRO C 554 1.75 -50.22 -23.32
C PRO C 554 1.53 -49.11 -22.34
N GLN C 555 1.80 -47.88 -22.74
CA GLN C 555 1.63 -46.77 -21.82
C GLN C 555 0.18 -46.62 -21.47
N ALA C 556 -0.69 -46.64 -22.47
CA ALA C 556 -2.10 -46.52 -22.18
C ALA C 556 -2.57 -47.72 -21.35
N ARG C 557 -1.96 -48.87 -21.59
CA ARG C 557 -2.43 -50.06 -20.91
C ARG C 557 -2.10 -49.96 -19.43
N ALA C 558 -0.91 -49.46 -19.13
CA ALA C 558 -0.57 -49.15 -17.75
C ALA C 558 -1.43 -48.01 -17.22
N LEU C 559 -1.84 -47.09 -18.10
CA LEU C 559 -2.67 -45.98 -17.65
C LEU C 559 -4.01 -46.48 -17.17
N CYS C 560 -4.47 -47.61 -17.71
CA CYS C 560 -5.80 -48.11 -17.44
C CYS C 560 -5.77 -49.40 -16.64
N GLY C 561 -4.60 -49.87 -16.21
CA GLY C 561 -4.53 -50.97 -15.29
C GLY C 561 -4.54 -52.33 -15.95
N LEU C 562 -4.92 -52.40 -17.21
CA LEU C 562 -4.93 -53.68 -17.90
C LEU C 562 -3.51 -54.11 -18.21
N ASP C 563 -3.36 -55.40 -18.40
CA ASP C 563 -2.11 -56.04 -18.70
C ASP C 563 -2.27 -56.80 -20.00
N GLU C 564 -1.12 -57.10 -20.62
CA GLU C 564 -1.06 -57.56 -22.00
C GLU C 564 -1.86 -58.82 -22.21
N SER C 565 -1.99 -59.62 -21.16
CA SER C 565 -2.76 -60.85 -21.21
C SER C 565 -4.23 -60.58 -21.48
N LYS C 566 -4.72 -59.38 -21.16
CA LYS C 566 -6.14 -59.10 -21.15
C LYS C 566 -6.64 -58.47 -22.44
N ALA C 567 -5.80 -57.72 -23.15
CA ALA C 567 -6.24 -56.94 -24.32
C ALA C 567 -5.14 -56.96 -25.37
N LYS C 568 -5.20 -57.96 -26.25
CA LYS C 568 -4.28 -57.99 -27.37
C LYS C 568 -4.77 -57.05 -28.45
N LEU C 569 -3.84 -56.57 -29.28
CA LEU C 569 -4.16 -55.72 -30.43
C LEU C 569 -3.33 -56.15 -31.62
N SER C 570 -3.91 -57.02 -32.45
CA SER C 570 -3.19 -57.51 -33.60
C SER C 570 -2.82 -56.37 -34.53
N SER C 571 -1.63 -56.48 -35.12
CA SER C 571 -1.04 -55.34 -35.81
C SER C 571 -1.89 -54.90 -36.99
N ASP C 572 -2.60 -55.84 -37.62
CA ASP C 572 -3.38 -55.50 -38.79
C ASP C 572 -4.45 -54.48 -38.42
N VAL C 573 -5.01 -54.63 -37.23
CA VAL C 573 -6.00 -53.68 -36.75
C VAL C 573 -5.39 -52.31 -36.60
N LEU C 574 -4.14 -52.28 -36.19
CA LEU C 574 -3.50 -50.99 -35.96
C LEU C 574 -3.23 -50.28 -37.27
N THR C 575 -2.71 -51.02 -38.24
CA THR C 575 -2.49 -50.40 -39.55
C THR C 575 -3.81 -49.97 -40.15
N LEU C 576 -4.85 -50.76 -39.89
CA LEU C 576 -6.15 -50.43 -40.44
C LEU C 576 -6.65 -49.14 -39.86
N LEU C 577 -6.46 -48.94 -38.56
CA LEU C 577 -6.86 -47.68 -37.95
C LEU C 577 -6.16 -46.51 -38.57
N ILE C 578 -4.84 -46.58 -38.63
CA ILE C 578 -4.11 -45.40 -39.07
C ILE C 578 -4.45 -45.08 -40.52
N LYS C 579 -4.78 -46.11 -41.30
CA LYS C 579 -5.01 -45.90 -42.71
C LYS C 579 -6.43 -45.49 -43.03
N GLN C 580 -7.37 -45.84 -42.17
CA GLN C 580 -8.78 -45.60 -42.42
C GLN C 580 -9.42 -44.68 -41.42
N TYR C 581 -9.23 -44.95 -40.13
CA TYR C 581 -10.07 -44.28 -39.14
C TYR C 581 -9.56 -42.92 -38.69
N CYS C 582 -8.37 -42.51 -39.10
CA CYS C 582 -7.89 -41.16 -38.79
C CYS C 582 -6.63 -40.87 -39.60
N ARG C 583 -6.56 -39.69 -40.25
CA ARG C 583 -5.43 -39.33 -41.08
C ARG C 583 -4.95 -37.94 -40.73
N GLU C 584 -3.66 -37.81 -40.47
CA GLU C 584 -3.03 -36.56 -40.11
C GLU C 584 -1.57 -36.90 -39.87
N SER C 585 -0.70 -35.91 -40.03
CA SER C 585 0.71 -36.16 -39.80
C SER C 585 0.96 -36.45 -38.33
N GLY C 586 0.21 -35.81 -37.45
CA GLY C 586 0.35 -36.05 -36.04
C GLY C 586 -0.33 -37.34 -35.64
N VAL C 587 0.17 -37.92 -34.55
CA VAL C 587 -0.36 -39.16 -34.02
C VAL C 587 -1.45 -38.96 -32.98
N ARG C 588 -1.72 -37.71 -32.57
CA ARG C 588 -2.55 -37.46 -31.37
C ARG C 588 -3.90 -38.13 -31.51
N ASN C 589 -4.56 -37.93 -32.64
CA ASN C 589 -5.89 -38.47 -32.78
C ASN C 589 -5.87 -39.99 -32.71
N LEU C 590 -4.82 -40.59 -33.25
CA LEU C 590 -4.66 -42.03 -33.13
C LEU C 590 -4.49 -42.43 -31.67
N GLN C 591 -3.86 -41.57 -30.89
CA GLN C 591 -3.72 -41.87 -29.47
C GLN C 591 -5.09 -41.90 -28.81
N LYS C 592 -5.96 -40.98 -29.21
CA LYS C 592 -7.33 -41.00 -28.70
C LYS C 592 -8.02 -42.30 -29.08
N GLN C 593 -7.84 -42.73 -30.32
CA GLN C 593 -8.53 -43.93 -30.76
C GLN C 593 -8.09 -45.13 -29.95
N VAL C 594 -6.78 -45.27 -29.78
CA VAL C 594 -6.30 -46.47 -29.11
C VAL C 594 -6.76 -46.49 -27.67
N GLU C 595 -6.77 -45.33 -27.00
CA GLU C 595 -7.26 -45.34 -25.63
C GLU C 595 -8.73 -45.69 -25.61
N LYS C 596 -9.49 -45.23 -26.61
CA LYS C 596 -10.91 -45.52 -26.62
C LYS C 596 -11.14 -47.01 -26.70
N VAL C 597 -10.40 -47.69 -27.58
CA VAL C 597 -10.63 -49.10 -27.73
C VAL C 597 -10.28 -49.81 -26.43
N LEU C 598 -9.17 -49.38 -25.81
CA LEU C 598 -8.75 -49.99 -24.56
C LEU C 598 -9.79 -49.83 -23.49
N ARG C 599 -10.27 -48.62 -23.32
CA ARG C 599 -11.17 -48.35 -22.22
C ARG C 599 -12.50 -49.06 -22.42
N LYS C 600 -12.96 -49.16 -23.66
CA LYS C 600 -14.15 -49.93 -23.93
C LYS C 600 -13.90 -51.40 -23.65
N SER C 601 -12.70 -51.85 -23.96
CA SER C 601 -12.33 -53.20 -23.65
C SER C 601 -12.35 -53.44 -22.16
N ALA C 602 -11.98 -52.43 -21.40
CA ALA C 602 -11.95 -52.59 -19.95
C ALA C 602 -13.36 -52.77 -19.43
N TYR C 603 -14.27 -51.94 -19.93
CA TYR C 603 -15.66 -52.11 -19.56
C TYR C 603 -16.15 -53.48 -19.96
N LYS C 604 -15.69 -53.98 -21.10
CA LYS C 604 -16.16 -55.27 -21.53
C LYS C 604 -15.63 -56.36 -20.61
N ILE C 605 -14.47 -56.14 -20.01
CA ILE C 605 -13.96 -57.10 -19.05
C ILE C 605 -14.79 -57.06 -17.79
N VAL C 606 -14.91 -55.88 -17.18
CA VAL C 606 -15.20 -55.75 -15.75
C VAL C 606 -16.47 -56.48 -15.36
N SER C 607 -17.41 -56.58 -16.29
CA SER C 607 -18.67 -57.26 -16.09
C SER C 607 -18.94 -58.27 -17.17
N GLY C 608 -18.33 -58.14 -18.34
CA GLY C 608 -18.65 -59.02 -19.45
C GLY C 608 -18.16 -60.43 -19.23
N GLU C 609 -18.11 -61.20 -20.31
CA GLU C 609 -17.88 -62.62 -20.20
C GLU C 609 -16.39 -62.97 -20.23
N ALA C 610 -15.63 -62.34 -21.11
CA ALA C 610 -14.21 -62.63 -21.20
C ALA C 610 -13.41 -62.06 -20.05
N GLU C 611 -12.41 -62.81 -19.64
CA GLU C 611 -11.37 -62.33 -18.75
C GLU C 611 -10.26 -61.64 -19.53
N SER C 612 -10.25 -61.75 -20.86
CA SER C 612 -9.20 -61.17 -21.69
C SER C 612 -9.76 -60.88 -23.06
N VAL C 613 -9.83 -59.60 -23.40
CA VAL C 613 -10.29 -59.22 -24.71
C VAL C 613 -9.20 -59.56 -25.72
N GLU C 614 -9.62 -59.76 -26.96
CA GLU C 614 -8.76 -60.22 -28.03
C GLU C 614 -9.25 -59.53 -29.29
N VAL C 615 -8.66 -58.36 -29.58
CA VAL C 615 -9.12 -57.56 -30.70
C VAL C 615 -8.99 -58.35 -31.99
N THR C 616 -10.01 -58.22 -32.82
CA THR C 616 -10.09 -58.74 -34.17
C THR C 616 -10.71 -57.67 -35.06
N PRO C 617 -10.38 -57.63 -36.36
CA PRO C 617 -10.78 -56.48 -37.19
C PRO C 617 -12.28 -56.28 -37.18
N GLU C 618 -13.00 -57.39 -37.19
CA GLU C 618 -14.44 -57.35 -37.09
C GLU C 618 -14.87 -56.76 -35.76
N ASN C 619 -14.06 -56.92 -34.71
CA ASN C 619 -14.43 -56.36 -33.44
C ASN C 619 -14.18 -54.87 -33.41
N LEU C 620 -13.27 -54.38 -34.27
CA LEU C 620 -12.85 -53.01 -34.10
C LEU C 620 -14.03 -52.08 -34.34
N GLN C 621 -14.79 -52.40 -35.38
CA GLN C 621 -15.96 -51.60 -35.69
C GLN C 621 -16.99 -51.75 -34.60
N ASP C 622 -16.96 -52.87 -33.90
CA ASP C 622 -17.90 -53.08 -32.83
C ASP C 622 -17.55 -52.17 -31.68
N PHE C 623 -16.27 -51.83 -31.50
CA PHE C 623 -15.92 -50.93 -30.40
C PHE C 623 -15.91 -49.47 -30.84
N VAL C 624 -14.94 -49.09 -31.68
CA VAL C 624 -14.88 -47.69 -32.03
C VAL C 624 -15.96 -47.26 -33.00
N GLY C 625 -16.58 -48.18 -33.73
CA GLY C 625 -17.63 -47.83 -34.66
C GLY C 625 -17.16 -47.98 -36.09
N LYS C 626 -17.88 -47.35 -36.98
CA LYS C 626 -17.55 -47.46 -38.39
C LYS C 626 -16.35 -46.60 -38.78
N PRO C 627 -15.73 -46.90 -39.93
CA PRO C 627 -14.58 -46.10 -40.37
C PRO C 627 -14.93 -44.67 -40.62
N VAL C 628 -14.01 -43.78 -40.26
CA VAL C 628 -14.22 -42.36 -40.42
C VAL C 628 -13.80 -41.94 -41.80
N PHE C 629 -12.53 -42.07 -42.11
CA PHE C 629 -12.07 -41.65 -43.43
C PHE C 629 -12.08 -42.83 -44.38
N THR C 630 -12.41 -42.54 -45.63
CA THR C 630 -12.13 -43.38 -46.78
C THR C 630 -11.79 -42.36 -47.85
N VAL C 631 -10.54 -41.90 -47.83
CA VAL C 631 -10.11 -40.71 -48.56
C VAL C 631 -9.25 -41.10 -49.76
N GLU C 632 -9.56 -42.23 -50.40
CA GLU C 632 -9.04 -42.48 -51.75
C GLU C 632 -9.23 -41.25 -52.63
N ARG C 633 -8.47 -41.17 -53.73
CA ARG C 633 -8.51 -40.00 -54.59
C ARG C 633 -9.93 -39.74 -55.06
N MET C 634 -10.31 -38.46 -55.12
CA MET C 634 -11.67 -38.08 -55.45
C MET C 634 -12.09 -38.63 -56.79
N TYR C 635 -11.14 -38.75 -57.70
CA TYR C 635 -11.32 -39.42 -58.97
C TYR C 635 -10.25 -40.49 -59.06
N ASP C 636 -10.51 -41.44 -59.94
CA ASP C 636 -9.53 -42.45 -60.32
C ASP C 636 -9.42 -42.57 -61.83
N VAL C 637 -10.09 -41.69 -62.57
CA VAL C 637 -9.91 -41.55 -64.01
C VAL C 637 -9.65 -40.12 -64.41
N THR C 638 -10.01 -39.13 -63.57
CA THR C 638 -9.72 -37.70 -63.74
C THR C 638 -10.13 -37.22 -65.11
N PRO C 639 -11.42 -37.02 -65.40
CA PRO C 639 -11.79 -36.58 -66.72
C PRO C 639 -11.18 -35.21 -66.99
N PRO C 640 -10.81 -34.91 -68.27
CA PRO C 640 -10.05 -33.69 -68.63
C PRO C 640 -10.39 -32.40 -67.90
N GLY C 641 -9.37 -31.61 -67.66
CA GLY C 641 -9.55 -30.37 -66.96
C GLY C 641 -9.66 -30.54 -65.46
N VAL C 642 -9.00 -31.56 -64.91
CA VAL C 642 -8.87 -31.72 -63.47
C VAL C 642 -7.49 -32.32 -63.26
N VAL C 643 -6.83 -31.95 -62.16
CA VAL C 643 -5.47 -32.42 -61.93
C VAL C 643 -5.20 -32.50 -60.43
N MET C 644 -4.36 -33.46 -60.05
CA MET C 644 -3.98 -33.66 -58.65
C MET C 644 -3.03 -32.54 -58.25
N GLY C 645 -2.96 -32.27 -56.95
CA GLY C 645 -2.02 -31.25 -56.53
C GLY C 645 -1.57 -31.28 -55.11
N LEU C 646 -0.26 -31.36 -54.95
CA LEU C 646 0.34 -31.33 -53.64
C LEU C 646 0.22 -29.94 -53.08
N ALA C 647 0.16 -29.86 -51.77
CA ALA C 647 0.15 -28.56 -51.13
C ALA C 647 0.66 -28.74 -49.72
N TRP C 648 1.42 -27.77 -49.27
CA TRP C 648 2.09 -27.80 -47.98
C TRP C 648 1.37 -26.77 -47.14
N THR C 649 0.28 -27.21 -46.52
CA THR C 649 -0.57 -26.32 -45.77
C THR C 649 0.03 -26.12 -44.38
N ALA C 650 -0.76 -25.52 -43.49
CA ALA C 650 -0.25 -25.16 -42.18
C ALA C 650 0.13 -26.38 -41.35
N MET C 651 -0.50 -27.52 -41.58
CA MET C 651 -0.23 -28.75 -40.82
C MET C 651 -0.22 -29.94 -41.77
N GLY C 652 0.98 -30.27 -42.26
CA GLY C 652 1.17 -31.43 -43.09
C GLY C 652 0.77 -31.15 -44.52
N GLY C 653 1.07 -32.10 -45.39
CA GLY C 653 0.70 -31.95 -46.78
C GLY C 653 -0.73 -32.32 -47.06
N SER C 654 -1.15 -32.08 -48.30
CA SER C 654 -2.46 -32.51 -48.72
C SER C 654 -2.55 -32.46 -50.23
N THR C 655 -3.29 -33.41 -50.78
CA THR C 655 -3.34 -33.63 -52.21
C THR C 655 -4.62 -33.03 -52.75
N LEU C 656 -4.72 -31.72 -52.64
CA LEU C 656 -5.90 -31.04 -53.15
C LEU C 656 -5.99 -31.15 -54.67
N PHE C 657 -7.21 -31.30 -55.16
CA PHE C 657 -7.43 -31.37 -56.58
C PHE C 657 -7.46 -29.96 -57.11
N VAL C 658 -7.42 -29.79 -58.43
CA VAL C 658 -7.63 -28.50 -59.06
C VAL C 658 -8.55 -28.71 -60.25
N GLU C 659 -9.43 -27.73 -60.50
CA GLU C 659 -10.54 -27.86 -61.42
C GLU C 659 -10.61 -26.66 -62.35
N THR C 660 -11.18 -26.90 -63.51
CA THR C 660 -11.33 -25.88 -64.54
C THR C 660 -12.62 -26.18 -65.27
N SER C 661 -13.16 -25.18 -65.95
CA SER C 661 -14.38 -25.43 -66.68
C SER C 661 -14.67 -24.31 -67.65
N LEU C 662 -15.47 -24.65 -68.63
CA LEU C 662 -16.03 -23.68 -69.55
C LEU C 662 -17.05 -22.84 -68.81
N ARG C 663 -17.29 -21.64 -69.31
CA ARG C 663 -18.30 -20.76 -68.74
C ARG C 663 -19.43 -20.43 -69.69
N ARG C 664 -19.17 -20.36 -70.98
CA ARG C 664 -20.17 -20.06 -71.98
C ARG C 664 -19.89 -21.01 -73.12
N PRO C 665 -20.88 -21.28 -73.98
CA PRO C 665 -20.59 -22.12 -75.15
C PRO C 665 -19.51 -21.47 -75.98
N GLN C 666 -18.62 -22.29 -76.51
CA GLN C 666 -17.40 -21.73 -77.07
C GLN C 666 -17.65 -21.14 -78.45
N ASP C 667 -18.31 -21.87 -79.35
CA ASP C 667 -18.41 -21.44 -80.75
C ASP C 667 -19.64 -20.55 -80.92
N LYS C 668 -19.67 -19.47 -80.15
CA LYS C 668 -20.66 -18.41 -80.36
C LYS C 668 -20.47 -17.67 -81.67
N ASP C 669 -19.23 -17.54 -82.14
CA ASP C 669 -18.91 -16.83 -83.37
C ASP C 669 -17.52 -17.22 -83.83
N ALA C 670 -17.42 -17.74 -85.05
CA ALA C 670 -16.12 -18.06 -85.59
C ALA C 670 -15.24 -16.81 -85.78
N LYS C 671 -15.84 -15.66 -86.04
CA LYS C 671 -15.13 -14.41 -86.30
C LYS C 671 -14.82 -13.57 -85.07
N GLY C 672 -15.26 -13.98 -83.88
CA GLY C 672 -15.12 -13.11 -82.73
C GLY C 672 -13.68 -12.89 -82.31
N ASP C 673 -13.47 -11.79 -81.60
CA ASP C 673 -12.12 -11.42 -81.14
C ASP C 673 -12.29 -10.65 -79.83
N LYS C 674 -12.21 -11.39 -78.73
CA LYS C 674 -12.21 -10.85 -77.38
C LYS C 674 -11.51 -11.85 -76.51
N ASP C 675 -10.90 -11.35 -75.44
CA ASP C 675 -10.13 -12.19 -74.53
C ASP C 675 -11.02 -13.26 -73.93
N GLY C 676 -10.50 -14.48 -73.88
CA GLY C 676 -11.21 -15.56 -73.24
C GLY C 676 -10.99 -15.50 -71.74
N SER C 677 -11.70 -14.59 -71.08
CA SER C 677 -11.38 -14.21 -69.70
C SER C 677 -11.41 -15.37 -68.71
N LEU C 678 -10.37 -15.45 -67.90
CA LEU C 678 -10.33 -16.36 -66.78
C LEU C 678 -11.19 -15.83 -65.65
N GLU C 679 -11.63 -16.76 -64.82
CA GLU C 679 -12.29 -16.46 -63.56
C GLU C 679 -11.60 -17.28 -62.50
N VAL C 680 -10.84 -16.63 -61.68
CA VAL C 680 -10.14 -17.32 -60.62
C VAL C 680 -11.11 -17.60 -59.48
N THR C 681 -10.91 -18.72 -58.77
CA THR C 681 -11.77 -18.96 -57.61
C THR C 681 -11.06 -19.91 -56.65
N GLY C 682 -11.47 -19.82 -55.38
CA GLY C 682 -10.87 -20.57 -54.31
C GLY C 682 -10.16 -19.75 -53.25
N GLN C 683 -10.73 -18.60 -52.90
CA GLN C 683 -10.27 -17.75 -51.80
C GLN C 683 -8.80 -17.43 -52.00
N LEU C 684 -8.48 -17.11 -53.24
CA LEU C 684 -7.09 -16.88 -53.60
C LEU C 684 -6.52 -15.68 -52.87
N GLY C 685 -5.30 -15.83 -52.43
CA GLY C 685 -4.50 -14.67 -52.13
C GLY C 685 -4.07 -14.04 -53.43
N GLU C 686 -3.71 -12.77 -53.34
CA GLU C 686 -3.46 -11.99 -54.54
C GLU C 686 -2.26 -12.50 -55.31
N VAL C 687 -1.17 -12.83 -54.61
CA VAL C 687 0.07 -13.30 -55.25
C VAL C 687 -0.23 -14.49 -56.14
N MET C 688 -1.05 -15.38 -55.65
CA MET C 688 -1.50 -16.47 -56.47
C MET C 688 -2.28 -15.97 -57.67
N LYS C 689 -3.02 -14.87 -57.53
CA LYS C 689 -3.79 -14.41 -58.67
C LYS C 689 -2.89 -13.89 -59.77
N GLU C 690 -1.86 -13.11 -59.43
CA GLU C 690 -0.97 -12.68 -60.51
C GLU C 690 -0.23 -13.87 -61.10
N SER C 691 0.13 -14.85 -60.27
CA SER C 691 0.82 -16.01 -60.82
C SER C 691 -0.09 -16.75 -61.76
N ALA C 692 -1.38 -16.79 -61.43
CA ALA C 692 -2.33 -17.43 -62.30
C ALA C 692 -2.42 -16.70 -63.61
N ARG C 693 -2.42 -15.37 -63.54
CA ARG C 693 -2.49 -14.60 -64.76
C ARG C 693 -1.27 -14.90 -65.61
N ILE C 694 -0.14 -15.10 -64.94
CA ILE C 694 1.10 -15.35 -65.65
C ILE C 694 1.03 -16.70 -66.34
N ALA C 695 0.65 -17.72 -65.57
CA ALA C 695 0.54 -19.05 -66.13
C ALA C 695 -0.48 -19.09 -67.23
N TYR C 696 -1.55 -18.31 -67.08
CA TYR C 696 -2.58 -18.26 -68.09
C TYR C 696 -2.03 -17.76 -69.40
N THR C 697 -1.34 -16.65 -69.33
CA THR C 697 -0.81 -16.08 -70.54
C THR C 697 0.26 -16.99 -71.13
N PHE C 698 1.08 -17.59 -70.28
CA PHE C 698 2.15 -18.42 -70.79
C PHE C 698 1.56 -19.64 -71.45
N ALA C 699 0.51 -20.19 -70.88
CA ALA C 699 -0.09 -21.35 -71.50
C ALA C 699 -0.63 -20.98 -72.85
N ARG C 700 -1.30 -19.84 -72.91
CA ARG C 700 -1.87 -19.41 -74.17
C ARG C 700 -0.78 -19.17 -75.20
N ALA C 701 0.39 -18.78 -74.71
CA ALA C 701 1.50 -18.58 -75.61
C ALA C 701 2.04 -19.91 -76.04
N PHE C 702 2.12 -20.85 -75.10
CA PHE C 702 2.73 -22.11 -75.48
C PHE C 702 1.86 -22.77 -76.54
N LEU C 703 0.55 -22.60 -76.44
CA LEU C 703 -0.33 -23.17 -77.45
C LEU C 703 -0.04 -22.60 -78.82
N MET C 704 -0.06 -21.26 -78.92
CA MET C 704 0.15 -20.68 -80.25
C MET C 704 1.54 -21.03 -80.75
N GLN C 705 2.50 -21.14 -79.84
CA GLN C 705 3.82 -21.57 -80.21
C GLN C 705 3.84 -23.03 -80.63
N HIS C 706 2.96 -23.85 -80.07
CA HIS C 706 3.04 -25.30 -80.24
C HIS C 706 2.03 -25.81 -81.25
N ALA C 707 0.76 -25.45 -81.10
CA ALA C 707 -0.31 -25.96 -81.95
C ALA C 707 -1.07 -24.73 -82.39
N PRO C 708 -0.54 -23.98 -83.36
CA PRO C 708 -1.18 -22.70 -83.72
C PRO C 708 -2.61 -22.81 -84.20
N ALA C 709 -2.97 -23.91 -84.88
CA ALA C 709 -4.30 -23.99 -85.50
C ALA C 709 -5.42 -23.90 -84.47
N ASN C 710 -5.20 -24.43 -83.28
CA ASN C 710 -6.21 -24.35 -82.25
C ASN C 710 -6.27 -22.92 -81.72
N ASP C 711 -7.44 -22.54 -81.21
CA ASP C 711 -7.62 -21.21 -80.62
C ASP C 711 -8.45 -21.26 -79.36
N TYR C 712 -8.61 -22.45 -78.78
CA TYR C 712 -9.66 -22.68 -77.79
C TYR C 712 -9.48 -21.77 -76.59
N LEU C 713 -8.22 -21.40 -76.29
CA LEU C 713 -7.95 -20.58 -75.11
C LEU C 713 -8.34 -19.15 -75.36
N VAL C 714 -7.87 -18.58 -76.48
CA VAL C 714 -8.09 -17.16 -76.70
C VAL C 714 -9.56 -16.88 -76.90
N THR C 715 -10.29 -17.87 -77.38
CA THR C 715 -11.62 -17.68 -77.91
C THR C 715 -12.69 -18.08 -76.90
N SER C 716 -12.31 -18.32 -75.64
CA SER C 716 -13.28 -18.78 -74.67
C SER C 716 -12.96 -18.38 -73.24
N HIS C 717 -14.01 -18.03 -72.52
CA HIS C 717 -13.87 -17.69 -71.13
C HIS C 717 -13.79 -18.99 -70.35
N ILE C 718 -13.19 -18.91 -69.17
CA ILE C 718 -12.94 -20.10 -68.39
C ILE C 718 -13.04 -19.74 -66.93
N HIS C 719 -13.50 -20.68 -66.14
CA HIS C 719 -13.50 -20.58 -64.70
C HIS C 719 -12.56 -21.64 -64.18
N LEU C 720 -11.79 -21.32 -63.15
CA LEU C 720 -10.74 -22.20 -62.65
C LEU C 720 -10.73 -22.13 -61.14
N HIS C 721 -10.91 -23.27 -60.49
CA HIS C 721 -10.96 -23.37 -59.05
C HIS C 721 -9.71 -24.06 -58.53
N VAL C 722 -9.06 -23.40 -57.58
CA VAL C 722 -7.94 -23.95 -56.84
C VAL C 722 -8.35 -23.99 -55.37
N PRO C 723 -8.61 -25.15 -54.76
CA PRO C 723 -9.09 -25.14 -53.37
C PRO C 723 -8.07 -24.57 -52.41
N GLU C 724 -8.58 -23.90 -51.40
CA GLU C 724 -7.76 -23.19 -50.43
C GLU C 724 -7.12 -24.20 -49.49
N GLY C 725 -6.04 -23.77 -48.83
CA GLY C 725 -5.47 -24.51 -47.73
C GLY C 725 -3.98 -24.36 -47.59
N ALA C 726 -3.28 -24.03 -48.68
CA ALA C 726 -1.84 -23.83 -48.60
C ALA C 726 -1.51 -22.62 -47.75
N THR C 727 -0.36 -22.67 -47.11
CA THR C 727 0.12 -21.53 -46.37
C THR C 727 0.45 -20.41 -47.34
N PRO C 728 0.33 -19.15 -46.93
CA PRO C 728 0.61 -18.07 -47.89
C PRO C 728 1.98 -18.13 -48.51
N LYS C 729 2.98 -18.54 -47.72
CA LYS C 729 4.37 -18.46 -48.16
C LYS C 729 4.66 -19.34 -49.36
N ASP C 730 3.91 -20.41 -49.54
CA ASP C 730 4.08 -21.31 -50.67
C ASP C 730 2.87 -21.33 -51.59
N GLY C 731 2.00 -20.30 -51.51
CA GLY C 731 0.83 -20.29 -52.34
C GLY C 731 1.07 -20.23 -53.84
N PRO C 732 2.08 -19.48 -54.31
CA PRO C 732 2.40 -19.56 -55.74
C PRO C 732 2.80 -20.94 -56.20
N SER C 733 3.35 -21.77 -55.32
CA SER C 733 3.96 -23.03 -55.72
C SER C 733 3.01 -23.96 -56.45
N ALA C 734 1.71 -23.80 -56.27
CA ALA C 734 0.83 -24.72 -56.96
C ALA C 734 0.77 -24.43 -58.46
N GLY C 735 1.32 -23.28 -58.88
CA GLY C 735 1.02 -22.73 -60.19
C GLY C 735 1.40 -23.66 -61.31
N CYS C 736 2.46 -24.45 -61.11
CA CYS C 736 2.97 -25.29 -62.18
C CYS C 736 1.92 -26.29 -62.65
N THR C 737 1.03 -26.68 -61.76
CA THR C 737 -0.08 -27.53 -62.15
C THR C 737 -1.03 -26.84 -63.10
N ILE C 738 -1.24 -25.54 -62.88
CA ILE C 738 -2.29 -24.77 -63.54
C ILE C 738 -2.21 -24.96 -65.03
N VAL C 739 -1.01 -24.79 -65.57
CA VAL C 739 -0.83 -24.84 -67.00
C VAL C 739 -1.26 -26.20 -67.49
N THR C 740 -0.89 -27.23 -66.74
CA THR C 740 -1.19 -28.59 -67.15
C THR C 740 -2.68 -28.81 -67.22
N ALA C 741 -3.43 -28.12 -66.37
CA ALA C 741 -4.87 -28.19 -66.48
C ALA C 741 -5.31 -27.64 -67.82
N LEU C 742 -4.82 -26.45 -68.13
CA LEU C 742 -5.33 -25.75 -69.29
C LEU C 742 -5.02 -26.52 -70.54
N LEU C 743 -3.80 -27.06 -70.61
CA LEU C 743 -3.43 -27.88 -71.73
C LEU C 743 -4.29 -29.12 -71.80
N SER C 744 -4.59 -29.71 -70.64
CA SER C 744 -5.46 -30.88 -70.63
C SER C 744 -6.80 -30.50 -71.20
N LEU C 745 -7.23 -29.27 -70.94
CA LEU C 745 -8.50 -28.78 -71.45
C LEU C 745 -8.36 -28.29 -72.88
N ALA C 746 -7.14 -28.15 -73.38
CA ALA C 746 -6.95 -27.74 -74.76
C ALA C 746 -7.03 -28.94 -75.69
N MET C 747 -6.08 -29.86 -75.56
CA MET C 747 -6.16 -31.10 -76.31
C MET C 747 -7.29 -31.99 -75.81
N GLY C 748 -7.65 -31.88 -74.55
CA GLY C 748 -8.73 -32.69 -74.01
C GLY C 748 -8.32 -34.07 -73.58
N ARG C 749 -7.07 -34.47 -73.76
CA ARG C 749 -6.71 -35.79 -73.31
C ARG C 749 -6.62 -35.77 -71.79
N PRO C 750 -6.97 -36.86 -71.11
CA PRO C 750 -6.82 -36.87 -69.65
C PRO C 750 -5.34 -36.79 -69.30
N VAL C 751 -5.03 -36.19 -68.16
CA VAL C 751 -3.67 -36.32 -67.66
C VAL C 751 -3.41 -37.77 -67.30
N ARG C 752 -2.14 -38.19 -67.37
CA ARG C 752 -1.79 -39.55 -67.00
C ARG C 752 -2.10 -39.78 -65.54
N GLN C 753 -2.52 -40.99 -65.24
CA GLN C 753 -3.08 -41.33 -63.94
C GLN C 753 -2.01 -41.17 -62.88
N ASN C 754 -2.43 -40.64 -61.71
CA ASN C 754 -1.66 -40.51 -60.47
C ASN C 754 -0.23 -40.07 -60.78
N LEU C 755 -0.14 -38.85 -61.28
CA LEU C 755 1.08 -38.25 -61.78
C LEU C 755 1.12 -36.88 -61.13
N ALA C 756 1.55 -36.90 -59.89
CA ALA C 756 1.62 -35.69 -59.09
C ALA C 756 2.62 -34.71 -59.66
N MET C 757 2.36 -33.45 -59.39
CA MET C 757 3.26 -32.41 -59.84
C MET C 757 3.12 -31.20 -58.94
N THR C 758 4.15 -30.38 -58.99
CA THR C 758 4.21 -29.15 -58.22
C THR C 758 5.26 -28.30 -58.90
N GLY C 759 5.40 -27.06 -58.43
CA GLY C 759 6.48 -26.22 -58.89
C GLY C 759 6.26 -24.73 -58.97
N GLU C 760 6.64 -24.14 -60.08
CA GLU C 760 6.53 -22.71 -60.31
C GLU C 760 7.02 -22.50 -61.73
N VAL C 761 6.66 -21.36 -62.30
CA VAL C 761 7.01 -21.05 -63.67
C VAL C 761 7.37 -19.58 -63.67
N SER C 762 8.12 -19.20 -64.67
CA SER C 762 8.82 -17.93 -64.78
C SER C 762 8.41 -17.27 -66.07
N LEU C 763 7.17 -17.49 -66.52
CA LEU C 763 6.55 -16.81 -67.64
C LEU C 763 7.14 -17.23 -68.98
N THR C 764 8.14 -18.11 -69.00
CA THR C 764 8.64 -18.72 -70.21
C THR C 764 8.81 -20.23 -70.09
N GLY C 765 8.36 -20.84 -68.99
CA GLY C 765 8.42 -22.28 -68.81
C GLY C 765 9.57 -22.78 -67.98
N LYS C 766 10.55 -21.94 -67.70
CA LYS C 766 11.58 -22.38 -66.77
C LYS C 766 10.93 -22.47 -65.41
N ILE C 767 11.31 -23.49 -64.68
CA ILE C 767 10.71 -23.83 -63.42
C ILE C 767 11.61 -23.28 -62.33
N LEU C 768 11.06 -23.15 -61.12
CA LEU C 768 11.78 -22.58 -59.99
C LEU C 768 11.57 -23.47 -58.78
N PRO C 769 12.53 -23.53 -57.86
CA PRO C 769 12.38 -24.42 -56.69
C PRO C 769 11.26 -24.00 -55.76
N VAL C 770 10.63 -24.99 -55.12
CA VAL C 770 9.62 -24.77 -54.10
C VAL C 770 10.08 -25.40 -52.81
N GLY C 771 9.68 -24.80 -51.69
CA GLY C 771 10.01 -25.31 -50.37
C GLY C 771 9.08 -26.40 -49.85
N GLY C 772 9.46 -26.95 -48.70
CA GLY C 772 8.62 -27.88 -47.98
C GLY C 772 8.40 -29.16 -48.75
N ILE C 773 9.43 -29.60 -49.48
CA ILE C 773 9.28 -30.74 -50.37
C ILE C 773 8.97 -32.01 -49.60
N LYS C 774 9.43 -32.08 -48.35
CA LYS C 774 9.34 -33.31 -47.61
C LYS C 774 7.90 -33.68 -47.31
N GLU C 775 7.13 -32.74 -46.75
CA GLU C 775 5.78 -33.06 -46.35
C GLU C 775 4.94 -33.39 -47.55
N LYS C 776 5.22 -32.71 -48.65
CA LYS C 776 4.57 -33.03 -49.89
C LYS C 776 4.91 -34.45 -50.29
N THR C 777 6.16 -34.84 -50.06
CA THR C 777 6.57 -36.18 -50.42
C THR C 777 5.78 -37.19 -49.61
N ILE C 778 5.59 -36.88 -48.33
CA ILE C 778 4.88 -37.77 -47.43
C ILE C 778 3.46 -37.99 -47.95
N ALA C 779 2.74 -36.89 -48.12
CA ALA C 779 1.33 -37.00 -48.49
C ALA C 779 1.17 -37.65 -49.84
N ALA C 780 2.09 -37.38 -50.77
CA ALA C 780 1.99 -38.02 -52.06
C ALA C 780 2.16 -39.51 -51.92
N LYS C 781 3.04 -39.93 -51.01
CA LYS C 781 3.21 -41.34 -50.82
C LYS C 781 1.92 -41.90 -50.24
N ARG C 782 1.27 -41.11 -49.39
CA ARG C 782 0.06 -41.56 -48.73
C ARG C 782 -1.08 -41.70 -49.72
N ALA C 783 -1.04 -40.95 -50.80
CA ALA C 783 -2.15 -40.89 -51.72
C ALA C 783 -2.03 -41.87 -52.86
N GLY C 784 -1.09 -42.81 -52.79
CA GLY C 784 -1.04 -43.79 -53.84
C GLY C 784 -0.41 -43.25 -55.09
N VAL C 785 0.27 -42.12 -55.00
CA VAL C 785 0.93 -41.54 -56.14
C VAL C 785 1.99 -42.51 -56.63
N THR C 786 2.16 -42.62 -57.94
CA THR C 786 3.20 -43.49 -58.47
C THR C 786 3.86 -42.81 -59.66
N CYS C 787 4.01 -41.50 -59.56
CA CYS C 787 4.87 -40.71 -60.41
C CYS C 787 4.88 -39.30 -59.85
N ILE C 788 5.88 -38.53 -60.24
CA ILE C 788 6.03 -37.19 -59.73
C ILE C 788 7.02 -36.49 -60.63
N VAL C 789 7.03 -35.16 -60.55
CA VAL C 789 7.86 -34.33 -61.38
C VAL C 789 8.32 -33.18 -60.49
N LEU C 790 9.62 -32.99 -60.38
CA LEU C 790 10.19 -32.02 -59.46
C LEU C 790 11.20 -31.10 -60.15
N PRO C 791 11.42 -29.90 -59.61
CA PRO C 791 12.43 -29.03 -60.21
C PRO C 791 13.79 -29.66 -60.12
N ALA C 792 14.60 -29.49 -61.15
CA ALA C 792 15.92 -30.10 -61.10
C ALA C 792 16.76 -29.50 -59.98
N GLU C 793 16.48 -28.26 -59.60
CA GLU C 793 17.26 -27.60 -58.56
C GLU C 793 17.05 -28.24 -57.22
N ASN C 794 15.94 -28.92 -57.03
CA ASN C 794 15.62 -29.51 -55.76
C ASN C 794 16.04 -30.97 -55.72
N LYS C 795 16.63 -31.49 -56.80
CA LYS C 795 16.97 -32.91 -56.81
C LYS C 795 18.00 -33.26 -55.75
N LYS C 796 18.83 -32.29 -55.39
CA LYS C 796 19.82 -32.49 -54.36
C LYS C 796 19.08 -32.76 -53.08
N ASP C 797 18.13 -31.89 -52.80
CA ASP C 797 17.39 -31.97 -51.57
C ASP C 797 16.59 -33.26 -51.55
N PHE C 798 16.04 -33.65 -52.70
CA PHE C 798 15.18 -34.81 -52.68
C PHE C 798 15.95 -36.08 -52.36
N TYR C 799 17.23 -36.12 -52.71
CA TYR C 799 17.99 -37.32 -52.44
C TYR C 799 18.54 -37.35 -51.05
N ASP C 800 18.36 -36.29 -50.27
CA ASP C 800 18.77 -36.40 -48.88
C ASP C 800 17.85 -37.36 -48.12
N LEU C 801 16.63 -37.56 -48.59
CA LEU C 801 15.60 -38.27 -47.84
C LEU C 801 15.94 -39.74 -47.69
N ALA C 802 15.47 -40.33 -46.59
CA ALA C 802 15.67 -41.74 -46.34
C ALA C 802 15.01 -42.60 -47.41
N ALA C 803 15.72 -43.66 -47.81
CA ALA C 803 15.33 -44.48 -48.96
C ALA C 803 14.00 -45.17 -48.75
N PHE C 804 13.69 -45.57 -47.51
CA PHE C 804 12.46 -46.29 -47.27
C PHE C 804 11.27 -45.39 -47.52
N ILE C 805 11.46 -44.09 -47.34
CA ILE C 805 10.41 -43.15 -47.66
C ILE C 805 10.27 -43.11 -49.18
N THR C 806 11.40 -42.97 -49.85
CA THR C 806 11.44 -42.75 -51.28
C THR C 806 11.01 -43.95 -52.11
N GLU C 807 11.03 -45.16 -51.55
CA GLU C 807 10.83 -46.37 -52.33
C GLU C 807 9.48 -46.39 -53.04
N GLY C 808 9.51 -46.84 -54.29
CA GLY C 808 8.34 -46.96 -55.11
C GLY C 808 8.04 -45.76 -55.97
N LEU C 809 8.58 -44.61 -55.61
CA LEU C 809 8.43 -43.42 -56.44
C LEU C 809 9.35 -43.46 -57.65
N GLU C 810 8.91 -42.80 -58.71
CA GLU C 810 9.62 -42.76 -60.00
C GLU C 810 9.75 -41.30 -60.39
N VAL C 811 10.76 -40.66 -59.82
CA VAL C 811 10.89 -39.22 -59.83
C VAL C 811 11.25 -38.73 -61.22
N HIS C 812 10.92 -37.47 -61.48
CA HIS C 812 11.28 -36.80 -62.72
C HIS C 812 11.77 -35.41 -62.36
N PHE C 813 13.07 -35.24 -62.34
CA PHE C 813 13.61 -33.91 -62.15
C PHE C 813 13.48 -33.20 -63.48
N VAL C 814 13.28 -31.88 -63.44
CA VAL C 814 13.08 -31.10 -64.66
C VAL C 814 13.48 -29.67 -64.39
N GLU C 815 13.80 -28.95 -65.47
CA GLU C 815 14.11 -27.53 -65.43
C GLU C 815 13.10 -26.69 -66.17
N HIS C 816 12.80 -27.03 -67.42
CA HIS C 816 11.82 -26.35 -68.22
C HIS C 816 10.48 -27.06 -68.21
N TYR C 817 9.45 -26.32 -68.62
CA TYR C 817 8.15 -26.94 -68.67
C TYR C 817 8.04 -27.81 -69.91
N ARG C 818 8.94 -27.62 -70.87
CA ARG C 818 8.95 -28.44 -72.06
C ARG C 818 9.11 -29.89 -71.68
N GLU C 819 9.86 -30.11 -70.61
CA GLU C 819 10.05 -31.45 -70.08
C GLU C 819 8.70 -32.05 -69.75
N ILE C 820 7.91 -31.27 -68.99
CA ILE C 820 6.61 -31.71 -68.53
C ILE C 820 5.69 -32.00 -69.68
N PHE C 821 5.79 -31.21 -70.76
CA PHE C 821 4.81 -31.35 -71.82
C PHE C 821 4.87 -32.71 -72.49
N ASP C 822 6.01 -33.39 -72.41
CA ASP C 822 6.13 -34.74 -72.90
C ASP C 822 6.08 -35.75 -71.79
N ILE C 823 6.41 -35.35 -70.56
CA ILE C 823 6.37 -36.33 -69.49
C ILE C 823 4.94 -36.64 -69.08
N ALA C 824 3.99 -35.75 -69.40
CA ALA C 824 2.62 -35.92 -68.94
C ALA C 824 1.69 -36.40 -70.04
N PHE C 825 1.64 -35.67 -71.13
CA PHE C 825 0.57 -35.87 -72.09
C PHE C 825 0.70 -37.09 -72.99
N PRO C 826 1.77 -37.22 -73.79
CA PRO C 826 1.79 -38.28 -74.80
C PRO C 826 1.73 -39.69 -74.22
N HIS D 1 36.01 -21.78 97.76
CA HIS D 1 34.92 -22.44 98.47
C HIS D 1 33.57 -21.93 97.96
N LEU D 2 33.29 -22.21 96.69
CA LEU D 2 32.09 -21.82 95.99
C LEU D 2 31.53 -23.09 95.39
N PRO D 3 30.21 -23.22 95.23
CA PRO D 3 29.68 -24.46 94.64
C PRO D 3 30.14 -24.63 93.20
N LEU D 4 30.36 -25.90 92.82
CA LEU D 4 30.74 -26.19 91.45
C LEU D 4 29.65 -25.73 90.51
N ILE D 5 30.05 -25.14 89.41
CA ILE D 5 29.06 -24.69 88.45
C ILE D 5 28.51 -25.91 87.72
N ALA D 6 27.27 -25.83 87.28
CA ALA D 6 26.61 -26.86 86.50
C ALA D 6 26.93 -26.56 85.05
N ILE D 7 27.91 -27.28 84.48
CA ILE D 7 28.27 -27.00 83.09
C ILE D 7 27.09 -27.29 82.16
N THR D 8 26.42 -28.43 82.37
CA THR D 8 25.22 -28.82 81.63
C THR D 8 25.36 -28.60 80.12
N ARG D 9 26.31 -29.32 79.52
CA ARG D 9 26.50 -29.33 78.06
C ARG D 9 26.81 -27.93 77.50
N ASN D 10 27.86 -27.35 78.07
CA ASN D 10 28.36 -26.03 77.67
C ASN D 10 29.87 -26.15 77.63
N PRO D 11 30.44 -26.64 76.51
CA PRO D 11 31.91 -26.69 76.43
C PRO D 11 32.52 -25.30 76.44
N VAL D 12 33.70 -25.20 77.04
CA VAL D 12 34.47 -23.95 77.10
C VAL D 12 35.90 -24.34 76.73
N PHE D 13 36.22 -24.21 75.45
CA PHE D 13 37.54 -24.57 74.97
C PHE D 13 38.55 -23.57 75.55
N PRO D 14 39.82 -23.98 75.77
CA PRO D 14 40.79 -23.00 76.30
C PRO D 14 40.94 -21.82 75.34
N ARG D 15 41.07 -20.61 75.91
CA ARG D 15 41.22 -19.38 75.11
C ARG D 15 40.13 -19.26 74.04
N PHE D 16 38.89 -19.39 74.50
CA PHE D 16 37.71 -19.38 73.63
C PHE D 16 36.59 -18.73 74.43
N ILE D 17 36.12 -17.55 73.99
CA ILE D 17 35.02 -16.88 74.66
C ILE D 17 33.79 -17.77 74.58
N LYS D 18 32.98 -17.75 75.64
CA LYS D 18 31.76 -18.54 75.67
C LYS D 18 30.76 -17.90 76.63
N ILE D 19 29.50 -18.26 76.42
CA ILE D 19 28.37 -17.78 77.21
C ILE D 19 27.86 -19.02 77.95
N ILE D 20 27.29 -18.83 79.15
CA ILE D 20 26.70 -19.92 79.92
C ILE D 20 25.31 -19.49 80.34
N GLU D 21 24.38 -20.48 80.30
CA GLU D 21 22.97 -20.32 80.60
C GLU D 21 22.42 -21.59 81.27
N VAL D 22 22.76 -21.79 82.54
CA VAL D 22 22.15 -22.86 83.32
C VAL D 22 20.69 -22.52 83.60
N LYS D 23 19.81 -23.53 83.53
CA LYS D 23 18.40 -23.27 83.80
C LYS D 23 18.16 -23.01 85.27
N ASN D 24 18.88 -23.70 86.14
CA ASN D 24 18.71 -23.57 87.58
C ASN D 24 19.01 -22.15 88.01
N LYS D 25 18.16 -21.61 88.87
CA LYS D 25 18.29 -20.25 89.36
C LYS D 25 19.23 -20.12 90.58
N LYS D 26 19.63 -21.24 91.21
CA LYS D 26 20.51 -21.14 92.38
C LYS D 26 21.86 -20.57 91.98
N LEU D 27 22.29 -20.81 90.73
CA LEU D 27 23.50 -20.18 90.28
C LEU D 27 23.30 -18.67 90.15
N VAL D 28 22.06 -18.21 89.87
CA VAL D 28 21.88 -16.76 89.84
C VAL D 28 22.10 -16.22 91.25
N GLU D 29 21.77 -17.02 92.28
CA GLU D 29 22.04 -16.63 93.65
C GLU D 29 23.54 -16.56 93.86
N LEU D 30 24.30 -17.43 93.19
CA LEU D 30 25.76 -17.32 93.28
C LEU D 30 26.28 -16.08 92.56
N LEU D 31 25.66 -15.71 91.43
CA LEU D 31 26.09 -14.48 90.76
C LEU D 31 25.76 -13.25 91.59
N ARG D 32 24.66 -13.28 92.35
CA ARG D 32 24.34 -12.14 93.20
C ARG D 32 25.22 -12.12 94.45
N ARG D 33 25.59 -13.29 94.99
CA ARG D 33 26.48 -13.33 96.14
C ARG D 33 27.89 -12.84 95.79
N LYS D 34 28.32 -12.99 94.54
CA LYS D 34 29.64 -12.49 94.14
C LYS D 34 29.64 -10.99 93.89
N VAL D 35 28.46 -10.34 93.79
CA VAL D 35 28.39 -8.89 93.63
C VAL D 35 29.06 -8.19 94.79
N ARG D 36 29.03 -8.78 96.00
CA ARG D 36 29.66 -8.13 97.12
C ARG D 36 31.17 -8.34 97.13
N LEU D 37 31.69 -9.27 96.31
CA LEU D 37 33.12 -9.52 96.28
C LEU D 37 33.84 -8.41 95.52
N ALA D 38 35.08 -8.17 95.92
CA ALA D 38 35.89 -7.09 95.31
C ALA D 38 36.22 -7.40 93.85
N GLN D 39 36.58 -8.65 93.56
CA GLN D 39 36.95 -9.13 92.23
C GLN D 39 35.92 -10.14 91.74
N PRO D 40 35.11 -9.84 90.73
CA PRO D 40 34.14 -10.84 90.24
C PRO D 40 34.81 -11.86 89.31
N TYR D 41 34.56 -13.14 89.56
CA TYR D 41 35.17 -14.21 88.78
C TYR D 41 34.27 -15.44 88.89
N VAL D 42 34.51 -16.39 88.00
CA VAL D 42 33.76 -17.64 87.95
C VAL D 42 34.69 -18.69 87.37
N GLY D 43 34.62 -19.92 87.90
CA GLY D 43 35.43 -20.99 87.38
C GLY D 43 34.70 -21.80 86.33
N VAL D 44 35.49 -22.49 85.52
CA VAL D 44 34.99 -23.39 84.49
C VAL D 44 35.80 -24.68 84.54
N PHE D 45 35.10 -25.80 84.61
CA PHE D 45 35.67 -27.13 84.62
C PHE D 45 35.02 -27.87 83.46
N LEU D 46 35.37 -29.15 83.30
CA LEU D 46 34.77 -29.98 82.26
C LEU D 46 34.21 -31.26 82.86
N LYS D 47 33.01 -31.59 82.39
CA LYS D 47 32.22 -32.77 82.70
C LYS D 47 32.71 -34.01 81.94
N ARG D 48 32.40 -35.17 82.51
CA ARG D 48 32.78 -36.45 81.93
C ARG D 48 31.68 -36.88 80.96
N ASP D 49 31.78 -38.11 80.45
CA ASP D 49 30.82 -38.62 79.50
C ASP D 49 29.44 -38.78 80.14
N ASP D 50 28.39 -38.62 79.33
CA ASP D 50 27.01 -38.75 79.79
C ASP D 50 26.67 -37.73 80.87
N SER D 51 26.43 -36.48 80.46
CA SER D 51 26.11 -35.41 81.39
C SER D 51 24.82 -35.70 82.15
N ASN D 52 24.82 -35.37 83.44
CA ASN D 52 23.65 -35.59 84.30
C ASN D 52 23.67 -34.49 85.37
N GLU D 53 22.69 -33.60 85.33
CA GLU D 53 22.61 -32.51 86.32
C GLU D 53 22.38 -33.03 87.73
N SER D 54 21.59 -34.11 87.85
CA SER D 54 21.35 -34.65 89.18
C SER D 54 22.62 -35.23 89.77
N ASP D 55 23.47 -35.84 88.93
CA ASP D 55 24.73 -36.31 89.48
C ASP D 55 25.63 -35.11 89.79
N VAL D 56 25.44 -33.98 89.10
CA VAL D 56 26.31 -32.82 89.34
C VAL D 56 26.05 -32.26 90.72
N VAL D 57 24.78 -32.18 91.13
CA VAL D 57 24.45 -31.72 92.47
C VAL D 57 24.52 -32.82 93.53
N GLU D 58 24.54 -34.10 93.12
CA GLU D 58 24.64 -35.20 94.06
C GLU D 58 26.09 -35.55 94.37
N SER D 59 26.83 -35.99 93.35
CA SER D 59 28.23 -36.38 93.46
C SER D 59 29.11 -35.30 92.85
N LEU D 60 30.31 -35.14 93.40
CA LEU D 60 31.27 -34.18 92.87
C LEU D 60 32.30 -34.83 91.96
N ASP D 61 32.23 -36.15 91.73
CA ASP D 61 33.22 -36.80 90.89
C ASP D 61 32.97 -36.66 89.39
N GLU D 62 31.75 -36.28 88.98
CA GLU D 62 31.46 -36.23 87.55
C GLU D 62 32.27 -35.14 86.86
N ILE D 63 32.55 -34.04 87.55
CA ILE D 63 33.38 -32.98 87.01
C ILE D 63 34.84 -33.43 86.98
N TYR D 64 35.55 -33.04 85.93
CA TYR D 64 36.97 -33.33 85.84
C TYR D 64 37.75 -32.47 86.82
N HIS D 65 38.92 -32.96 87.23
CA HIS D 65 39.76 -32.20 88.15
C HIS D 65 40.23 -30.88 87.52
N THR D 66 40.39 -30.85 86.19
CA THR D 66 40.80 -29.62 85.52
C THR D 66 39.76 -28.52 85.68
N GLY D 67 40.25 -27.29 85.80
CA GLY D 67 39.41 -26.12 85.93
C GLY D 67 40.04 -24.97 85.18
N THR D 68 39.22 -23.98 84.86
CA THR D 68 39.63 -22.82 84.07
C THR D 68 39.05 -21.58 84.73
N PHE D 69 39.78 -21.01 85.68
CA PHE D 69 39.35 -19.80 86.36
C PHE D 69 39.47 -18.58 85.45
N ALA D 70 38.55 -17.62 85.62
CA ALA D 70 38.55 -16.43 84.79
C ALA D 70 37.69 -15.33 85.41
N GLN D 71 37.98 -14.09 85.04
CA GLN D 71 37.18 -12.95 85.49
C GLN D 71 35.87 -12.84 84.72
N ILE D 72 34.86 -12.33 85.41
CA ILE D 72 33.56 -12.04 84.86
C ILE D 72 33.59 -10.73 84.07
N HIS D 73 32.73 -10.64 83.03
CA HIS D 73 32.66 -9.45 82.19
C HIS D 73 31.52 -8.52 82.64
N GLU D 74 30.28 -8.85 82.26
CA GLU D 74 29.11 -8.04 82.56
C GLU D 74 27.90 -8.93 82.42
N MET D 75 26.93 -8.79 83.33
CA MET D 75 25.68 -9.52 83.18
C MET D 75 24.79 -8.84 82.15
N GLN D 76 23.92 -9.66 81.52
CA GLN D 76 22.94 -9.16 80.56
C GLN D 76 21.55 -9.65 80.96
N ASP D 77 21.36 -10.96 80.97
CA ASP D 77 20.11 -11.60 81.38
C ASP D 77 18.92 -11.04 80.60
N LEU D 78 19.06 -11.01 79.27
CA LEU D 78 18.00 -10.47 78.42
C LEU D 78 16.72 -11.31 78.52
N GLY D 79 16.84 -12.63 78.34
CA GLY D 79 15.70 -13.53 78.32
C GLY D 79 15.70 -14.51 79.48
N ASP D 80 16.75 -15.33 79.57
CA ASP D 80 16.94 -16.16 80.75
C ASP D 80 17.50 -15.30 81.88
N LYS D 81 17.33 -15.79 83.10
CA LYS D 81 17.79 -15.05 84.27
C LYS D 81 19.27 -15.28 84.55
N LEU D 82 19.98 -16.05 83.69
CA LEU D 82 21.38 -16.42 83.86
C LEU D 82 22.05 -16.46 82.49
N ARG D 83 22.53 -15.32 81.99
CA ARG D 83 23.23 -15.25 80.70
C ARG D 83 24.59 -14.64 80.98
N MET D 84 25.43 -15.39 81.69
CA MET D 84 26.78 -14.91 82.01
C MET D 84 27.76 -15.19 80.86
N ILE D 85 28.79 -14.32 80.75
CA ILE D 85 29.90 -14.51 79.81
C ILE D 85 31.06 -15.12 80.57
N VAL D 86 31.79 -16.01 79.90
CA VAL D 86 32.95 -16.74 80.43
C VAL D 86 34.08 -16.68 79.41
N MET D 87 35.29 -16.91 79.91
CA MET D 87 36.54 -16.84 79.17
C MET D 87 37.53 -17.79 79.82
N GLY D 88 38.54 -18.18 79.05
CA GLY D 88 39.61 -19.04 79.52
C GLY D 88 40.86 -18.23 79.77
N HIS D 89 41.20 -18.03 81.05
CA HIS D 89 42.33 -17.21 81.48
C HIS D 89 43.36 -18.04 82.25
N ARG D 90 42.96 -18.66 83.36
CA ARG D 90 43.87 -19.42 84.25
C ARG D 90 43.49 -20.90 84.22
N ARG D 91 44.21 -21.69 83.42
CA ARG D 91 44.01 -23.14 83.44
C ARG D 91 44.63 -23.72 84.70
N VAL D 92 44.05 -24.81 85.19
CA VAL D 92 44.52 -25.45 86.41
C VAL D 92 44.07 -26.90 86.41
N HIS D 93 44.84 -27.76 87.09
CA HIS D 93 44.52 -29.18 87.25
C HIS D 93 44.71 -29.36 88.76
N ILE D 94 43.57 -29.37 89.45
CA ILE D 94 43.56 -29.44 90.90
C ILE D 94 43.95 -30.85 91.35
N SER D 95 44.68 -30.94 92.46
CA SER D 95 45.10 -32.26 92.94
C SER D 95 43.91 -33.11 93.35
N ARG D 96 42.87 -32.46 93.86
CA ARG D 96 41.66 -33.13 94.32
C ARG D 96 40.51 -32.13 94.29
N GLN D 97 39.57 -32.31 93.38
CA GLN D 97 38.39 -31.47 93.34
C GLN D 97 37.48 -31.75 94.53
N LEU D 98 37.57 -32.95 95.11
CA LEU D 98 36.81 -33.27 96.32
C LEU D 98 37.29 -32.42 97.49
N GLU D 99 38.57 -32.06 97.49
CA GLU D 99 39.20 -31.29 98.55
C GLU D 99 38.97 -29.80 98.32
N MET D 150 39.33 -24.58 98.45
CA MET D 150 39.85 -25.59 97.53
C MET D 150 41.21 -25.15 97.00
N VAL D 151 42.15 -26.09 97.03
CA VAL D 151 43.54 -25.81 96.65
C VAL D 151 43.63 -25.60 95.15
N GLU D 152 44.49 -24.68 94.73
CA GLU D 152 44.72 -24.41 93.32
C GLU D 152 46.13 -23.83 93.20
N VAL D 153 46.74 -24.03 92.03
CA VAL D 153 48.10 -23.58 91.78
C VAL D 153 48.25 -23.21 90.31
N GLU D 154 49.11 -22.23 90.03
CA GLU D 154 49.34 -21.79 88.65
C GLU D 154 50.36 -22.74 88.00
N ASN D 155 49.94 -23.99 87.83
CA ASN D 155 50.75 -25.00 87.12
C ASN D 155 50.58 -24.86 85.59
N VAL D 156 50.89 -23.67 85.09
CA VAL D 156 50.85 -23.42 83.65
C VAL D 156 52.23 -23.84 83.14
N VAL D 157 52.49 -25.15 83.10
CA VAL D 157 53.79 -25.62 82.64
C VAL D 157 53.98 -25.22 81.18
N HIS D 158 55.18 -24.77 80.83
CA HIS D 158 55.46 -24.35 79.46
C HIS D 158 56.94 -24.49 79.12
N GLU D 159 57.51 -25.67 79.35
CA GLU D 159 58.90 -25.88 78.95
C GLU D 159 58.99 -25.83 77.43
N ASP D 160 60.07 -25.25 76.92
CA ASP D 160 60.31 -25.18 75.48
C ASP D 160 61.82 -25.20 75.26
N PHE D 161 62.23 -25.84 74.17
CA PHE D 161 63.65 -25.96 73.89
C PHE D 161 64.23 -24.58 73.61
N GLN D 162 65.50 -24.39 73.99
CA GLN D 162 66.14 -23.09 73.77
C GLN D 162 66.20 -22.74 72.28
N VAL D 163 66.29 -23.75 71.42
CA VAL D 163 66.31 -23.56 69.98
C VAL D 163 64.88 -23.55 69.50
N THR D 164 64.46 -22.43 68.88
CA THR D 164 63.10 -22.26 68.35
C THR D 164 63.16 -21.83 66.88
N GLU D 165 63.58 -22.74 65.98
CA GLU D 165 63.58 -22.47 64.54
C GLU D 165 62.71 -23.46 63.78
N GLU D 166 63.09 -24.73 63.67
CA GLU D 166 62.21 -25.66 62.98
C GLU D 166 61.07 -26.17 63.84
N VAL D 167 61.13 -26.00 65.16
CA VAL D 167 59.98 -26.41 65.98
C VAL D 167 58.79 -25.50 65.74
N LYS D 168 59.03 -24.21 65.42
CA LYS D 168 57.90 -23.31 65.16
C LYS D 168 57.38 -23.46 63.73
N ALA D 169 58.07 -24.25 62.88
CA ALA D 169 57.59 -24.50 61.55
C ALA D 169 56.25 -25.24 61.60
N LEU D 170 56.06 -26.06 62.65
CA LEU D 170 54.82 -26.81 62.77
C LEU D 170 53.66 -25.85 63.00
N THR D 171 53.93 -24.67 63.60
CA THR D 171 52.87 -23.69 63.80
C THR D 171 52.31 -23.24 62.47
N ALA D 172 53.19 -23.14 61.46
CA ALA D 172 52.76 -22.73 60.13
C ALA D 172 51.83 -23.78 59.56
N GLU D 173 52.13 -25.05 59.81
CA GLU D 173 51.21 -26.10 59.41
C GLU D 173 49.91 -26.05 60.20
N ILE D 174 49.99 -25.72 61.50
CA ILE D 174 48.79 -25.70 62.33
C ILE D 174 47.81 -24.63 61.84
N VAL D 175 48.30 -23.42 61.59
CA VAL D 175 47.40 -22.43 61.01
C VAL D 175 46.98 -22.86 59.61
N LYS D 176 47.87 -23.53 58.88
CA LYS D 176 47.49 -24.05 57.56
C LYS D 176 46.44 -25.15 57.67
N THR D 177 46.46 -25.93 58.75
CA THR D 177 45.36 -26.87 58.94
C THR D 177 44.12 -26.12 59.30
N ILE D 178 44.24 -25.15 60.20
CA ILE D 178 43.10 -24.32 60.59
C ILE D 178 42.55 -23.60 59.36
N ARG D 179 43.46 -23.20 58.46
CA ARG D 179 43.04 -22.59 57.20
C ARG D 179 42.27 -23.58 56.32
N ASP D 180 42.70 -24.85 56.28
CA ASP D 180 41.92 -25.84 55.57
C ASP D 180 40.63 -26.15 56.29
N ILE D 181 40.60 -25.98 57.60
CA ILE D 181 39.36 -26.27 58.30
C ILE D 181 38.41 -25.14 58.08
N ILE D 182 38.89 -23.89 58.06
CA ILE D 182 37.94 -22.82 57.83
C ILE D 182 37.62 -22.68 56.34
N ALA D 183 38.47 -23.22 55.44
CA ALA D 183 38.10 -23.13 54.03
C ALA D 183 37.16 -24.25 53.57
N LEU D 184 37.50 -25.49 53.88
CA LEU D 184 36.67 -26.63 53.52
C LEU D 184 35.50 -26.89 54.47
N ASN D 185 35.60 -26.51 55.74
CA ASN D 185 34.55 -26.70 56.75
C ASN D 185 34.37 -25.42 57.56
N PRO D 186 33.82 -24.36 56.96
CA PRO D 186 33.65 -23.11 57.72
C PRO D 186 32.72 -23.24 58.92
N LEU D 187 33.08 -22.53 60.00
CA LEU D 187 32.30 -22.48 61.24
C LEU D 187 32.22 -21.08 61.83
N TYR D 188 33.36 -20.40 61.99
CA TYR D 188 33.42 -19.04 62.51
C TYR D 188 34.09 -18.09 61.52
N ARG D 189 34.02 -16.80 61.86
CA ARG D 189 34.65 -15.76 61.05
C ARG D 189 36.17 -15.84 61.08
N GLU D 190 36.79 -15.54 59.95
CA GLU D 190 38.24 -15.56 59.81
C GLU D 190 38.92 -14.30 60.35
N SER D 191 38.15 -13.28 60.77
CA SER D 191 38.74 -12.02 61.20
C SER D 191 39.65 -12.16 62.41
N VAL D 192 39.38 -13.12 63.31
CA VAL D 192 40.28 -13.28 64.45
C VAL D 192 41.63 -13.79 63.97
N LEU D 193 41.64 -14.61 62.92
CA LEU D 193 42.90 -15.05 62.34
C LEU D 193 43.60 -13.86 61.68
N GLN D 194 42.83 -12.94 61.12
CA GLN D 194 43.44 -11.74 60.53
C GLN D 194 44.00 -10.80 61.60
N MET D 195 43.49 -10.85 62.84
CA MET D 195 43.95 -9.91 63.85
C MET D 195 45.38 -10.22 64.30
N MET D 196 45.70 -11.51 64.37
CA MET D 196 46.96 -12.07 64.85
C MET D 196 47.72 -12.82 63.75
N GLN D 197 48.70 -12.14 63.15
CA GLN D 197 49.60 -12.69 62.15
C GLN D 197 50.96 -12.89 62.80
N ALA D 198 51.69 -13.90 62.33
CA ALA D 198 53.00 -14.20 62.93
C ALA D 198 54.02 -13.09 62.75
N GLY D 199 53.89 -12.25 61.71
CA GLY D 199 54.87 -11.19 61.55
C GLY D 199 54.68 -10.00 62.46
N GLN D 200 53.50 -9.89 63.09
CA GLN D 200 53.20 -8.79 63.99
C GLN D 200 53.89 -8.94 65.35
N ARG D 201 54.41 -10.13 65.67
CA ARG D 201 55.04 -10.46 66.95
C ARG D 201 54.06 -10.27 68.11
N VAL D 202 52.75 -10.34 67.84
CA VAL D 202 51.75 -10.25 68.92
C VAL D 202 51.33 -11.61 69.42
N VAL D 203 51.81 -12.70 68.81
CA VAL D 203 51.49 -14.04 69.29
C VAL D 203 52.49 -14.28 70.41
N ASP D 204 52.29 -13.64 71.56
CA ASP D 204 53.18 -13.89 72.69
C ASP D 204 53.02 -15.29 73.26
N ASN D 205 51.92 -15.97 72.92
CA ASN D 205 51.62 -17.32 73.39
C ASN D 205 51.23 -18.22 72.21
N PRO D 206 52.21 -18.75 71.46
CA PRO D 206 51.86 -19.65 70.35
C PRO D 206 51.09 -20.87 70.83
N ILE D 207 51.36 -21.35 72.05
CA ILE D 207 50.65 -22.51 72.58
C ILE D 207 49.17 -22.20 72.72
N TYR D 208 48.84 -20.97 73.11
CA TYR D 208 47.45 -20.57 73.15
C TYR D 208 46.87 -20.48 71.76
N LEU D 209 47.64 -20.06 70.77
CA LEU D 209 47.11 -20.03 69.42
C LEU D 209 46.85 -21.44 68.90
N SER D 210 47.72 -22.40 69.24
CA SER D 210 47.48 -23.77 68.80
C SER D 210 46.31 -24.43 69.54
N ASP D 211 46.19 -24.17 70.86
CA ASP D 211 45.06 -24.73 71.61
C ASP D 211 43.75 -24.13 71.17
N MET D 212 43.73 -22.81 71.01
CA MET D 212 42.58 -22.06 70.52
C MET D 212 42.25 -22.46 69.09
N GLY D 213 43.27 -22.81 68.31
CA GLY D 213 43.05 -23.29 66.97
C GLY D 213 42.45 -24.67 66.99
N ALA D 214 42.81 -25.47 68.00
CA ALA D 214 42.13 -26.73 68.21
C ALA D 214 40.72 -26.52 68.77
N ALA D 215 40.43 -25.36 69.36
CA ALA D 215 39.09 -25.10 69.88
C ALA D 215 38.05 -25.06 68.78
N LEU D 216 38.44 -24.63 67.58
CA LEU D 216 37.52 -24.59 66.45
C LEU D 216 37.05 -25.98 66.03
N THR D 217 37.80 -27.03 66.39
CA THR D 217 37.49 -28.40 66.02
C THR D 217 36.15 -28.84 66.60
N GLY D 218 35.46 -29.67 65.84
CA GLY D 218 34.22 -30.26 66.27
C GLY D 218 34.41 -31.50 67.13
N ALA D 219 35.68 -31.83 67.46
CA ALA D 219 36.01 -33.05 68.19
C ALA D 219 35.35 -33.02 69.57
N GLU D 220 35.07 -34.21 70.08
CA GLU D 220 34.29 -34.38 71.30
C GLU D 220 34.99 -33.76 72.51
N SER D 221 34.17 -33.31 73.47
CA SER D 221 34.71 -32.72 74.69
C SER D 221 35.59 -33.70 75.45
N HIS D 222 35.25 -35.00 75.40
CA HIS D 222 36.07 -36.00 76.05
C HIS D 222 37.45 -36.07 75.40
N GLU D 223 37.50 -35.87 74.08
CA GLU D 223 38.78 -35.81 73.40
C GLU D 223 39.57 -34.57 73.81
N LEU D 224 38.87 -33.46 74.07
CA LEU D 224 39.57 -32.26 74.53
C LEU D 224 40.18 -32.52 75.89
N GLN D 225 39.43 -33.23 76.75
CA GLN D 225 39.97 -33.53 78.07
C GLN D 225 41.18 -34.42 77.95
N ASP D 226 41.16 -35.36 77.00
CA ASP D 226 42.34 -36.20 76.81
C ASP D 226 43.52 -35.39 76.30
N VAL D 227 43.27 -34.43 75.41
CA VAL D 227 44.37 -33.61 74.92
C VAL D 227 44.94 -32.80 76.08
N LEU D 228 44.08 -32.35 76.99
CA LEU D 228 44.56 -31.67 78.19
C LEU D 228 45.29 -32.63 79.13
N GLU D 229 44.90 -33.92 79.15
CA GLU D 229 45.61 -34.89 79.98
C GLU D 229 47.04 -35.05 79.51
N GLU D 230 47.29 -34.86 78.22
CA GLU D 230 48.64 -34.89 77.73
C GLU D 230 49.36 -33.73 78.39
N THR D 231 50.60 -33.96 78.81
CA THR D 231 51.43 -32.93 79.42
C THR D 231 52.44 -32.37 78.44
N ASN D 232 53.18 -33.24 77.75
CA ASN D 232 54.24 -32.77 76.87
C ASN D 232 53.60 -32.00 75.71
N ILE D 233 54.20 -30.86 75.36
CA ILE D 233 53.60 -29.97 74.36
C ILE D 233 53.43 -30.64 73.00
N PRO D 234 54.47 -31.24 72.40
CA PRO D 234 54.24 -31.96 71.14
C PRO D 234 53.23 -33.10 71.27
N LYS D 235 53.11 -33.76 72.42
CA LYS D 235 52.09 -34.81 72.55
C LYS D 235 50.68 -34.23 72.41
N ARG D 236 50.37 -33.14 73.12
CA ARG D 236 49.03 -32.57 72.96
C ARG D 236 48.84 -31.94 71.59
N LEU D 237 49.94 -31.46 70.98
CA LEU D 237 49.85 -30.94 69.62
C LEU D 237 49.65 -32.06 68.62
N TYR D 238 50.22 -33.24 68.88
CA TYR D 238 50.04 -34.39 68.01
C TYR D 238 48.65 -34.96 68.13
N LYS D 239 48.11 -35.04 69.35
CA LYS D 239 46.76 -35.55 69.46
C LYS D 239 45.78 -34.58 68.79
N ALA D 240 46.02 -33.28 68.92
CA ALA D 240 45.18 -32.31 68.21
C ALA D 240 45.37 -32.38 66.69
N LEU D 241 46.59 -32.71 66.23
CA LEU D 241 46.83 -32.82 64.80
C LEU D 241 46.22 -34.10 64.21
N SER D 242 46.41 -35.22 64.89
CA SER D 242 45.82 -36.47 64.42
C SER D 242 44.31 -36.37 64.44
N LEU D 243 43.76 -35.68 65.45
CA LEU D 243 42.34 -35.42 65.47
C LEU D 243 41.93 -34.51 64.33
N LEU D 244 42.79 -33.56 63.95
CA LEU D 244 42.46 -32.77 62.77
C LEU D 244 42.49 -33.61 61.51
N LYS D 245 43.36 -34.62 61.45
CA LYS D 245 43.39 -35.49 60.28
C LYS D 245 42.15 -36.36 60.20
N LYS D 246 41.82 -37.02 61.32
CA LYS D 246 40.66 -37.91 61.33
C LYS D 246 39.37 -37.13 61.14
N GLU D 247 39.25 -35.98 61.80
CA GLU D 247 38.01 -35.21 61.71
C GLU D 247 37.86 -34.57 60.34
N PHE D 248 38.93 -33.98 59.79
CA PHE D 248 38.80 -33.45 58.43
C PHE D 248 38.50 -34.56 57.44
N GLU D 249 39.06 -35.75 57.65
CA GLU D 249 38.74 -36.86 56.76
C GLU D 249 37.28 -37.28 56.91
N LEU D 250 36.75 -37.18 58.12
CA LEU D 250 35.33 -37.49 58.32
C LEU D 250 34.44 -36.44 57.65
N SER D 251 34.80 -35.16 57.76
CA SER D 251 34.05 -34.12 57.07
C SER D 251 34.16 -34.31 55.56
N LYS D 252 35.29 -34.83 55.10
CA LYS D 252 35.49 -35.07 53.68
C LYS D 252 34.63 -36.23 53.22
N LEU D 253 34.61 -37.33 53.98
CA LEU D 253 33.77 -38.46 53.62
C LEU D 253 32.30 -38.10 53.69
N GLN D 254 31.92 -37.22 54.62
CA GLN D 254 30.52 -36.78 54.67
C GLN D 254 30.17 -35.91 53.48
N GLN D 255 31.04 -34.94 53.16
CA GLN D 255 30.78 -34.08 52.01
C GLN D 255 30.81 -34.86 50.71
N ARG D 256 31.66 -35.88 50.61
CA ARG D 256 31.70 -36.71 49.42
C ARG D 256 30.50 -37.64 49.32
N LEU D 257 30.12 -38.29 50.43
CA LEU D 257 28.90 -39.09 50.45
C LEU D 257 27.69 -38.25 50.04
N GLY D 258 27.52 -37.09 50.69
CA GLY D 258 26.39 -36.24 50.37
C GLY D 258 26.46 -35.74 48.95
N ARG D 259 27.66 -35.44 48.47
CA ARG D 259 27.86 -34.99 47.10
C ARG D 259 27.46 -36.08 46.11
N GLU D 260 27.73 -37.34 46.46
CA GLU D 260 27.24 -38.43 45.61
C GLU D 260 25.72 -38.50 45.61
N VAL D 261 25.06 -38.29 46.77
CA VAL D 261 23.59 -38.27 46.78
C VAL D 261 23.10 -37.15 45.87
N GLU D 262 23.71 -35.97 46.00
CA GLU D 262 23.20 -34.79 45.32
C GLU D 262 23.46 -34.85 43.82
N GLU D 263 24.55 -35.50 43.40
CA GLU D 263 24.68 -35.89 42.00
C GLU D 263 23.67 -36.96 41.61
N LYS D 264 23.31 -37.88 42.52
CA LYS D 264 22.39 -38.95 42.14
C LYS D 264 20.97 -38.43 41.96
N ILE D 265 20.69 -37.24 42.50
CA ILE D 265 19.46 -36.52 42.19
C ILE D 265 19.68 -35.52 41.05
N LYS D 266 20.93 -35.12 40.76
CA LYS D 266 21.15 -34.16 39.69
C LYS D 266 20.91 -34.77 38.31
N GLN D 267 20.95 -36.10 38.16
CA GLN D 267 20.60 -36.71 36.88
C GLN D 267 19.18 -36.36 36.46
N THR D 268 18.31 -36.06 37.44
CA THR D 268 16.96 -35.58 37.14
C THR D 268 17.09 -34.49 36.09
N HIS D 269 16.37 -34.69 35.00
CA HIS D 269 16.61 -33.97 33.76
C HIS D 269 16.25 -32.49 33.86
N ARG D 270 16.92 -31.69 33.04
CA ARG D 270 16.64 -30.26 32.93
C ARG D 270 15.23 -30.00 32.39
N LYS D 271 14.62 -31.00 31.75
CA LYS D 271 13.22 -30.91 31.36
C LYS D 271 12.34 -30.70 32.60
N TYR D 272 12.72 -31.29 33.74
CA TYR D 272 11.93 -31.10 34.95
C TYR D 272 12.01 -29.65 35.40
N LEU D 273 13.16 -29.00 35.20
CA LEU D 273 13.28 -27.60 35.57
C LEU D 273 12.45 -26.74 34.64
N LEU D 274 12.52 -27.01 33.33
CA LEU D 274 11.71 -26.26 32.38
C LEU D 274 10.23 -26.53 32.61
N GLN D 275 9.89 -27.75 33.03
CA GLN D 275 8.53 -28.06 33.45
C GLN D 275 8.13 -27.26 34.66
N GLU D 276 9.02 -27.14 35.63
CA GLU D 276 8.74 -26.34 36.82
C GLU D 276 8.48 -24.89 36.45
N GLN D 277 9.30 -24.34 35.56
CA GLN D 277 9.03 -22.99 35.10
C GLN D 277 7.71 -22.93 34.36
N LEU D 278 7.39 -23.97 33.59
CA LEU D 278 6.10 -24.01 32.91
C LEU D 278 4.98 -24.02 33.93
N LYS D 279 5.17 -24.79 35.02
CA LYS D 279 4.14 -24.82 36.04
C LYS D 279 4.00 -23.45 36.66
N ILE D 280 5.12 -22.72 36.79
CA ILE D 280 5.05 -21.40 37.38
C ILE D 280 4.25 -20.49 36.46
N ILE D 281 4.33 -20.76 35.15
CA ILE D 281 3.63 -19.94 34.17
C ILE D 281 2.14 -20.14 34.34
N LYS D 282 1.72 -21.40 34.29
CA LYS D 282 0.31 -21.73 34.41
C LYS D 282 -0.23 -21.37 35.80
N LYS D 283 0.64 -21.39 36.80
CA LYS D 283 0.27 -21.06 38.16
C LYS D 283 -0.48 -19.73 38.24
N GLU D 284 0.04 -18.72 37.53
CA GLU D 284 -0.60 -17.40 37.60
C GLU D 284 -1.87 -17.35 36.76
N LEU D 285 -1.74 -17.30 35.43
CA LEU D 285 -2.88 -17.23 34.50
C LEU D 285 -3.89 -16.16 34.95
N GLY D 286 -3.44 -14.93 34.88
CA GLY D 286 -4.28 -13.83 35.31
C GLY D 286 -5.16 -13.23 34.24
N LEU D 287 -5.22 -13.83 33.05
CA LEU D 287 -6.04 -13.32 31.96
C LEU D 287 -6.94 -14.45 31.48
N GLU D 288 -6.33 -15.53 30.97
CA GLU D 288 -7.05 -16.71 30.46
C GLU D 288 -8.14 -16.30 29.46
N LYS D 289 -7.83 -15.30 28.63
CA LYS D 289 -8.80 -14.80 27.65
C LYS D 289 -8.06 -14.09 26.52
N ASP D 290 -7.12 -14.77 25.90
CA ASP D 290 -6.39 -14.15 24.82
C ASP D 290 -7.28 -14.22 23.58
N ASP D 291 -7.33 -13.11 22.84
CA ASP D 291 -8.14 -13.02 21.65
C ASP D 291 -7.40 -13.52 20.42
N LYS D 292 -6.07 -13.55 20.48
CA LYS D 292 -5.20 -14.02 19.42
C LYS D 292 -4.97 -15.52 19.55
N ASP D 293 -4.90 -16.00 20.80
CA ASP D 293 -4.68 -17.41 21.06
C ASP D 293 -5.92 -18.23 20.73
N ALA D 294 -7.11 -17.69 21.02
CA ALA D 294 -8.33 -18.43 20.72
C ALA D 294 -8.42 -18.68 19.23
N ILE D 295 -8.05 -17.69 18.44
CA ILE D 295 -8.03 -17.85 16.99
C ILE D 295 -7.01 -18.93 16.61
N GLU D 296 -5.87 -18.93 17.31
CA GLU D 296 -4.83 -19.89 16.98
C GLU D 296 -5.30 -21.31 17.24
N GLU D 297 -5.86 -21.55 18.43
CA GLU D 297 -6.36 -22.88 18.73
C GLU D 297 -7.53 -23.28 17.85
N LYS D 298 -8.40 -22.35 17.44
CA LYS D 298 -9.50 -22.72 16.58
C LYS D 298 -9.00 -23.24 15.24
N PHE D 299 -8.11 -22.48 14.61
CA PHE D 299 -7.60 -22.91 13.32
C PHE D 299 -6.73 -24.15 13.46
N ARG D 300 -5.96 -24.26 14.53
CA ARG D 300 -5.14 -25.45 14.75
C ARG D 300 -5.98 -26.69 15.00
N GLU D 301 -7.15 -26.54 15.65
CA GLU D 301 -8.00 -27.70 15.87
C GLU D 301 -8.63 -28.10 14.56
N ARG D 302 -9.00 -27.10 13.78
CA ARG D 302 -9.64 -27.36 12.50
C ARG D 302 -8.69 -28.09 11.57
N LEU D 303 -7.39 -27.91 11.74
CA LEU D 303 -6.43 -28.50 10.84
C LEU D 303 -6.01 -29.92 11.22
N LYS D 304 -6.32 -30.41 12.44
CA LYS D 304 -5.69 -31.65 12.90
C LYS D 304 -6.09 -32.83 12.05
N GLU D 305 -7.37 -32.87 11.69
CA GLU D 305 -7.95 -34.05 11.06
C GLU D 305 -7.40 -34.25 9.66
N LEU D 306 -7.03 -33.17 8.98
CA LEU D 306 -6.65 -33.26 7.59
C LEU D 306 -5.27 -33.88 7.43
N VAL D 307 -5.08 -34.51 6.27
CA VAL D 307 -3.75 -35.00 5.85
C VAL D 307 -3.08 -33.85 5.12
N VAL D 308 -2.49 -32.95 5.90
CA VAL D 308 -1.95 -31.71 5.34
C VAL D 308 -0.63 -32.01 4.65
N PRO D 309 -0.40 -31.51 3.44
CA PRO D 309 0.96 -31.53 2.91
C PRO D 309 1.84 -30.69 3.79
N LYS D 310 3.11 -31.09 3.91
CA LYS D 310 4.04 -30.32 4.74
C LYS D 310 4.16 -28.90 4.23
N HIS D 311 4.01 -28.70 2.91
CA HIS D 311 4.06 -27.37 2.31
C HIS D 311 3.10 -26.39 2.99
N VAL D 312 1.86 -26.81 3.17
CA VAL D 312 0.88 -25.93 3.78
C VAL D 312 1.07 -25.91 5.26
N MET D 313 1.60 -26.97 5.85
CA MET D 313 1.82 -26.95 7.27
C MET D 313 2.94 -25.95 7.60
N ASP D 314 3.96 -25.90 6.76
CA ASP D 314 5.06 -24.98 6.99
C ASP D 314 4.61 -23.55 6.79
N VAL D 315 3.76 -23.34 5.79
CA VAL D 315 3.25 -22.00 5.53
C VAL D 315 2.35 -21.58 6.67
N VAL D 316 1.24 -22.32 6.87
CA VAL D 316 0.29 -21.99 7.93
C VAL D 316 0.98 -21.85 9.26
N ASP D 317 2.04 -22.62 9.52
CA ASP D 317 2.76 -22.48 10.77
C ASP D 317 3.36 -21.09 10.88
N GLU D 318 3.90 -20.58 9.77
CA GLU D 318 4.47 -19.24 9.80
C GLU D 318 3.39 -18.19 10.01
N GLU D 319 2.33 -18.30 9.23
CA GLU D 319 1.28 -17.29 9.32
C GLU D 319 0.55 -17.36 10.65
N LEU D 320 0.53 -18.53 11.28
CA LEU D 320 0.05 -18.64 12.64
C LEU D 320 0.95 -17.88 13.58
N SER D 321 2.27 -18.02 13.41
CA SER D 321 3.17 -17.29 14.28
C SER D 321 3.03 -15.79 14.12
N LYS D 322 2.74 -15.35 12.90
CA LYS D 322 2.59 -13.92 12.72
C LYS D 322 1.24 -13.46 13.23
N LEU D 323 0.18 -14.26 13.07
CA LEU D 323 -1.09 -13.85 13.64
C LEU D 323 -0.98 -13.83 15.16
N GLY D 324 -0.15 -14.71 15.71
CA GLY D 324 -0.05 -14.79 17.14
C GLY D 324 0.75 -13.68 17.75
N LEU D 325 1.51 -12.92 16.95
CA LEU D 325 2.24 -11.77 17.48
C LEU D 325 1.60 -10.43 17.18
N LEU D 326 0.68 -10.35 16.21
CA LEU D 326 0.18 -9.06 15.74
C LEU D 326 -0.85 -8.44 16.70
N ASP D 327 -0.95 -7.11 16.61
CA ASP D 327 -1.93 -6.34 17.35
C ASP D 327 -3.34 -6.75 16.98
N ASN D 328 -4.22 -6.73 17.98
CA ASN D 328 -5.57 -7.26 17.81
C ASN D 328 -6.39 -6.43 16.83
N HIS D 329 -6.11 -5.14 16.69
CA HIS D 329 -6.97 -4.20 15.96
C HIS D 329 -6.38 -3.72 14.64
N SER D 330 -5.18 -4.14 14.28
CA SER D 330 -4.63 -3.78 12.98
C SER D 330 -5.36 -4.48 11.85
N SER D 331 -5.39 -3.80 10.69
CA SER D 331 -5.98 -4.38 9.49
C SER D 331 -5.25 -5.64 9.07
N GLU D 332 -3.95 -5.69 9.36
CA GLU D 332 -3.14 -6.86 9.09
C GLU D 332 -3.66 -8.04 9.90
N PHE D 333 -4.10 -7.79 11.13
CA PHE D 333 -4.61 -8.87 11.96
C PHE D 333 -5.86 -9.46 11.33
N ASN D 334 -6.68 -8.62 10.71
CA ASN D 334 -7.90 -9.10 10.09
C ASN D 334 -7.57 -9.88 8.82
N VAL D 335 -6.62 -9.38 8.03
CA VAL D 335 -6.26 -10.11 6.81
C VAL D 335 -5.66 -11.46 7.19
N THR D 336 -4.84 -11.49 8.23
CA THR D 336 -4.26 -12.75 8.68
C THR D 336 -5.33 -13.67 9.24
N ARG D 337 -6.35 -13.12 9.88
CA ARG D 337 -7.46 -13.92 10.36
C ARG D 337 -8.13 -14.62 9.19
N ASN D 338 -8.44 -13.83 8.15
CA ASN D 338 -9.07 -14.40 6.98
C ASN D 338 -8.17 -15.44 6.34
N TYR D 339 -6.87 -15.14 6.29
CA TYR D 339 -5.95 -16.02 5.60
C TYR D 339 -5.78 -17.35 6.29
N LEU D 340 -5.57 -17.32 7.59
CA LEU D 340 -5.45 -18.58 8.31
C LEU D 340 -6.74 -19.37 8.20
N ASP D 341 -7.89 -18.68 8.31
CA ASP D 341 -9.14 -19.40 8.24
C ASP D 341 -9.32 -20.04 6.87
N TRP D 342 -8.82 -19.37 5.83
CA TRP D 342 -8.97 -19.94 4.52
C TRP D 342 -8.05 -21.12 4.36
N LEU D 343 -6.80 -20.98 4.82
CA LEU D 343 -5.84 -22.05 4.61
C LEU D 343 -6.24 -23.29 5.40
N THR D 344 -6.86 -23.10 6.56
CA THR D 344 -7.25 -24.23 7.38
C THR D 344 -8.47 -24.91 6.81
N SER D 345 -9.39 -24.13 6.24
CA SER D 345 -10.64 -24.70 5.77
C SER D 345 -10.43 -25.68 4.63
N ILE D 346 -9.36 -25.53 3.87
CA ILE D 346 -9.17 -26.35 2.67
C ILE D 346 -9.04 -27.81 3.07
N PRO D 347 -9.81 -28.75 2.52
CA PRO D 347 -9.56 -30.16 2.85
C PRO D 347 -8.19 -30.58 2.37
N TRP D 348 -7.54 -31.45 3.14
CA TRP D 348 -6.21 -31.96 2.81
C TRP D 348 -6.29 -33.46 3.03
N GLY D 349 -6.51 -34.20 1.96
CA GLY D 349 -6.70 -35.62 1.96
C GLY D 349 -8.12 -36.10 2.15
N LYS D 350 -9.08 -35.19 2.39
CA LYS D 350 -10.47 -35.65 2.47
C LYS D 350 -10.88 -36.18 1.12
N TYR D 351 -11.54 -37.33 1.10
CA TYR D 351 -11.80 -38.04 -0.15
C TYR D 351 -13.23 -38.55 -0.09
N SER D 352 -14.11 -37.97 -0.90
CA SER D 352 -15.48 -38.45 -0.92
C SER D 352 -15.50 -39.90 -1.38
N ASN D 353 -16.34 -40.69 -0.73
CA ASN D 353 -16.44 -42.08 -1.09
C ASN D 353 -17.12 -42.17 -2.44
N GLU D 354 -16.86 -43.28 -3.13
CA GLU D 354 -17.25 -43.47 -4.52
C GLU D 354 -17.97 -44.80 -4.61
N ASN D 355 -19.25 -44.74 -4.97
CA ASN D 355 -20.03 -45.95 -5.11
C ASN D 355 -19.51 -46.74 -6.28
N LEU D 356 -19.60 -48.07 -6.21
CA LEU D 356 -19.07 -48.92 -7.29
C LEU D 356 -20.03 -50.04 -7.63
N ASP D 357 -21.33 -49.77 -7.61
CA ASP D 357 -22.36 -50.71 -8.03
C ASP D 357 -22.76 -50.38 -9.46
N LEU D 358 -22.27 -51.16 -10.42
CA LEU D 358 -22.70 -50.96 -11.80
C LEU D 358 -24.20 -51.10 -11.93
N ALA D 359 -24.76 -52.11 -11.25
CA ALA D 359 -26.19 -52.33 -11.24
C ALA D 359 -26.94 -51.16 -10.63
N ARG D 360 -26.30 -50.44 -9.72
CA ARG D 360 -26.94 -49.31 -9.09
C ARG D 360 -26.93 -48.11 -10.01
N ALA D 361 -25.74 -47.72 -10.46
CA ALA D 361 -25.64 -46.53 -11.29
C ALA D 361 -26.47 -46.68 -12.55
N GLN D 362 -26.59 -47.91 -13.07
CA GLN D 362 -27.41 -48.13 -14.25
C GLN D 362 -28.81 -47.61 -14.03
N ALA D 363 -29.44 -48.03 -12.95
CA ALA D 363 -30.81 -47.63 -12.72
C ALA D 363 -30.85 -46.18 -12.28
N VAL D 364 -29.87 -45.75 -11.48
CA VAL D 364 -29.87 -44.39 -10.95
C VAL D 364 -29.80 -43.39 -12.07
N LEU D 365 -29.19 -43.77 -13.18
CA LEU D 365 -29.18 -42.90 -14.35
C LEU D 365 -30.43 -43.09 -15.17
N GLU D 366 -30.72 -44.35 -15.56
CA GLU D 366 -31.78 -44.55 -16.53
C GLU D 366 -33.11 -44.08 -16.01
N GLU D 367 -33.34 -44.19 -14.70
CA GLU D 367 -34.62 -43.77 -14.20
C GLU D 367 -34.67 -42.28 -13.99
N ASP D 368 -33.53 -41.59 -14.06
CA ASP D 368 -33.45 -40.18 -13.78
C ASP D 368 -33.23 -39.33 -15.01
N HIS D 369 -33.03 -39.94 -16.17
CA HIS D 369 -32.86 -39.20 -17.39
C HIS D 369 -33.22 -40.13 -18.52
N TYR D 370 -33.70 -39.52 -19.61
CA TYR D 370 -34.13 -40.27 -20.78
C TYR D 370 -33.13 -40.15 -21.90
N GLY D 371 -32.94 -41.25 -22.63
CA GLY D 371 -32.08 -41.25 -23.78
C GLY D 371 -30.63 -41.04 -23.46
N MET D 372 -29.94 -40.47 -24.44
CA MET D 372 -28.55 -40.06 -24.36
C MET D 372 -27.69 -41.26 -23.96
N GLU D 373 -27.88 -42.33 -24.71
CA GLU D 373 -27.24 -43.60 -24.42
C GLU D 373 -25.74 -43.48 -24.34
N ASP D 374 -25.18 -42.59 -25.14
CA ASP D 374 -23.74 -42.58 -25.29
C ASP D 374 -23.09 -42.02 -24.04
N VAL D 375 -23.63 -40.93 -23.50
CA VAL D 375 -23.06 -40.39 -22.27
C VAL D 375 -23.23 -41.40 -21.16
N LYS D 376 -24.33 -42.14 -21.20
CA LYS D 376 -24.58 -43.10 -20.15
C LYS D 376 -23.51 -44.17 -20.22
N LYS D 377 -23.30 -44.64 -21.44
CA LYS D 377 -22.32 -45.66 -21.69
C LYS D 377 -20.94 -45.18 -21.33
N ARG D 378 -20.66 -43.89 -21.56
CA ARG D 378 -19.34 -43.41 -21.25
C ARG D 378 -19.12 -43.40 -19.76
N ILE D 379 -20.12 -42.93 -19.00
CA ILE D 379 -19.89 -42.91 -17.57
C ILE D 379 -19.77 -44.32 -17.05
N LEU D 380 -20.48 -45.26 -17.69
CA LEU D 380 -20.31 -46.65 -17.33
C LEU D 380 -18.88 -47.05 -17.57
N GLU D 381 -18.33 -46.59 -18.68
CA GLU D 381 -16.92 -46.79 -18.94
C GLU D 381 -16.07 -46.22 -17.82
N PHE D 382 -16.40 -45.01 -17.36
CA PHE D 382 -15.52 -44.38 -16.38
C PHE D 382 -15.51 -45.16 -15.09
N ILE D 383 -16.72 -45.48 -14.60
CA ILE D 383 -16.83 -46.23 -13.35
C ILE D 383 -16.05 -47.51 -13.49
N ALA D 384 -16.24 -48.20 -14.61
CA ALA D 384 -15.59 -49.47 -14.80
C ALA D 384 -14.09 -49.32 -14.77
N VAL D 385 -13.59 -48.22 -15.32
CA VAL D 385 -12.16 -48.04 -15.32
C VAL D 385 -11.64 -47.82 -13.92
N SER D 386 -12.33 -46.97 -13.16
CA SER D 386 -11.82 -46.67 -11.84
C SER D 386 -11.91 -47.85 -10.91
N GLN D 387 -13.02 -48.58 -10.96
CA GLN D 387 -13.12 -49.74 -10.09
C GLN D 387 -12.13 -50.80 -10.53
N LEU D 388 -11.93 -50.92 -11.83
CA LEU D 388 -11.00 -51.92 -12.28
C LEU D 388 -9.59 -51.48 -12.04
N ARG D 389 -9.35 -50.19 -12.15
CA ARG D 389 -8.02 -49.65 -11.99
C ARG D 389 -7.81 -49.16 -10.58
N GLY D 390 -8.11 -50.02 -9.60
CA GLY D 390 -7.75 -49.73 -8.22
C GLY D 390 -8.33 -48.42 -7.75
N SER D 391 -7.43 -47.54 -7.32
CA SER D 391 -7.81 -46.35 -6.60
C SER D 391 -8.57 -45.37 -7.47
N THR D 392 -9.41 -44.58 -6.81
CA THR D 392 -10.22 -43.58 -7.47
C THR D 392 -9.36 -42.53 -8.15
N GLN D 393 -9.92 -41.96 -9.23
CA GLN D 393 -9.22 -41.00 -10.06
C GLN D 393 -10.20 -39.95 -10.58
N GLY D 394 -9.67 -38.77 -10.86
CA GLY D 394 -10.42 -37.72 -11.50
C GLY D 394 -10.30 -37.82 -13.01
N LYS D 395 -10.88 -36.85 -13.68
CA LYS D 395 -10.90 -36.82 -15.15
C LYS D 395 -11.48 -35.47 -15.53
N ILE D 396 -11.66 -35.23 -16.84
CA ILE D 396 -12.37 -34.07 -17.35
C ILE D 396 -13.09 -34.51 -18.63
N LEU D 397 -14.13 -33.79 -19.03
CA LEU D 397 -14.93 -34.09 -20.22
C LEU D 397 -15.54 -32.81 -20.77
N CYS D 398 -16.14 -32.93 -21.98
CA CYS D 398 -16.78 -31.80 -22.67
C CYS D 398 -17.99 -32.27 -23.47
N PHE D 399 -19.15 -32.02 -22.89
CA PHE D 399 -20.43 -32.06 -23.59
C PHE D 399 -20.64 -30.79 -24.38
N TYR D 400 -21.41 -30.91 -25.45
CA TYR D 400 -21.82 -29.74 -26.18
C TYR D 400 -23.10 -30.07 -26.93
N GLY D 401 -24.01 -29.09 -26.95
CA GLY D 401 -25.27 -29.30 -27.61
C GLY D 401 -26.25 -28.15 -27.51
N PRO D 402 -27.42 -28.31 -28.14
CA PRO D 402 -28.41 -27.24 -28.15
C PRO D 402 -28.88 -26.92 -26.74
N PRO D 403 -29.25 -25.67 -26.48
CA PRO D 403 -29.56 -25.24 -25.11
C PRO D 403 -30.78 -25.92 -24.52
N GLY D 404 -30.75 -26.13 -23.20
CA GLY D 404 -31.96 -26.58 -22.55
C GLY D 404 -32.25 -28.04 -22.78
N VAL D 405 -31.29 -28.74 -23.38
CA VAL D 405 -31.40 -30.15 -23.71
C VAL D 405 -31.21 -31.04 -22.50
N GLY D 406 -30.98 -30.49 -21.30
CA GLY D 406 -30.74 -31.26 -20.10
C GLY D 406 -29.31 -31.33 -19.68
N LYS D 407 -28.41 -30.70 -20.45
CA LYS D 407 -26.99 -30.69 -20.20
C LYS D 407 -26.63 -30.47 -18.74
N THR D 408 -27.24 -29.47 -18.14
CA THR D 408 -26.88 -29.20 -16.77
C THR D 408 -27.56 -30.12 -15.76
N SER D 409 -28.78 -30.56 -16.07
CA SER D 409 -29.42 -31.42 -15.09
C SER D 409 -28.83 -32.80 -15.05
N ILE D 410 -28.36 -33.30 -16.19
CA ILE D 410 -27.75 -34.62 -16.16
C ILE D 410 -26.50 -34.55 -15.35
N ALA D 411 -25.82 -33.40 -15.37
CA ALA D 411 -24.56 -33.30 -14.68
C ALA D 411 -24.83 -33.43 -13.20
N ARG D 412 -25.84 -32.71 -12.73
CA ARG D 412 -26.18 -32.76 -11.31
C ARG D 412 -26.62 -34.16 -10.91
N SER D 413 -27.33 -34.83 -11.81
CA SER D 413 -27.77 -36.19 -11.52
C SER D 413 -26.59 -37.12 -11.44
N ILE D 414 -25.65 -36.92 -12.35
CA ILE D 414 -24.44 -37.73 -12.38
C ILE D 414 -23.66 -37.55 -11.10
N ALA D 415 -23.60 -36.32 -10.62
CA ALA D 415 -22.86 -36.06 -9.38
C ALA D 415 -23.51 -36.80 -8.23
N ARG D 416 -24.83 -36.80 -8.23
CA ARG D 416 -25.53 -37.56 -7.21
C ARG D 416 -25.28 -39.05 -7.37
N ALA D 417 -25.06 -39.48 -8.60
CA ALA D 417 -24.92 -40.90 -8.87
C ALA D 417 -23.56 -41.40 -8.45
N LEU D 418 -22.54 -40.63 -8.74
CA LEU D 418 -21.17 -41.02 -8.46
C LEU D 418 -20.76 -40.85 -7.01
N ASN D 419 -21.58 -40.19 -6.19
CA ASN D 419 -21.40 -40.02 -4.75
C ASN D 419 -20.35 -38.94 -4.43
N ARG D 420 -19.63 -38.37 -5.40
CA ARG D 420 -18.80 -37.23 -5.06
C ARG D 420 -19.68 -35.98 -5.00
N GLU D 421 -19.23 -34.99 -4.23
CA GLU D 421 -19.98 -33.77 -4.06
C GLU D 421 -19.98 -32.95 -5.35
N TYR D 422 -21.00 -32.11 -5.48
CA TYR D 422 -21.28 -31.36 -6.69
C TYR D 422 -20.99 -29.88 -6.49
N PHE D 423 -20.75 -29.20 -7.61
CA PHE D 423 -20.63 -27.76 -7.67
C PHE D 423 -20.57 -27.43 -9.16
N ARG D 424 -20.89 -26.17 -9.47
CA ARG D 424 -20.93 -25.63 -10.81
C ARG D 424 -20.73 -24.13 -10.70
N PHE D 425 -20.32 -23.51 -11.80
CA PHE D 425 -20.27 -22.05 -11.81
C PHE D 425 -20.18 -21.57 -13.22
N SER D 426 -20.82 -20.44 -13.49
CA SER D 426 -20.75 -19.90 -14.84
C SER D 426 -19.36 -19.38 -15.13
N VAL D 427 -19.01 -19.40 -16.41
CA VAL D 427 -17.77 -18.80 -16.89
C VAL D 427 -18.03 -17.79 -18.00
N GLY D 428 -19.22 -17.80 -18.60
CA GLY D 428 -19.53 -16.99 -19.77
C GLY D 428 -19.38 -15.50 -19.56
N GLY D 429 -18.63 -14.88 -20.45
CA GLY D 429 -18.48 -13.45 -20.53
C GLY D 429 -17.47 -12.84 -19.58
N MET D 430 -16.88 -13.62 -18.69
CA MET D 430 -15.86 -13.10 -17.80
C MET D 430 -14.54 -12.93 -18.54
N THR D 431 -13.78 -11.91 -18.13
CA THR D 431 -12.50 -11.55 -18.72
C THR D 431 -11.32 -11.74 -17.78
N ASP D 432 -11.38 -11.17 -16.60
CA ASP D 432 -10.28 -11.32 -15.67
C ASP D 432 -10.30 -12.70 -15.07
N VAL D 433 -9.12 -13.17 -14.70
CA VAL D 433 -8.98 -14.50 -14.10
C VAL D 433 -9.17 -14.44 -12.59
N ALA D 434 -9.29 -13.24 -12.00
CA ALA D 434 -9.21 -13.11 -10.55
C ALA D 434 -10.28 -13.92 -9.86
N GLU D 435 -11.45 -14.00 -10.48
CA GLU D 435 -12.48 -14.84 -9.89
C GLU D 435 -12.05 -16.30 -9.93
N ILE D 436 -11.31 -16.71 -10.97
CA ILE D 436 -10.76 -18.06 -11.00
C ILE D 436 -9.44 -18.14 -10.26
N LYS D 437 -8.90 -17.00 -9.85
CA LYS D 437 -7.52 -16.87 -9.40
C LYS D 437 -7.44 -16.06 -8.12
N GLY D 438 -8.57 -15.74 -7.50
CA GLY D 438 -8.51 -14.98 -6.28
C GLY D 438 -7.91 -13.63 -6.58
N HIS D 439 -7.01 -13.21 -5.69
CA HIS D 439 -6.42 -11.90 -5.74
C HIS D 439 -5.11 -12.01 -4.99
N ARG D 440 -4.35 -10.94 -4.97
CA ARG D 440 -3.04 -10.92 -4.35
C ARG D 440 -3.08 -10.78 -2.83
N ARG D 441 -4.25 -10.56 -2.24
CA ARG D 441 -4.60 -10.50 -0.82
C ARG D 441 -3.99 -9.34 -0.05
N THR D 442 -3.15 -8.53 -0.67
CA THR D 442 -2.85 -7.21 -0.14
C THR D 442 -3.92 -6.19 -0.49
N TYR D 443 -4.74 -6.46 -1.49
CA TYR D 443 -5.88 -5.60 -1.82
C TYR D 443 -6.97 -5.68 -0.77
N VAL D 444 -7.70 -4.57 -0.65
CA VAL D 444 -8.78 -4.46 0.34
C VAL D 444 -9.92 -5.42 0.04
N GLY D 445 -10.20 -5.70 -1.23
CA GLY D 445 -11.34 -6.48 -1.62
C GLY D 445 -10.99 -7.90 -2.02
N ALA D 446 -9.77 -8.34 -1.76
CA ALA D 446 -9.35 -9.64 -2.25
C ALA D 446 -10.04 -10.79 -1.51
N MET D 447 -10.43 -11.81 -2.27
CA MET D 447 -10.88 -13.08 -1.73
C MET D 447 -10.35 -14.19 -2.61
N PRO D 448 -10.12 -15.39 -2.08
CA PRO D 448 -9.62 -16.48 -2.92
C PRO D 448 -10.63 -16.85 -4.00
N GLY D 449 -10.11 -17.31 -5.13
CA GLY D 449 -10.94 -17.59 -6.29
C GLY D 449 -12.00 -18.62 -6.00
N LYS D 450 -13.04 -18.59 -6.83
CA LYS D 450 -14.31 -19.25 -6.54
C LYS D 450 -14.15 -20.75 -6.31
N ILE D 451 -13.19 -21.36 -7.00
CA ILE D 451 -12.98 -22.78 -6.86
C ILE D 451 -12.57 -23.06 -5.42
N ILE D 452 -11.83 -22.13 -4.82
CA ILE D 452 -11.43 -22.30 -3.44
C ILE D 452 -12.66 -22.17 -2.55
N GLN D 453 -13.64 -21.35 -2.92
CA GLN D 453 -14.91 -21.34 -2.19
C GLN D 453 -15.58 -22.69 -2.30
N CYS D 454 -15.56 -23.28 -3.50
CA CYS D 454 -16.18 -24.59 -3.64
C CYS D 454 -15.48 -25.62 -2.79
N LEU D 455 -14.18 -25.51 -2.66
CA LEU D 455 -13.48 -26.40 -1.74
C LEU D 455 -13.88 -26.12 -0.31
N LYS D 456 -14.08 -24.84 0.03
CA LYS D 456 -14.43 -24.51 1.40
C LYS D 456 -15.80 -25.04 1.76
N LYS D 457 -16.69 -25.13 0.79
CA LYS D 457 -18.02 -25.68 1.03
C LYS D 457 -18.03 -27.18 0.78
N THR D 458 -17.63 -27.59 -0.41
CA THR D 458 -17.52 -28.99 -0.75
C THR D 458 -16.34 -29.54 0.04
N LYS D 459 -16.63 -30.16 1.18
CA LYS D 459 -15.55 -30.67 2.02
C LYS D 459 -14.69 -31.67 1.28
N THR D 460 -15.25 -32.39 0.31
CA THR D 460 -14.47 -33.36 -0.43
C THR D 460 -13.34 -32.61 -1.13
N GLU D 461 -12.19 -33.23 -1.18
CA GLU D 461 -11.07 -32.71 -1.95
C GLU D 461 -11.13 -33.13 -3.41
N ASN D 462 -12.12 -33.92 -3.79
CA ASN D 462 -12.31 -34.31 -5.18
C ASN D 462 -13.77 -34.12 -5.58
N PRO D 463 -14.23 -32.87 -5.62
CA PRO D 463 -15.57 -32.59 -6.13
C PRO D 463 -15.68 -32.65 -7.65
N LEU D 464 -16.93 -32.78 -8.09
CA LEU D 464 -17.30 -32.75 -9.51
C LEU D 464 -17.56 -31.30 -9.90
N ILE D 465 -16.49 -30.55 -10.15
CA ILE D 465 -16.68 -29.21 -10.68
C ILE D 465 -17.40 -29.30 -12.02
N LEU D 466 -18.25 -28.29 -12.29
CA LEU D 466 -18.97 -28.21 -13.56
C LEU D 466 -18.91 -26.78 -14.09
N ILE D 467 -17.84 -26.48 -14.81
CA ILE D 467 -17.82 -25.28 -15.63
C ILE D 467 -18.82 -25.45 -16.76
N ASP D 468 -19.41 -24.34 -17.21
CA ASP D 468 -20.50 -24.40 -18.17
C ASP D 468 -20.38 -23.24 -19.15
N GLU D 469 -20.78 -23.47 -20.40
CA GLU D 469 -20.81 -22.44 -21.44
C GLU D 469 -19.45 -21.77 -21.57
N VAL D 470 -18.44 -22.61 -21.67
CA VAL D 470 -17.10 -22.10 -21.96
C VAL D 470 -17.01 -21.50 -23.35
N ASP D 471 -17.86 -21.93 -24.28
CA ASP D 471 -17.71 -21.52 -25.67
C ASP D 471 -17.87 -20.01 -25.87
N LYS D 472 -18.62 -19.33 -25.00
CA LYS D 472 -18.77 -17.88 -25.09
C LYS D 472 -18.17 -17.19 -23.87
N ILE D 473 -17.02 -17.67 -23.42
CA ILE D 473 -16.27 -16.98 -22.40
C ILE D 473 -15.92 -15.60 -22.94
N GLY D 474 -16.05 -14.58 -22.11
CA GLY D 474 -15.68 -13.25 -22.55
C GLY D 474 -14.18 -13.18 -22.79
N ARG D 475 -13.78 -12.75 -23.99
CA ARG D 475 -12.37 -12.70 -24.33
C ARG D 475 -12.02 -11.47 -25.16
N GLY D 476 -12.88 -10.46 -25.19
CA GLY D 476 -12.54 -9.30 -25.99
C GLY D 476 -11.55 -8.38 -25.34
N TYR D 477 -11.38 -8.48 -24.02
CA TYR D 477 -10.42 -7.62 -23.36
C TYR D 477 -9.02 -8.18 -23.60
N GLN D 478 -8.05 -7.30 -23.48
CA GLN D 478 -6.65 -7.64 -23.63
C GLN D 478 -6.19 -8.54 -22.48
N GLY D 479 -5.75 -9.74 -22.85
CA GLY D 479 -5.39 -10.82 -21.95
C GLY D 479 -6.51 -11.84 -21.77
N ASP D 480 -6.29 -13.00 -22.39
CA ASP D 480 -7.30 -14.05 -22.41
C ASP D 480 -7.39 -14.72 -21.04
N PRO D 481 -8.58 -14.80 -20.43
CA PRO D 481 -8.72 -15.77 -19.32
C PRO D 481 -8.50 -17.21 -19.74
N SER D 482 -8.75 -17.53 -21.02
CA SER D 482 -8.63 -18.91 -21.50
C SER D 482 -7.26 -19.52 -21.28
N SER D 483 -6.21 -18.71 -21.28
CA SER D 483 -4.91 -19.27 -20.93
C SER D 483 -4.89 -19.77 -19.50
N ALA D 484 -5.50 -19.02 -18.59
CA ALA D 484 -5.63 -19.49 -17.22
C ALA D 484 -6.52 -20.71 -17.18
N LEU D 485 -7.50 -20.76 -18.06
CA LEU D 485 -8.36 -21.93 -18.12
C LEU D 485 -7.55 -23.14 -18.54
N LEU D 486 -6.73 -23.01 -19.57
CA LEU D 486 -5.89 -24.14 -19.93
C LEU D 486 -4.91 -24.48 -18.82
N GLU D 487 -4.47 -23.45 -18.07
CA GLU D 487 -3.66 -23.69 -16.86
C GLU D 487 -4.44 -24.49 -15.85
N LEU D 488 -5.75 -24.32 -15.84
CA LEU D 488 -6.56 -25.06 -14.89
C LEU D 488 -6.72 -26.49 -15.36
N LEU D 489 -6.90 -26.71 -16.66
CA LEU D 489 -7.32 -28.04 -17.10
C LEU D 489 -6.18 -29.04 -17.17
N ASP D 490 -5.03 -28.62 -17.65
CA ASP D 490 -4.01 -29.56 -18.09
C ASP D 490 -3.47 -30.34 -16.89
N PRO D 491 -3.56 -31.69 -16.88
CA PRO D 491 -3.32 -32.40 -15.61
C PRO D 491 -1.95 -32.24 -14.99
N GLU D 492 -0.92 -32.13 -15.85
CA GLU D 492 0.45 -32.13 -15.35
C GLU D 492 0.72 -30.97 -14.41
N GLN D 493 0.20 -29.80 -14.74
CA GLN D 493 0.21 -28.66 -13.84
C GLN D 493 -1.07 -28.51 -13.05
N ASN D 494 -2.10 -29.32 -13.35
CA ASN D 494 -3.22 -29.42 -12.44
C ASN D 494 -2.73 -29.92 -11.09
N ALA D 495 -1.67 -30.74 -11.09
CA ALA D 495 -1.13 -31.33 -9.88
C ALA D 495 -0.70 -30.26 -8.89
N ASN D 496 -0.25 -29.11 -9.38
CA ASN D 496 0.34 -28.08 -8.52
C ASN D 496 -0.13 -26.70 -8.97
N PHE D 497 -1.43 -26.56 -9.25
CA PHE D 497 -1.94 -25.28 -9.69
C PHE D 497 -1.75 -24.24 -8.58
N LEU D 498 -1.51 -22.98 -8.97
CA LEU D 498 -1.13 -21.94 -8.01
C LEU D 498 -2.08 -20.76 -8.08
N ASP D 499 -2.90 -20.64 -7.05
CA ASP D 499 -3.79 -19.53 -6.78
C ASP D 499 -3.03 -18.35 -6.14
N HIS D 500 -3.61 -17.15 -6.27
CA HIS D 500 -2.97 -15.92 -5.79
C HIS D 500 -3.25 -15.61 -4.32
N TYR D 501 -4.53 -15.69 -3.87
CA TYR D 501 -4.87 -15.21 -2.53
C TYR D 501 -4.07 -15.93 -1.48
N LEU D 502 -3.85 -17.21 -1.68
CA LEU D 502 -2.88 -17.96 -0.91
C LEU D 502 -1.91 -18.51 -1.92
N ASP D 503 -0.63 -18.50 -1.54
CA ASP D 503 0.46 -18.84 -2.44
C ASP D 503 0.86 -20.29 -2.17
N VAL D 504 0.09 -21.23 -2.72
CA VAL D 504 0.37 -22.65 -2.51
C VAL D 504 0.00 -23.38 -3.81
N PRO D 505 0.83 -24.29 -4.34
CA PRO D 505 0.37 -25.16 -5.43
C PRO D 505 -0.76 -26.06 -4.94
N VAL D 506 -1.72 -26.39 -5.80
CA VAL D 506 -2.82 -27.26 -5.33
C VAL D 506 -3.21 -28.29 -6.38
N ASP D 507 -3.07 -29.56 -6.00
CA ASP D 507 -3.49 -30.63 -6.87
C ASP D 507 -5.00 -30.58 -6.95
N LEU D 508 -5.52 -30.78 -8.14
CA LEU D 508 -6.94 -31.04 -8.33
C LEU D 508 -7.14 -32.08 -9.42
N SER D 509 -6.20 -33.02 -9.53
CA SER D 509 -6.35 -34.09 -10.51
C SER D 509 -7.56 -34.95 -10.18
N LYS D 510 -7.91 -35.07 -8.90
CA LYS D 510 -9.03 -35.90 -8.53
C LYS D 510 -10.33 -35.27 -9.00
N VAL D 511 -10.36 -33.94 -9.13
CA VAL D 511 -11.59 -33.22 -9.43
C VAL D 511 -12.05 -33.60 -10.83
N LEU D 512 -13.35 -33.71 -10.99
CA LEU D 512 -13.97 -34.06 -12.26
C LEU D 512 -14.62 -32.86 -12.96
N PHE D 513 -13.88 -32.19 -13.85
CA PHE D 513 -14.49 -31.11 -14.61
C PHE D 513 -15.40 -31.64 -15.70
N ILE D 514 -16.36 -30.80 -16.06
CA ILE D 514 -17.24 -31.03 -17.18
C ILE D 514 -17.56 -29.67 -17.74
N CYS D 515 -17.86 -29.60 -19.05
CA CYS D 515 -18.08 -28.32 -19.68
C CYS D 515 -19.08 -28.46 -20.82
N THR D 516 -19.73 -27.34 -21.12
CA THR D 516 -20.88 -27.26 -21.99
C THR D 516 -20.67 -26.20 -23.06
N ALA D 517 -21.20 -26.47 -24.25
CA ALA D 517 -21.07 -25.54 -25.35
C ALA D 517 -22.14 -25.79 -26.40
N ASN D 518 -22.68 -24.72 -26.97
CA ASN D 518 -23.63 -24.90 -28.06
C ASN D 518 -22.94 -25.11 -29.40
N VAL D 519 -21.66 -24.81 -29.53
CA VAL D 519 -20.91 -25.10 -30.75
C VAL D 519 -19.43 -25.16 -30.42
N THR D 520 -18.76 -26.20 -30.90
CA THR D 520 -17.39 -26.45 -30.50
C THR D 520 -16.43 -25.36 -30.95
N ASP D 521 -16.65 -24.79 -32.13
CA ASP D 521 -15.59 -24.03 -32.82
C ASP D 521 -15.13 -22.81 -32.04
N THR D 522 -16.04 -22.17 -31.32
CA THR D 522 -15.72 -20.92 -30.64
C THR D 522 -14.71 -21.14 -29.51
N ILE D 523 -14.61 -22.35 -28.99
CA ILE D 523 -13.70 -22.63 -27.88
C ILE D 523 -12.27 -22.56 -28.40
N PRO D 524 -11.30 -22.03 -27.64
CA PRO D 524 -9.93 -21.90 -28.16
C PRO D 524 -9.33 -23.25 -28.48
N GLU D 525 -8.54 -23.29 -29.57
CA GLU D 525 -7.97 -24.55 -30.03
C GLU D 525 -7.11 -25.24 -28.98
N PRO D 526 -6.16 -24.58 -28.30
CA PRO D 526 -5.28 -25.32 -27.37
C PRO D 526 -6.06 -26.06 -26.31
N LEU D 527 -7.17 -25.46 -25.88
CA LEU D 527 -8.05 -26.13 -24.95
C LEU D 527 -8.93 -27.14 -25.67
N ARG D 528 -9.33 -26.86 -26.91
CA ARG D 528 -10.25 -27.75 -27.63
C ARG D 528 -9.60 -29.08 -27.88
N ASP D 529 -8.29 -29.07 -28.11
CA ASP D 529 -7.58 -30.29 -28.45
C ASP D 529 -7.29 -31.11 -27.20
N ARG D 530 -7.46 -30.51 -26.03
CA ARG D 530 -7.11 -31.17 -24.80
C ARG D 530 -8.19 -32.08 -24.29
N MET D 531 -9.40 -32.06 -24.88
CA MET D 531 -10.52 -32.70 -24.23
C MET D 531 -11.39 -33.55 -25.13
N GLU D 532 -11.98 -34.56 -24.49
CA GLU D 532 -12.92 -35.44 -25.15
C GLU D 532 -14.18 -34.66 -25.45
N MET D 533 -14.78 -34.94 -26.60
CA MET D 533 -15.98 -34.25 -27.06
C MET D 533 -17.16 -35.20 -26.97
N ILE D 534 -18.34 -34.63 -26.70
CA ILE D 534 -19.57 -35.40 -26.74
C ILE D 534 -20.66 -34.45 -27.19
N ASN D 535 -21.61 -34.97 -27.93
CA ASN D 535 -22.67 -34.19 -28.54
C ASN D 535 -24.01 -34.73 -28.03
N VAL D 536 -24.65 -33.98 -27.15
CA VAL D 536 -26.08 -34.24 -26.92
C VAL D 536 -26.90 -33.81 -28.12
N SER D 537 -27.88 -34.63 -28.46
CA SER D 537 -28.74 -34.43 -29.62
C SER D 537 -30.12 -33.92 -29.22
N GLY D 538 -30.86 -33.45 -30.22
CA GLY D 538 -32.20 -32.94 -29.98
C GLY D 538 -33.24 -34.07 -29.91
N TYR D 539 -34.11 -33.97 -28.94
CA TYR D 539 -35.14 -34.97 -28.78
C TYR D 539 -36.24 -34.80 -29.82
N VAL D 540 -36.85 -35.91 -30.22
CA VAL D 540 -37.95 -35.92 -31.18
C VAL D 540 -39.26 -35.99 -30.41
N ALA D 541 -40.31 -35.42 -31.03
CA ALA D 541 -41.65 -35.34 -30.46
C ALA D 541 -42.13 -36.59 -29.75
N GLN D 542 -41.94 -37.76 -30.38
CA GLN D 542 -42.39 -39.00 -29.79
C GLN D 542 -41.74 -39.25 -28.46
N GLU D 543 -40.45 -39.00 -28.37
CA GLU D 543 -39.73 -39.24 -27.14
C GLU D 543 -39.81 -38.03 -26.24
N LYS D 544 -39.95 -36.86 -26.86
CA LYS D 544 -40.08 -35.61 -26.14
C LYS D 544 -41.33 -35.66 -25.29
N LEU D 545 -42.35 -36.35 -25.79
CA LEU D 545 -43.55 -36.62 -25.03
C LEU D 545 -43.25 -37.40 -23.77
N ALA D 546 -42.58 -38.54 -23.92
CA ALA D 546 -42.41 -39.44 -22.78
C ALA D 546 -41.60 -38.77 -21.68
N ILE D 547 -40.60 -37.97 -22.08
CA ILE D 547 -39.91 -37.22 -21.04
C ILE D 547 -40.84 -36.19 -20.45
N ALA D 548 -41.76 -35.64 -21.27
CA ALA D 548 -42.60 -34.58 -20.76
C ALA D 548 -43.49 -35.13 -19.67
N GLU D 549 -43.86 -36.40 -19.81
CA GLU D 549 -44.84 -37.01 -18.94
C GLU D 549 -44.18 -37.92 -17.92
N ARG D 550 -42.85 -37.80 -17.76
CA ARG D 550 -42.13 -38.47 -16.68
C ARG D 550 -41.43 -37.49 -15.78
N TYR D 551 -40.87 -36.42 -16.32
CA TYR D 551 -39.99 -35.55 -15.54
C TYR D 551 -40.38 -34.11 -15.54
N LEU D 552 -41.25 -33.67 -16.45
CA LEU D 552 -41.67 -32.28 -16.44
C LEU D 552 -42.95 -32.12 -15.66
N VAL D 553 -44.00 -32.80 -16.12
CA VAL D 553 -45.29 -32.67 -15.49
C VAL D 553 -45.23 -33.09 -14.03
N PRO D 554 -44.71 -34.28 -13.67
CA PRO D 554 -44.66 -34.63 -12.24
C PRO D 554 -43.85 -33.64 -11.43
N GLN D 555 -42.78 -33.14 -12.03
CA GLN D 555 -41.86 -32.28 -11.31
C GLN D 555 -42.48 -30.94 -11.02
N ALA D 556 -43.04 -30.33 -12.05
CA ALA D 556 -43.71 -29.06 -11.84
C ALA D 556 -44.91 -29.22 -10.94
N ARG D 557 -45.60 -30.36 -11.03
CA ARG D 557 -46.77 -30.52 -10.21
C ARG D 557 -46.40 -30.59 -8.74
N ALA D 558 -45.30 -31.26 -8.44
CA ALA D 558 -44.80 -31.24 -7.08
C ALA D 558 -44.24 -29.88 -6.71
N LEU D 559 -43.72 -29.15 -7.70
CA LEU D 559 -43.18 -27.84 -7.41
C LEU D 559 -44.28 -26.89 -7.00
N CYS D 560 -45.38 -26.92 -7.70
CA CYS D 560 -46.48 -26.02 -7.44
C CYS D 560 -47.46 -26.60 -6.44
N GLY D 561 -47.20 -27.79 -5.93
CA GLY D 561 -48.01 -28.34 -4.88
C GLY D 561 -49.27 -29.00 -5.37
N LEU D 562 -49.53 -29.01 -6.67
CA LEU D 562 -50.71 -29.70 -7.13
C LEU D 562 -50.46 -31.18 -7.07
N ASP D 563 -51.55 -31.92 -6.98
CA ASP D 563 -51.53 -33.36 -6.90
C ASP D 563 -52.24 -33.92 -8.10
N GLU D 564 -51.94 -35.20 -8.37
CA GLU D 564 -52.47 -35.86 -9.56
C GLU D 564 -53.99 -35.88 -9.53
N SER D 565 -54.59 -35.73 -8.34
CA SER D 565 -56.03 -35.66 -8.18
C SER D 565 -56.59 -34.37 -8.75
N LYS D 566 -55.75 -33.36 -8.98
CA LYS D 566 -56.24 -32.05 -9.37
C LYS D 566 -56.03 -31.73 -10.83
N ALA D 567 -54.86 -32.07 -11.37
CA ALA D 567 -54.40 -31.50 -12.63
C ALA D 567 -54.10 -32.50 -13.73
N LYS D 568 -54.97 -33.46 -13.99
CA LYS D 568 -54.67 -34.44 -15.03
C LYS D 568 -54.55 -33.76 -16.37
N LEU D 569 -53.57 -34.20 -17.15
CA LEU D 569 -53.35 -33.69 -18.49
C LEU D 569 -53.26 -34.87 -19.44
N SER D 570 -54.24 -35.00 -20.33
CA SER D 570 -54.18 -36.05 -21.32
C SER D 570 -52.99 -35.80 -22.21
N SER D 571 -52.40 -36.88 -22.72
CA SER D 571 -51.22 -36.74 -23.55
C SER D 571 -51.52 -35.91 -24.79
N ASP D 572 -52.76 -35.97 -25.26
CA ASP D 572 -53.11 -35.29 -26.50
C ASP D 572 -52.95 -33.78 -26.39
N VAL D 573 -53.31 -33.20 -25.25
CA VAL D 573 -53.12 -31.77 -25.12
C VAL D 573 -51.65 -31.44 -25.09
N LEU D 574 -50.83 -32.35 -24.57
CA LEU D 574 -49.40 -32.13 -24.60
C LEU D 574 -48.91 -32.17 -26.02
N THR D 575 -49.51 -33.06 -26.81
CA THR D 575 -49.19 -33.12 -28.22
C THR D 575 -49.51 -31.80 -28.87
N LEU D 576 -50.66 -31.24 -28.53
CA LEU D 576 -51.04 -29.98 -29.14
C LEU D 576 -50.11 -28.87 -28.71
N LEU D 577 -49.65 -28.93 -27.47
CA LEU D 577 -48.71 -27.93 -26.99
C LEU D 577 -47.44 -28.02 -27.81
N ILE D 578 -47.09 -29.24 -28.16
CA ILE D 578 -45.87 -29.47 -28.91
C ILE D 578 -46.09 -29.03 -30.33
N LYS D 579 -47.24 -29.40 -30.89
CA LYS D 579 -47.47 -29.18 -32.31
C LYS D 579 -47.52 -27.70 -32.63
N GLN D 580 -48.07 -26.89 -31.73
CA GLN D 580 -48.37 -25.51 -32.04
C GLN D 580 -47.70 -24.53 -31.11
N TYR D 581 -47.84 -24.75 -29.82
CA TYR D 581 -47.44 -23.67 -28.94
C TYR D 581 -45.94 -23.64 -28.71
N CYS D 582 -45.20 -24.66 -29.13
CA CYS D 582 -43.75 -24.68 -29.01
C CYS D 582 -43.17 -25.32 -30.25
N ARG D 583 -42.06 -24.77 -30.74
CA ARG D 583 -41.44 -25.33 -31.93
C ARG D 583 -39.96 -25.07 -31.73
N GLU D 584 -39.27 -26.07 -31.19
CA GLU D 584 -37.87 -25.93 -30.86
C GLU D 584 -37.39 -27.32 -30.48
N SER D 585 -36.10 -27.56 -30.64
CA SER D 585 -35.52 -28.85 -30.31
C SER D 585 -35.35 -29.07 -28.81
N GLY D 586 -35.36 -28.02 -28.00
CA GLY D 586 -35.10 -28.10 -26.59
C GLY D 586 -36.34 -28.42 -25.81
N VAL D 587 -36.22 -28.32 -24.47
CA VAL D 587 -37.32 -28.67 -23.58
C VAL D 587 -37.53 -27.53 -22.58
N ARG D 588 -37.26 -26.29 -23.00
CA ARG D 588 -37.47 -25.14 -22.13
C ARG D 588 -38.80 -24.45 -22.36
N ASN D 589 -39.08 -24.05 -23.60
CA ASN D 589 -40.30 -23.31 -23.85
C ASN D 589 -41.52 -24.15 -23.52
N LEU D 590 -41.44 -25.45 -23.84
CA LEU D 590 -42.51 -26.34 -23.44
C LEU D 590 -42.58 -26.42 -21.93
N GLN D 591 -41.42 -26.37 -21.29
CA GLN D 591 -41.37 -26.37 -19.84
C GLN D 591 -42.09 -25.17 -19.28
N LYS D 592 -41.73 -23.99 -19.75
CA LYS D 592 -42.31 -22.78 -19.21
C LYS D 592 -43.80 -22.71 -19.49
N GLN D 593 -44.23 -23.19 -20.65
CA GLN D 593 -45.64 -23.05 -20.96
C GLN D 593 -46.45 -24.03 -20.16
N VAL D 594 -45.90 -25.22 -19.93
CA VAL D 594 -46.57 -26.15 -19.07
C VAL D 594 -46.64 -25.58 -17.66
N GLU D 595 -45.60 -24.85 -17.27
CA GLU D 595 -45.62 -24.23 -15.97
C GLU D 595 -46.75 -23.24 -15.85
N LYS D 596 -46.94 -22.42 -16.87
CA LYS D 596 -48.01 -21.43 -16.77
C LYS D 596 -49.34 -22.13 -16.71
N VAL D 597 -49.48 -23.22 -17.46
CA VAL D 597 -50.76 -23.90 -17.47
C VAL D 597 -51.06 -24.45 -16.09
N LEU D 598 -50.09 -25.13 -15.51
CA LEU D 598 -50.30 -25.69 -14.18
C LEU D 598 -50.54 -24.59 -13.18
N ARG D 599 -49.89 -23.46 -13.39
CA ARG D 599 -50.02 -22.38 -12.43
C ARG D 599 -51.43 -21.82 -12.49
N LYS D 600 -51.91 -21.55 -13.70
CA LYS D 600 -53.26 -21.05 -13.87
C LYS D 600 -54.30 -22.07 -13.46
N SER D 601 -53.92 -23.33 -13.46
CA SER D 601 -54.81 -24.34 -12.90
C SER D 601 -54.89 -24.22 -11.41
N ALA D 602 -53.73 -24.08 -10.77
CA ALA D 602 -53.73 -24.01 -9.33
C ALA D 602 -54.48 -22.78 -8.88
N TYR D 603 -54.33 -21.69 -9.64
CA TYR D 603 -55.06 -20.47 -9.32
C TYR D 603 -56.54 -20.71 -9.48
N LYS D 604 -56.91 -21.60 -10.41
CA LYS D 604 -58.31 -21.89 -10.62
C LYS D 604 -58.80 -22.98 -9.66
N ILE D 605 -57.97 -23.33 -8.68
CA ILE D 605 -58.34 -24.21 -7.59
C ILE D 605 -58.44 -23.44 -6.29
N VAL D 606 -57.49 -22.53 -6.04
CA VAL D 606 -57.41 -21.83 -4.76
C VAL D 606 -58.70 -21.11 -4.45
N SER D 607 -59.37 -20.63 -5.47
CA SER D 607 -60.70 -20.06 -5.36
C SER D 607 -61.65 -20.63 -6.37
N GLY D 608 -61.16 -21.25 -7.44
CA GLY D 608 -62.03 -21.64 -8.51
C GLY D 608 -63.00 -22.72 -8.09
N GLU D 609 -64.10 -22.77 -8.82
CA GLU D 609 -65.14 -23.75 -8.55
C GLU D 609 -64.62 -25.16 -8.67
N ALA D 610 -63.84 -25.45 -9.70
CA ALA D 610 -63.35 -26.80 -9.89
C ALA D 610 -62.36 -27.14 -8.80
N GLU D 611 -62.46 -28.36 -8.28
CA GLU D 611 -61.44 -28.94 -7.41
C GLU D 611 -60.64 -30.01 -8.13
N SER D 612 -60.85 -30.19 -9.43
CA SER D 612 -60.16 -31.21 -10.21
C SER D 612 -60.07 -30.67 -11.63
N VAL D 613 -58.93 -30.09 -11.97
CA VAL D 613 -58.71 -29.65 -13.33
C VAL D 613 -58.49 -30.85 -14.23
N GLU D 614 -59.01 -30.75 -15.45
CA GLU D 614 -58.79 -31.75 -16.48
C GLU D 614 -58.71 -30.91 -17.74
N VAL D 615 -57.50 -30.54 -18.11
CA VAL D 615 -57.34 -29.77 -19.32
C VAL D 615 -57.76 -30.65 -20.47
N THR D 616 -58.40 -30.03 -21.43
CA THR D 616 -58.89 -30.66 -22.64
C THR D 616 -58.54 -29.72 -23.77
N PRO D 617 -58.40 -30.23 -25.00
CA PRO D 617 -57.86 -29.39 -26.07
C PRO D 617 -58.64 -28.12 -26.31
N GLU D 618 -59.96 -28.24 -26.17
CA GLU D 618 -60.81 -27.06 -26.26
C GLU D 618 -60.51 -26.12 -25.11
N ASN D 619 -60.17 -26.69 -23.96
CA ASN D 619 -60.05 -25.89 -22.79
C ASN D 619 -58.68 -25.25 -22.76
N LEU D 620 -57.74 -25.75 -23.60
CA LEU D 620 -56.35 -25.35 -23.50
C LEU D 620 -56.17 -23.86 -23.70
N GLN D 621 -57.02 -23.27 -24.56
CA GLN D 621 -56.92 -21.86 -24.91
C GLN D 621 -56.95 -21.03 -23.65
N ASP D 622 -57.78 -21.46 -22.68
CA ASP D 622 -58.06 -20.70 -21.48
C ASP D 622 -56.78 -20.44 -20.71
N PHE D 623 -55.83 -21.36 -20.83
CA PHE D 623 -54.60 -21.28 -20.08
C PHE D 623 -53.45 -20.70 -20.87
N VAL D 624 -53.51 -20.68 -22.21
CA VAL D 624 -52.35 -20.28 -23.00
C VAL D 624 -52.71 -19.29 -24.09
N GLY D 625 -53.99 -19.15 -24.37
CA GLY D 625 -54.39 -18.26 -25.42
C GLY D 625 -54.16 -18.92 -26.77
N LYS D 626 -54.27 -18.10 -27.81
CA LYS D 626 -54.24 -18.60 -29.16
C LYS D 626 -52.84 -19.09 -29.53
N PRO D 627 -52.73 -19.98 -30.53
CA PRO D 627 -51.42 -20.58 -30.83
C PRO D 627 -50.35 -19.62 -31.30
N VAL D 628 -49.12 -19.92 -30.89
CA VAL D 628 -47.96 -19.14 -31.29
C VAL D 628 -47.39 -19.64 -32.62
N PHE D 629 -47.86 -20.78 -33.13
CA PHE D 629 -47.46 -21.26 -34.44
C PHE D 629 -48.72 -21.86 -35.02
N THR D 630 -48.84 -21.81 -36.35
CA THR D 630 -49.91 -22.55 -37.02
C THR D 630 -49.39 -23.26 -38.26
N VAL D 631 -48.58 -22.58 -39.04
CA VAL D 631 -47.96 -23.19 -40.21
C VAL D 631 -46.83 -24.08 -39.75
N GLU D 632 -46.59 -25.16 -40.49
CA GLU D 632 -45.41 -25.99 -40.32
C GLU D 632 -44.31 -25.52 -41.26
N ARG D 633 -44.61 -25.52 -42.56
CA ARG D 633 -43.75 -24.96 -43.60
C ARG D 633 -44.48 -23.85 -44.33
N MET D 634 -43.70 -22.95 -44.93
CA MET D 634 -44.25 -21.69 -45.41
C MET D 634 -45.22 -21.84 -46.57
N TYR D 635 -45.16 -22.93 -47.35
CA TYR D 635 -46.22 -23.39 -48.25
C TYR D 635 -45.74 -24.56 -49.07
N ASP D 636 -46.65 -25.30 -49.70
CA ASP D 636 -46.22 -26.28 -50.70
C ASP D 636 -45.54 -25.60 -51.88
N VAL D 637 -44.40 -26.16 -52.27
CA VAL D 637 -43.39 -25.42 -53.03
C VAL D 637 -43.92 -24.92 -54.36
N THR D 638 -43.57 -23.70 -54.72
CA THR D 638 -43.88 -23.25 -56.06
C THR D 638 -42.97 -23.96 -57.06
N PRO D 639 -43.52 -24.51 -58.15
CA PRO D 639 -42.74 -25.41 -59.00
C PRO D 639 -41.48 -24.80 -59.59
N PRO D 640 -41.44 -23.50 -59.98
CA PRO D 640 -40.29 -23.07 -60.75
C PRO D 640 -39.02 -22.89 -59.95
N GLY D 641 -39.12 -22.15 -58.86
CA GLY D 641 -37.98 -21.40 -58.40
C GLY D 641 -37.74 -21.32 -56.92
N VAL D 642 -38.09 -22.39 -56.21
CA VAL D 642 -37.82 -22.46 -54.78
C VAL D 642 -37.46 -23.90 -54.49
N VAL D 643 -36.72 -24.10 -53.42
CA VAL D 643 -36.40 -25.44 -52.97
C VAL D 643 -36.17 -25.46 -51.48
N MET D 644 -36.74 -26.49 -50.87
CA MET D 644 -36.55 -26.73 -49.46
C MET D 644 -35.09 -27.08 -49.24
N GLY D 645 -34.49 -26.56 -48.19
CA GLY D 645 -33.09 -26.76 -47.89
C GLY D 645 -32.78 -26.98 -46.43
N LEU D 646 -32.24 -28.14 -46.09
CA LEU D 646 -31.83 -28.34 -44.70
C LEU D 646 -30.61 -27.51 -44.40
N ALA D 647 -30.50 -27.06 -43.16
CA ALA D 647 -29.33 -26.33 -42.74
C ALA D 647 -29.16 -26.51 -41.25
N TRP D 648 -27.90 -26.59 -40.83
CA TRP D 648 -27.57 -26.94 -39.47
C TRP D 648 -27.22 -25.66 -38.71
N THR D 649 -28.28 -24.93 -38.42
CA THR D 649 -28.09 -23.65 -37.78
C THR D 649 -27.53 -23.84 -36.39
N ALA D 650 -27.07 -22.73 -35.82
CA ALA D 650 -26.39 -22.75 -34.53
C ALA D 650 -27.27 -23.33 -33.44
N MET D 651 -28.58 -23.21 -33.58
CA MET D 651 -29.54 -23.70 -32.60
C MET D 651 -30.44 -24.64 -33.38
N GLY D 652 -30.16 -25.93 -33.30
CA GLY D 652 -31.01 -26.88 -33.96
C GLY D 652 -30.76 -26.93 -35.44
N GLY D 653 -31.55 -27.77 -36.08
CA GLY D 653 -31.62 -27.81 -37.53
C GLY D 653 -32.63 -26.78 -37.97
N SER D 654 -32.73 -26.61 -39.28
CA SER D 654 -33.79 -25.76 -39.81
C SER D 654 -33.99 -26.07 -41.28
N THR D 655 -35.12 -25.60 -41.79
CA THR D 655 -35.54 -25.88 -43.16
C THR D 655 -35.60 -24.55 -43.90
N LEU D 656 -34.42 -24.04 -44.25
CA LEU D 656 -34.35 -22.81 -44.99
C LEU D 656 -34.70 -23.13 -46.42
N PHE D 657 -35.38 -22.21 -47.09
CA PHE D 657 -35.74 -22.37 -48.48
C PHE D 657 -34.88 -21.46 -49.31
N VAL D 658 -34.31 -21.98 -50.37
CA VAL D 658 -33.57 -21.17 -51.34
C VAL D 658 -34.56 -20.72 -52.39
N GLU D 659 -34.45 -19.45 -52.78
CA GLU D 659 -35.41 -18.84 -53.69
C GLU D 659 -34.69 -17.97 -54.70
N THR D 660 -35.05 -18.09 -55.96
CA THR D 660 -34.40 -17.37 -57.04
C THR D 660 -35.46 -17.00 -58.05
N SER D 661 -35.18 -15.95 -58.82
CA SER D 661 -36.18 -15.46 -59.75
C SER D 661 -35.56 -14.69 -60.90
N LEU D 662 -36.36 -14.58 -61.95
CA LEU D 662 -36.00 -13.82 -63.11
C LEU D 662 -35.94 -12.35 -62.75
N ARG D 663 -35.13 -11.63 -63.51
CA ARG D 663 -34.77 -10.26 -63.20
C ARG D 663 -35.03 -9.28 -64.33
N ARG D 664 -35.49 -9.72 -65.46
CA ARG D 664 -35.54 -8.80 -66.58
C ARG D 664 -36.14 -9.61 -67.70
N PRO D 665 -36.79 -9.01 -68.70
CA PRO D 665 -37.34 -9.84 -69.77
C PRO D 665 -36.22 -10.57 -70.46
N GLN D 666 -36.51 -11.82 -70.83
CA GLN D 666 -35.44 -12.72 -71.22
C GLN D 666 -34.95 -12.42 -72.61
N ASP D 667 -35.85 -12.03 -73.51
CA ASP D 667 -35.62 -12.06 -74.95
C ASP D 667 -35.66 -10.65 -75.48
N LYS D 668 -35.02 -9.74 -74.74
CA LYS D 668 -34.93 -8.36 -75.21
C LYS D 668 -34.13 -8.27 -76.50
N ASP D 669 -33.16 -9.17 -76.69
CA ASP D 669 -32.35 -9.24 -77.90
C ASP D 669 -31.97 -10.70 -78.11
N ALA D 670 -32.71 -11.40 -78.97
CA ALA D 670 -32.45 -12.83 -79.13
C ALA D 670 -31.06 -13.10 -79.69
N LYS D 671 -30.54 -12.22 -80.53
CA LYS D 671 -29.27 -12.44 -81.21
C LYS D 671 -28.03 -11.98 -80.44
N GLY D 672 -28.18 -11.34 -79.28
CA GLY D 672 -27.02 -10.79 -78.61
C GLY D 672 -26.24 -11.85 -77.85
N ASP D 673 -25.15 -11.41 -77.22
CA ASP D 673 -24.25 -12.31 -76.53
C ASP D 673 -23.61 -11.53 -75.38
N LYS D 674 -24.32 -11.50 -74.25
CA LYS D 674 -23.84 -10.89 -73.00
C LYS D 674 -24.52 -11.65 -71.88
N ASP D 675 -23.78 -12.57 -71.26
CA ASP D 675 -24.39 -13.56 -70.38
C ASP D 675 -25.12 -12.92 -69.18
N GLY D 676 -26.23 -13.54 -68.81
CA GLY D 676 -27.12 -13.00 -67.81
C GLY D 676 -26.52 -13.06 -66.43
N SER D 677 -26.23 -11.91 -65.85
CA SER D 677 -25.61 -11.86 -64.54
C SER D 677 -26.51 -12.40 -63.44
N LEU D 678 -25.86 -13.01 -62.45
CA LEU D 678 -26.44 -13.32 -61.15
C LEU D 678 -26.54 -12.10 -60.26
N GLU D 679 -27.46 -12.18 -59.31
CA GLU D 679 -27.47 -11.30 -58.16
C GLU D 679 -27.56 -12.14 -56.91
N VAL D 680 -26.54 -12.18 -56.15
CA VAL D 680 -26.55 -12.99 -54.94
C VAL D 680 -27.06 -12.11 -53.82
N THR D 681 -27.75 -12.72 -52.87
CA THR D 681 -28.25 -12.03 -51.69
C THR D 681 -28.20 -13.00 -50.52
N GLY D 682 -28.64 -12.53 -49.36
CA GLY D 682 -28.63 -13.31 -48.14
C GLY D 682 -27.51 -12.98 -47.17
N GLN D 683 -26.82 -11.87 -47.37
CA GLN D 683 -25.82 -11.38 -46.42
C GLN D 683 -24.70 -12.38 -46.21
N LEU D 684 -24.37 -13.07 -47.29
CA LEU D 684 -23.37 -14.12 -47.29
C LEU D 684 -21.98 -13.61 -46.98
N GLY D 685 -21.22 -14.46 -46.31
CA GLY D 685 -19.80 -14.25 -46.25
C GLY D 685 -19.23 -14.64 -47.59
N GLU D 686 -17.97 -14.25 -47.80
CA GLU D 686 -17.36 -14.34 -49.12
C GLU D 686 -17.29 -15.76 -49.62
N VAL D 687 -16.99 -16.72 -48.73
CA VAL D 687 -16.77 -18.09 -49.15
C VAL D 687 -18.05 -18.68 -49.71
N MET D 688 -19.18 -18.37 -49.09
CA MET D 688 -20.44 -18.77 -49.66
C MET D 688 -20.69 -18.10 -50.99
N LYS D 689 -20.25 -16.85 -51.15
CA LYS D 689 -20.48 -16.16 -52.42
C LYS D 689 -19.75 -16.85 -53.55
N GLU D 690 -18.47 -17.15 -53.37
CA GLU D 690 -17.78 -17.84 -54.46
C GLU D 690 -18.34 -19.22 -54.64
N SER D 691 -18.77 -19.85 -53.55
CA SER D 691 -19.35 -21.18 -53.69
C SER D 691 -20.59 -21.11 -54.55
N ALA D 692 -21.36 -20.05 -54.37
CA ALA D 692 -22.55 -19.89 -55.18
C ALA D 692 -22.18 -19.67 -56.62
N ARG D 693 -21.14 -18.88 -56.86
CA ARG D 693 -20.77 -18.59 -58.24
C ARG D 693 -20.30 -19.87 -58.91
N ILE D 694 -19.58 -20.69 -58.14
CA ILE D 694 -19.09 -21.96 -58.67
C ILE D 694 -20.26 -22.83 -59.01
N ALA D 695 -21.25 -22.85 -58.13
CA ALA D 695 -22.43 -23.66 -58.37
C ALA D 695 -23.10 -23.20 -59.64
N TYR D 696 -23.08 -21.90 -59.88
CA TYR D 696 -23.73 -21.38 -61.07
C TYR D 696 -23.02 -21.89 -62.29
N THR D 697 -21.70 -21.84 -62.22
CA THR D 697 -20.91 -22.26 -63.37
C THR D 697 -21.15 -23.72 -63.67
N PHE D 698 -21.20 -24.54 -62.64
CA PHE D 698 -21.39 -25.95 -62.91
C PHE D 698 -22.80 -26.17 -63.43
N ALA D 699 -23.76 -25.43 -62.90
CA ALA D 699 -25.13 -25.63 -63.34
C ALA D 699 -25.26 -25.33 -64.80
N ARG D 700 -24.79 -24.16 -65.21
CA ARG D 700 -24.96 -23.81 -66.60
C ARG D 700 -24.13 -24.71 -67.48
N ALA D 701 -23.05 -25.28 -66.91
CA ALA D 701 -22.27 -26.24 -67.65
C ALA D 701 -23.11 -27.45 -67.91
N PHE D 702 -23.74 -27.97 -66.88
CA PHE D 702 -24.47 -29.21 -67.04
C PHE D 702 -25.61 -28.96 -68.01
N LEU D 703 -26.19 -27.76 -67.92
CA LEU D 703 -27.36 -27.45 -68.71
C LEU D 703 -27.03 -27.51 -70.18
N MET D 704 -25.94 -26.85 -70.56
CA MET D 704 -25.52 -26.98 -71.94
C MET D 704 -25.01 -28.36 -72.23
N GLN D 705 -24.47 -29.05 -71.23
CA GLN D 705 -23.85 -30.34 -71.46
C GLN D 705 -24.87 -31.36 -71.93
N HIS D 706 -26.02 -31.42 -71.28
CA HIS D 706 -27.00 -32.42 -71.65
C HIS D 706 -28.16 -31.82 -72.42
N ALA D 707 -28.30 -30.50 -72.42
CA ALA D 707 -29.40 -29.83 -73.10
C ALA D 707 -28.85 -28.65 -73.90
N PRO D 708 -28.13 -28.91 -74.99
CA PRO D 708 -27.48 -27.81 -75.71
C PRO D 708 -28.48 -26.77 -76.20
N ALA D 709 -29.68 -27.22 -76.58
CA ALA D 709 -30.65 -26.34 -77.20
C ALA D 709 -31.14 -25.28 -76.24
N ASN D 710 -31.19 -25.61 -74.95
CA ASN D 710 -31.75 -24.66 -74.02
C ASN D 710 -30.76 -23.53 -73.86
N ASP D 711 -31.29 -22.36 -73.51
CA ASP D 711 -30.47 -21.19 -73.25
C ASP D 711 -30.96 -20.32 -72.11
N TYR D 712 -31.96 -20.78 -71.36
CA TYR D 712 -32.70 -19.94 -70.43
C TYR D 712 -31.77 -19.32 -69.41
N LEU D 713 -30.71 -20.03 -69.02
CA LEU D 713 -29.84 -19.58 -67.96
C LEU D 713 -28.60 -18.86 -68.47
N VAL D 714 -28.36 -18.86 -69.77
CA VAL D 714 -27.19 -18.18 -70.31
C VAL D 714 -27.55 -16.79 -70.77
N THR D 715 -28.84 -16.46 -70.86
CA THR D 715 -29.25 -15.26 -71.53
C THR D 715 -30.35 -14.59 -70.75
N SER D 716 -30.21 -14.57 -69.43
CA SER D 716 -31.20 -13.88 -68.63
C SER D 716 -30.62 -13.59 -67.27
N HIS D 717 -30.90 -12.40 -66.75
CA HIS D 717 -30.39 -12.07 -65.44
C HIS D 717 -31.27 -12.77 -64.43
N ILE D 718 -30.71 -13.05 -63.26
CA ILE D 718 -31.40 -13.82 -62.25
C ILE D 718 -30.93 -13.27 -60.92
N HIS D 719 -31.83 -13.28 -59.96
CA HIS D 719 -31.53 -12.83 -58.61
C HIS D 719 -31.79 -13.99 -57.68
N LEU D 720 -30.97 -14.09 -56.65
CA LEU D 720 -30.88 -15.30 -55.84
C LEU D 720 -30.79 -14.95 -54.37
N HIS D 721 -31.40 -15.80 -53.55
CA HIS D 721 -31.49 -15.55 -52.12
C HIS D 721 -31.48 -16.84 -51.32
N VAL D 722 -30.52 -16.93 -50.43
CA VAL D 722 -30.39 -18.02 -49.48
C VAL D 722 -30.54 -17.41 -48.08
N PRO D 723 -31.66 -17.61 -47.38
CA PRO D 723 -31.88 -16.86 -46.14
C PRO D 723 -30.80 -17.16 -45.11
N GLU D 724 -30.48 -16.13 -44.35
CA GLU D 724 -29.42 -16.22 -43.36
C GLU D 724 -29.89 -17.07 -42.18
N GLY D 725 -28.92 -17.59 -41.44
CA GLY D 725 -29.17 -18.33 -40.21
C GLY D 725 -28.24 -19.50 -40.02
N ALA D 726 -27.79 -20.08 -41.12
CA ALA D 726 -26.93 -21.25 -41.07
C ALA D 726 -25.63 -20.93 -40.36
N THR D 727 -25.11 -21.92 -39.64
CA THR D 727 -23.80 -21.78 -39.04
C THR D 727 -22.78 -21.63 -40.17
N PRO D 728 -21.72 -20.80 -40.01
CA PRO D 728 -20.90 -20.46 -41.19
C PRO D 728 -20.30 -21.64 -41.90
N LYS D 729 -19.96 -22.67 -41.14
CA LYS D 729 -19.39 -23.87 -41.75
C LYS D 729 -20.38 -24.53 -42.68
N ASP D 730 -21.66 -24.37 -42.41
CA ASP D 730 -22.66 -25.07 -43.20
C ASP D 730 -22.98 -24.30 -44.46
N GLY D 731 -22.46 -23.08 -44.64
CA GLY D 731 -22.86 -22.26 -45.76
C GLY D 731 -22.69 -22.95 -47.11
N PRO D 732 -21.53 -23.56 -47.37
CA PRO D 732 -21.31 -24.22 -48.66
C PRO D 732 -22.30 -25.31 -48.98
N SER D 733 -22.84 -25.99 -47.96
CA SER D 733 -23.74 -27.13 -48.16
C SER D 733 -24.96 -26.76 -48.97
N ALA D 734 -25.33 -25.48 -49.01
CA ALA D 734 -26.50 -25.06 -49.76
C ALA D 734 -26.35 -25.35 -51.25
N GLY D 735 -25.10 -25.51 -51.73
CA GLY D 735 -24.84 -25.42 -53.14
C GLY D 735 -25.60 -26.44 -53.94
N CYS D 736 -25.76 -27.64 -53.39
CA CYS D 736 -26.45 -28.71 -54.11
C CYS D 736 -27.86 -28.28 -54.43
N THR D 737 -28.55 -27.76 -53.40
CA THR D 737 -29.91 -27.29 -53.57
C THR D 737 -29.92 -26.17 -54.58
N ILE D 738 -28.87 -25.32 -54.50
CA ILE D 738 -28.81 -24.14 -55.32
C ILE D 738 -28.82 -24.57 -56.76
N VAL D 739 -28.08 -25.64 -57.07
CA VAL D 739 -28.02 -26.06 -58.47
C VAL D 739 -29.39 -26.48 -58.90
N THR D 740 -30.02 -27.25 -58.03
CA THR D 740 -31.33 -27.78 -58.30
C THR D 740 -32.31 -26.65 -58.43
N ALA D 741 -32.05 -25.53 -57.75
CA ALA D 741 -32.88 -24.37 -57.91
C ALA D 741 -32.89 -23.93 -59.36
N LEU D 742 -31.72 -23.51 -59.87
CA LEU D 742 -31.70 -22.87 -61.18
C LEU D 742 -32.27 -23.79 -62.22
N LEU D 743 -31.79 -25.04 -62.23
CA LEU D 743 -32.21 -25.99 -63.23
C LEU D 743 -33.70 -26.18 -63.20
N SER D 744 -34.27 -26.23 -61.98
CA SER D 744 -35.72 -26.33 -61.85
C SER D 744 -36.37 -25.16 -62.54
N LEU D 745 -35.96 -23.94 -62.17
CA LEU D 745 -36.52 -22.77 -62.81
C LEU D 745 -36.18 -22.81 -64.28
N ALA D 746 -34.99 -23.33 -64.62
CA ALA D 746 -34.64 -23.37 -66.02
C ALA D 746 -35.57 -24.28 -66.79
N MET D 747 -36.08 -25.31 -66.12
CA MET D 747 -37.00 -26.25 -66.73
C MET D 747 -38.44 -25.90 -66.49
N GLY D 748 -38.76 -25.25 -65.38
CA GLY D 748 -40.15 -25.06 -65.03
C GLY D 748 -40.77 -26.27 -64.37
N ARG D 749 -40.01 -27.35 -64.23
CA ARG D 749 -40.52 -28.56 -63.64
C ARG D 749 -40.67 -28.41 -62.13
N PRO D 750 -41.79 -28.79 -61.54
CA PRO D 750 -41.86 -28.78 -60.08
C PRO D 750 -40.86 -29.75 -59.51
N VAL D 751 -40.25 -29.38 -58.39
CA VAL D 751 -39.48 -30.35 -57.64
C VAL D 751 -40.49 -31.32 -57.04
N ARG D 752 -40.10 -32.57 -56.83
CA ARG D 752 -41.00 -33.48 -56.15
C ARG D 752 -41.26 -32.99 -54.73
N GLN D 753 -42.47 -33.23 -54.24
CA GLN D 753 -42.91 -32.70 -52.96
C GLN D 753 -42.02 -33.25 -51.86
N ASN D 754 -41.72 -32.39 -50.88
CA ASN D 754 -41.17 -32.71 -49.54
C ASN D 754 -40.00 -33.67 -49.67
N LEU D 755 -38.96 -33.14 -50.31
CA LEU D 755 -37.78 -33.92 -50.66
C LEU D 755 -36.55 -33.05 -50.42
N ALA D 756 -35.95 -33.21 -49.25
CA ALA D 756 -34.78 -32.47 -48.85
C ALA D 756 -33.54 -32.94 -49.61
N MET D 757 -32.47 -32.14 -49.45
CA MET D 757 -31.14 -32.50 -49.90
C MET D 757 -30.21 -31.47 -49.30
N THR D 758 -28.92 -31.77 -49.32
CA THR D 758 -27.91 -30.83 -48.83
C THR D 758 -26.57 -31.24 -49.38
N GLY D 759 -25.52 -30.65 -48.84
CA GLY D 759 -24.16 -30.95 -49.26
C GLY D 759 -23.63 -30.02 -50.33
N GLU D 760 -22.31 -30.09 -50.48
CA GLU D 760 -21.56 -29.25 -51.39
C GLU D 760 -21.35 -29.98 -52.70
N VAL D 761 -20.84 -29.24 -53.65
CA VAL D 761 -20.47 -29.77 -54.95
C VAL D 761 -19.10 -29.28 -55.31
N SER D 762 -18.51 -29.97 -56.26
CA SER D 762 -17.12 -29.86 -56.61
C SER D 762 -17.01 -29.69 -58.10
N LEU D 763 -17.87 -28.86 -58.67
CA LEU D 763 -17.67 -28.31 -60.00
C LEU D 763 -17.80 -29.29 -61.16
N THR D 764 -17.91 -30.58 -60.87
CA THR D 764 -18.14 -31.62 -61.85
C THR D 764 -19.27 -32.55 -61.43
N GLY D 765 -19.95 -32.24 -60.33
CA GLY D 765 -21.07 -33.03 -59.87
C GLY D 765 -20.71 -34.04 -58.80
N LYS D 766 -19.44 -34.21 -58.52
CA LYS D 766 -19.10 -35.01 -57.36
C LYS D 766 -19.55 -34.23 -56.13
N ILE D 767 -20.15 -34.94 -55.21
CA ILE D 767 -20.74 -34.36 -54.03
C ILE D 767 -19.83 -34.69 -52.87
N LEU D 768 -19.93 -33.92 -51.79
CA LEU D 768 -18.93 -33.90 -50.74
C LEU D 768 -19.52 -34.17 -49.36
N PRO D 769 -18.74 -34.72 -48.42
CA PRO D 769 -19.24 -34.89 -47.06
C PRO D 769 -19.51 -33.58 -46.36
N VAL D 770 -20.51 -33.60 -45.49
CA VAL D 770 -20.89 -32.43 -44.71
C VAL D 770 -21.16 -32.88 -43.27
N GLY D 771 -20.90 -31.98 -42.31
CA GLY D 771 -21.05 -32.26 -40.89
C GLY D 771 -22.44 -32.03 -40.32
N GLY D 772 -22.62 -32.47 -39.07
CA GLY D 772 -23.82 -32.14 -38.31
C GLY D 772 -25.10 -32.74 -38.86
N ILE D 773 -25.03 -33.95 -39.41
CA ILE D 773 -26.17 -34.57 -40.07
C ILE D 773 -27.33 -34.78 -39.13
N LYS D 774 -27.05 -34.96 -37.84
CA LYS D 774 -28.03 -35.42 -36.89
C LYS D 774 -29.17 -34.42 -36.76
N GLU D 775 -28.83 -33.18 -36.46
CA GLU D 775 -29.86 -32.18 -36.29
C GLU D 775 -30.60 -31.94 -37.58
N LYS D 776 -29.90 -32.05 -38.70
CA LYS D 776 -30.59 -31.90 -39.97
C LYS D 776 -31.66 -32.96 -40.14
N THR D 777 -31.30 -34.23 -39.91
CA THR D 777 -32.31 -35.26 -40.09
C THR D 777 -33.44 -35.08 -39.10
N ILE D 778 -33.11 -34.54 -37.94
CA ILE D 778 -34.12 -34.28 -36.93
C ILE D 778 -35.16 -33.31 -37.49
N ALA D 779 -34.70 -32.15 -37.94
CA ALA D 779 -35.64 -31.14 -38.42
C ALA D 779 -36.37 -31.61 -39.66
N ALA D 780 -35.69 -32.36 -40.51
CA ALA D 780 -36.38 -32.85 -41.69
C ALA D 780 -37.48 -33.81 -41.32
N LYS D 781 -37.26 -34.59 -40.26
CA LYS D 781 -38.33 -35.44 -39.82
C LYS D 781 -39.44 -34.57 -39.29
N ARG D 782 -39.07 -33.44 -38.68
CA ARG D 782 -40.06 -32.59 -38.05
C ARG D 782 -40.93 -31.90 -39.07
N ALA D 783 -40.48 -31.80 -40.31
CA ALA D 783 -41.20 -31.08 -41.34
C ALA D 783 -41.89 -32.02 -42.31
N GLY D 784 -41.99 -33.30 -41.99
CA GLY D 784 -42.73 -34.21 -42.82
C GLY D 784 -42.01 -34.64 -44.07
N VAL D 785 -40.71 -34.37 -44.18
CA VAL D 785 -39.97 -34.83 -45.33
C VAL D 785 -39.96 -36.34 -45.32
N THR D 786 -39.89 -36.94 -46.51
CA THR D 786 -39.94 -38.39 -46.66
C THR D 786 -38.83 -38.98 -47.52
N CYS D 787 -38.15 -38.18 -48.34
CA CYS D 787 -37.33 -38.72 -49.42
C CYS D 787 -35.96 -38.05 -49.45
N ILE D 788 -35.33 -38.00 -48.28
CA ILE D 788 -34.06 -37.32 -48.11
C ILE D 788 -32.99 -37.81 -49.07
N VAL D 789 -32.15 -36.88 -49.54
CA VAL D 789 -31.07 -37.17 -50.47
C VAL D 789 -29.78 -36.63 -49.89
N LEU D 790 -28.76 -37.47 -49.82
CA LEU D 790 -27.56 -37.17 -49.06
C LEU D 790 -26.31 -37.57 -49.82
N PRO D 791 -25.14 -37.03 -49.44
CA PRO D 791 -23.90 -37.53 -50.04
C PRO D 791 -23.82 -39.00 -49.69
N ALA D 792 -23.39 -39.80 -50.65
CA ALA D 792 -23.30 -41.22 -50.36
C ALA D 792 -22.28 -41.50 -49.29
N GLU D 793 -21.18 -40.75 -49.30
CA GLU D 793 -20.03 -41.03 -48.46
C GLU D 793 -20.36 -40.99 -46.98
N ASN D 794 -21.30 -40.16 -46.59
CA ASN D 794 -21.50 -39.92 -45.18
C ASN D 794 -22.50 -40.92 -44.59
N LYS D 795 -22.89 -41.97 -45.37
CA LYS D 795 -23.90 -42.92 -44.90
C LYS D 795 -23.60 -43.51 -43.54
N LYS D 796 -22.31 -43.62 -43.18
CA LYS D 796 -21.90 -44.24 -41.92
C LYS D 796 -22.66 -43.63 -40.75
N ASP D 797 -22.95 -42.34 -40.84
CA ASP D 797 -23.59 -41.64 -39.75
C ASP D 797 -25.08 -41.82 -39.81
N PHE D 798 -25.64 -41.89 -41.02
CA PHE D 798 -27.08 -41.99 -41.12
C PHE D 798 -27.58 -43.30 -40.55
N TYR D 799 -26.74 -44.32 -40.56
CA TYR D 799 -27.09 -45.61 -40.00
C TYR D 799 -26.83 -45.66 -38.50
N ASP D 800 -26.27 -44.60 -37.93
CA ASP D 800 -26.15 -44.50 -36.48
C ASP D 800 -27.42 -43.99 -35.83
N LEU D 801 -28.42 -43.59 -36.61
CA LEU D 801 -29.61 -43.01 -36.03
C LEU D 801 -30.45 -44.07 -35.34
N ALA D 802 -31.22 -43.61 -34.36
CA ALA D 802 -32.12 -44.50 -33.64
C ALA D 802 -33.16 -45.05 -34.60
N ALA D 803 -33.61 -46.28 -34.31
CA ALA D 803 -34.39 -47.06 -35.27
C ALA D 803 -35.67 -46.35 -35.65
N PHE D 804 -36.22 -45.57 -34.73
CA PHE D 804 -37.50 -44.92 -35.01
C PHE D 804 -37.26 -43.68 -35.82
N ILE D 805 -36.12 -43.01 -35.61
CA ILE D 805 -35.82 -41.78 -36.32
C ILE D 805 -35.80 -42.04 -37.82
N THR D 806 -35.35 -43.22 -38.20
CA THR D 806 -35.27 -43.60 -39.61
C THR D 806 -36.62 -43.85 -40.26
N GLU D 807 -37.68 -44.02 -39.47
CA GLU D 807 -38.98 -44.39 -39.99
C GLU D 807 -39.50 -43.38 -41.00
N GLY D 808 -40.05 -43.88 -42.10
CA GLY D 808 -40.64 -43.01 -43.09
C GLY D 808 -39.66 -42.50 -44.12
N LEU D 809 -38.59 -41.87 -43.64
CA LEU D 809 -37.62 -41.25 -44.52
C LEU D 809 -37.02 -42.26 -45.47
N GLU D 810 -36.87 -41.85 -46.72
CA GLU D 810 -36.34 -42.67 -47.81
C GLU D 810 -35.03 -42.08 -48.31
N VAL D 811 -33.93 -42.44 -47.65
CA VAL D 811 -32.65 -41.88 -48.05
C VAL D 811 -32.24 -42.41 -49.41
N HIS D 812 -31.71 -41.52 -50.23
CA HIS D 812 -31.08 -41.93 -51.49
C HIS D 812 -29.64 -41.49 -51.38
N PHE D 813 -28.75 -42.41 -51.06
CA PHE D 813 -27.34 -42.05 -51.06
C PHE D 813 -26.88 -41.84 -52.49
N VAL D 814 -26.11 -40.78 -52.71
CA VAL D 814 -25.57 -40.45 -54.03
C VAL D 814 -24.31 -39.64 -53.84
N GLU D 815 -23.46 -39.67 -54.87
CA GLU D 815 -22.19 -38.97 -54.92
C GLU D 815 -22.01 -38.03 -56.11
N HIS D 816 -22.43 -38.44 -57.31
CA HIS D 816 -22.31 -37.64 -58.51
C HIS D 816 -23.65 -36.97 -58.77
N TYR D 817 -23.64 -35.65 -58.97
CA TYR D 817 -24.90 -34.90 -58.96
C TYR D 817 -25.82 -35.34 -60.09
N ARG D 818 -25.30 -35.96 -61.14
CA ARG D 818 -26.14 -36.43 -62.24
C ARG D 818 -27.22 -37.39 -61.76
N GLU D 819 -26.96 -38.02 -60.62
CA GLU D 819 -27.93 -38.91 -60.05
C GLU D 819 -29.04 -38.03 -59.51
N ILE D 820 -28.66 -36.90 -58.88
CA ILE D 820 -29.68 -36.06 -58.30
C ILE D 820 -30.59 -35.59 -59.42
N PHE D 821 -30.02 -35.35 -60.61
CA PHE D 821 -30.88 -34.93 -61.70
C PHE D 821 -31.82 -36.05 -62.09
N ASP D 822 -31.46 -37.29 -61.81
CA ASP D 822 -32.38 -38.36 -62.15
C ASP D 822 -33.52 -38.44 -61.17
N ILE D 823 -33.18 -38.47 -59.90
CA ILE D 823 -34.21 -38.66 -58.89
C ILE D 823 -35.06 -37.41 -58.75
N ALA D 824 -34.44 -36.24 -58.86
CA ALA D 824 -35.14 -35.00 -58.60
C ALA D 824 -36.24 -34.75 -59.60
N PHE D 825 -36.05 -35.20 -60.84
CA PHE D 825 -36.99 -35.01 -61.94
C PHE D 825 -37.28 -36.28 -62.71
N PRO D 826 -38.09 -37.19 -62.14
CA PRO D 826 -38.41 -38.45 -62.82
C PRO D 826 -39.07 -38.26 -64.18
N HIS E 1 68.74 4.60 33.17
CA HIS E 1 69.15 4.64 31.76
C HIS E 1 68.47 3.51 31.01
N LEU E 2 67.15 3.58 30.97
CA LEU E 2 66.28 2.62 30.30
C LEU E 2 65.37 3.37 29.34
N PRO E 3 64.89 2.74 28.26
CA PRO E 3 64.01 3.47 27.35
C PRO E 3 62.69 3.73 28.06
N LEU E 4 61.98 4.78 27.63
CA LEU E 4 60.73 5.11 28.28
C LEU E 4 59.67 4.02 28.10
N ILE E 5 58.88 3.91 29.12
CA ILE E 5 57.79 2.95 29.23
C ILE E 5 56.54 3.59 28.63
N ALA E 6 55.67 2.73 28.11
CA ALA E 6 54.40 3.13 27.50
C ALA E 6 53.37 3.12 28.62
N ILE E 7 53.26 4.29 29.28
CA ILE E 7 52.36 4.51 30.42
C ILE E 7 50.95 4.01 30.09
N THR E 8 50.42 4.38 28.92
CA THR E 8 49.10 3.95 28.46
C THR E 8 47.98 4.20 29.49
N ARG E 9 47.65 5.50 29.62
CA ARG E 9 46.59 6.00 30.49
C ARG E 9 46.66 5.45 31.92
N ASN E 10 47.73 5.85 32.62
CA ASN E 10 47.93 5.42 34.00
C ASN E 10 48.65 6.50 34.78
N PRO E 11 47.92 7.38 35.49
CA PRO E 11 48.60 8.41 36.27
C PRO E 11 49.06 7.76 37.56
N VAL E 12 50.29 8.02 37.96
CA VAL E 12 50.86 7.45 39.18
C VAL E 12 51.28 8.59 40.09
N PHE E 13 50.32 9.03 40.89
CA PHE E 13 50.53 10.11 41.83
C PHE E 13 51.63 9.69 42.81
N PRO E 14 52.49 10.60 43.29
CA PRO E 14 53.55 10.19 44.23
C PRO E 14 52.99 9.44 45.45
N ARG E 15 53.71 8.40 45.86
CA ARG E 15 53.35 7.54 46.99
C ARG E 15 51.92 7.04 46.91
N PHE E 16 51.61 6.42 45.77
CA PHE E 16 50.29 5.86 45.54
C PHE E 16 50.49 4.67 44.61
N ILE E 17 50.28 3.47 45.15
CA ILE E 17 50.44 2.24 44.38
C ILE E 17 49.54 2.29 43.17
N LYS E 18 50.09 1.89 42.02
CA LYS E 18 49.35 1.88 40.78
C LYS E 18 49.81 0.68 39.98
N ILE E 19 48.95 0.27 39.04
CA ILE E 19 49.20 -0.85 38.16
C ILE E 19 49.23 -0.33 36.74
N ILE E 20 50.11 -0.89 35.92
CA ILE E 20 50.26 -0.53 34.51
C ILE E 20 50.12 -1.82 33.73
N GLU E 21 49.27 -1.76 32.70
CA GLU E 21 48.96 -2.90 31.85
C GLU E 21 49.04 -2.45 30.40
N VAL E 22 50.27 -2.34 29.89
CA VAL E 22 50.43 -1.95 28.50
C VAL E 22 49.96 -3.11 27.63
N LYS E 23 49.35 -2.79 26.49
CA LYS E 23 48.88 -3.86 25.62
C LYS E 23 50.01 -4.44 24.77
N ASN E 24 51.02 -3.63 24.48
CA ASN E 24 52.16 -4.09 23.69
C ASN E 24 52.96 -5.12 24.47
N LYS E 25 53.62 -6.03 23.75
CA LYS E 25 54.44 -7.07 24.34
C LYS E 25 55.93 -6.80 24.19
N LYS E 26 56.33 -5.66 23.61
CA LYS E 26 57.74 -5.36 23.46
C LYS E 26 58.37 -4.90 24.76
N LEU E 27 57.56 -4.38 25.67
CA LEU E 27 58.04 -3.91 26.96
C LEU E 27 58.29 -5.04 27.94
N VAL E 28 57.71 -6.22 27.71
CA VAL E 28 57.94 -7.32 28.63
C VAL E 28 59.35 -7.81 28.46
N GLU E 29 59.94 -7.66 27.27
CA GLU E 29 61.31 -8.11 27.10
C GLU E 29 62.22 -7.28 27.99
N LEU E 30 61.94 -5.97 28.08
CA LEU E 30 62.79 -5.16 28.96
C LEU E 30 62.48 -5.47 30.41
N LEU E 31 61.23 -5.83 30.73
CA LEU E 31 60.92 -6.13 32.13
C LEU E 31 61.57 -7.44 32.54
N ARG E 32 61.77 -8.35 31.60
CA ARG E 32 62.43 -9.63 31.85
C ARG E 32 63.94 -9.46 31.82
N ARG E 33 64.44 -8.42 31.14
CA ARG E 33 65.87 -8.16 31.08
C ARG E 33 66.35 -7.49 32.37
N LYS E 34 65.45 -6.92 33.17
CA LYS E 34 65.83 -6.27 34.43
C LYS E 34 65.57 -7.17 35.65
N VAL E 35 65.19 -8.44 35.45
CA VAL E 35 64.97 -9.33 36.59
C VAL E 35 66.31 -9.85 37.09
N ARG E 36 67.33 -9.82 36.24
CA ARG E 36 68.66 -10.28 36.60
C ARG E 36 69.37 -9.27 37.49
N LEU E 37 68.93 -8.02 37.47
CA LEU E 37 69.54 -6.97 38.28
C LEU E 37 69.27 -7.24 39.75
N ALA E 38 70.20 -6.76 40.59
CA ALA E 38 70.10 -6.95 42.03
C ALA E 38 69.12 -5.96 42.64
N GLN E 39 68.98 -4.79 42.03
CA GLN E 39 68.07 -3.72 42.46
C GLN E 39 67.21 -3.49 41.24
N PRO E 40 66.09 -4.21 41.09
CA PRO E 40 65.27 -3.99 39.90
C PRO E 40 64.52 -2.69 40.11
N TYR E 41 64.19 -2.06 39.00
CA TYR E 41 63.53 -0.77 39.10
C TYR E 41 62.71 -0.52 37.85
N VAL E 42 61.88 0.50 37.95
CA VAL E 42 61.01 0.96 36.90
C VAL E 42 60.89 2.45 37.11
N GLY E 43 60.67 3.19 36.05
CA GLY E 43 60.54 4.62 36.15
C GLY E 43 59.06 4.74 35.90
N VAL E 44 58.45 5.80 36.41
CA VAL E 44 57.03 6.01 36.23
C VAL E 44 56.91 7.42 35.73
N PHE E 45 56.19 7.60 34.64
CA PHE E 45 56.04 8.91 34.08
C PHE E 45 54.57 9.19 33.83
N LEU E 46 54.31 10.42 33.40
CA LEU E 46 52.98 10.85 33.03
C LEU E 46 53.09 11.24 31.57
N LYS E 47 51.99 11.09 30.85
CA LYS E 47 51.94 11.41 29.44
C LYS E 47 51.48 12.85 29.26
N ARG E 48 51.83 13.46 28.14
CA ARG E 48 51.45 14.85 27.88
C ARG E 48 50.12 14.84 27.14
N ASP E 49 49.66 16.04 26.80
CA ASP E 49 48.39 16.18 26.10
C ASP E 49 48.44 15.45 24.75
N ASP E 50 47.26 15.10 24.24
CA ASP E 50 47.08 14.37 22.99
C ASP E 50 47.91 13.08 23.00
N SER E 51 47.47 12.18 23.87
CA SER E 51 48.12 10.88 24.08
C SER E 51 48.27 10.07 22.80
N ASN E 52 49.43 9.40 22.67
CA ASN E 52 49.71 8.54 21.52
C ASN E 52 50.78 7.54 21.92
N GLU E 53 50.48 6.23 21.92
CA GLU E 53 51.51 5.25 22.31
C GLU E 53 52.59 5.12 21.26
N SER E 54 52.25 5.38 19.99
CA SER E 54 53.27 5.27 18.95
C SER E 54 54.26 6.41 19.07
N ASP E 55 53.83 7.56 19.61
CA ASP E 55 54.77 8.64 19.73
C ASP E 55 55.62 8.41 20.98
N VAL E 56 55.07 7.69 21.97
CA VAL E 56 55.81 7.39 23.18
C VAL E 56 56.99 6.49 22.84
N VAL E 57 56.78 5.53 21.92
CA VAL E 57 57.85 4.61 21.54
C VAL E 57 58.75 5.15 20.43
N GLU E 58 58.27 6.12 19.66
CA GLU E 58 59.07 6.69 18.58
C GLU E 58 60.00 7.78 19.09
N SER E 59 59.44 8.76 19.80
CA SER E 59 60.13 9.89 20.37
C SER E 59 60.06 9.81 21.89
N LEU E 60 60.93 10.56 22.54
CA LEU E 60 61.00 10.59 23.99
C LEU E 60 60.58 11.93 24.58
N ASP E 61 59.99 12.83 23.78
CA ASP E 61 59.54 14.13 24.28
C ASP E 61 58.09 14.12 24.76
N GLU E 62 57.26 13.18 24.29
CA GLU E 62 55.85 13.08 24.70
C GLU E 62 55.74 12.98 26.20
N ILE E 63 56.57 12.12 26.79
CA ILE E 63 56.55 11.93 28.22
C ILE E 63 56.99 13.23 28.88
N TYR E 64 56.40 13.53 30.03
CA TYR E 64 56.76 14.76 30.71
C TYR E 64 58.15 14.64 31.32
N HIS E 65 58.73 15.81 31.61
CA HIS E 65 60.05 15.82 32.20
C HIS E 65 59.96 15.26 33.61
N THR E 66 58.84 15.50 34.27
CA THR E 66 58.68 14.96 35.60
C THR E 66 58.60 13.44 35.49
N GLY E 67 59.15 12.79 36.50
CA GLY E 67 59.16 11.34 36.58
C GLY E 67 59.11 10.98 38.04
N THR E 68 58.67 9.77 38.33
CA THR E 68 58.61 9.30 39.70
C THR E 68 59.21 7.90 39.58
N PHE E 69 60.53 7.83 39.76
CA PHE E 69 61.21 6.55 39.70
C PHE E 69 60.90 5.73 40.95
N ALA E 70 60.84 4.41 40.79
CA ALA E 70 60.52 3.56 41.93
C ALA E 70 60.99 2.15 41.66
N GLN E 71 60.90 1.33 42.69
CA GLN E 71 61.26 -0.06 42.61
C GLN E 71 59.99 -0.85 42.38
N ILE E 72 60.12 -1.93 41.64
CA ILE E 72 58.95 -2.75 41.36
C ILE E 72 58.67 -3.53 42.63
N HIS E 73 57.41 -3.90 42.82
CA HIS E 73 56.95 -4.63 43.98
C HIS E 73 56.79 -6.06 43.47
N GLU E 74 55.81 -6.31 42.62
CA GLU E 74 55.66 -7.68 42.13
C GLU E 74 54.76 -7.70 40.91
N MET E 75 55.10 -8.58 39.98
CA MET E 75 54.38 -8.81 38.73
C MET E 75 53.33 -9.89 39.03
N GLN E 76 52.26 -9.89 38.25
CA GLN E 76 51.17 -10.83 38.45
C GLN E 76 50.88 -11.55 37.13
N ASP E 77 50.56 -10.81 36.07
CA ASP E 77 50.27 -11.36 34.74
C ASP E 77 49.23 -12.48 34.82
N LEU E 78 48.02 -12.08 35.22
CA LEU E 78 46.91 -13.01 35.35
C LEU E 78 46.33 -13.40 33.99
N GLY E 79 45.92 -12.40 33.20
CA GLY E 79 45.35 -12.63 31.88
C GLY E 79 46.35 -12.29 30.79
N ASP E 80 46.85 -11.05 30.82
CA ASP E 80 47.84 -10.59 29.86
C ASP E 80 49.23 -10.94 30.37
N LYS E 81 50.23 -10.65 29.55
CA LYS E 81 51.63 -10.93 29.86
C LYS E 81 52.36 -9.71 30.40
N LEU E 82 51.66 -8.58 30.64
CA LEU E 82 52.29 -7.36 31.14
C LEU E 82 51.40 -6.67 32.17
N ARG E 83 51.41 -7.17 33.39
CA ARG E 83 50.64 -6.62 34.51
C ARG E 83 51.65 -6.18 35.57
N MET E 84 52.31 -5.06 35.31
CA MET E 84 53.30 -4.55 36.24
C MET E 84 52.73 -3.58 37.25
N ILE E 85 53.38 -3.52 38.42
CA ILE E 85 52.99 -2.60 39.49
C ILE E 85 54.03 -1.48 39.47
N VAL E 86 53.56 -0.26 39.64
CA VAL E 86 54.34 0.95 39.66
C VAL E 86 54.01 1.72 40.92
N MET E 87 54.92 2.61 41.27
CA MET E 87 54.80 3.44 42.45
C MET E 87 55.48 4.76 42.20
N GLY E 88 55.04 5.72 42.97
CA GLY E 88 55.56 7.05 42.96
C GLY E 88 56.38 7.04 44.22
N HIS E 89 57.69 6.83 44.08
CA HIS E 89 58.60 6.74 45.20
C HIS E 89 59.57 7.91 45.24
N ARG E 90 60.33 8.09 44.17
CA ARG E 90 61.35 9.13 44.03
C ARG E 90 60.95 10.11 42.93
N ARG E 91 60.48 11.31 43.28
CA ARG E 91 60.12 12.25 42.22
C ARG E 91 61.39 12.84 41.64
N VAL E 92 61.30 13.21 40.38
CA VAL E 92 62.41 13.75 39.62
C VAL E 92 61.86 14.64 38.53
N HIS E 93 62.68 15.60 38.10
CA HIS E 93 62.35 16.53 37.03
C HIS E 93 63.63 16.48 36.20
N ILE E 94 63.65 15.53 35.26
CA ILE E 94 64.82 15.33 34.42
C ILE E 94 65.18 16.58 33.63
N SER E 95 66.49 16.86 33.53
CA SER E 95 66.95 18.04 32.80
C SER E 95 66.58 17.93 31.33
N ARG E 96 66.82 16.77 30.75
CA ARG E 96 66.50 16.46 29.36
C ARG E 96 66.15 14.99 29.33
N GLN E 97 64.86 14.71 29.11
CA GLN E 97 64.40 13.33 29.08
C GLN E 97 64.90 12.58 27.85
N LEU E 98 65.10 13.29 26.73
CA LEU E 98 65.58 12.67 25.51
C LEU E 98 66.91 11.97 25.76
N GLU E 99 67.82 12.64 26.46
CA GLU E 99 69.12 12.07 26.78
C GLU E 99 68.96 10.98 27.82
N MET E 150 69.71 7.96 30.94
CA MET E 150 69.24 9.33 31.03
C MET E 150 69.54 9.89 32.42
N VAL E 151 70.11 11.10 32.42
CA VAL E 151 70.48 11.78 33.64
C VAL E 151 69.28 11.99 34.56
N GLU E 152 69.49 11.80 35.86
CA GLU E 152 68.44 12.01 36.84
C GLU E 152 69.08 12.40 38.16
N VAL E 153 68.30 13.09 39.01
CA VAL E 153 68.78 13.53 40.32
C VAL E 153 67.59 13.65 41.25
N GLU E 154 67.77 13.26 42.51
CA GLU E 154 66.69 13.32 43.49
C GLU E 154 66.46 14.75 43.98
N ASN E 155 65.89 15.54 43.08
CA ASN E 155 65.58 16.95 43.33
C ASN E 155 64.19 17.08 43.97
N VAL E 156 64.00 16.34 45.07
CA VAL E 156 62.74 16.39 45.81
C VAL E 156 62.80 17.62 46.68
N VAL E 157 62.58 18.80 46.10
CA VAL E 157 62.63 20.04 46.87
C VAL E 157 61.50 20.02 47.90
N HIS E 158 61.80 20.49 49.11
CA HIS E 158 60.81 20.53 50.18
C HIS E 158 61.17 21.60 51.22
N GLU E 159 61.28 22.84 50.77
CA GLU E 159 61.60 23.91 51.70
C GLU E 159 60.40 24.17 52.60
N ASP E 160 60.67 24.47 53.87
CA ASP E 160 59.64 24.74 54.86
C ASP E 160 60.24 25.71 55.87
N PHE E 161 59.41 26.62 56.36
CA PHE E 161 59.89 27.61 57.32
C PHE E 161 60.28 26.96 58.64
N GLN E 162 61.34 27.51 59.26
CA GLN E 162 61.83 27.00 60.55
C GLN E 162 60.72 27.03 61.59
N VAL E 163 60.00 28.15 61.64
CA VAL E 163 58.89 28.32 62.59
C VAL E 163 57.78 27.43 62.05
N THR E 164 57.54 26.30 62.72
CA THR E 164 56.51 25.35 62.31
C THR E 164 55.38 25.28 63.35
N GLU E 165 54.62 26.37 63.40
CA GLU E 165 53.47 26.52 64.28
C GLU E 165 52.25 26.89 63.43
N GLU E 166 52.33 27.98 62.66
CA GLU E 166 51.20 28.40 61.82
C GLU E 166 51.26 27.80 60.42
N VAL E 167 52.31 27.01 60.09
CA VAL E 167 52.38 26.44 58.75
C VAL E 167 51.54 25.18 58.64
N LYS E 168 51.23 24.52 59.77
CA LYS E 168 50.42 23.31 59.76
C LYS E 168 48.93 23.60 59.85
N ALA E 169 48.52 24.88 59.85
CA ALA E 169 47.11 25.20 59.94
C ALA E 169 46.39 24.91 58.62
N LEU E 170 47.10 25.01 57.49
CA LEU E 170 46.44 24.73 56.22
C LEU E 170 46.16 23.24 56.07
N THR E 171 47.04 22.40 56.60
CA THR E 171 46.85 20.95 56.54
C THR E 171 45.54 20.53 57.17
N ALA E 172 45.14 21.19 58.29
CA ALA E 172 43.89 20.82 58.95
C ALA E 172 42.69 21.06 58.04
N GLU E 173 42.73 22.12 57.24
CA GLU E 173 41.61 22.38 56.35
C GLU E 173 41.70 21.46 55.16
N ILE E 174 42.91 21.09 54.76
CA ILE E 174 43.07 20.19 53.63
C ILE E 174 42.55 18.81 53.99
N VAL E 175 42.82 18.33 55.21
CA VAL E 175 42.32 17.01 55.56
C VAL E 175 40.82 17.07 55.86
N LYS E 176 40.30 18.23 56.30
CA LYS E 176 38.86 18.28 56.53
C LYS E 176 38.14 18.35 55.19
N THR E 177 38.77 19.00 54.21
CA THR E 177 38.19 19.09 52.89
C THR E 177 38.31 17.75 52.17
N ILE E 178 39.38 17.01 52.43
CA ILE E 178 39.53 15.70 51.79
C ILE E 178 38.53 14.73 52.40
N ARG E 179 38.25 14.87 53.70
CA ARG E 179 37.26 14.01 54.32
C ARG E 179 35.89 14.38 53.77
N ASP E 180 35.69 15.67 53.46
CA ASP E 180 34.41 16.07 52.92
C ASP E 180 34.30 15.65 51.47
N ILE E 181 35.44 15.51 50.78
CA ILE E 181 35.40 15.08 49.39
C ILE E 181 35.10 13.60 49.32
N ILE E 182 35.65 12.81 50.25
CA ILE E 182 35.37 11.38 50.25
C ILE E 182 34.05 11.07 50.94
N ALA E 183 33.48 12.04 51.67
CA ALA E 183 32.20 11.80 52.31
C ALA E 183 31.07 12.16 51.36
N LEU E 184 31.23 13.29 50.65
CA LEU E 184 30.22 13.73 49.71
C LEU E 184 30.42 13.12 48.34
N ASN E 185 31.67 12.76 48.01
CA ASN E 185 32.02 12.10 46.75
C ASN E 185 32.95 10.96 47.11
N PRO E 186 32.44 9.87 47.67
CA PRO E 186 33.36 8.80 48.07
C PRO E 186 33.96 8.10 46.86
N LEU E 187 35.29 8.14 46.77
CA LEU E 187 36.03 7.54 45.68
C LEU E 187 36.77 6.32 46.22
N TYR E 188 37.64 6.52 47.20
CA TYR E 188 38.38 5.45 47.83
C TYR E 188 37.95 5.32 49.28
N ARG E 189 38.46 4.26 49.88
CA ARG E 189 38.19 3.93 51.27
C ARG E 189 38.82 4.96 52.18
N GLU E 190 38.26 5.07 53.38
CA GLU E 190 38.74 5.99 54.41
C GLU E 190 39.68 5.31 55.39
N SER E 191 40.03 4.03 55.17
CA SER E 191 40.95 3.37 56.09
C SER E 191 42.35 3.91 55.95
N VAL E 192 42.71 4.36 54.74
CA VAL E 192 44.04 4.94 54.56
C VAL E 192 44.07 6.27 55.29
N LEU E 193 42.91 6.96 55.37
CA LEU E 193 42.89 8.23 56.07
C LEU E 193 43.01 8.02 57.58
N GLN E 194 42.49 6.90 58.11
CA GLN E 194 42.66 6.62 59.53
C GLN E 194 44.04 6.10 59.84
N MET E 195 44.72 5.47 58.87
CA MET E 195 46.07 4.99 59.14
C MET E 195 46.99 6.18 59.27
N MET E 196 46.88 7.12 58.33
CA MET E 196 47.71 8.32 58.33
C MET E 196 46.77 9.46 58.75
N GLN E 197 46.72 9.71 60.06
CA GLN E 197 45.93 10.76 60.70
C GLN E 197 46.82 11.93 61.10
N ALA E 198 46.19 13.07 61.38
CA ALA E 198 46.94 14.26 61.75
C ALA E 198 47.22 14.41 63.24
N GLY E 199 46.70 13.53 64.12
CA GLY E 199 46.94 13.65 65.55
C GLY E 199 47.69 12.54 66.25
N GLN E 200 48.44 11.69 65.51
CA GLN E 200 49.19 10.58 66.09
C GLN E 200 50.67 10.59 65.67
N ARG E 201 51.19 11.73 65.17
CA ARG E 201 52.59 11.86 64.68
C ARG E 201 52.93 10.72 63.72
N VAL E 202 52.06 10.56 62.72
CA VAL E 202 52.17 9.57 61.66
C VAL E 202 52.25 10.21 60.28
N VAL E 203 52.70 11.47 60.18
CA VAL E 203 52.78 12.18 58.90
C VAL E 203 54.22 12.66 58.84
N ASP E 204 55.14 11.70 58.75
CA ASP E 204 56.57 12.00 58.63
C ASP E 204 56.94 12.68 57.31
N ASN E 205 56.12 12.53 56.27
CA ASN E 205 56.37 13.13 54.96
C ASN E 205 55.15 13.93 54.48
N PRO E 206 55.05 15.21 54.86
CA PRO E 206 53.87 15.97 54.41
C PRO E 206 53.78 16.06 52.89
N ILE E 207 54.91 16.24 52.19
CA ILE E 207 54.88 16.28 50.72
C ILE E 207 54.21 15.02 50.17
N TYR E 208 54.55 13.87 50.74
CA TYR E 208 53.95 12.61 50.32
C TYR E 208 52.48 12.52 50.69
N LEU E 209 52.12 13.00 51.89
CA LEU E 209 50.72 12.95 52.28
C LEU E 209 49.90 13.87 51.39
N SER E 210 50.45 15.03 51.02
CA SER E 210 49.73 15.92 50.13
C SER E 210 49.59 15.30 48.76
N ASP E 211 50.62 14.56 48.33
CA ASP E 211 50.52 13.91 47.02
C ASP E 211 49.48 12.81 47.05
N MET E 212 49.46 12.01 48.12
CA MET E 212 48.49 10.93 48.26
C MET E 212 47.08 11.50 48.37
N GLY E 213 46.96 12.65 49.02
CA GLY E 213 45.66 13.30 49.17
C GLY E 213 45.23 13.90 47.85
N ALA E 214 46.20 14.38 47.07
CA ALA E 214 45.93 14.95 45.77
C ALA E 214 45.60 13.85 44.78
N ALA E 215 45.92 12.59 45.09
CA ALA E 215 45.61 11.49 44.19
C ALA E 215 44.11 11.23 44.11
N LEU E 216 43.36 11.59 45.15
CA LEU E 216 41.91 11.36 45.11
C LEU E 216 41.24 12.27 44.09
N THR E 217 41.87 13.41 43.80
CA THR E 217 41.33 14.37 42.83
C THR E 217 41.19 13.75 41.46
N GLY E 218 40.15 14.19 40.75
CA GLY E 218 39.83 13.78 39.41
C GLY E 218 40.40 14.74 38.37
N ALA E 219 41.24 15.69 38.80
CA ALA E 219 41.85 16.69 37.94
C ALA E 219 42.66 16.09 36.79
N GLU E 220 42.59 16.79 35.66
CA GLU E 220 43.24 16.46 34.40
C GLU E 220 44.74 16.29 34.59
N SER E 221 45.36 15.49 33.72
CA SER E 221 46.81 15.27 33.77
C SER E 221 47.52 16.61 33.74
N HIS E 222 47.05 17.51 32.86
CA HIS E 222 47.60 18.86 32.77
C HIS E 222 47.67 19.50 34.14
N GLU E 223 46.56 19.43 34.89
CA GLU E 223 46.51 19.97 36.25
C GLU E 223 47.57 19.35 37.14
N LEU E 224 47.81 18.04 36.98
CA LEU E 224 48.82 17.40 37.82
C LEU E 224 50.18 18.01 37.51
N GLN E 225 50.46 18.19 36.22
CA GLN E 225 51.72 18.80 35.83
C GLN E 225 51.80 20.21 36.40
N ASP E 226 50.68 20.94 36.39
CA ASP E 226 50.64 22.30 36.91
C ASP E 226 50.93 22.32 38.41
N VAL E 227 50.42 21.32 39.13
CA VAL E 227 50.67 21.27 40.57
C VAL E 227 52.15 20.96 40.78
N LEU E 228 52.74 20.18 39.86
CA LEU E 228 54.15 19.85 39.98
C LEU E 228 55.02 21.07 39.66
N GLU E 229 54.52 21.99 38.81
CA GLU E 229 55.31 23.18 38.47
C GLU E 229 55.61 24.02 39.70
N GLU E 230 54.66 24.07 40.65
CA GLU E 230 54.87 24.84 41.87
C GLU E 230 56.03 24.24 42.64
N THR E 231 56.95 25.09 43.11
CA THR E 231 58.09 24.61 43.88
C THR E 231 57.89 24.82 45.38
N ASN E 232 57.37 25.96 45.77
CA ASN E 232 57.11 26.24 47.18
C ASN E 232 56.02 25.31 47.68
N ILE E 233 56.04 25.02 48.98
CA ILE E 233 55.08 24.10 49.58
C ILE E 233 53.69 24.72 49.78
N PRO E 234 53.54 25.97 50.22
CA PRO E 234 52.18 26.49 50.34
C PRO E 234 51.55 26.75 48.99
N LYS E 235 52.37 27.04 47.96
CA LYS E 235 51.82 27.27 46.63
C LYS E 235 51.23 25.98 46.06
N ARG E 236 51.96 24.85 46.16
CA ARG E 236 51.40 23.61 45.64
C ARG E 236 50.21 23.18 46.47
N LEU E 237 50.23 23.49 47.78
CA LEU E 237 49.10 23.10 48.61
C LEU E 237 47.87 23.90 48.19
N TYR E 238 48.04 25.20 47.95
CA TYR E 238 46.94 26.04 47.49
C TYR E 238 46.44 25.57 46.14
N LYS E 239 47.34 25.21 45.21
CA LYS E 239 46.90 24.72 43.92
C LYS E 239 46.13 23.41 44.10
N ALA E 240 46.61 22.56 45.02
CA ALA E 240 45.94 21.30 45.29
C ALA E 240 44.54 21.60 45.82
N LEU E 241 44.44 22.63 46.66
CA LEU E 241 43.15 23.06 47.17
C LEU E 241 42.27 23.54 46.04
N SER E 242 42.85 24.24 45.06
CA SER E 242 42.03 24.70 43.94
C SER E 242 41.46 23.50 43.19
N LEU E 243 42.29 22.46 43.05
CA LEU E 243 41.85 21.24 42.36
C LEU E 243 40.70 20.62 43.13
N LEU E 244 40.87 20.61 44.46
CA LEU E 244 39.87 20.05 45.35
C LEU E 244 38.57 20.80 45.16
N LYS E 245 38.66 22.14 45.11
CA LYS E 245 37.46 22.94 44.90
C LYS E 245 36.82 22.61 43.55
N LYS E 246 37.63 22.33 42.52
CA LYS E 246 37.04 22.05 41.22
C LYS E 246 36.23 20.76 41.27
N GLU E 247 36.80 19.76 41.95
CA GLU E 247 36.06 18.52 42.10
C GLU E 247 34.85 18.75 43.00
N PHE E 248 35.02 19.54 44.07
CA PHE E 248 33.92 19.71 45.01
C PHE E 248 32.75 20.38 44.31
N GLU E 249 33.08 21.28 43.39
CA GLU E 249 32.08 22.05 42.67
C GLU E 249 31.27 21.08 41.84
N LEU E 250 31.97 20.19 41.14
CA LEU E 250 31.30 19.20 40.32
C LEU E 250 30.41 18.28 41.15
N SER E 251 30.92 17.86 42.31
CA SER E 251 30.17 16.93 43.14
C SER E 251 28.89 17.55 43.64
N LYS E 252 29.00 18.75 44.21
CA LYS E 252 27.82 19.42 44.75
C LYS E 252 26.83 19.73 43.65
N LEU E 253 27.33 20.05 42.45
CA LEU E 253 26.40 20.32 41.36
C LEU E 253 25.60 19.06 41.06
N GLN E 254 26.29 17.92 40.94
CA GLN E 254 25.58 16.69 40.62
C GLN E 254 24.59 16.30 41.71
N GLN E 255 24.97 16.50 42.98
CA GLN E 255 24.08 16.07 44.05
C GLN E 255 22.83 16.93 44.11
N ARG E 256 23.00 18.24 44.02
CA ARG E 256 21.85 19.13 44.03
C ARG E 256 20.95 18.84 42.85
N LEU E 257 21.57 18.60 41.71
CA LEU E 257 20.84 18.37 40.48
C LEU E 257 20.04 17.07 40.59
N GLY E 258 20.64 16.06 41.22
CA GLY E 258 19.96 14.79 41.35
C GLY E 258 18.75 14.92 42.26
N ARG E 259 18.93 15.57 43.41
CA ARG E 259 17.80 15.73 44.33
C ARG E 259 16.71 16.54 43.66
N GLU E 260 17.10 17.49 42.83
CA GLU E 260 16.13 18.34 42.17
C GLU E 260 15.28 17.50 41.23
N VAL E 261 15.93 16.67 40.40
CA VAL E 261 15.17 15.84 39.45
C VAL E 261 14.30 14.87 40.21
N GLU E 262 14.82 14.32 41.31
CA GLU E 262 14.04 13.34 42.04
C GLU E 262 12.84 14.00 42.68
N GLU E 263 13.03 15.18 43.27
CA GLU E 263 11.90 15.87 43.88
C GLU E 263 10.87 16.23 42.84
N LYS E 264 11.30 16.48 41.61
CA LYS E 264 10.31 16.72 40.59
C LYS E 264 9.51 15.46 40.36
N ILE E 265 10.18 14.30 40.40
CA ILE E 265 9.47 13.04 40.23
C ILE E 265 8.53 12.80 41.40
N LYS E 266 8.96 13.15 42.60
CA LYS E 266 8.11 12.92 43.76
C LYS E 266 6.91 13.83 43.73
N GLN E 267 7.10 15.08 43.37
CA GLN E 267 5.98 15.99 43.30
C GLN E 267 5.02 15.56 42.21
N THR E 268 5.56 14.92 41.17
CA THR E 268 4.75 14.31 40.14
C THR E 268 3.92 13.22 40.79
N HIS E 269 4.59 12.14 41.22
CA HIS E 269 3.82 10.99 41.61
C HIS E 269 2.99 11.27 42.83
N ARG E 270 3.46 12.13 43.74
CA ARG E 270 2.74 12.33 44.97
C ARG E 270 1.44 13.05 44.67
N LYS E 271 1.51 14.04 43.77
CA LYS E 271 0.29 14.75 43.39
C LYS E 271 -0.64 13.81 42.68
N TYR E 272 -0.07 12.85 41.95
CA TYR E 272 -0.95 11.86 41.38
C TYR E 272 -1.57 11.02 42.48
N LEU E 273 -0.84 10.75 43.57
CA LEU E 273 -1.45 9.96 44.64
C LEU E 273 -2.62 10.70 45.25
N LEU E 274 -2.47 12.01 45.40
CA LEU E 274 -3.57 12.80 45.94
C LEU E 274 -4.74 12.79 44.98
N GLN E 275 -4.44 12.95 43.69
CA GLN E 275 -5.50 12.97 42.69
C GLN E 275 -6.17 11.61 42.60
N GLU E 276 -5.38 10.56 42.80
CA GLU E 276 -5.89 9.21 42.77
C GLU E 276 -6.83 8.99 43.93
N GLN E 277 -6.44 9.52 45.10
CA GLN E 277 -7.32 9.45 46.25
C GLN E 277 -8.61 10.18 45.97
N LEU E 278 -8.50 11.36 45.35
CA LEU E 278 -9.66 12.19 45.05
C LEU E 278 -10.64 11.43 44.18
N LYS E 279 -10.12 10.69 43.21
CA LYS E 279 -11.00 9.97 42.32
C LYS E 279 -11.61 8.77 43.03
N ILE E 280 -10.77 7.95 43.68
CA ILE E 280 -11.25 6.76 44.39
C ILE E 280 -12.39 7.12 45.34
N ILE E 281 -12.26 8.22 46.08
CA ILE E 281 -13.34 8.57 46.99
C ILE E 281 -14.50 9.21 46.23
N LYS E 282 -14.26 9.69 45.00
CA LYS E 282 -15.28 10.29 44.15
C LYS E 282 -15.60 9.38 42.96
N LYS E 283 -15.37 8.09 43.14
CA LYS E 283 -15.63 7.05 42.16
C LYS E 283 -16.82 6.23 42.62
N GLU E 284 -16.72 5.75 43.84
CA GLU E 284 -17.74 4.96 44.50
C GLU E 284 -18.22 5.70 45.73
N LEU E 285 -18.40 7.02 45.56
CA LEU E 285 -18.93 7.86 46.64
C LEU E 285 -20.26 7.29 47.06
N GLY E 286 -21.15 7.08 46.08
CA GLY E 286 -22.44 6.45 46.30
C GLY E 286 -22.38 5.20 45.44
N LEU E 287 -22.09 4.06 46.08
CA LEU E 287 -21.95 2.77 45.41
C LEU E 287 -23.33 2.19 45.08
N GLU E 288 -23.97 2.78 44.06
CA GLU E 288 -25.28 2.32 43.62
C GLU E 288 -25.40 1.95 42.16
N LYS E 289 -24.32 2.00 41.37
CA LYS E 289 -24.35 1.70 39.94
C LYS E 289 -25.51 2.45 39.31
N ASP E 290 -25.41 3.78 39.35
CA ASP E 290 -26.48 4.59 38.85
C ASP E 290 -26.60 4.49 37.34
N ASP E 291 -25.54 4.07 36.66
CA ASP E 291 -25.53 3.94 35.23
C ASP E 291 -25.50 2.47 34.81
N LYS E 292 -24.47 1.73 35.25
CA LYS E 292 -24.30 0.31 34.92
C LYS E 292 -25.54 -0.54 35.15
N ASP E 293 -26.15 -0.38 36.32
CA ASP E 293 -27.30 -1.22 36.60
C ASP E 293 -28.51 -0.77 35.86
N ALA E 294 -28.74 0.55 35.80
CA ALA E 294 -29.94 1.08 35.14
C ALA E 294 -29.96 0.65 33.68
N ILE E 295 -28.79 0.63 33.05
CA ILE E 295 -28.76 0.28 31.64
C ILE E 295 -28.94 -1.23 31.48
N GLU E 296 -28.31 -2.05 32.33
CA GLU E 296 -28.50 -3.50 32.18
C GLU E 296 -29.92 -3.93 32.50
N GLU E 297 -30.50 -3.42 33.58
CA GLU E 297 -31.89 -3.76 33.85
C GLU E 297 -32.77 -3.27 32.72
N LYS E 298 -32.44 -2.09 32.15
CA LYS E 298 -33.20 -1.52 31.04
C LYS E 298 -33.20 -2.45 29.86
N PHE E 299 -32.02 -2.93 29.48
CA PHE E 299 -31.94 -3.88 28.40
C PHE E 299 -32.68 -5.14 28.74
N ARG E 300 -32.68 -5.54 30.00
CA ARG E 300 -33.38 -6.77 30.34
C ARG E 300 -34.88 -6.63 30.13
N GLU E 301 -35.52 -5.57 30.69
CA GLU E 301 -36.99 -5.54 30.50
C GLU E 301 -37.30 -5.36 29.04
N ARG E 302 -36.45 -4.62 28.32
CA ARG E 302 -36.70 -4.46 26.92
C ARG E 302 -36.57 -5.81 26.23
N LEU E 303 -35.71 -6.67 26.76
CA LEU E 303 -35.54 -8.00 26.20
C LEU E 303 -36.61 -8.98 26.67
N LYS E 304 -37.33 -8.65 27.76
CA LYS E 304 -38.03 -9.67 28.53
C LYS E 304 -39.12 -10.36 27.73
N GLU E 305 -39.75 -9.61 26.86
CA GLU E 305 -41.00 -10.01 26.25
C GLU E 305 -40.82 -10.76 24.96
N LEU E 306 -39.66 -10.65 24.32
CA LEU E 306 -39.47 -11.30 23.05
C LEU E 306 -39.28 -12.79 23.26
N VAL E 307 -39.74 -13.59 22.29
CA VAL E 307 -39.54 -15.04 22.36
C VAL E 307 -38.15 -15.29 21.80
N VAL E 308 -37.17 -15.00 22.64
CA VAL E 308 -35.78 -14.92 22.23
C VAL E 308 -35.18 -16.27 21.85
N PRO E 309 -34.27 -16.34 20.89
CA PRO E 309 -33.46 -17.56 20.76
C PRO E 309 -32.58 -17.73 21.98
N LYS E 310 -32.38 -18.98 22.36
CA LYS E 310 -31.43 -19.28 23.42
C LYS E 310 -30.01 -19.00 22.96
N HIS E 311 -29.82 -19.08 21.64
CA HIS E 311 -28.52 -18.86 21.04
C HIS E 311 -28.08 -17.43 21.32
N VAL E 312 -29.02 -16.51 21.51
CA VAL E 312 -28.63 -15.13 21.77
C VAL E 312 -28.48 -14.97 23.28
N MET E 313 -29.27 -15.72 24.08
CA MET E 313 -29.25 -15.52 25.52
C MET E 313 -27.91 -15.80 26.12
N ASP E 314 -27.18 -16.75 25.52
CA ASP E 314 -25.80 -16.98 25.97
C ASP E 314 -24.99 -15.69 25.92
N VAL E 315 -25.00 -15.04 24.76
CA VAL E 315 -24.18 -13.86 24.55
C VAL E 315 -24.70 -12.71 25.40
N VAL E 316 -26.01 -12.52 25.48
CA VAL E 316 -26.53 -11.37 26.21
C VAL E 316 -26.17 -11.46 27.68
N ASP E 317 -26.22 -12.67 28.25
CA ASP E 317 -25.96 -12.75 29.67
C ASP E 317 -24.47 -12.58 29.95
N GLU E 318 -23.63 -13.23 29.14
CA GLU E 318 -22.20 -13.05 29.39
C GLU E 318 -21.79 -11.60 29.13
N GLU E 319 -22.38 -10.97 28.12
CA GLU E 319 -22.10 -9.57 27.88
C GLU E 319 -22.67 -8.70 28.98
N LEU E 320 -23.76 -9.12 29.61
CA LEU E 320 -24.24 -8.40 30.77
C LEU E 320 -23.18 -8.44 31.85
N SER E 321 -22.55 -9.60 32.02
CA SER E 321 -21.49 -9.69 33.01
C SER E 321 -20.32 -8.79 32.65
N LYS E 322 -19.99 -8.73 31.35
CA LYS E 322 -18.91 -7.85 30.94
C LYS E 322 -19.26 -6.40 31.18
N LEU E 323 -20.52 -6.04 30.95
CA LEU E 323 -20.93 -4.68 31.26
C LEU E 323 -20.86 -4.43 32.75
N GLY E 324 -21.12 -5.45 33.56
CA GLY E 324 -20.99 -5.26 34.98
C GLY E 324 -19.55 -5.10 35.41
N LEU E 325 -18.62 -5.63 34.62
CA LEU E 325 -17.21 -5.46 34.94
C LEU E 325 -16.70 -4.08 34.52
N LEU E 326 -17.01 -3.66 33.29
CA LEU E 326 -16.37 -2.46 32.74
C LEU E 326 -16.91 -1.17 33.36
N ASP E 327 -16.06 -0.15 33.38
CA ASP E 327 -16.47 1.17 33.83
C ASP E 327 -17.22 1.90 32.72
N ASN E 328 -18.11 2.82 33.13
CA ASN E 328 -19.07 3.44 32.22
C ASN E 328 -18.40 4.27 31.13
N HIS E 329 -17.48 5.15 31.52
CA HIS E 329 -16.90 6.09 30.56
C HIS E 329 -16.18 5.37 29.42
N SER E 330 -15.69 4.16 29.69
CA SER E 330 -14.75 3.46 28.84
C SER E 330 -15.32 3.22 27.45
N SER E 331 -14.48 3.40 26.44
CA SER E 331 -14.95 3.26 25.07
C SER E 331 -15.48 1.86 24.80
N GLU E 332 -14.84 0.85 25.39
CA GLU E 332 -15.35 -0.51 25.26
C GLU E 332 -16.72 -0.65 25.90
N PHE E 333 -16.98 0.08 26.99
CA PHE E 333 -18.32 0.10 27.55
C PHE E 333 -19.30 0.62 26.54
N ASN E 334 -18.91 1.64 25.79
CA ASN E 334 -19.86 2.24 24.87
C ASN E 334 -20.16 1.31 23.71
N VAL E 335 -19.13 0.72 23.10
CA VAL E 335 -19.41 -0.18 21.99
C VAL E 335 -20.16 -1.39 22.47
N THR E 336 -19.85 -1.84 23.69
CA THR E 336 -20.55 -2.99 24.23
C THR E 336 -22.01 -2.64 24.53
N ARG E 337 -22.25 -1.45 25.05
CA ARG E 337 -23.60 -1.04 25.35
C ARG E 337 -24.43 -0.95 24.10
N ASN E 338 -23.82 -0.38 23.06
CA ASN E 338 -24.50 -0.27 21.79
C ASN E 338 -24.72 -1.65 21.20
N TYR E 339 -23.75 -2.54 21.36
CA TYR E 339 -23.88 -3.90 20.86
C TYR E 339 -25.03 -4.63 21.50
N LEU E 340 -25.06 -4.64 22.83
CA LEU E 340 -26.12 -5.35 23.51
C LEU E 340 -27.44 -4.67 23.18
N ASP E 341 -27.42 -3.35 23.02
CA ASP E 341 -28.60 -2.62 22.63
C ASP E 341 -29.05 -3.03 21.23
N TRP E 342 -28.09 -3.32 20.35
CA TRP E 342 -28.43 -3.76 19.00
C TRP E 342 -29.13 -5.09 19.09
N LEU E 343 -28.52 -6.02 19.82
CA LEU E 343 -29.08 -7.35 19.95
C LEU E 343 -30.39 -7.35 20.71
N THR E 344 -30.64 -6.33 21.52
CA THR E 344 -31.91 -6.27 22.22
C THR E 344 -32.96 -5.70 21.30
N SER E 345 -32.56 -4.73 20.49
CA SER E 345 -33.50 -4.06 19.62
C SER E 345 -34.03 -4.99 18.56
N ILE E 346 -33.22 -5.95 18.15
CA ILE E 346 -33.60 -6.78 17.00
C ILE E 346 -34.81 -7.63 17.38
N PRO E 347 -35.87 -7.68 16.58
CA PRO E 347 -37.01 -8.51 16.95
C PRO E 347 -36.70 -9.99 16.99
N TRP E 348 -37.37 -10.70 17.90
CA TRP E 348 -37.20 -12.14 18.10
C TRP E 348 -38.61 -12.74 18.10
N GLY E 349 -39.02 -13.27 16.96
CA GLY E 349 -40.30 -13.93 16.83
C GLY E 349 -41.46 -13.01 16.53
N LYS E 350 -41.25 -11.71 16.39
CA LYS E 350 -42.33 -10.76 16.13
C LYS E 350 -42.85 -11.00 14.73
N TYR E 351 -43.70 -12.00 14.60
CA TYR E 351 -44.22 -12.39 13.31
C TYR E 351 -45.35 -11.45 12.93
N SER E 352 -45.19 -10.75 11.82
CA SER E 352 -46.27 -9.89 11.38
C SER E 352 -47.41 -10.76 10.89
N ASN E 353 -48.63 -10.32 11.16
CA ASN E 353 -49.79 -11.07 10.71
C ASN E 353 -49.80 -10.96 9.19
N GLU E 354 -50.25 -12.02 8.53
CA GLU E 354 -50.26 -12.08 7.06
C GLU E 354 -51.61 -12.53 6.55
N ASN E 355 -52.26 -11.62 5.85
CA ASN E 355 -53.55 -11.89 5.24
C ASN E 355 -53.34 -12.85 4.09
N LEU E 356 -54.39 -13.59 3.76
CA LEU E 356 -54.30 -14.51 2.64
C LEU E 356 -55.54 -14.54 1.76
N ASP E 357 -56.50 -13.63 1.95
CA ASP E 357 -57.63 -13.57 1.04
C ASP E 357 -57.22 -13.15 -0.35
N LEU E 358 -57.68 -13.89 -1.35
CA LEU E 358 -57.42 -13.46 -2.71
C LEU E 358 -58.26 -12.23 -3.04
N ALA E 359 -59.41 -12.11 -2.39
CA ALA E 359 -60.41 -11.09 -2.66
C ALA E 359 -59.85 -9.71 -2.39
N ARG E 360 -59.60 -9.43 -1.11
CA ARG E 360 -59.10 -8.10 -0.79
C ARG E 360 -57.71 -7.90 -1.37
N ALA E 361 -56.94 -8.97 -1.51
CA ALA E 361 -55.62 -8.82 -2.09
C ALA E 361 -55.70 -8.31 -3.51
N GLN E 362 -56.76 -8.68 -4.21
CA GLN E 362 -56.97 -8.10 -5.53
C GLN E 362 -57.49 -6.70 -5.38
N ALA E 363 -58.50 -6.53 -4.53
CA ALA E 363 -59.18 -5.26 -4.49
C ALA E 363 -58.21 -4.16 -4.10
N VAL E 364 -57.31 -4.45 -3.17
CA VAL E 364 -56.29 -3.45 -2.88
C VAL E 364 -55.33 -3.34 -4.03
N LEU E 365 -55.04 -4.46 -4.73
CA LEU E 365 -53.99 -4.38 -5.71
C LEU E 365 -54.43 -3.53 -6.90
N GLU E 366 -55.73 -3.46 -7.11
CA GLU E 366 -56.28 -2.64 -8.17
C GLU E 366 -56.62 -1.24 -7.72
N GLU E 367 -56.98 -1.06 -6.44
CA GLU E 367 -57.49 0.24 -6.02
C GLU E 367 -56.47 1.34 -6.20
N ASP E 368 -55.19 1.00 -6.08
CA ASP E 368 -54.11 1.95 -6.13
C ASP E 368 -53.20 1.80 -7.35
N HIS E 369 -53.61 1.06 -8.37
CA HIS E 369 -52.83 0.93 -9.60
C HIS E 369 -53.82 0.68 -10.72
N TYR E 370 -54.02 1.67 -11.56
CA TYR E 370 -54.84 1.45 -12.72
C TYR E 370 -54.05 0.63 -13.74
N GLY E 371 -54.76 -0.24 -14.44
CA GLY E 371 -54.28 -1.02 -15.55
C GLY E 371 -53.29 -2.09 -15.15
N MET E 372 -52.48 -2.49 -16.13
CA MET E 372 -51.46 -3.52 -15.95
C MET E 372 -52.12 -4.80 -15.47
N GLU E 373 -53.22 -5.15 -16.15
CA GLU E 373 -54.02 -6.31 -15.76
C GLU E 373 -53.25 -7.61 -15.84
N ASP E 374 -52.35 -7.71 -16.80
CA ASP E 374 -51.62 -8.95 -16.96
C ASP E 374 -50.79 -9.21 -15.72
N VAL E 375 -49.99 -8.22 -15.35
CA VAL E 375 -49.09 -8.42 -14.23
C VAL E 375 -49.87 -8.56 -12.96
N LYS E 376 -51.03 -7.90 -12.85
CA LYS E 376 -51.83 -8.08 -11.65
C LYS E 376 -52.34 -9.50 -11.57
N LYS E 377 -52.76 -10.03 -12.72
CA LYS E 377 -53.22 -11.40 -12.75
C LYS E 377 -52.11 -12.32 -12.33
N ARG E 378 -50.90 -12.03 -12.80
CA ARG E 378 -49.78 -12.88 -12.46
C ARG E 378 -49.51 -12.85 -10.97
N ILE E 379 -49.57 -11.67 -10.37
CA ILE E 379 -49.28 -11.58 -8.95
C ILE E 379 -50.36 -12.30 -8.16
N LEU E 380 -51.59 -12.20 -8.63
CA LEU E 380 -52.68 -12.92 -7.98
C LEU E 380 -52.44 -14.40 -8.07
N GLU E 381 -51.99 -14.83 -9.22
CA GLU E 381 -51.70 -16.22 -9.42
C GLU E 381 -50.59 -16.67 -8.50
N PHE E 382 -49.61 -15.79 -8.28
CA PHE E 382 -48.51 -16.13 -7.40
C PHE E 382 -49.00 -16.30 -5.99
N ILE E 383 -49.77 -15.33 -5.53
CA ILE E 383 -50.24 -15.38 -4.17
C ILE E 383 -51.14 -16.56 -3.97
N ALA E 384 -51.92 -16.92 -4.99
CA ALA E 384 -52.79 -18.08 -4.85
C ALA E 384 -51.95 -19.32 -4.65
N VAL E 385 -50.99 -19.54 -5.55
CA VAL E 385 -50.20 -20.76 -5.46
C VAL E 385 -49.41 -20.76 -4.17
N SER E 386 -49.00 -19.58 -3.73
CA SER E 386 -48.23 -19.46 -2.53
C SER E 386 -49.11 -19.54 -1.30
N GLN E 387 -50.42 -19.39 -1.45
CA GLN E 387 -51.32 -19.83 -0.40
C GLN E 387 -51.34 -21.34 -0.33
N LEU E 388 -51.76 -21.95 -1.44
CA LEU E 388 -52.10 -23.36 -1.41
C LEU E 388 -50.92 -24.22 -1.05
N ARG E 389 -49.74 -23.84 -1.47
CA ARG E 389 -48.56 -24.65 -1.21
C ARG E 389 -47.86 -24.14 0.03
N GLY E 390 -48.60 -24.08 1.14
CA GLY E 390 -47.89 -23.75 2.35
C GLY E 390 -47.39 -22.32 2.32
N SER E 391 -46.32 -22.11 3.06
CA SER E 391 -45.71 -20.80 3.17
C SER E 391 -44.94 -20.44 1.91
N THR E 392 -44.77 -19.14 1.76
CA THR E 392 -44.13 -18.53 0.60
C THR E 392 -42.67 -18.94 0.59
N GLN E 393 -42.24 -19.80 -0.35
CA GLN E 393 -40.80 -19.93 -0.51
C GLN E 393 -40.30 -20.21 -1.92
N GLY E 394 -41.15 -20.26 -2.94
CA GLY E 394 -40.75 -20.73 -4.26
C GLY E 394 -39.53 -20.14 -4.95
N LYS E 395 -39.62 -18.90 -5.43
CA LYS E 395 -38.54 -18.26 -6.17
C LYS E 395 -38.72 -16.75 -6.15
N ILE E 396 -37.60 -16.05 -6.22
CA ILE E 396 -37.64 -14.59 -6.28
C ILE E 396 -38.25 -14.15 -7.59
N LEU E 397 -39.14 -13.18 -7.51
CA LEU E 397 -39.64 -12.48 -8.66
C LEU E 397 -38.71 -11.33 -9.07
N CYS E 398 -38.73 -10.98 -10.37
CA CYS E 398 -37.88 -9.90 -10.88
C CYS E 398 -38.62 -9.25 -12.03
N PHE E 399 -39.21 -8.11 -11.75
CA PHE E 399 -39.91 -7.32 -12.73
C PHE E 399 -38.92 -6.60 -13.63
N TYR E 400 -39.35 -6.33 -14.86
CA TYR E 400 -38.50 -5.52 -15.70
C TYR E 400 -39.26 -4.82 -16.79
N GLY E 401 -38.70 -3.68 -17.18
CA GLY E 401 -39.21 -2.82 -18.19
C GLY E 401 -38.46 -1.50 -18.18
N PRO E 402 -38.94 -0.53 -18.96
CA PRO E 402 -38.30 0.79 -18.95
C PRO E 402 -38.40 1.47 -17.60
N PRO E 403 -37.39 2.25 -17.22
CA PRO E 403 -37.37 2.85 -15.86
C PRO E 403 -38.52 3.83 -15.66
N GLY E 404 -38.97 3.95 -14.41
CA GLY E 404 -39.95 4.96 -14.08
C GLY E 404 -41.37 4.55 -14.34
N VAL E 405 -41.57 3.30 -14.74
CA VAL E 405 -42.89 2.79 -15.02
C VAL E 405 -43.80 2.76 -13.80
N GLY E 406 -43.23 2.68 -12.59
CA GLY E 406 -44.06 2.62 -11.38
C GLY E 406 -43.88 1.30 -10.64
N LYS E 407 -42.70 0.73 -10.78
CA LYS E 407 -42.45 -0.57 -10.18
C LYS E 407 -42.52 -0.50 -8.66
N THR E 408 -41.89 0.52 -8.10
CA THR E 408 -41.78 0.65 -6.67
C THR E 408 -43.14 0.79 -6.03
N SER E 409 -44.03 1.52 -6.70
CA SER E 409 -45.37 1.68 -6.21
C SER E 409 -46.10 0.35 -6.21
N ILE E 410 -45.85 -0.46 -7.23
CA ILE E 410 -46.48 -1.76 -7.30
C ILE E 410 -46.01 -2.60 -6.13
N ALA E 411 -44.76 -2.44 -5.77
CA ALA E 411 -44.22 -3.22 -4.67
C ALA E 411 -44.90 -2.82 -3.37
N ARG E 412 -44.99 -1.53 -3.10
CA ARG E 412 -45.59 -1.13 -1.84
C ARG E 412 -47.06 -1.50 -1.79
N SER E 413 -47.74 -1.47 -2.94
CA SER E 413 -49.12 -1.92 -2.93
C SER E 413 -49.19 -3.38 -2.60
N ILE E 414 -48.24 -4.14 -3.10
CA ILE E 414 -48.16 -5.55 -2.77
C ILE E 414 -47.94 -5.70 -1.28
N ALA E 415 -47.14 -4.82 -0.71
CA ALA E 415 -46.83 -4.94 0.71
C ALA E 415 -48.05 -4.73 1.57
N ARG E 416 -48.87 -3.75 1.22
CA ARG E 416 -50.12 -3.62 1.96
C ARG E 416 -51.03 -4.79 1.67
N ALA E 417 -50.93 -5.34 0.47
CA ALA E 417 -51.79 -6.46 0.13
C ALA E 417 -51.44 -7.66 1.00
N LEU E 418 -50.15 -7.93 1.13
CA LEU E 418 -49.64 -9.06 1.89
C LEU E 418 -49.66 -8.85 3.38
N ASN E 419 -49.85 -7.63 3.85
CA ASN E 419 -49.84 -7.33 5.28
C ASN E 419 -48.48 -7.60 5.92
N ARG E 420 -47.44 -6.98 5.39
CA ARG E 420 -46.15 -7.02 6.05
C ARG E 420 -45.41 -5.75 5.70
N GLU E 421 -44.45 -5.42 6.54
CA GLU E 421 -43.75 -4.15 6.39
C GLU E 421 -42.94 -4.14 5.12
N TYR E 422 -42.98 -3.00 4.46
CA TYR E 422 -42.27 -2.75 3.24
C TYR E 422 -40.92 -2.20 3.59
N PHE E 423 -39.97 -2.40 2.70
CA PHE E 423 -38.71 -1.68 2.81
C PHE E 423 -37.98 -1.72 1.49
N ARG E 424 -37.84 -0.56 0.87
CA ARG E 424 -37.03 -0.47 -0.31
C ARG E 424 -35.60 -0.73 0.08
N PHE E 425 -34.82 -1.22 -0.87
CA PHE E 425 -33.42 -1.49 -0.59
C PHE E 425 -32.69 -1.28 -1.91
N SER E 426 -31.92 -0.20 -1.95
CA SER E 426 -31.04 0.03 -3.07
C SER E 426 -29.92 -0.99 -3.03
N VAL E 427 -29.45 -1.38 -4.21
CA VAL E 427 -28.19 -2.13 -4.30
C VAL E 427 -27.25 -1.55 -5.36
N GLY E 428 -27.77 -0.68 -6.22
CA GLY E 428 -26.97 -0.14 -7.29
C GLY E 428 -25.77 0.69 -6.92
N GLY E 429 -24.63 0.34 -7.52
CA GLY E 429 -23.37 1.01 -7.35
C GLY E 429 -22.56 0.63 -6.14
N MET E 430 -23.12 -0.12 -5.20
CA MET E 430 -22.33 -0.63 -4.10
C MET E 430 -21.51 -1.83 -4.55
N THR E 431 -20.37 -2.01 -3.90
CA THR E 431 -19.44 -3.08 -4.19
C THR E 431 -18.98 -3.82 -2.95
N ASP E 432 -18.91 -3.11 -1.82
CA ASP E 432 -18.46 -3.76 -0.60
C ASP E 432 -19.52 -4.73 -0.14
N VAL E 433 -19.04 -5.80 0.51
CA VAL E 433 -19.96 -6.71 1.18
C VAL E 433 -20.16 -6.29 2.63
N ALA E 434 -19.18 -5.60 3.23
CA ALA E 434 -19.26 -5.26 4.63
C ALA E 434 -20.46 -4.38 4.89
N GLU E 435 -20.87 -3.58 3.90
CA GLU E 435 -22.09 -2.81 4.09
C GLU E 435 -23.33 -3.70 4.06
N ILE E 436 -23.20 -4.94 3.57
CA ILE E 436 -24.23 -5.94 3.59
C ILE E 436 -24.02 -6.87 4.78
N LYS E 437 -22.88 -7.56 4.77
CA LYS E 437 -22.51 -8.52 5.81
C LYS E 437 -22.27 -7.86 7.16
N GLY E 438 -21.93 -6.59 7.17
CA GLY E 438 -21.63 -5.83 8.38
C GLY E 438 -20.17 -5.99 8.74
N HIS E 439 -19.75 -5.19 9.70
CA HIS E 439 -18.38 -5.21 10.18
C HIS E 439 -18.25 -6.17 11.35
N ARG E 440 -17.02 -6.38 11.78
CA ARG E 440 -16.70 -7.28 12.87
C ARG E 440 -16.77 -6.59 14.23
N ARG E 441 -17.37 -5.39 14.32
CA ARG E 441 -17.36 -4.57 15.54
C ARG E 441 -15.94 -4.29 16.01
N THR E 442 -15.01 -4.24 15.06
CA THR E 442 -13.64 -3.79 15.24
C THR E 442 -13.43 -2.40 14.65
N TYR E 443 -14.07 -2.11 13.52
CA TYR E 443 -14.01 -0.77 12.97
C TYR E 443 -14.81 0.15 13.88
N VAL E 444 -14.43 1.44 13.91
CA VAL E 444 -15.22 2.39 14.67
C VAL E 444 -16.59 2.36 14.03
N GLY E 445 -17.64 2.45 14.82
CA GLY E 445 -18.97 2.61 14.26
C GLY E 445 -19.35 1.45 13.36
N ALA E 446 -18.82 0.26 13.66
CA ALA E 446 -18.93 -0.92 12.82
C ALA E 446 -20.35 -1.47 12.95
N MET E 447 -21.28 -0.75 12.36
CA MET E 447 -22.66 -1.19 12.43
C MET E 447 -22.88 -2.39 11.52
N PRO E 448 -23.87 -3.23 11.84
CA PRO E 448 -24.19 -4.36 10.96
C PRO E 448 -24.69 -3.80 9.64
N GLY E 449 -24.51 -4.58 8.58
CA GLY E 449 -24.90 -4.13 7.26
C GLY E 449 -26.38 -3.82 7.18
N LYS E 450 -26.74 -3.23 6.03
CA LYS E 450 -27.98 -2.47 5.88
C LYS E 450 -29.22 -3.28 6.23
N ILE E 451 -29.19 -4.57 5.92
CA ILE E 451 -30.37 -5.41 6.13
C ILE E 451 -30.70 -5.47 7.61
N ILE E 452 -29.69 -5.43 8.46
CA ILE E 452 -29.95 -5.51 9.88
C ILE E 452 -30.67 -4.25 10.33
N GLN E 453 -30.30 -3.11 9.75
CA GLN E 453 -31.02 -1.88 10.03
C GLN E 453 -32.46 -2.03 9.56
N CYS E 454 -32.66 -2.69 8.42
CA CYS E 454 -34.03 -2.90 8.00
C CYS E 454 -34.78 -3.78 8.97
N LEU E 455 -34.09 -4.77 9.54
CA LEU E 455 -34.74 -5.62 10.51
C LEU E 455 -35.07 -4.82 11.76
N LYS E 456 -34.28 -3.79 12.04
CA LYS E 456 -34.54 -3.00 13.21
C LYS E 456 -35.76 -2.16 12.96
N LYS E 457 -35.77 -1.49 11.81
CA LYS E 457 -36.86 -0.59 11.48
C LYS E 457 -38.17 -1.32 11.37
N THR E 458 -38.12 -2.54 10.87
CA THR E 458 -39.31 -3.33 10.70
C THR E 458 -39.76 -4.13 11.91
N LYS E 459 -38.90 -4.37 12.91
CA LYS E 459 -39.30 -5.00 14.18
C LYS E 459 -40.11 -6.29 13.99
N THR E 460 -39.94 -6.99 12.87
CA THR E 460 -40.64 -8.23 12.60
C THR E 460 -39.86 -9.11 11.63
N GLU E 461 -40.09 -10.42 11.75
CA GLU E 461 -39.30 -11.43 11.07
C GLU E 461 -39.75 -11.72 9.65
N ASN E 462 -40.85 -11.14 9.19
CA ASN E 462 -41.39 -11.39 7.85
C ASN E 462 -41.60 -10.06 7.15
N PRO E 463 -40.53 -9.33 6.88
CA PRO E 463 -40.62 -8.11 6.07
C PRO E 463 -40.74 -8.43 4.60
N LEU E 464 -41.20 -7.43 3.87
CA LEU E 464 -41.18 -7.47 2.42
C LEU E 464 -39.95 -6.71 1.96
N ILE E 465 -38.80 -7.32 2.21
CA ILE E 465 -37.57 -6.73 1.76
C ILE E 465 -37.65 -6.61 0.24
N LEU E 466 -37.04 -5.55 -0.27
CA LEU E 466 -37.16 -5.18 -1.68
C LEU E 466 -35.80 -4.77 -2.19
N ILE E 467 -35.09 -5.71 -2.78
CA ILE E 467 -33.83 -5.34 -3.41
C ILE E 467 -34.24 -4.47 -4.59
N ASP E 468 -33.38 -3.53 -4.98
CA ASP E 468 -33.74 -2.60 -6.04
C ASP E 468 -32.55 -2.30 -6.94
N GLU E 469 -32.88 -2.02 -8.21
CA GLU E 469 -31.94 -1.62 -9.25
C GLU E 469 -30.82 -2.64 -9.37
N VAL E 470 -31.22 -3.90 -9.43
CA VAL E 470 -30.25 -4.97 -9.49
C VAL E 470 -29.42 -4.98 -10.77
N ASP E 471 -29.92 -4.41 -11.88
CA ASP E 471 -29.37 -4.73 -13.20
C ASP E 471 -27.89 -4.37 -13.32
N LYS E 472 -27.46 -3.30 -12.66
CA LYS E 472 -26.10 -2.77 -12.80
C LYS E 472 -25.28 -2.95 -11.53
N ILE E 473 -25.62 -3.95 -10.72
CA ILE E 473 -24.75 -4.32 -9.61
C ILE E 473 -23.61 -5.15 -10.15
N GLY E 474 -22.47 -5.11 -9.46
CA GLY E 474 -21.38 -6.03 -9.72
C GLY E 474 -20.16 -5.27 -10.20
N ARG E 475 -19.11 -6.04 -10.50
CA ARG E 475 -17.89 -5.52 -11.12
C ARG E 475 -17.25 -4.45 -10.22
N GLY E 476 -17.10 -4.81 -8.94
CA GLY E 476 -16.38 -3.99 -7.99
C GLY E 476 -14.90 -4.33 -7.95
N TYR E 477 -14.23 -3.79 -6.94
CA TYR E 477 -12.83 -4.11 -6.70
C TYR E 477 -12.64 -5.59 -6.38
N GLN E 478 -13.61 -6.20 -5.72
CA GLN E 478 -13.62 -7.63 -5.43
C GLN E 478 -14.28 -8.42 -6.54
N GLY E 479 -14.68 -7.76 -7.62
CA GLY E 479 -15.48 -8.37 -8.65
C GLY E 479 -16.94 -8.20 -8.31
N ASP E 480 -17.47 -8.88 -7.29
CA ASP E 480 -18.83 -8.57 -6.85
C ASP E 480 -19.15 -9.19 -5.49
N PRO E 481 -20.06 -8.60 -4.69
CA PRO E 481 -20.49 -9.28 -3.48
C PRO E 481 -21.61 -10.28 -3.71
N SER E 482 -22.00 -10.50 -4.98
CA SER E 482 -23.23 -11.20 -5.32
C SER E 482 -23.25 -12.59 -4.73
N SER E 483 -22.08 -13.20 -4.60
CA SER E 483 -21.99 -14.51 -3.99
C SER E 483 -22.63 -14.50 -2.61
N ALA E 484 -22.25 -13.53 -1.78
CA ALA E 484 -22.85 -13.41 -0.46
C ALA E 484 -24.35 -13.16 -0.58
N LEU E 485 -24.76 -12.37 -1.56
CA LEU E 485 -26.19 -12.18 -1.75
C LEU E 485 -26.87 -13.48 -2.11
N LEU E 486 -26.24 -14.28 -2.94
CA LEU E 486 -26.79 -15.58 -3.27
C LEU E 486 -26.86 -16.47 -2.04
N GLU E 487 -25.86 -16.37 -1.16
CA GLU E 487 -25.92 -17.10 0.11
C GLU E 487 -27.13 -16.66 0.91
N LEU E 488 -27.52 -15.40 0.76
CA LEU E 488 -28.72 -14.94 1.41
C LEU E 488 -29.91 -15.57 0.73
N LEU E 489 -29.87 -15.60 -0.60
CA LEU E 489 -31.03 -16.05 -1.34
C LEU E 489 -31.30 -17.53 -1.08
N ASP E 490 -30.26 -18.31 -0.76
CA ASP E 490 -30.40 -19.76 -0.69
C ASP E 490 -30.91 -20.15 0.69
N PRO E 491 -32.10 -20.74 0.82
CA PRO E 491 -32.75 -20.82 2.14
C PRO E 491 -31.97 -21.55 3.20
N GLU E 492 -31.23 -22.59 2.83
CA GLU E 492 -30.53 -23.37 3.84
C GLU E 492 -29.32 -22.63 4.35
N GLN E 493 -28.80 -21.70 3.56
CA GLN E 493 -27.65 -20.92 3.95
C GLN E 493 -28.09 -19.73 4.77
N ASN E 494 -29.18 -19.11 4.34
CA ASN E 494 -29.61 -17.91 5.02
C ASN E 494 -30.37 -18.25 6.29
N ALA E 495 -30.76 -19.54 6.46
CA ALA E 495 -31.60 -19.94 7.58
C ALA E 495 -30.87 -19.65 8.88
N ASN E 496 -29.54 -19.63 8.83
CA ASN E 496 -28.64 -19.31 9.90
C ASN E 496 -27.69 -18.27 9.34
N PHE E 497 -28.28 -17.23 8.76
CA PHE E 497 -27.47 -16.15 8.25
C PHE E 497 -26.73 -15.51 9.41
N LEU E 498 -25.50 -15.11 9.16
CA LEU E 498 -24.62 -14.69 10.24
C LEU E 498 -23.77 -13.51 9.81
N ASP E 499 -24.10 -12.33 10.33
CA ASP E 499 -23.38 -11.10 10.05
C ASP E 499 -22.06 -11.06 10.83
N HIS E 500 -21.12 -10.25 10.34
CA HIS E 500 -19.87 -10.07 11.06
C HIS E 500 -20.09 -9.42 12.42
N TYR E 501 -21.05 -8.50 12.51
CA TYR E 501 -21.24 -7.73 13.73
C TYR E 501 -21.82 -8.52 14.89
N LEU E 502 -22.56 -9.59 14.64
CA LEU E 502 -23.20 -10.38 15.68
C LEU E 502 -22.82 -11.83 15.44
N ASP E 503 -22.31 -12.47 16.49
CA ASP E 503 -21.92 -13.86 16.36
C ASP E 503 -23.11 -14.78 16.10
N VAL E 504 -24.30 -14.41 16.54
CA VAL E 504 -25.41 -15.34 16.42
C VAL E 504 -25.85 -15.42 14.96
N PRO E 505 -26.02 -16.61 14.38
CA PRO E 505 -26.79 -16.71 13.15
C PRO E 505 -28.23 -16.28 13.41
N VAL E 506 -28.86 -15.68 12.41
CA VAL E 506 -30.23 -15.18 12.52
C VAL E 506 -31.03 -15.66 11.32
N ASP E 507 -32.03 -16.48 11.57
CA ASP E 507 -32.89 -16.98 10.49
C ASP E 507 -33.73 -15.86 9.93
N LEU E 508 -33.96 -15.93 8.62
CA LEU E 508 -34.74 -14.94 7.90
C LEU E 508 -35.63 -15.61 6.86
N SER E 509 -36.07 -16.84 7.13
CA SER E 509 -36.80 -17.63 6.14
C SER E 509 -38.10 -16.96 5.77
N LYS E 510 -38.67 -16.19 6.69
CA LYS E 510 -39.99 -15.62 6.50
C LYS E 510 -39.91 -14.35 5.68
N VAL E 511 -38.71 -13.85 5.41
CA VAL E 511 -38.54 -12.70 4.54
C VAL E 511 -39.04 -13.08 3.16
N LEU E 512 -39.60 -12.12 2.47
CA LEU E 512 -40.17 -12.31 1.15
C LEU E 512 -39.33 -11.40 0.26
N PHE E 513 -38.22 -11.91 -0.22
CA PHE E 513 -37.31 -11.11 -1.00
C PHE E 513 -37.98 -10.82 -2.33
N ILE E 514 -37.59 -9.70 -2.96
CA ILE E 514 -38.05 -9.35 -4.29
C ILE E 514 -36.90 -8.66 -5.01
N CYS E 515 -37.00 -8.62 -6.34
CA CYS E 515 -35.98 -8.09 -7.22
C CYS E 515 -36.61 -7.25 -8.33
N THR E 516 -35.83 -6.32 -8.84
CA THR E 516 -36.23 -5.48 -9.95
C THR E 516 -35.01 -5.08 -10.74
N ALA E 517 -35.19 -4.97 -12.05
CA ALA E 517 -34.14 -4.55 -12.95
C ALA E 517 -34.80 -4.06 -14.23
N ASN E 518 -34.20 -3.08 -14.90
CA ASN E 518 -34.86 -2.55 -16.09
C ASN E 518 -34.99 -3.58 -17.20
N VAL E 519 -34.01 -4.47 -17.33
CA VAL E 519 -34.01 -5.49 -18.37
C VAL E 519 -33.23 -6.69 -17.84
N THR E 520 -33.61 -7.87 -18.30
CA THR E 520 -33.11 -9.13 -17.74
C THR E 520 -31.90 -9.67 -18.51
N ASP E 521 -30.90 -8.83 -18.73
CA ASP E 521 -29.69 -9.22 -19.45
C ASP E 521 -28.42 -8.96 -18.65
N THR E 522 -28.35 -7.83 -17.94
CA THR E 522 -27.10 -7.45 -17.31
C THR E 522 -26.92 -8.11 -15.95
N ILE E 523 -27.97 -8.74 -15.43
CA ILE E 523 -27.92 -9.39 -14.13
C ILE E 523 -26.94 -10.56 -14.22
N PRO E 524 -26.05 -10.78 -13.27
CA PRO E 524 -25.21 -11.98 -13.36
C PRO E 524 -26.08 -13.22 -13.33
N GLU E 525 -25.69 -14.19 -14.15
CA GLU E 525 -26.51 -15.39 -14.36
C GLU E 525 -26.82 -16.16 -13.07
N PRO E 526 -25.86 -16.43 -12.17
CA PRO E 526 -26.16 -17.34 -11.03
C PRO E 526 -27.32 -16.87 -10.20
N LEU E 527 -27.47 -15.56 -10.06
CA LEU E 527 -28.68 -15.05 -9.44
C LEU E 527 -29.87 -15.16 -10.38
N ARG E 528 -29.64 -15.02 -11.70
CA ARG E 528 -30.76 -14.94 -12.65
C ARG E 528 -31.55 -16.22 -12.63
N ASP E 529 -30.84 -17.34 -12.52
CA ASP E 529 -31.53 -18.61 -12.49
C ASP E 529 -32.28 -18.80 -11.18
N ARG E 530 -31.81 -18.17 -10.11
CA ARG E 530 -32.51 -18.28 -8.84
C ARG E 530 -33.81 -17.50 -8.82
N MET E 531 -33.99 -16.53 -9.74
CA MET E 531 -35.19 -15.72 -9.83
C MET E 531 -35.93 -15.98 -11.13
N GLU E 532 -37.16 -15.47 -11.14
CA GLU E 532 -38.12 -15.48 -12.23
C GLU E 532 -38.17 -14.08 -12.79
N MET E 533 -38.60 -13.96 -14.05
CA MET E 533 -38.63 -12.68 -14.73
C MET E 533 -40.07 -12.35 -15.14
N ILE E 534 -40.43 -11.07 -15.10
CA ILE E 534 -41.77 -10.61 -15.48
C ILE E 534 -41.64 -9.32 -16.28
N ASN E 535 -42.01 -9.37 -17.55
CA ASN E 535 -41.92 -8.21 -18.40
C ASN E 535 -42.98 -7.20 -18.01
N VAL E 536 -42.57 -5.94 -17.97
CA VAL E 536 -43.44 -4.83 -17.69
C VAL E 536 -43.61 -4.04 -18.98
N SER E 537 -44.85 -3.63 -19.30
CA SER E 537 -45.15 -2.97 -20.55
C SER E 537 -45.14 -1.45 -20.34
N GLY E 538 -45.58 -0.70 -21.36
CA GLY E 538 -45.87 0.72 -21.23
C GLY E 538 -47.29 0.98 -20.77
N TYR E 539 -47.72 2.25 -20.90
CA TYR E 539 -49.08 2.68 -20.59
C TYR E 539 -49.81 3.31 -21.75
N VAL E 540 -51.13 3.05 -21.78
CA VAL E 540 -51.95 3.62 -22.83
C VAL E 540 -52.12 5.11 -22.58
N ALA E 541 -52.19 5.88 -23.68
CA ALA E 541 -52.29 7.32 -23.54
C ALA E 541 -53.60 7.74 -22.88
N GLN E 542 -54.66 6.98 -23.10
CA GLN E 542 -55.94 7.27 -22.48
C GLN E 542 -55.99 6.82 -21.04
N GLU E 543 -54.97 6.10 -20.59
CA GLU E 543 -54.88 5.62 -19.24
C GLU E 543 -53.76 6.31 -18.51
N LYS E 544 -52.78 6.82 -19.25
CA LYS E 544 -51.72 7.55 -18.61
C LYS E 544 -52.31 8.79 -17.96
N LEU E 545 -53.33 9.36 -18.59
CA LEU E 545 -54.07 10.46 -17.99
C LEU E 545 -54.74 10.04 -16.71
N ALA E 546 -55.26 8.81 -16.67
CA ALA E 546 -55.92 8.36 -15.46
C ALA E 546 -54.94 8.30 -14.31
N ILE E 547 -53.69 8.02 -14.64
CA ILE E 547 -52.69 8.05 -13.58
C ILE E 547 -52.44 9.49 -13.25
N ALA E 548 -52.36 10.33 -14.29
CA ALA E 548 -51.95 11.70 -14.10
C ALA E 548 -52.91 12.41 -13.14
N GLU E 549 -54.17 11.97 -13.17
CA GLU E 549 -55.19 12.59 -12.36
C GLU E 549 -55.17 12.00 -10.98
N ARG E 550 -54.82 10.71 -10.87
CA ARG E 550 -55.03 10.08 -9.59
C ARG E 550 -53.87 10.24 -8.65
N TYR E 551 -52.69 10.47 -9.15
CA TYR E 551 -51.50 10.53 -8.31
C TYR E 551 -50.59 11.68 -8.62
N LEU E 552 -50.40 11.99 -9.88
CA LEU E 552 -49.36 12.94 -10.27
C LEU E 552 -49.79 14.38 -10.07
N VAL E 553 -50.85 14.81 -10.75
CA VAL E 553 -51.27 16.20 -10.63
C VAL E 553 -51.54 16.60 -9.19
N PRO E 554 -52.32 15.85 -8.40
CA PRO E 554 -52.65 16.34 -7.05
C PRO E 554 -51.43 16.57 -6.17
N GLN E 555 -50.43 15.72 -6.35
CA GLN E 555 -49.26 15.80 -5.50
C GLN E 555 -48.28 16.78 -6.06
N ALA E 556 -48.13 16.86 -7.37
CA ALA E 556 -47.27 17.91 -7.89
C ALA E 556 -47.82 19.27 -7.53
N ARG E 557 -49.15 19.40 -7.49
CA ARG E 557 -49.76 20.66 -7.11
C ARG E 557 -49.37 20.99 -5.69
N ALA E 558 -49.59 20.03 -4.79
CA ALA E 558 -49.22 20.25 -3.40
C ALA E 558 -47.71 20.41 -3.25
N LEU E 559 -46.95 19.75 -4.11
CA LEU E 559 -45.50 19.87 -4.07
C LEU E 559 -45.06 21.27 -4.42
N CYS E 560 -45.82 21.93 -5.27
CA CYS E 560 -45.59 23.33 -5.55
C CYS E 560 -46.22 24.23 -4.50
N GLY E 561 -47.02 23.67 -3.60
CA GLY E 561 -47.63 24.40 -2.53
C GLY E 561 -48.89 25.09 -2.95
N LEU E 562 -49.23 25.02 -4.22
CA LEU E 562 -50.44 25.66 -4.71
C LEU E 562 -51.63 24.96 -4.08
N ASP E 563 -52.65 25.73 -3.79
CA ASP E 563 -53.92 25.13 -3.46
C ASP E 563 -54.59 24.64 -4.73
N GLU E 564 -55.46 23.64 -4.56
CA GLU E 564 -56.17 23.09 -5.70
C GLU E 564 -57.08 24.14 -6.34
N SER E 565 -57.45 25.17 -5.58
CA SER E 565 -58.41 26.17 -6.00
C SER E 565 -57.79 27.19 -6.93
N LYS E 566 -56.47 27.11 -7.15
CA LYS E 566 -55.72 28.11 -7.85
C LYS E 566 -55.11 27.66 -9.16
N ALA E 567 -55.08 26.35 -9.45
CA ALA E 567 -54.38 25.82 -10.61
C ALA E 567 -55.17 24.75 -11.34
N LYS E 568 -56.40 25.02 -11.76
CA LYS E 568 -57.14 24.02 -12.52
C LYS E 568 -56.47 23.73 -13.87
N LEU E 569 -56.49 22.45 -14.26
CA LEU E 569 -56.00 21.99 -15.55
C LEU E 569 -57.06 21.14 -16.22
N SER E 570 -57.56 21.60 -17.36
CA SER E 570 -58.51 20.78 -18.11
C SER E 570 -57.82 19.50 -18.55
N SER E 571 -58.57 18.39 -18.47
CA SER E 571 -58.02 17.12 -18.88
C SER E 571 -57.62 17.15 -20.33
N ASP E 572 -58.35 17.90 -21.14
CA ASP E 572 -57.99 18.04 -22.54
C ASP E 572 -56.68 18.78 -22.71
N VAL E 573 -56.36 19.70 -21.81
CA VAL E 573 -55.07 20.34 -21.88
C VAL E 573 -53.97 19.31 -21.66
N LEU E 574 -54.16 18.43 -20.69
CA LEU E 574 -53.17 17.39 -20.49
C LEU E 574 -53.13 16.46 -21.69
N THR E 575 -54.27 16.23 -22.31
CA THR E 575 -54.35 15.36 -23.46
C THR E 575 -53.53 15.93 -24.59
N LEU E 576 -53.73 17.20 -24.86
CA LEU E 576 -53.00 17.86 -25.93
C LEU E 576 -51.52 17.86 -25.61
N LEU E 577 -51.18 18.11 -24.34
CA LEU E 577 -49.77 18.15 -23.95
C LEU E 577 -49.13 16.80 -24.19
N ILE E 578 -49.88 15.75 -23.91
CA ILE E 578 -49.35 14.41 -24.08
C ILE E 578 -49.22 14.14 -25.56
N LYS E 579 -50.18 14.62 -26.32
CA LYS E 579 -50.22 14.34 -27.72
C LYS E 579 -49.09 15.04 -28.45
N GLN E 580 -48.59 16.14 -27.90
CA GLN E 580 -47.64 16.99 -28.61
C GLN E 580 -46.26 16.99 -27.96
N TYR E 581 -46.14 17.53 -26.76
CA TYR E 581 -44.80 17.84 -26.28
C TYR E 581 -44.05 16.67 -25.69
N CYS E 582 -44.68 15.53 -25.45
CA CYS E 582 -43.93 14.39 -24.96
C CYS E 582 -44.73 13.13 -25.19
N ARG E 583 -44.08 12.16 -25.80
CA ARG E 583 -44.65 10.84 -26.06
C ARG E 583 -43.60 9.84 -25.66
N GLU E 584 -43.96 8.91 -24.78
CA GLU E 584 -43.02 7.86 -24.38
C GLU E 584 -43.79 6.82 -23.60
N SER E 585 -43.23 5.61 -23.55
CA SER E 585 -43.87 4.54 -22.77
C SER E 585 -43.87 4.88 -21.29
N GLY E 586 -42.89 5.65 -20.83
CA GLY E 586 -42.77 6.00 -19.45
C GLY E 586 -43.67 7.17 -19.14
N VAL E 587 -43.77 7.50 -17.86
CA VAL E 587 -44.49 8.69 -17.42
C VAL E 587 -43.58 9.82 -16.99
N ARG E 588 -42.29 9.56 -16.83
CA ARG E 588 -41.39 10.48 -16.14
C ARG E 588 -41.33 11.85 -16.82
N ASN E 589 -41.10 11.86 -18.13
CA ASN E 589 -40.87 13.13 -18.80
C ASN E 589 -42.14 13.96 -18.78
N LEU E 590 -43.28 13.27 -18.90
CA LEU E 590 -44.53 13.99 -18.84
C LEU E 590 -44.71 14.59 -17.48
N GLN E 591 -44.20 13.89 -16.47
CA GLN E 591 -44.37 14.41 -15.14
C GLN E 591 -43.59 15.68 -15.01
N LYS E 592 -42.38 15.70 -15.61
CA LYS E 592 -41.56 16.90 -15.53
C LYS E 592 -42.24 18.04 -16.25
N GLN E 593 -42.94 17.73 -17.33
CA GLN E 593 -43.65 18.77 -18.02
C GLN E 593 -44.71 19.34 -17.09
N VAL E 594 -45.39 18.46 -16.37
CA VAL E 594 -46.46 18.92 -15.49
C VAL E 594 -45.90 19.81 -14.43
N GLU E 595 -44.76 19.43 -13.83
CA GLU E 595 -44.21 20.30 -12.81
C GLU E 595 -43.80 21.62 -13.40
N LYS E 596 -43.34 21.61 -14.65
CA LYS E 596 -42.96 22.86 -15.27
C LYS E 596 -44.17 23.78 -15.42
N VAL E 597 -45.29 23.22 -15.85
CA VAL E 597 -46.48 24.04 -16.01
C VAL E 597 -46.91 24.59 -14.67
N LEU E 598 -46.80 23.76 -13.63
CA LEU E 598 -47.27 24.20 -12.33
C LEU E 598 -46.42 25.32 -11.78
N ARG E 599 -45.10 25.19 -11.91
CA ARG E 599 -44.23 26.24 -11.42
C ARG E 599 -44.47 27.53 -12.18
N LYS E 600 -44.75 27.42 -13.48
CA LYS E 600 -45.00 28.63 -14.26
C LYS E 600 -46.27 29.31 -13.80
N SER E 601 -47.28 28.50 -13.53
CA SER E 601 -48.51 29.06 -13.00
C SER E 601 -48.28 29.66 -11.64
N ALA E 602 -47.40 29.05 -10.86
CA ALA E 602 -47.15 29.52 -9.52
C ALA E 602 -46.50 30.89 -9.55
N TYR E 603 -45.51 31.07 -10.41
CA TYR E 603 -44.89 32.37 -10.47
C TYR E 603 -45.88 33.40 -10.97
N LYS E 604 -46.83 32.97 -11.80
CA LYS E 604 -47.82 33.92 -12.23
C LYS E 604 -48.83 34.21 -11.14
N ILE E 605 -48.93 33.37 -10.14
CA ILE E 605 -49.79 33.71 -9.01
C ILE E 605 -49.08 34.64 -8.04
N VAL E 606 -47.82 34.31 -7.70
CA VAL E 606 -47.18 34.98 -6.57
C VAL E 606 -47.03 36.47 -6.79
N SER E 607 -46.93 36.87 -8.05
CA SER E 607 -46.82 38.27 -8.43
C SER E 607 -47.65 38.60 -9.64
N GLY E 608 -48.11 37.61 -10.39
CA GLY E 608 -48.66 37.87 -11.68
C GLY E 608 -50.05 38.37 -11.49
N GLU E 609 -50.69 38.65 -12.61
CA GLU E 609 -51.94 39.41 -12.60
C GLU E 609 -53.13 38.49 -12.38
N ALA E 610 -53.13 37.72 -11.31
CA ALA E 610 -54.25 36.86 -11.00
C ALA E 610 -54.07 36.28 -9.62
N GLU E 611 -55.20 35.83 -9.04
CA GLU E 611 -55.25 35.14 -7.77
C GLU E 611 -55.48 33.64 -7.93
N SER E 612 -55.82 33.17 -9.12
CA SER E 612 -56.03 31.75 -9.33
C SER E 612 -55.96 31.50 -10.83
N VAL E 613 -54.78 31.08 -11.29
CA VAL E 613 -54.60 30.76 -12.69
C VAL E 613 -55.46 29.54 -13.00
N GLU E 614 -55.95 29.46 -14.22
CA GLU E 614 -56.68 28.25 -14.62
C GLU E 614 -56.35 28.05 -16.10
N VAL E 615 -55.45 27.10 -16.34
CA VAL E 615 -54.86 26.92 -17.64
C VAL E 615 -55.90 26.53 -18.66
N THR E 616 -55.72 27.04 -19.85
CA THR E 616 -56.50 26.71 -21.03
C THR E 616 -55.55 26.62 -22.21
N PRO E 617 -55.86 25.80 -23.21
CA PRO E 617 -54.85 25.45 -24.23
C PRO E 617 -54.24 26.61 -25.00
N GLU E 618 -55.00 27.69 -25.22
CA GLU E 618 -54.55 28.78 -26.08
C GLU E 618 -53.25 29.40 -25.57
N ASN E 619 -53.04 29.40 -24.26
CA ASN E 619 -51.87 30.02 -23.67
C ASN E 619 -50.83 28.97 -23.30
N LEU E 620 -51.07 27.71 -23.66
CA LEU E 620 -50.15 26.66 -23.28
C LEU E 620 -48.77 26.90 -23.86
N GLN E 621 -48.70 27.52 -25.04
CA GLN E 621 -47.42 27.89 -25.63
C GLN E 621 -46.63 28.73 -24.66
N ASP E 622 -47.32 29.67 -24.02
CA ASP E 622 -46.66 30.59 -23.12
C ASP E 622 -46.01 29.86 -21.96
N PHE E 623 -46.58 28.74 -21.55
CA PHE E 623 -45.96 28.01 -20.46
C PHE E 623 -44.88 27.06 -20.90
N VAL E 624 -44.96 26.50 -22.11
CA VAL E 624 -44.09 25.37 -22.45
C VAL E 624 -43.41 25.57 -23.79
N GLY E 625 -43.78 26.60 -24.55
CA GLY E 625 -43.12 26.84 -25.81
C GLY E 625 -43.63 25.91 -26.89
N LYS E 626 -42.84 25.83 -27.96
CA LYS E 626 -43.33 25.25 -29.19
C LYS E 626 -43.46 23.72 -29.06
N PRO E 627 -44.42 23.09 -29.74
CA PRO E 627 -44.50 21.62 -29.68
C PRO E 627 -43.28 20.94 -30.28
N VAL E 628 -42.95 19.80 -29.69
CA VAL E 628 -41.82 19.00 -30.15
C VAL E 628 -42.29 18.06 -31.24
N PHE E 629 -43.15 17.14 -30.85
CA PHE E 629 -43.68 16.16 -31.78
C PHE E 629 -44.82 16.81 -32.53
N THR E 630 -45.14 16.27 -33.71
CA THR E 630 -46.23 16.80 -34.52
C THR E 630 -47.05 15.66 -35.10
N VAL E 631 -48.12 16.04 -35.79
CA VAL E 631 -49.11 15.13 -36.36
C VAL E 631 -49.10 15.28 -37.87
N GLU E 632 -47.90 15.47 -38.45
CA GLU E 632 -47.66 15.99 -39.81
C GLU E 632 -48.67 15.66 -40.91
N ARG E 633 -48.92 14.37 -41.17
CA ARG E 633 -49.91 13.91 -42.16
C ARG E 633 -49.69 14.63 -43.49
N MET E 634 -48.55 14.32 -44.12
CA MET E 634 -48.04 15.17 -45.19
C MET E 634 -49.03 15.28 -46.35
N TYR E 635 -49.85 14.24 -46.56
CA TYR E 635 -50.72 14.14 -47.71
C TYR E 635 -52.17 14.08 -47.27
N ASP E 636 -52.98 14.47 -48.18
CA ASP E 636 -54.42 14.42 -48.18
C ASP E 636 -54.98 13.74 -49.42
N VAL E 637 -54.35 13.91 -50.59
CA VAL E 637 -54.85 13.35 -51.84
C VAL E 637 -54.16 12.06 -52.24
N THR E 638 -52.95 11.82 -51.75
CA THR E 638 -52.20 10.59 -52.02
C THR E 638 -52.02 10.36 -53.53
N PRO E 639 -51.25 11.17 -54.23
CA PRO E 639 -51.06 10.94 -55.67
C PRO E 639 -50.34 9.63 -55.94
N PRO E 640 -50.17 9.25 -57.21
CA PRO E 640 -49.47 8.01 -57.54
C PRO E 640 -48.02 8.06 -57.08
N GLY E 641 -47.50 6.92 -56.68
CA GLY E 641 -46.09 6.79 -56.38
C GLY E 641 -45.69 7.38 -55.04
N VAL E 642 -46.60 7.35 -54.08
CA VAL E 642 -46.32 7.75 -52.71
C VAL E 642 -47.28 6.96 -51.84
N VAL E 643 -46.82 6.59 -50.64
CA VAL E 643 -47.65 5.80 -49.73
C VAL E 643 -47.29 6.11 -48.29
N MET E 644 -48.31 6.21 -47.44
CA MET E 644 -48.03 6.38 -46.02
C MET E 644 -47.65 5.01 -45.49
N GLY E 645 -46.83 4.97 -44.44
CA GLY E 645 -46.38 3.69 -43.95
C GLY E 645 -45.98 3.62 -42.51
N LEU E 646 -46.50 2.59 -41.84
CA LEU E 646 -46.20 2.36 -40.44
C LEU E 646 -44.74 2.04 -40.26
N ALA E 647 -44.24 2.36 -39.08
CA ALA E 647 -42.87 2.00 -38.73
C ALA E 647 -42.79 1.98 -37.23
N TRP E 648 -42.13 0.94 -36.71
CA TRP E 648 -42.00 0.77 -35.26
C TRP E 648 -40.74 1.55 -34.92
N THR E 649 -40.90 2.79 -34.53
CA THR E 649 -39.76 3.55 -34.09
C THR E 649 -39.31 3.00 -32.74
N ALA E 650 -38.03 3.20 -32.41
CA ALA E 650 -37.48 2.65 -31.17
C ALA E 650 -38.22 3.16 -29.93
N MET E 651 -38.88 4.31 -30.04
CA MET E 651 -39.75 4.86 -29.01
C MET E 651 -41.08 5.02 -29.69
N GLY E 652 -42.04 4.17 -29.33
CA GLY E 652 -43.36 4.18 -29.93
C GLY E 652 -43.35 4.00 -31.44
N GLY E 653 -44.53 4.07 -32.05
CA GLY E 653 -44.66 3.89 -33.48
C GLY E 653 -44.48 5.19 -34.25
N SER E 654 -44.56 5.07 -35.57
CA SER E 654 -44.56 6.23 -36.45
C SER E 654 -45.17 5.79 -37.77
N THR E 655 -45.49 6.77 -38.60
CA THR E 655 -46.19 6.55 -39.86
C THR E 655 -45.52 7.31 -41.00
N LEU E 656 -44.23 7.05 -41.20
CA LEU E 656 -43.49 7.75 -42.24
C LEU E 656 -44.03 7.41 -43.63
N PHE E 657 -44.03 8.42 -44.50
CA PHE E 657 -44.46 8.19 -45.86
C PHE E 657 -43.29 7.65 -46.63
N VAL E 658 -43.53 7.18 -47.84
CA VAL E 658 -42.48 6.72 -48.74
C VAL E 658 -42.79 7.21 -50.14
N GLU E 659 -41.77 7.66 -50.85
CA GLU E 659 -41.96 8.35 -52.11
C GLU E 659 -41.02 7.85 -53.19
N THR E 660 -41.42 8.12 -54.42
CA THR E 660 -40.77 7.52 -55.57
C THR E 660 -40.88 8.52 -56.70
N SER E 661 -39.94 8.47 -57.64
CA SER E 661 -40.03 9.41 -58.75
C SER E 661 -39.22 8.91 -59.93
N LEU E 662 -39.67 9.32 -61.10
CA LEU E 662 -38.92 9.11 -62.32
C LEU E 662 -37.70 10.01 -62.33
N ARG E 663 -36.69 9.61 -63.09
CA ARG E 663 -35.42 10.32 -63.08
C ARG E 663 -34.78 10.59 -64.43
N ARG E 664 -35.19 9.95 -65.52
CA ARG E 664 -34.72 10.28 -66.86
C ARG E 664 -35.85 10.02 -67.85
N PRO E 665 -35.78 10.64 -69.05
CA PRO E 665 -36.86 10.46 -70.03
C PRO E 665 -37.04 9.00 -70.42
N GLN E 666 -38.30 8.62 -70.62
CA GLN E 666 -38.64 7.21 -70.68
C GLN E 666 -38.28 6.54 -72.01
N ASP E 667 -37.97 7.31 -73.05
CA ASP E 667 -37.70 6.76 -74.37
C ASP E 667 -36.38 7.33 -74.88
N LYS E 668 -35.40 7.51 -73.98
CA LYS E 668 -34.08 7.93 -74.47
C LYS E 668 -33.40 6.87 -75.31
N ASP E 669 -33.79 5.60 -75.16
CA ASP E 669 -33.36 4.51 -76.04
C ASP E 669 -34.58 3.63 -76.21
N ALA E 670 -35.34 3.85 -77.28
CA ALA E 670 -36.60 3.12 -77.46
C ALA E 670 -36.35 1.61 -77.56
N LYS E 671 -35.22 1.21 -78.17
CA LYS E 671 -34.79 -0.18 -78.26
C LYS E 671 -33.67 -0.55 -77.29
N GLY E 672 -33.23 0.38 -76.43
CA GLY E 672 -32.10 0.12 -75.56
C GLY E 672 -32.35 -1.04 -74.60
N ASP E 673 -31.34 -1.90 -74.47
CA ASP E 673 -31.38 -3.02 -73.53
C ASP E 673 -30.51 -2.59 -72.36
N LYS E 674 -31.10 -1.78 -71.48
CA LYS E 674 -30.40 -1.30 -70.30
C LYS E 674 -31.39 -1.07 -69.17
N ASP E 675 -30.97 -1.42 -67.97
CA ASP E 675 -31.89 -1.56 -66.86
C ASP E 675 -32.43 -0.21 -66.40
N GLY E 676 -33.64 -0.24 -65.88
CA GLY E 676 -34.20 0.90 -65.18
C GLY E 676 -33.63 1.01 -63.80
N SER E 677 -32.41 1.54 -63.68
CA SER E 677 -31.70 1.49 -62.41
C SER E 677 -32.43 2.25 -61.30
N LEU E 678 -32.49 1.60 -60.15
CA LEU E 678 -32.97 2.25 -58.94
C LEU E 678 -31.91 3.18 -58.38
N GLU E 679 -32.37 4.19 -57.67
CA GLU E 679 -31.52 5.11 -56.91
C GLU E 679 -32.25 5.31 -55.60
N VAL E 680 -31.91 4.48 -54.65
CA VAL E 680 -32.58 4.51 -53.36
C VAL E 680 -31.96 5.63 -52.55
N THR E 681 -32.74 6.22 -51.65
CA THR E 681 -32.25 7.21 -50.72
C THR E 681 -33.06 7.17 -49.45
N GLY E 682 -32.48 7.74 -48.39
CA GLY E 682 -33.06 7.66 -47.06
C GLY E 682 -32.10 7.24 -45.97
N GLN E 683 -30.80 7.25 -46.26
CA GLN E 683 -29.77 6.86 -45.30
C GLN E 683 -30.03 5.43 -44.87
N LEU E 684 -29.99 4.55 -45.85
CA LEU E 684 -30.40 3.19 -45.62
C LEU E 684 -29.30 2.44 -44.88
N GLY E 685 -29.73 1.43 -44.12
CA GLY E 685 -28.83 0.39 -43.67
C GLY E 685 -28.74 -0.72 -44.68
N GLU E 686 -27.93 -1.71 -44.35
CA GLU E 686 -27.66 -2.80 -45.27
C GLU E 686 -28.87 -3.71 -45.46
N VAL E 687 -29.50 -4.13 -44.38
CA VAL E 687 -30.59 -5.09 -44.48
C VAL E 687 -31.75 -4.48 -45.24
N MET E 688 -31.96 -3.18 -45.08
CA MET E 688 -32.94 -2.52 -45.90
C MET E 688 -32.54 -2.56 -47.37
N LYS E 689 -31.24 -2.44 -47.68
CA LYS E 689 -30.85 -2.56 -49.09
C LYS E 689 -31.22 -3.93 -49.60
N GLU E 690 -31.06 -4.94 -48.74
CA GLU E 690 -31.35 -6.30 -49.14
C GLU E 690 -32.83 -6.41 -49.46
N SER E 691 -33.66 -5.97 -48.52
CA SER E 691 -35.09 -6.09 -48.68
C SER E 691 -35.57 -5.22 -49.82
N ALA E 692 -34.94 -4.07 -50.01
CA ALA E 692 -35.32 -3.19 -51.09
C ALA E 692 -35.05 -3.82 -52.42
N ARG E 693 -33.90 -4.46 -52.54
CA ARG E 693 -33.54 -5.04 -53.81
C ARG E 693 -34.51 -6.15 -54.15
N ILE E 694 -34.81 -7.01 -53.17
CA ILE E 694 -35.69 -8.11 -53.50
C ILE E 694 -37.07 -7.58 -53.82
N ALA E 695 -37.49 -6.52 -53.14
CA ALA E 695 -38.78 -5.93 -53.47
C ALA E 695 -38.78 -5.38 -54.87
N TYR E 696 -37.67 -4.79 -55.28
CA TYR E 696 -37.55 -4.28 -56.63
C TYR E 696 -37.74 -5.38 -57.64
N THR E 697 -37.10 -6.50 -57.36
CA THR E 697 -37.18 -7.60 -58.30
C THR E 697 -38.58 -8.17 -58.33
N PHE E 698 -39.20 -8.33 -57.16
CA PHE E 698 -40.52 -8.93 -57.16
C PHE E 698 -41.48 -8.00 -57.86
N ALA E 699 -41.28 -6.69 -57.72
CA ALA E 699 -42.17 -5.77 -58.39
C ALA E 699 -42.05 -5.97 -59.87
N ARG E 700 -40.83 -6.07 -60.34
CA ARG E 700 -40.59 -6.26 -61.75
C ARG E 700 -41.20 -7.57 -62.23
N ALA E 701 -41.24 -8.55 -61.34
CA ALA E 701 -41.79 -9.84 -61.73
C ALA E 701 -43.28 -9.79 -61.77
N PHE E 702 -43.88 -9.18 -60.75
CA PHE E 702 -45.32 -9.12 -60.70
C PHE E 702 -45.80 -8.36 -61.90
N LEU E 703 -45.06 -7.34 -62.31
CA LEU E 703 -45.55 -6.54 -63.40
C LEU E 703 -45.48 -7.33 -64.68
N MET E 704 -44.39 -8.08 -64.87
CA MET E 704 -44.34 -8.88 -66.07
C MET E 704 -45.40 -9.95 -66.07
N GLN E 705 -45.72 -10.48 -64.90
CA GLN E 705 -46.80 -11.45 -64.86
C GLN E 705 -48.16 -10.81 -65.00
N HIS E 706 -48.29 -9.54 -64.63
CA HIS E 706 -49.62 -8.98 -64.49
C HIS E 706 -50.00 -8.10 -65.67
N ALA E 707 -49.13 -7.17 -66.03
CA ALA E 707 -49.42 -6.20 -67.06
C ALA E 707 -48.23 -6.28 -67.98
N PRO E 708 -48.15 -7.37 -68.77
CA PRO E 708 -46.90 -7.64 -69.51
C PRO E 708 -46.53 -6.50 -70.41
N ALA E 709 -47.54 -5.83 -70.98
CA ALA E 709 -47.27 -4.77 -71.91
C ALA E 709 -46.56 -3.62 -71.23
N ASN E 710 -46.90 -3.34 -69.97
CA ASN E 710 -46.24 -2.25 -69.29
C ASN E 710 -44.81 -2.70 -69.05
N ASP E 711 -43.90 -1.75 -69.18
CA ASP E 711 -42.49 -1.99 -68.90
C ASP E 711 -41.85 -0.77 -68.26
N TYR E 712 -42.67 0.10 -67.66
CA TYR E 712 -42.18 1.36 -67.12
C TYR E 712 -41.07 1.13 -66.13
N LEU E 713 -41.08 0.01 -65.43
CA LEU E 713 -40.08 -0.22 -64.41
C LEU E 713 -38.91 -0.94 -65.02
N VAL E 714 -39.16 -1.71 -66.08
CA VAL E 714 -38.07 -2.45 -66.71
C VAL E 714 -37.05 -1.49 -67.27
N THR E 715 -37.50 -0.39 -67.86
CA THR E 715 -36.60 0.60 -68.44
C THR E 715 -37.05 1.99 -68.04
N SER E 716 -36.57 2.42 -66.90
CA SER E 716 -36.73 3.76 -66.39
C SER E 716 -35.84 3.90 -65.17
N HIS E 717 -34.81 4.73 -65.26
CA HIS E 717 -34.03 4.98 -64.06
C HIS E 717 -34.97 5.70 -63.11
N ILE E 718 -34.92 5.36 -61.83
CA ILE E 718 -35.93 5.79 -60.87
C ILE E 718 -35.28 6.12 -59.54
N HIS E 719 -35.49 7.35 -59.08
CA HIS E 719 -35.12 7.69 -57.72
C HIS E 719 -36.23 7.22 -56.79
N LEU E 720 -35.84 6.77 -55.61
CA LEU E 720 -36.71 6.32 -54.55
C LEU E 720 -36.22 6.83 -53.21
N HIS E 721 -37.17 7.22 -52.35
CA HIS E 721 -36.84 7.74 -51.03
C HIS E 721 -37.67 7.05 -49.98
N VAL E 722 -36.99 6.39 -49.06
CA VAL E 722 -37.63 5.72 -47.93
C VAL E 722 -37.11 6.42 -46.68
N PRO E 723 -37.90 7.25 -45.99
CA PRO E 723 -37.36 7.99 -44.85
C PRO E 723 -36.85 7.10 -43.74
N GLU E 724 -35.78 7.53 -43.10
CA GLU E 724 -35.21 6.84 -41.97
C GLU E 724 -36.04 7.12 -40.72
N GLY E 725 -35.93 6.20 -39.75
CA GLY E 725 -36.62 6.33 -38.46
C GLY E 725 -37.15 5.03 -37.90
N ALA E 726 -37.41 4.06 -38.76
CA ALA E 726 -37.89 2.75 -38.34
C ALA E 726 -36.82 2.07 -37.51
N THR E 727 -37.25 1.27 -36.53
CA THR E 727 -36.26 0.52 -35.76
C THR E 727 -35.57 -0.43 -36.74
N PRO E 728 -34.23 -0.56 -36.70
CA PRO E 728 -33.54 -1.28 -37.80
C PRO E 728 -33.96 -2.71 -38.01
N LYS E 729 -34.26 -3.45 -36.94
CA LYS E 729 -34.74 -4.81 -37.14
C LYS E 729 -36.08 -4.81 -37.83
N ASP E 730 -36.88 -3.77 -37.63
CA ASP E 730 -38.18 -3.75 -38.22
C ASP E 730 -38.12 -3.18 -39.64
N GLY E 731 -36.93 -2.76 -40.10
CA GLY E 731 -36.84 -2.06 -41.36
C GLY E 731 -37.29 -2.84 -42.58
N PRO E 732 -37.02 -4.15 -42.66
CA PRO E 732 -37.55 -4.90 -43.81
C PRO E 732 -39.07 -4.92 -43.87
N SER E 733 -39.74 -4.73 -42.73
CA SER E 733 -41.19 -4.90 -42.65
C SER E 733 -41.91 -3.96 -43.59
N ALA E 734 -41.30 -2.83 -43.92
CA ALA E 734 -41.94 -1.81 -44.72
C ALA E 734 -41.96 -2.16 -46.19
N GLY E 735 -41.28 -3.26 -46.59
CA GLY E 735 -41.04 -3.55 -48.00
C GLY E 735 -42.29 -3.51 -48.82
N CYS E 736 -43.36 -4.11 -48.29
CA CYS E 736 -44.60 -4.31 -49.03
C CYS E 736 -45.15 -2.99 -49.52
N THR E 737 -45.00 -1.94 -48.71
CA THR E 737 -45.47 -0.63 -49.08
C THR E 737 -44.80 -0.16 -50.36
N ILE E 738 -43.48 -0.35 -50.42
CA ILE E 738 -42.70 0.01 -51.58
C ILE E 738 -43.26 -0.73 -52.77
N VAL E 739 -43.63 -2.00 -52.55
CA VAL E 739 -43.97 -2.88 -53.65
C VAL E 739 -45.19 -2.33 -54.36
N THR E 740 -46.04 -1.61 -53.63
CA THR E 740 -47.18 -0.96 -54.25
C THR E 740 -46.85 0.41 -54.76
N ALA E 741 -45.99 1.13 -54.02
CA ALA E 741 -45.53 2.45 -54.42
C ALA E 741 -45.16 2.42 -55.88
N LEU E 742 -44.17 1.59 -56.22
CA LEU E 742 -43.70 1.51 -57.60
C LEU E 742 -44.85 1.17 -58.51
N LEU E 743 -45.68 0.21 -58.08
CA LEU E 743 -46.73 -0.29 -58.93
C LEU E 743 -47.70 0.82 -59.25
N SER E 744 -47.99 1.66 -58.26
CA SER E 744 -48.88 2.77 -58.51
C SER E 744 -48.30 3.66 -59.58
N LEU E 745 -47.02 4.05 -59.36
CA LEU E 745 -46.38 4.93 -60.32
C LEU E 745 -46.24 4.21 -61.63
N ALA E 746 -46.03 2.89 -61.55
CA ALA E 746 -45.87 2.09 -62.74
C ALA E 746 -47.13 2.18 -63.58
N MET E 747 -48.25 1.88 -62.94
CA MET E 747 -49.50 1.83 -63.65
C MET E 747 -50.26 3.14 -63.64
N GLY E 748 -49.73 4.19 -63.02
CA GLY E 748 -50.41 5.47 -63.03
C GLY E 748 -51.75 5.33 -62.37
N ARG E 749 -51.76 5.24 -61.09
CA ARG E 749 -52.99 5.11 -60.34
C ARG E 749 -52.74 5.68 -58.96
N PRO E 750 -53.43 6.73 -58.53
CA PRO E 750 -53.22 7.22 -57.17
C PRO E 750 -53.51 6.07 -56.23
N VAL E 751 -52.72 5.95 -55.18
CA VAL E 751 -52.96 4.85 -54.27
C VAL E 751 -54.28 5.13 -53.57
N ARG E 752 -54.96 4.08 -53.15
CA ARG E 752 -56.23 4.29 -52.50
C ARG E 752 -56.02 4.93 -51.14
N GLN E 753 -57.01 5.74 -50.75
CA GLN E 753 -56.85 6.63 -49.61
C GLN E 753 -56.65 5.84 -48.33
N ASN E 754 -55.80 6.41 -47.46
CA ASN E 754 -55.58 6.03 -46.05
C ASN E 754 -55.60 4.51 -45.88
N LEU E 755 -54.68 3.88 -46.59
CA LEU E 755 -54.59 2.44 -46.63
C LEU E 755 -53.14 2.08 -46.40
N ALA E 756 -52.78 2.04 -45.13
CA ALA E 756 -51.44 1.69 -44.74
C ALA E 756 -51.30 0.17 -44.75
N MET E 757 -50.07 -0.29 -44.91
CA MET E 757 -49.80 -1.72 -44.91
C MET E 757 -48.37 -1.96 -44.52
N THR E 758 -48.06 -3.20 -44.14
CA THR E 758 -46.72 -3.53 -43.72
C THR E 758 -46.50 -5.03 -43.91
N GLY E 759 -45.41 -5.53 -43.36
CA GLY E 759 -45.07 -6.93 -43.31
C GLY E 759 -43.99 -7.28 -44.32
N GLU E 760 -43.14 -8.23 -43.95
CA GLU E 760 -42.07 -8.63 -44.84
C GLU E 760 -42.65 -9.55 -45.90
N VAL E 761 -42.00 -9.57 -47.07
CA VAL E 761 -42.45 -10.32 -48.24
C VAL E 761 -41.32 -11.20 -48.75
N SER E 762 -41.68 -12.23 -49.50
CA SER E 762 -40.76 -13.15 -50.14
C SER E 762 -40.84 -13.04 -51.65
N LEU E 763 -39.92 -13.73 -52.34
CA LEU E 763 -39.80 -13.58 -53.79
C LEU E 763 -41.04 -14.02 -54.54
N THR E 764 -41.90 -14.80 -53.92
CA THR E 764 -43.15 -15.25 -54.51
C THR E 764 -44.29 -14.35 -54.06
N GLY E 765 -44.02 -13.35 -53.23
CA GLY E 765 -45.05 -12.45 -52.80
C GLY E 765 -45.83 -13.10 -51.70
N LYS E 766 -45.15 -13.84 -50.83
CA LYS E 766 -45.75 -14.43 -49.66
C LYS E 766 -45.31 -13.64 -48.44
N ILE E 767 -46.26 -12.91 -47.87
CA ILE E 767 -45.95 -12.02 -46.78
C ILE E 767 -45.56 -12.86 -45.58
N LEU E 768 -44.71 -12.28 -44.73
CA LEU E 768 -44.09 -12.97 -43.61
C LEU E 768 -44.39 -12.19 -42.33
N PRO E 769 -44.40 -12.84 -41.17
CA PRO E 769 -44.72 -12.10 -39.93
C PRO E 769 -43.67 -11.05 -39.57
N VAL E 770 -44.14 -9.96 -38.97
CA VAL E 770 -43.29 -8.89 -38.45
C VAL E 770 -43.73 -8.53 -37.04
N GLY E 771 -42.77 -8.10 -36.23
CA GLY E 771 -43.02 -7.79 -34.84
C GLY E 771 -43.51 -6.37 -34.59
N GLY E 772 -43.79 -6.09 -33.32
CA GLY E 772 -44.18 -4.75 -32.89
C GLY E 772 -45.50 -4.26 -33.40
N ILE E 773 -46.48 -5.15 -33.54
CA ILE E 773 -47.78 -4.74 -34.09
C ILE E 773 -48.45 -3.73 -33.17
N LYS E 774 -48.19 -3.81 -31.88
CA LYS E 774 -48.92 -2.98 -30.93
C LYS E 774 -48.58 -1.52 -31.15
N GLU E 775 -47.28 -1.23 -31.23
CA GLU E 775 -46.83 0.13 -31.44
C GLU E 775 -47.30 0.63 -32.78
N LYS E 776 -47.29 -0.26 -33.77
CA LYS E 776 -47.67 0.08 -35.12
C LYS E 776 -49.14 0.46 -35.18
N THR E 777 -49.99 -0.36 -34.57
CA THR E 777 -51.42 -0.12 -34.58
C THR E 777 -51.74 1.18 -33.86
N ILE E 778 -51.16 1.37 -32.66
CA ILE E 778 -51.52 2.54 -31.88
C ILE E 778 -51.06 3.81 -32.56
N ALA E 779 -49.96 3.75 -33.32
CA ALA E 779 -49.51 4.95 -34.00
C ALA E 779 -50.34 5.20 -35.23
N ALA E 780 -50.64 4.15 -35.99
CA ALA E 780 -51.43 4.38 -37.19
C ALA E 780 -52.86 4.78 -36.87
N LYS E 781 -53.36 4.44 -35.67
CA LYS E 781 -54.75 4.71 -35.35
C LYS E 781 -55.07 6.18 -35.43
N ARG E 782 -54.12 7.03 -35.03
CA ARG E 782 -54.40 8.44 -34.95
C ARG E 782 -54.09 9.14 -36.26
N ALA E 783 -53.60 8.40 -37.26
CA ALA E 783 -53.33 8.98 -38.54
C ALA E 783 -54.57 9.03 -39.42
N GLY E 784 -55.70 8.52 -38.93
CA GLY E 784 -56.88 8.45 -39.76
C GLY E 784 -56.98 7.23 -40.64
N VAL E 785 -56.03 6.30 -40.54
CA VAL E 785 -56.12 5.09 -41.34
C VAL E 785 -57.35 4.30 -40.95
N THR E 786 -57.96 3.68 -41.96
CA THR E 786 -59.20 2.94 -41.78
C THR E 786 -59.11 1.52 -42.28
N CYS E 787 -58.23 1.21 -43.23
CA CYS E 787 -58.18 -0.11 -43.84
C CYS E 787 -56.75 -0.60 -43.81
N ILE E 788 -56.34 -1.08 -42.66
CA ILE E 788 -55.04 -1.71 -42.56
C ILE E 788 -55.14 -3.08 -43.21
N VAL E 789 -54.00 -3.60 -43.65
CA VAL E 789 -53.90 -4.96 -44.13
C VAL E 789 -52.64 -5.50 -43.48
N LEU E 790 -52.72 -6.73 -42.99
CA LEU E 790 -51.68 -7.29 -42.14
C LEU E 790 -51.44 -8.73 -42.53
N PRO E 791 -50.28 -9.29 -42.19
CA PRO E 791 -50.07 -10.70 -42.49
C PRO E 791 -51.10 -11.54 -41.77
N ALA E 792 -51.62 -12.56 -42.46
CA ALA E 792 -52.56 -13.44 -41.78
C ALA E 792 -51.84 -14.24 -40.72
N GLU E 793 -50.51 -14.36 -40.85
CA GLU E 793 -49.62 -15.12 -40.01
C GLU E 793 -49.31 -14.35 -38.75
N ASN E 794 -49.71 -13.09 -38.70
CA ASN E 794 -49.59 -12.25 -37.54
C ASN E 794 -50.95 -12.00 -36.93
N LYS E 795 -52.02 -12.55 -37.53
CA LYS E 795 -53.37 -12.11 -37.19
C LYS E 795 -53.74 -12.35 -35.75
N LYS E 796 -53.20 -13.40 -35.12
CA LYS E 796 -53.61 -13.70 -33.75
C LYS E 796 -53.26 -12.56 -32.83
N ASP E 797 -52.13 -11.89 -33.10
CA ASP E 797 -51.75 -10.79 -32.22
C ASP E 797 -52.73 -9.65 -32.36
N PHE E 798 -53.40 -9.54 -33.51
CA PHE E 798 -54.42 -8.53 -33.66
C PHE E 798 -55.69 -8.89 -32.89
N TYR E 799 -55.77 -10.11 -32.37
CA TYR E 799 -56.84 -10.58 -31.53
C TYR E 799 -56.32 -10.72 -30.11
N ASP E 800 -55.37 -9.85 -29.75
CA ASP E 800 -54.88 -9.71 -28.39
C ASP E 800 -54.83 -8.27 -27.93
N LEU E 801 -54.95 -7.30 -28.84
CA LEU E 801 -54.95 -5.90 -28.46
C LEU E 801 -56.28 -5.49 -27.86
N ALA E 802 -56.23 -4.47 -27.02
CA ALA E 802 -57.41 -3.96 -26.33
C ALA E 802 -58.43 -3.52 -27.38
N ALA E 803 -59.71 -3.84 -27.11
CA ALA E 803 -60.73 -3.78 -28.16
C ALA E 803 -60.89 -2.38 -28.73
N PHE E 804 -60.72 -1.34 -27.91
CA PHE E 804 -60.97 0.03 -28.34
C PHE E 804 -59.99 0.40 -29.45
N ILE E 805 -58.79 -0.16 -29.43
CA ILE E 805 -57.81 0.08 -30.47
C ILE E 805 -58.33 -0.47 -31.77
N THR E 806 -59.06 -1.58 -31.71
CA THR E 806 -59.50 -2.17 -32.96
C THR E 806 -60.78 -1.52 -33.48
N GLU E 807 -61.52 -0.83 -32.62
CA GLU E 807 -62.75 -0.22 -33.08
C GLU E 807 -62.41 0.90 -34.04
N GLY E 808 -63.26 1.10 -35.03
CA GLY E 808 -62.96 2.06 -36.08
C GLY E 808 -62.39 1.37 -37.30
N LEU E 809 -61.06 1.33 -37.38
CA LEU E 809 -60.38 0.91 -38.59
C LEU E 809 -60.78 -0.48 -39.05
N GLU E 810 -60.99 -0.60 -40.35
CA GLU E 810 -61.12 -1.91 -40.94
C GLU E 810 -59.75 -2.54 -41.00
N VAL E 811 -59.73 -3.87 -40.95
CA VAL E 811 -58.51 -4.66 -41.01
C VAL E 811 -58.69 -5.72 -42.08
N HIS E 812 -57.58 -6.09 -42.69
CA HIS E 812 -57.54 -7.22 -43.59
C HIS E 812 -56.49 -8.18 -43.08
N PHE E 813 -56.44 -9.35 -43.69
CA PHE E 813 -55.39 -10.32 -43.41
C PHE E 813 -55.15 -11.10 -44.67
N VAL E 814 -53.88 -11.39 -44.92
CA VAL E 814 -53.45 -12.01 -46.18
C VAL E 814 -52.15 -12.77 -45.96
N GLU E 815 -51.84 -13.57 -46.93
CA GLU E 815 -50.64 -14.38 -47.01
C GLU E 815 -49.86 -14.20 -48.31
N HIS E 816 -50.54 -14.12 -49.44
CA HIS E 816 -49.95 -13.84 -50.74
C HIS E 816 -50.25 -12.40 -51.14
N TYR E 817 -49.22 -11.63 -51.52
CA TYR E 817 -49.40 -10.22 -51.80
C TYR E 817 -50.34 -9.98 -52.96
N ARG E 818 -50.51 -10.94 -53.88
CA ARG E 818 -51.36 -10.68 -55.03
C ARG E 818 -52.79 -10.39 -54.60
N GLU E 819 -53.15 -10.85 -53.41
CA GLU E 819 -54.44 -10.48 -52.89
C GLU E 819 -54.37 -9.01 -52.53
N ILE E 820 -53.26 -8.58 -51.89
CA ILE E 820 -53.23 -7.20 -51.42
C ILE E 820 -53.39 -6.29 -52.62
N PHE E 821 -52.80 -6.69 -53.75
CA PHE E 821 -52.96 -5.90 -54.94
C PHE E 821 -54.39 -5.91 -55.41
N ASP E 822 -55.13 -6.96 -55.03
CA ASP E 822 -56.51 -7.05 -55.42
C ASP E 822 -57.43 -6.35 -54.44
N ILE E 823 -56.89 -5.83 -53.34
CA ILE E 823 -57.65 -4.99 -52.44
C ILE E 823 -57.43 -3.52 -52.74
N ALA E 824 -56.17 -3.09 -52.75
CA ALA E 824 -55.86 -1.67 -52.80
C ALA E 824 -56.37 -0.98 -54.06
N PHE E 825 -56.43 -1.70 -55.18
CA PHE E 825 -56.77 -1.15 -56.50
C PHE E 825 -57.94 -1.92 -57.10
N PRO E 826 -59.16 -1.68 -56.59
CA PRO E 826 -60.30 -2.40 -57.14
C PRO E 826 -60.55 -1.99 -58.59
N HIS F 1 23.57 3.87 106.39
CA HIS F 1 23.91 5.19 106.93
C HIS F 1 24.21 6.16 105.80
N LEU F 2 23.21 6.42 104.96
CA LEU F 2 23.31 7.34 103.84
C LEU F 2 22.19 8.36 104.01
N PRO F 3 22.34 9.57 103.48
CA PRO F 3 21.26 10.54 103.65
C PRO F 3 20.08 10.13 102.80
N LEU F 4 18.89 10.58 103.21
CA LEU F 4 17.70 10.23 102.45
C LEU F 4 17.77 10.85 101.07
N ILE F 5 17.19 10.15 100.08
CA ILE F 5 17.19 10.63 98.70
C ILE F 5 15.98 11.54 98.53
N ALA F 6 16.11 12.48 97.61
CA ALA F 6 15.05 13.43 97.32
C ALA F 6 14.21 12.79 96.23
N ILE F 7 13.25 11.97 96.67
CA ILE F 7 12.33 11.26 95.77
C ILE F 7 11.70 12.23 94.78
N THR F 8 11.18 13.35 95.29
CA THR F 8 10.55 14.41 94.49
C THR F 8 9.50 13.84 93.53
N ARG F 9 8.36 13.45 94.12
CA ARG F 9 7.21 12.87 93.40
C ARG F 9 7.61 11.75 92.44
N ASN F 10 8.14 10.66 93.02
CA ASN F 10 8.57 9.49 92.24
C ASN F 10 8.36 8.21 93.07
N PRO F 11 7.23 7.51 92.89
CA PRO F 11 7.02 6.28 93.68
C PRO F 11 7.79 5.11 93.08
N VAL F 12 8.45 4.34 93.96
CA VAL F 12 9.24 3.17 93.56
C VAL F 12 8.66 1.96 94.28
N PHE F 13 7.67 1.34 93.66
CA PHE F 13 7.03 0.17 94.24
C PHE F 13 8.06 -0.96 94.41
N PRO F 14 8.00 -1.77 95.49
CA PRO F 14 8.95 -2.88 95.64
C PRO F 14 8.99 -3.81 94.43
N ARG F 15 10.19 -4.30 94.07
CA ARG F 15 10.40 -5.20 92.93
C ARG F 15 9.73 -4.68 91.66
N PHE F 16 10.10 -3.44 91.35
CA PHE F 16 9.58 -2.76 90.16
C PHE F 16 10.70 -1.80 89.77
N ILE F 17 11.37 -2.10 88.66
CA ILE F 17 12.46 -1.25 88.17
C ILE F 17 11.93 0.17 87.97
N LYS F 18 12.71 1.16 88.42
CA LYS F 18 12.30 2.56 88.28
C LYS F 18 13.54 3.39 88.00
N ILE F 19 13.30 4.57 87.44
CA ILE F 19 14.33 5.54 87.09
C ILE F 19 14.06 6.78 87.92
N ILE F 20 15.13 7.45 88.36
CA ILE F 20 15.02 8.66 89.15
C ILE F 20 15.83 9.73 88.42
N GLU F 21 15.18 10.90 88.21
CA GLU F 21 15.78 12.05 87.52
C GLU F 21 15.50 13.35 88.27
N VAL F 22 16.21 13.58 89.37
CA VAL F 22 16.04 14.81 90.12
C VAL F 22 16.65 15.96 89.32
N LYS F 23 16.07 17.16 89.44
CA LYS F 23 16.60 18.28 88.67
C LYS F 23 17.83 18.86 89.34
N ASN F 24 17.92 18.75 90.66
CA ASN F 24 19.03 19.24 91.43
C ASN F 24 20.29 18.44 91.12
N LYS F 25 21.44 19.09 91.29
CA LYS F 25 22.74 18.49 91.03
C LYS F 25 23.45 18.13 92.34
N LYS F 26 22.77 18.30 93.49
CA LYS F 26 23.37 17.99 94.78
C LYS F 26 23.43 16.49 95.08
N LEU F 27 22.56 15.69 94.45
CA LEU F 27 22.54 14.25 94.68
C LEU F 27 23.64 13.52 93.91
N VAL F 28 24.20 14.15 92.87
CA VAL F 28 25.23 13.49 92.07
C VAL F 28 26.53 13.35 92.87
N GLU F 29 26.80 14.24 93.82
CA GLU F 29 28.04 14.10 94.59
C GLU F 29 28.01 12.82 95.42
N LEU F 30 26.84 12.48 95.98
CA LEU F 30 26.78 11.25 96.75
C LEU F 30 26.82 10.04 95.84
N LEU F 31 26.29 10.15 94.62
CA LEU F 31 26.31 9.02 93.69
C LEU F 31 27.71 8.78 93.15
N ARG F 32 28.53 9.83 93.06
CA ARG F 32 29.90 9.66 92.58
C ARG F 32 30.78 9.20 93.73
N ARG F 33 30.40 9.47 94.98
CA ARG F 33 31.21 9.01 96.09
C ARG F 33 30.98 7.54 96.40
N LYS F 34 29.86 6.94 95.96
CA LYS F 34 29.62 5.53 96.23
C LYS F 34 30.19 4.63 95.13
N VAL F 35 30.70 5.19 94.02
CA VAL F 35 31.27 4.32 92.99
C VAL F 35 32.60 3.81 93.49
N ARG F 36 33.30 4.61 94.31
CA ARG F 36 34.57 4.24 94.89
C ARG F 36 34.38 3.30 96.09
N LEU F 37 33.18 3.30 96.68
CA LEU F 37 32.87 2.45 97.81
C LEU F 37 32.88 1.00 97.37
N ALA F 38 33.18 0.11 98.32
CA ALA F 38 33.24 -1.32 98.02
C ALA F 38 31.88 -1.81 97.52
N GLN F 39 30.82 -1.61 98.32
CA GLN F 39 29.49 -2.04 97.92
C GLN F 39 28.74 -0.80 97.44
N PRO F 40 28.28 -0.70 96.15
CA PRO F 40 27.54 0.51 95.76
C PRO F 40 26.06 0.29 96.03
N TYR F 41 25.41 1.22 96.73
CA TYR F 41 23.99 1.06 97.02
C TYR F 41 23.35 2.40 97.27
N VAL F 42 22.02 2.39 97.23
CA VAL F 42 21.18 3.57 97.47
C VAL F 42 19.89 3.06 98.08
N GLY F 43 19.25 3.90 98.90
CA GLY F 43 18.00 3.53 99.54
C GLY F 43 16.88 4.36 98.93
N VAL F 44 15.67 3.82 98.98
CA VAL F 44 14.48 4.47 98.43
C VAL F 44 13.40 4.44 99.51
N PHE F 45 12.79 5.59 99.79
CA PHE F 45 11.76 5.75 100.81
C PHE F 45 10.56 6.42 100.17
N LEU F 46 9.46 6.57 100.94
CA LEU F 46 8.25 7.22 100.46
C LEU F 46 7.95 8.45 101.30
N LYS F 47 7.32 9.43 100.68
CA LYS F 47 6.94 10.70 101.28
C LYS F 47 5.52 10.69 101.85
N ARG F 48 5.29 11.58 102.81
CA ARG F 48 3.99 11.74 103.45
C ARG F 48 3.21 12.82 102.68
N ASP F 49 2.01 13.12 103.16
CA ASP F 49 1.15 14.11 102.51
C ASP F 49 1.82 15.50 102.45
N ASP F 50 1.34 16.32 101.51
CA ASP F 50 1.83 17.67 101.26
C ASP F 50 3.35 17.72 101.05
N SER F 51 3.78 17.19 99.90
CA SER F 51 5.20 17.13 99.57
C SER F 51 5.84 18.52 99.63
N ASN F 52 7.09 18.55 100.10
CA ASN F 52 7.86 19.79 100.23
C ASN F 52 9.33 19.42 100.20
N GLU F 53 10.07 19.91 99.20
CA GLU F 53 11.49 19.59 99.08
C GLU F 53 12.34 20.23 100.18
N SER F 54 11.89 21.38 100.69
CA SER F 54 12.65 22.03 101.73
C SER F 54 12.50 21.26 103.03
N ASP F 55 11.38 20.57 103.21
CA ASP F 55 11.25 19.84 104.46
C ASP F 55 12.02 18.52 104.35
N VAL F 56 12.17 18.00 103.13
CA VAL F 56 12.92 16.75 102.93
C VAL F 56 14.36 16.99 103.34
N VAL F 57 14.88 18.18 103.01
CA VAL F 57 16.28 18.49 103.35
C VAL F 57 16.42 19.07 104.75
N GLU F 58 15.34 19.60 105.33
CA GLU F 58 15.41 20.17 106.68
C GLU F 58 15.28 19.10 107.77
N SER F 59 14.19 18.34 107.73
CA SER F 59 13.90 17.28 108.69
C SER F 59 13.88 15.94 107.99
N LEU F 60 14.00 14.88 108.78
CA LEU F 60 13.97 13.51 108.28
C LEU F 60 12.77 12.73 108.78
N ASP F 61 11.79 13.40 109.41
CA ASP F 61 10.59 12.72 109.87
C ASP F 61 9.48 12.75 108.84
N GLU F 62 9.54 13.71 107.91
CA GLU F 62 8.56 13.85 106.83
C GLU F 62 8.44 12.56 106.04
N ILE F 63 9.60 12.02 105.66
CA ILE F 63 9.67 10.79 104.90
C ILE F 63 9.14 9.68 105.78
N TYR F 64 8.46 8.72 105.17
CA TYR F 64 7.94 7.64 105.99
C TYR F 64 9.10 6.76 106.42
N HIS F 65 8.84 5.96 107.46
CA HIS F 65 9.87 5.09 107.99
C HIS F 65 10.26 3.99 107.00
N THR F 66 9.33 3.54 106.15
CA THR F 66 9.70 2.50 105.20
C THR F 66 10.75 3.01 104.23
N GLY F 67 11.61 2.08 103.81
CA GLY F 67 12.71 2.34 102.90
C GLY F 67 12.90 1.08 102.09
N THR F 68 13.52 1.20 100.93
CA THR F 68 13.75 0.06 100.03
C THR F 68 15.20 0.03 99.52
N PHE F 69 16.07 -0.69 100.21
CA PHE F 69 17.47 -0.80 99.82
C PHE F 69 17.66 -1.65 98.57
N ALA F 70 18.65 -1.29 97.75
CA ALA F 70 18.91 -2.05 96.53
C ALA F 70 20.33 -1.78 96.05
N GLN F 71 20.72 -2.54 95.03
CA GLN F 71 22.03 -2.46 94.39
C GLN F 71 21.93 -1.62 93.13
N ILE F 72 23.02 -0.91 92.83
CA ILE F 72 23.02 -0.08 91.62
C ILE F 72 23.22 -1.05 90.47
N HIS F 73 22.72 -0.66 89.29
CA HIS F 73 22.80 -1.47 88.10
C HIS F 73 23.93 -0.86 87.27
N GLU F 74 23.67 0.32 86.73
CA GLU F 74 24.64 1.02 85.91
C GLU F 74 24.14 2.44 85.77
N MET F 75 25.07 3.39 85.69
CA MET F 75 24.73 4.79 85.54
C MET F 75 24.59 5.08 84.05
N GLN F 76 23.75 6.08 83.71
CA GLN F 76 23.51 6.43 82.31
C GLN F 76 23.69 7.92 81.99
N ASP F 77 22.92 8.80 82.63
CA ASP F 77 22.99 10.25 82.42
C ASP F 77 22.92 10.60 80.92
N LEU F 78 21.76 10.32 80.32
CA LEU F 78 21.59 10.59 78.89
C LEU F 78 21.42 12.08 78.58
N GLY F 79 20.43 12.73 79.20
CA GLY F 79 20.19 14.15 78.98
C GLY F 79 20.71 14.92 80.16
N ASP F 80 20.21 14.55 81.32
CA ASP F 80 20.59 15.15 82.58
C ASP F 80 21.81 14.41 83.08
N LYS F 81 22.37 14.87 84.19
CA LYS F 81 23.55 14.28 84.79
C LYS F 81 23.17 13.32 85.92
N LEU F 82 21.86 13.03 86.13
CA LEU F 82 21.36 12.14 87.17
C LEU F 82 20.20 11.28 86.66
N ARG F 83 20.52 10.22 85.94
CA ARG F 83 19.54 9.26 85.42
C ARG F 83 19.88 7.94 86.08
N MET F 84 19.53 7.83 87.36
CA MET F 84 19.83 6.62 88.11
C MET F 84 18.73 5.59 88.03
N ILE F 85 19.13 4.31 88.19
CA ILE F 85 18.19 3.20 88.17
C ILE F 85 18.03 2.80 89.63
N VAL F 86 16.80 2.50 90.01
CA VAL F 86 16.44 2.08 91.35
C VAL F 86 15.64 0.80 91.23
N MET F 87 15.64 0.06 92.33
CA MET F 87 14.96 -1.21 92.45
C MET F 87 14.56 -1.40 93.89
N GLY F 88 13.56 -2.24 94.08
CA GLY F 88 13.05 -2.58 95.39
C GLY F 88 13.61 -3.97 95.62
N HIS F 89 14.69 -4.12 96.38
CA HIS F 89 15.32 -5.42 96.61
C HIS F 89 15.14 -5.85 98.05
N ARG F 90 15.61 -5.06 99.02
CA ARG F 90 15.47 -5.38 100.44
C ARG F 90 14.58 -4.30 101.04
N ARG F 91 13.32 -4.64 101.30
CA ARG F 91 12.42 -3.69 101.89
C ARG F 91 12.76 -3.61 103.37
N VAL F 92 12.51 -2.44 103.98
CA VAL F 92 12.83 -2.23 105.37
C VAL F 92 11.90 -1.19 105.94
N HIS F 93 11.69 -1.24 107.25
CA HIS F 93 10.84 -0.30 107.98
C HIS F 93 11.69 0.06 109.18
N ILE F 94 12.48 1.12 109.01
CA ILE F 94 13.35 1.57 110.09
C ILE F 94 12.46 1.90 111.28
N SER F 95 12.91 1.52 112.47
CA SER F 95 12.12 1.79 113.67
C SER F 95 11.97 3.29 113.85
N ARG F 96 13.06 4.02 113.65
CA ARG F 96 13.12 5.45 113.78
C ARG F 96 14.10 5.92 112.71
N GLN F 97 13.56 6.57 111.68
CA GLN F 97 14.38 7.08 110.59
C GLN F 97 15.25 8.24 111.03
N LEU F 98 14.78 9.03 111.99
CA LEU F 98 15.56 10.15 112.50
C LEU F 98 16.88 9.62 113.07
N GLU F 99 16.79 8.53 113.81
CA GLU F 99 17.90 7.85 114.46
C GLU F 99 18.75 7.11 113.44
N MET F 150 23.19 4.07 110.82
CA MET F 150 21.93 3.95 111.53
C MET F 150 21.38 2.52 111.44
N VAL F 151 20.98 2.00 112.61
CA VAL F 151 20.45 0.65 112.71
C VAL F 151 19.23 0.43 111.82
N GLU F 152 19.18 -0.74 111.20
CA GLU F 152 18.11 -1.16 110.31
C GLU F 152 18.06 -2.68 110.37
N VAL F 153 16.91 -3.24 110.01
CA VAL F 153 16.76 -4.70 110.03
C VAL F 153 15.75 -5.11 108.98
N GLU F 154 16.04 -6.23 108.34
CA GLU F 154 15.22 -6.81 107.27
C GLU F 154 14.01 -7.53 107.88
N ASN F 155 13.08 -6.74 108.38
CA ASN F 155 11.86 -7.22 109.03
C ASN F 155 10.76 -7.48 107.99
N VAL F 156 11.10 -8.31 107.00
CA VAL F 156 10.20 -8.67 105.90
C VAL F 156 9.25 -9.75 106.42
N VAL F 157 8.23 -9.31 107.17
CA VAL F 157 7.25 -10.24 107.74
C VAL F 157 6.46 -10.90 106.62
N HIS F 158 6.18 -12.20 106.78
CA HIS F 158 5.45 -13.00 105.81
C HIS F 158 4.77 -14.19 106.47
N GLU F 159 3.89 -13.93 107.43
CA GLU F 159 3.20 -15.02 108.11
C GLU F 159 2.22 -15.66 107.13
N ASP F 160 2.10 -16.99 107.19
CA ASP F 160 1.22 -17.75 106.31
C ASP F 160 0.74 -18.98 107.05
N PHE F 161 -0.50 -19.36 106.77
CA PHE F 161 -1.10 -20.52 107.42
C PHE F 161 -0.37 -21.78 106.99
N GLN F 162 -0.25 -22.74 107.93
CA GLN F 162 0.43 -24.01 107.65
C GLN F 162 -0.21 -24.70 106.45
N VAL F 163 -1.54 -24.76 106.44
CA VAL F 163 -2.25 -25.39 105.33
C VAL F 163 -2.10 -24.40 104.17
N THR F 164 -1.24 -24.74 103.22
CA THR F 164 -1.01 -23.88 102.05
C THR F 164 -1.54 -24.58 100.82
N GLU F 165 -2.86 -24.67 100.81
CA GLU F 165 -3.66 -25.27 99.76
C GLU F 165 -4.67 -24.24 99.30
N GLU F 166 -5.48 -23.74 100.25
CA GLU F 166 -6.51 -22.75 100.02
C GLU F 166 -6.03 -21.31 100.21
N VAL F 167 -4.77 -21.10 100.61
CA VAL F 167 -4.31 -19.72 100.79
C VAL F 167 -3.86 -19.14 99.46
N LYS F 168 -3.50 -19.98 98.49
CA LYS F 168 -3.09 -19.54 97.17
C LYS F 168 -4.29 -19.42 96.22
N ALA F 169 -5.52 -19.65 96.71
CA ALA F 169 -6.70 -19.54 95.88
C ALA F 169 -7.02 -18.08 95.62
N LEU F 170 -6.63 -17.20 96.55
CA LEU F 170 -6.87 -15.78 96.37
C LEU F 170 -6.01 -15.25 95.24
N THR F 171 -4.81 -15.85 95.06
CA THR F 171 -3.92 -15.47 93.97
C THR F 171 -4.66 -15.59 92.64
N ALA F 172 -5.51 -16.61 92.49
CA ALA F 172 -6.26 -16.79 91.25
C ALA F 172 -7.17 -15.60 91.01
N GLU F 173 -7.72 -15.02 92.07
CA GLU F 173 -8.58 -13.86 91.88
C GLU F 173 -7.73 -12.64 91.61
N ILE F 174 -6.56 -12.55 92.25
CA ILE F 174 -5.66 -11.43 92.01
C ILE F 174 -5.24 -11.40 90.55
N VAL F 175 -4.83 -12.55 90.00
CA VAL F 175 -4.42 -12.58 88.60
C VAL F 175 -5.62 -12.42 87.65
N LYS F 176 -6.82 -12.86 88.07
CA LYS F 176 -7.98 -12.64 87.21
C LYS F 176 -8.37 -11.16 87.22
N THR F 177 -8.21 -10.51 88.37
CA THR F 177 -8.47 -9.09 88.47
C THR F 177 -7.47 -8.32 87.63
N ILE F 178 -6.21 -8.71 87.68
CA ILE F 178 -5.19 -8.04 86.88
C ILE F 178 -5.46 -8.28 85.39
N ARG F 179 -6.05 -9.42 85.02
CA ARG F 179 -6.30 -9.65 83.59
C ARG F 179 -7.48 -8.82 83.12
N ASP F 180 -8.49 -8.65 83.96
CA ASP F 180 -9.62 -7.83 83.52
C ASP F 180 -9.27 -6.35 83.63
N ILE F 181 -8.33 -5.99 84.52
CA ILE F 181 -7.95 -4.60 84.66
C ILE F 181 -7.07 -4.21 83.48
N ILE F 182 -6.19 -5.11 83.03
CA ILE F 182 -5.33 -4.80 81.89
C ILE F 182 -6.07 -5.01 80.57
N ALA F 183 -7.22 -5.70 80.58
CA ALA F 183 -7.98 -5.88 79.35
C ALA F 183 -8.96 -4.73 79.14
N LEU F 184 -9.63 -4.29 80.22
CA LEU F 184 -10.58 -3.19 80.11
C LEU F 184 -9.90 -1.83 80.29
N ASN F 185 -8.79 -1.78 81.04
CA ASN F 185 -8.02 -0.55 81.26
C ASN F 185 -6.53 -0.88 81.11
N PRO F 186 -6.03 -1.09 79.90
CA PRO F 186 -4.62 -1.45 79.76
C PRO F 186 -3.70 -0.28 80.08
N LEU F 187 -2.83 -0.47 81.09
CA LEU F 187 -1.87 0.54 81.53
C LEU F 187 -0.45 0.14 81.14
N TYR F 188 0.03 -1.01 81.62
CA TYR F 188 1.36 -1.52 81.32
C TYR F 188 1.22 -2.80 80.49
N ARG F 189 2.38 -3.29 80.03
CA ARG F 189 2.37 -4.51 79.24
C ARG F 189 1.99 -5.73 80.07
N GLU F 190 1.46 -6.73 79.37
CA GLU F 190 1.05 -8.00 79.96
C GLU F 190 2.13 -9.07 79.77
N SER F 191 3.28 -8.71 79.18
CA SER F 191 4.36 -9.66 78.93
C SER F 191 5.04 -10.12 80.21
N VAL F 192 5.07 -9.27 81.23
CA VAL F 192 5.70 -9.73 82.47
C VAL F 192 4.82 -10.80 83.07
N LEU F 193 3.50 -10.71 82.89
CA LEU F 193 2.64 -11.75 83.44
C LEU F 193 2.80 -13.03 82.63
N GLN F 194 3.10 -12.93 81.31
CA GLN F 194 3.28 -14.16 80.54
C GLN F 194 4.64 -14.79 80.82
N MET F 195 5.62 -14.00 81.22
CA MET F 195 6.93 -14.55 81.54
C MET F 195 6.84 -15.29 82.86
N MET F 196 6.18 -14.64 83.84
CA MET F 196 6.01 -15.20 85.18
C MET F 196 4.57 -15.64 85.24
N GLN F 197 4.34 -16.90 84.90
CA GLN F 197 3.05 -17.57 84.90
C GLN F 197 3.02 -18.46 86.13
N ALA F 198 1.83 -18.89 86.53
CA ALA F 198 1.74 -19.74 87.69
C ALA F 198 2.05 -21.20 87.33
N GLY F 199 2.04 -21.56 86.04
CA GLY F 199 2.32 -22.91 85.60
C GLY F 199 3.79 -23.22 85.38
N GLN F 200 4.66 -22.21 85.43
CA GLN F 200 6.10 -22.38 85.26
C GLN F 200 6.81 -22.77 86.55
N ARG F 201 6.17 -22.54 87.70
CA ARG F 201 6.70 -22.84 89.02
C ARG F 201 8.01 -22.06 89.28
N VAL F 202 8.20 -20.92 88.61
CA VAL F 202 9.38 -20.07 88.75
C VAL F 202 9.12 -18.89 89.69
N VAL F 203 7.95 -18.86 90.34
CA VAL F 203 7.60 -17.76 91.26
C VAL F 203 8.14 -18.15 92.63
N ASP F 204 9.45 -18.03 92.78
CA ASP F 204 10.11 -18.38 94.05
C ASP F 204 9.75 -17.42 95.18
N ASN F 205 9.32 -16.19 94.87
CA ASN F 205 8.93 -15.19 95.87
C ASN F 205 7.53 -14.67 95.58
N PRO F 206 6.48 -15.36 96.06
CA PRO F 206 5.10 -14.88 95.78
C PRO F 206 4.76 -13.50 96.32
N ILE F 207 5.19 -13.12 97.54
CA ILE F 207 4.91 -11.79 98.08
C ILE F 207 5.38 -10.71 97.11
N TYR F 208 6.54 -10.92 96.51
CA TYR F 208 7.06 -9.96 95.53
C TYR F 208 6.18 -9.93 94.29
N LEU F 209 5.68 -11.08 93.84
CA LEU F 209 4.81 -11.07 92.66
C LEU F 209 3.51 -10.33 92.97
N SER F 210 2.97 -10.51 94.18
CA SER F 210 1.74 -9.81 94.52
C SER F 210 1.99 -8.32 94.63
N ASP F 211 3.15 -7.93 95.14
CA ASP F 211 3.49 -6.51 95.25
C ASP F 211 3.68 -5.91 93.87
N MET F 212 4.31 -6.66 92.97
CA MET F 212 4.49 -6.16 91.61
C MET F 212 3.13 -6.00 90.95
N GLY F 213 2.18 -6.89 91.30
CA GLY F 213 0.84 -6.79 90.75
C GLY F 213 0.13 -5.61 91.38
N ALA F 214 0.42 -5.35 92.66
CA ALA F 214 -0.17 -4.24 93.39
C ALA F 214 0.44 -2.91 92.95
N ALA F 215 1.60 -2.96 92.27
CA ALA F 215 2.23 -1.76 91.76
C ALA F 215 1.42 -1.16 90.63
N LEU F 216 0.61 -1.98 89.95
CA LEU F 216 -0.23 -1.51 88.85
C LEU F 216 -1.34 -0.60 89.36
N THR F 217 -1.70 -0.74 90.64
CA THR F 217 -2.74 0.08 91.25
C THR F 217 -2.36 1.55 91.19
N GLY F 218 -3.38 2.39 91.03
CA GLY F 218 -3.22 3.83 90.97
C GLY F 218 -3.42 4.54 92.29
N ALA F 219 -3.57 3.79 93.39
CA ALA F 219 -3.78 4.35 94.72
C ALA F 219 -2.66 5.32 95.11
N GLU F 220 -3.05 6.37 95.83
CA GLU F 220 -2.15 7.42 96.30
C GLU F 220 -1.03 6.82 97.13
N SER F 221 0.12 7.52 97.16
CA SER F 221 1.27 7.06 97.93
C SER F 221 0.90 6.77 99.37
N HIS F 222 0.13 7.68 100.00
CA HIS F 222 -0.32 7.48 101.37
C HIS F 222 -0.98 6.11 101.51
N GLU F 223 -1.89 5.80 100.59
CA GLU F 223 -2.57 4.49 100.58
C GLU F 223 -1.56 3.35 100.47
N LEU F 224 -0.50 3.55 99.66
CA LEU F 224 0.51 2.49 99.52
C LEU F 224 1.19 2.26 100.85
N GLN F 225 1.53 3.34 101.54
CA GLN F 225 2.17 3.23 102.84
C GLN F 225 1.24 2.50 103.81
N ASP F 226 -0.06 2.83 103.75
CA ASP F 226 -1.02 2.18 104.63
C ASP F 226 -1.11 0.69 104.32
N VAL F 227 -1.05 0.32 103.05
CA VAL F 227 -1.12 -1.09 102.70
C VAL F 227 0.16 -1.79 103.18
N LEU F 228 1.28 -1.06 103.17
CA LEU F 228 2.54 -1.63 103.62
C LEU F 228 2.58 -1.80 105.14
N GLU F 229 1.84 -0.94 105.88
CA GLU F 229 1.81 -1.05 107.34
C GLU F 229 1.26 -2.40 107.78
N GLU F 230 0.33 -2.97 107.02
CA GLU F 230 -0.27 -4.24 107.36
C GLU F 230 0.85 -5.27 107.38
N THR F 231 0.88 -6.11 108.43
CA THR F 231 1.90 -7.13 108.56
C THR F 231 1.41 -8.50 108.12
N ASN F 232 0.25 -8.93 108.61
CA ASN F 232 -0.24 -10.25 108.22
C ASN F 232 -0.53 -10.26 106.72
N ILE F 233 -0.30 -11.39 106.09
CA ILE F 233 -0.51 -11.55 104.65
C ILE F 233 -1.99 -11.53 104.28
N PRO F 234 -2.92 -12.16 105.01
CA PRO F 234 -4.32 -12.03 104.57
C PRO F 234 -4.80 -10.61 104.73
N LYS F 235 -4.35 -9.90 105.76
CA LYS F 235 -4.77 -8.51 105.94
C LYS F 235 -4.36 -7.65 104.75
N ARG F 236 -3.08 -7.69 104.36
CA ARG F 236 -2.66 -6.86 103.21
C ARG F 236 -3.32 -7.34 101.93
N LEU F 237 -3.49 -8.65 101.77
CA LEU F 237 -4.11 -9.15 100.55
C LEU F 237 -5.57 -8.70 100.45
N TYR F 238 -6.28 -8.74 101.58
CA TYR F 238 -7.67 -8.33 101.56
C TYR F 238 -7.78 -6.83 101.36
N LYS F 239 -6.89 -6.05 102.01
CA LYS F 239 -6.90 -4.61 101.83
C LYS F 239 -6.57 -4.23 100.40
N ALA F 240 -5.58 -4.93 99.81
CA ALA F 240 -5.20 -4.69 98.43
C ALA F 240 -6.37 -4.98 97.50
N LEU F 241 -7.07 -6.11 97.72
CA LEU F 241 -8.22 -6.43 96.87
C LEU F 241 -9.31 -5.38 97.04
N SER F 242 -9.57 -4.92 98.26
CA SER F 242 -10.59 -3.90 98.47
C SER F 242 -10.21 -2.62 97.74
N LEU F 243 -8.92 -2.26 97.80
CA LEU F 243 -8.46 -1.08 97.08
C LEU F 243 -8.64 -1.29 95.58
N LEU F 244 -8.41 -2.52 95.12
CA LEU F 244 -8.63 -2.84 93.70
C LEU F 244 -10.11 -2.70 93.36
N LYS F 245 -10.99 -3.09 94.29
CA LYS F 245 -12.42 -3.00 94.05
C LYS F 245 -12.83 -1.54 93.89
N LYS F 246 -12.36 -0.68 94.80
CA LYS F 246 -12.76 0.73 94.73
C LYS F 246 -12.19 1.40 93.48
N GLU F 247 -10.92 1.10 93.14
CA GLU F 247 -10.32 1.73 91.96
C GLU F 247 -11.01 1.27 90.69
N PHE F 248 -11.32 -0.03 90.61
CA PHE F 248 -12.04 -0.55 89.46
C PHE F 248 -13.43 0.04 89.40
N GLU F 249 -14.07 0.30 90.56
CA GLU F 249 -15.39 0.93 90.52
C GLU F 249 -15.32 2.36 90.03
N LEU F 250 -14.25 3.09 90.38
CA LEU F 250 -14.12 4.46 89.89
C LEU F 250 -13.89 4.46 88.39
N SER F 251 -12.94 3.63 87.94
CA SER F 251 -12.63 3.56 86.52
C SER F 251 -13.84 3.10 85.71
N LYS F 252 -14.65 2.20 86.28
CA LYS F 252 -15.81 1.70 85.55
C LYS F 252 -16.86 2.80 85.42
N LEU F 253 -17.15 3.51 86.52
CA LEU F 253 -18.15 4.57 86.42
C LEU F 253 -17.68 5.66 85.46
N GLN F 254 -16.37 5.94 85.43
CA GLN F 254 -15.86 6.93 84.48
C GLN F 254 -15.94 6.42 83.06
N GLN F 255 -15.60 5.14 82.83
CA GLN F 255 -15.67 4.58 81.48
C GLN F 255 -17.11 4.60 81.00
N ARG F 256 -18.07 4.37 81.90
CA ARG F 256 -19.47 4.36 81.51
C ARG F 256 -19.97 5.78 81.25
N LEU F 257 -19.61 6.73 82.12
CA LEU F 257 -20.01 8.12 81.91
C LEU F 257 -19.39 8.65 80.61
N GLY F 258 -18.16 8.23 80.32
CA GLY F 258 -17.51 8.67 79.12
C GLY F 258 -18.13 8.03 77.90
N ARG F 259 -18.56 6.77 78.02
CA ARG F 259 -19.29 6.13 76.94
C ARG F 259 -20.62 6.82 76.72
N GLU F 260 -21.25 7.31 77.79
CA GLU F 260 -22.50 8.01 77.62
C GLU F 260 -22.27 9.34 76.92
N VAL F 261 -21.23 10.07 77.34
CA VAL F 261 -20.89 11.33 76.70
C VAL F 261 -20.53 11.08 75.24
N GLU F 262 -19.74 10.02 74.98
CA GLU F 262 -19.32 9.70 73.63
C GLU F 262 -20.54 9.39 72.78
N GLU F 263 -21.55 8.75 73.37
CA GLU F 263 -22.79 8.51 72.66
C GLU F 263 -23.49 9.84 72.37
N LYS F 264 -23.43 10.77 73.33
CA LYS F 264 -24.06 12.08 73.15
C LYS F 264 -23.37 12.86 72.05
N ILE F 265 -22.08 12.57 71.82
CA ILE F 265 -21.35 13.16 70.70
C ILE F 265 -21.68 12.40 69.43
N LYS F 266 -21.94 11.10 69.52
CA LYS F 266 -22.35 10.28 68.40
C LYS F 266 -23.73 10.67 67.90
N GLN F 267 -24.53 11.36 68.72
CA GLN F 267 -25.85 11.86 68.32
C GLN F 267 -25.81 12.76 67.09
N THR F 268 -24.66 13.38 66.81
CA THR F 268 -24.49 14.18 65.59
C THR F 268 -24.80 13.32 64.36
N HIS F 269 -25.56 13.90 63.45
CA HIS F 269 -26.12 13.15 62.33
C HIS F 269 -25.09 12.75 61.29
N ARG F 270 -25.41 11.67 60.59
CA ARG F 270 -24.55 11.14 59.56
C ARG F 270 -24.48 12.06 58.35
N LYS F 271 -25.48 12.92 58.17
CA LYS F 271 -25.42 13.92 57.11
C LYS F 271 -24.21 14.81 57.29
N TYR F 272 -23.85 15.09 58.55
CA TYR F 272 -22.68 15.91 58.84
C TYR F 272 -21.43 15.17 58.40
N LEU F 273 -21.41 13.85 58.59
CA LEU F 273 -20.25 13.07 58.19
C LEU F 273 -20.14 13.08 56.66
N LEU F 274 -21.25 12.88 55.96
CA LEU F 274 -21.21 12.90 54.50
C LEU F 274 -20.85 14.29 54.00
N GLN F 275 -21.26 15.32 54.73
CA GLN F 275 -20.86 16.69 54.43
C GLN F 275 -19.37 16.87 54.65
N GLU F 276 -18.82 16.18 55.65
CA GLU F 276 -17.38 16.24 55.88
C GLU F 276 -16.66 15.61 54.71
N GLN F 277 -17.15 14.47 54.21
CA GLN F 277 -16.50 13.88 53.04
C GLN F 277 -16.61 14.81 51.85
N LEU F 278 -17.70 15.57 51.76
CA LEU F 278 -17.86 16.52 50.68
C LEU F 278 -16.83 17.64 50.76
N LYS F 279 -16.68 18.22 51.96
CA LYS F 279 -15.69 19.28 52.12
C LYS F 279 -14.27 18.75 51.94
N ILE F 280 -14.04 17.48 52.31
CA ILE F 280 -12.72 16.88 52.07
C ILE F 280 -12.47 16.80 50.59
N ILE F 281 -13.52 16.53 49.82
CA ILE F 281 -13.35 16.50 48.37
C ILE F 281 -12.98 17.89 47.91
N LYS F 282 -13.72 18.88 48.40
CA LYS F 282 -13.53 20.25 47.93
C LYS F 282 -12.17 20.79 48.34
N LYS F 283 -11.71 20.47 49.56
CA LYS F 283 -10.53 21.12 50.09
C LYS F 283 -9.30 20.34 49.64
N GLU F 284 -9.09 20.39 48.34
CA GLU F 284 -7.98 19.66 47.75
C GLU F 284 -7.51 20.42 46.53
N LEU F 285 -6.23 20.24 46.17
CA LEU F 285 -5.67 20.90 45.00
C LEU F 285 -5.26 19.82 44.02
N GLY F 286 -6.28 19.09 43.59
CA GLY F 286 -6.23 17.98 42.65
C GLY F 286 -7.61 17.63 42.10
N LEU F 287 -8.54 18.57 42.19
CA LEU F 287 -9.93 18.48 41.78
C LEU F 287 -10.06 18.84 40.30
N GLU F 288 -11.30 19.04 39.85
CA GLU F 288 -11.63 19.33 38.46
C GLU F 288 -10.84 20.52 37.89
N LYS F 289 -10.18 20.27 36.75
CA LYS F 289 -9.38 21.28 36.05
C LYS F 289 -10.17 22.53 35.76
N ASP F 290 -9.53 23.69 35.99
CA ASP F 290 -10.18 24.95 35.69
C ASP F 290 -10.35 25.12 34.20
N ASP F 291 -9.34 24.68 33.44
CA ASP F 291 -9.36 24.76 31.99
C ASP F 291 -10.52 23.96 31.42
N LYS F 292 -10.72 22.76 31.94
CA LYS F 292 -11.82 21.95 31.44
C LYS F 292 -13.14 22.58 31.78
N ASP F 293 -13.28 23.13 32.98
CA ASP F 293 -14.54 23.78 33.33
C ASP F 293 -14.82 24.96 32.42
N ALA F 294 -13.76 25.67 32.01
CA ALA F 294 -13.97 26.80 31.15
C ALA F 294 -14.43 26.35 29.77
N ILE F 295 -13.81 25.31 29.25
CA ILE F 295 -14.25 24.77 27.97
C ILE F 295 -15.66 24.18 28.10
N GLU F 296 -15.95 23.59 29.26
CA GLU F 296 -17.25 22.98 29.50
C GLU F 296 -18.34 24.02 29.37
N GLU F 297 -18.23 25.07 30.16
CA GLU F 297 -19.19 26.15 30.07
C GLU F 297 -19.16 26.78 28.69
N LYS F 298 -17.99 26.85 28.06
CA LYS F 298 -17.89 27.52 26.77
C LYS F 298 -18.69 26.79 25.70
N PHE F 299 -18.49 25.49 25.60
CA PHE F 299 -19.28 24.74 24.65
C PHE F 299 -20.75 24.69 25.03
N ARG F 300 -21.07 24.69 26.33
CA ARG F 300 -22.48 24.72 26.69
C ARG F 300 -23.13 26.01 26.21
N GLU F 301 -22.52 27.16 26.51
CA GLU F 301 -23.09 28.40 26.01
C GLU F 301 -23.08 28.40 24.49
N ARG F 302 -22.12 27.72 23.87
CA ARG F 302 -22.12 27.62 22.43
C ARG F 302 -23.37 26.91 21.94
N LEU F 303 -23.82 25.90 22.69
CA LEU F 303 -25.05 25.21 22.33
C LEU F 303 -26.29 25.89 22.84
N LYS F 304 -26.16 26.93 23.66
CA LYS F 304 -27.28 27.48 24.41
C LYS F 304 -28.39 27.97 23.50
N GLU F 305 -28.04 28.45 22.32
CA GLU F 305 -28.91 29.21 21.46
C GLU F 305 -29.28 28.45 20.20
N LEU F 306 -28.60 27.36 19.91
CA LEU F 306 -28.86 26.62 18.70
C LEU F 306 -30.09 25.74 18.81
N VAL F 307 -30.73 25.50 17.68
CA VAL F 307 -31.85 24.55 17.60
C VAL F 307 -31.16 23.21 17.41
N VAL F 308 -30.73 22.65 18.53
CA VAL F 308 -29.88 21.47 18.58
C VAL F 308 -30.65 20.14 18.45
N PRO F 309 -30.33 19.29 17.47
CA PRO F 309 -30.90 17.93 17.45
C PRO F 309 -30.45 17.05 18.60
N LYS F 310 -31.34 16.12 18.96
CA LYS F 310 -31.14 15.26 20.13
C LYS F 310 -29.87 14.45 20.04
N HIS F 311 -29.51 14.04 18.83
CA HIS F 311 -28.34 13.19 18.61
C HIS F 311 -27.11 13.90 19.12
N VAL F 312 -26.87 15.08 18.58
CA VAL F 312 -25.72 15.83 18.98
C VAL F 312 -25.81 16.21 20.44
N MET F 313 -27.03 16.42 20.98
CA MET F 313 -27.09 16.81 22.39
C MET F 313 -26.55 15.72 23.29
N ASP F 314 -27.10 14.51 23.16
CA ASP F 314 -26.66 13.46 24.08
C ASP F 314 -25.21 13.09 23.85
N VAL F 315 -24.78 13.13 22.58
CA VAL F 315 -23.40 12.78 22.32
C VAL F 315 -22.50 13.82 22.95
N VAL F 316 -22.90 15.08 22.88
CA VAL F 316 -22.11 16.14 23.47
C VAL F 316 -22.07 16.01 24.97
N ASP F 317 -23.17 15.58 25.57
CA ASP F 317 -23.16 15.47 27.02
C ASP F 317 -22.26 14.34 27.48
N GLU F 318 -22.38 13.17 26.85
CA GLU F 318 -21.52 12.07 27.25
C GLU F 318 -20.06 12.43 26.99
N GLU F 319 -19.78 13.08 25.88
CA GLU F 319 -18.40 13.45 25.65
C GLU F 319 -17.94 14.49 26.64
N LEU F 320 -18.82 15.37 27.10
CA LEU F 320 -18.41 16.34 28.09
C LEU F 320 -18.09 15.67 29.40
N SER F 321 -18.84 14.61 29.75
CA SER F 321 -18.47 13.84 30.93
C SER F 321 -17.09 13.25 30.73
N LYS F 322 -16.85 12.72 29.54
CA LYS F 322 -15.52 12.17 29.25
C LYS F 322 -14.48 13.27 29.34
N LEU F 323 -14.83 14.49 28.96
CA LEU F 323 -13.90 15.60 29.09
C LEU F 323 -13.60 15.87 30.55
N GLY F 324 -14.61 15.77 31.41
CA GLY F 324 -14.39 16.01 32.81
C GLY F 324 -13.50 14.95 33.40
N LEU F 325 -13.68 13.73 32.96
CA LEU F 325 -12.95 12.61 33.51
C LEU F 325 -11.47 12.72 33.17
N LEU F 326 -11.17 13.10 31.94
CA LEU F 326 -9.82 12.93 31.46
C LEU F 326 -8.87 13.98 31.98
N ASP F 327 -7.60 13.58 32.02
CA ASP F 327 -6.47 14.41 32.34
C ASP F 327 -6.21 15.42 31.23
N ASN F 328 -5.56 16.50 31.62
CA ASN F 328 -5.44 17.69 30.78
C ASN F 328 -4.45 17.56 29.63
N HIS F 329 -3.63 16.50 29.59
CA HIS F 329 -2.59 16.36 28.57
C HIS F 329 -2.69 15.12 27.69
N SER F 330 -3.56 14.16 28.00
CA SER F 330 -3.66 12.99 27.14
C SER F 330 -4.12 13.34 25.73
N SER F 331 -3.59 12.58 24.77
CA SER F 331 -3.86 12.88 23.38
C SER F 331 -5.35 12.72 23.10
N GLU F 332 -5.96 11.73 23.74
CA GLU F 332 -7.39 11.52 23.58
C GLU F 332 -8.16 12.68 24.15
N PHE F 333 -7.69 13.25 25.25
CA PHE F 333 -8.36 14.41 25.82
C PHE F 333 -8.31 15.58 24.87
N ASN F 334 -7.19 15.76 24.21
CA ASN F 334 -7.10 16.86 23.28
C ASN F 334 -7.92 16.59 22.04
N VAL F 335 -7.87 15.36 21.54
CA VAL F 335 -8.64 14.99 20.36
C VAL F 335 -10.12 15.17 20.66
N THR F 336 -10.51 14.85 21.88
CA THR F 336 -11.89 14.98 22.27
C THR F 336 -12.28 16.43 22.29
N ARG F 337 -11.41 17.27 22.85
CA ARG F 337 -11.69 18.70 22.90
C ARG F 337 -11.81 19.24 21.49
N ASN F 338 -10.95 18.75 20.61
CA ASN F 338 -10.98 19.21 19.24
C ASN F 338 -12.25 18.78 18.55
N TYR F 339 -12.61 17.51 18.70
CA TYR F 339 -13.79 17.00 18.03
C TYR F 339 -15.02 17.68 18.55
N LEU F 340 -15.09 17.83 19.85
CA LEU F 340 -16.26 18.43 20.42
C LEU F 340 -16.34 19.87 19.99
N ASP F 341 -15.19 20.51 19.78
CA ASP F 341 -15.22 21.86 19.28
C ASP F 341 -15.81 21.85 17.89
N TRP F 342 -15.33 20.94 17.04
CA TRP F 342 -15.86 20.88 15.69
C TRP F 342 -17.33 20.58 15.65
N LEU F 343 -17.82 19.82 16.61
CA LEU F 343 -19.23 19.48 16.56
C LEU F 343 -20.04 20.66 17.02
N THR F 344 -19.64 21.21 18.15
CA THR F 344 -20.35 22.32 18.72
C THR F 344 -20.24 23.54 17.83
N SER F 345 -19.18 23.63 17.03
CA SER F 345 -19.02 24.80 16.20
C SER F 345 -20.07 24.86 15.11
N ILE F 346 -20.61 23.71 14.72
CA ILE F 346 -21.52 23.67 13.57
C ILE F 346 -22.79 24.45 13.94
N PRO F 347 -23.39 25.23 13.02
CA PRO F 347 -24.73 25.74 13.29
C PRO F 347 -25.72 24.59 13.42
N TRP F 348 -26.69 24.77 14.31
CA TRP F 348 -27.68 23.73 14.57
C TRP F 348 -29.05 24.38 14.55
N GLY F 349 -29.64 24.36 13.35
CA GLY F 349 -30.93 24.93 13.07
C GLY F 349 -30.94 26.40 12.78
N LYS F 350 -29.78 27.06 12.70
CA LYS F 350 -29.75 28.44 12.21
C LYS F 350 -30.05 28.47 10.72
N TYR F 351 -30.76 29.53 10.30
CA TYR F 351 -31.23 29.68 8.92
C TYR F 351 -30.99 31.11 8.48
N SER F 352 -30.03 31.29 7.58
CA SER F 352 -29.79 32.61 7.03
C SER F 352 -31.03 33.10 6.31
N ASN F 353 -31.41 34.33 6.58
CA ASN F 353 -32.65 34.83 6.02
C ASN F 353 -32.48 34.98 4.52
N GLU F 354 -33.49 34.56 3.78
CA GLU F 354 -33.49 34.61 2.33
C GLU F 354 -34.05 35.93 1.83
N ASN F 355 -33.71 36.26 0.59
CA ASN F 355 -34.34 37.39 -0.05
C ASN F 355 -35.76 37.00 -0.42
N LEU F 356 -36.64 37.99 -0.49
CA LEU F 356 -38.04 37.78 -0.78
C LEU F 356 -38.52 38.57 -1.98
N ASP F 357 -38.09 39.83 -2.14
CA ASP F 357 -38.62 40.65 -3.23
C ASP F 357 -38.26 40.04 -4.55
N LEU F 358 -39.25 39.92 -5.42
CA LEU F 358 -38.99 39.31 -6.71
C LEU F 358 -38.47 40.33 -7.71
N ALA F 359 -39.10 41.49 -7.75
CA ALA F 359 -38.65 42.52 -8.68
C ALA F 359 -37.25 42.98 -8.33
N ARG F 360 -36.95 43.07 -7.04
CA ARG F 360 -35.64 43.51 -6.62
C ARG F 360 -34.57 42.51 -6.99
N ALA F 361 -34.81 41.25 -6.69
CA ALA F 361 -33.82 40.22 -7.00
C ALA F 361 -33.65 40.10 -8.50
N GLN F 362 -34.75 40.20 -9.24
CA GLN F 362 -34.68 40.09 -10.68
C GLN F 362 -33.88 41.24 -11.25
N ALA F 363 -34.11 42.43 -10.74
CA ALA F 363 -33.42 43.59 -11.24
C ALA F 363 -31.93 43.45 -10.96
N VAL F 364 -31.59 42.99 -9.76
CA VAL F 364 -30.19 42.90 -9.40
C VAL F 364 -29.50 41.86 -10.26
N LEU F 365 -30.19 40.76 -10.55
CA LEU F 365 -29.59 39.75 -11.40
C LEU F 365 -29.44 40.29 -12.81
N GLU F 366 -30.36 41.15 -13.22
CA GLU F 366 -30.26 41.70 -14.56
C GLU F 366 -29.24 42.81 -14.59
N GLU F 367 -28.79 43.27 -13.43
CA GLU F 367 -27.87 44.37 -13.35
C GLU F 367 -26.51 43.96 -13.89
N ASP F 368 -26.18 42.67 -13.81
CA ASP F 368 -24.81 42.21 -13.92
C ASP F 368 -24.67 41.01 -14.83
N HIS F 369 -25.70 40.69 -15.62
CA HIS F 369 -25.66 39.55 -16.53
C HIS F 369 -26.68 39.83 -17.63
N TYR F 370 -26.19 40.25 -18.78
CA TYR F 370 -27.09 40.47 -19.90
C TYR F 370 -27.55 39.16 -20.50
N GLY F 371 -28.80 39.13 -20.95
CA GLY F 371 -29.28 37.95 -21.63
C GLY F 371 -29.61 36.80 -20.70
N MET F 372 -29.69 35.61 -21.31
CA MET F 372 -30.00 34.33 -20.68
C MET F 372 -31.18 34.45 -19.72
N GLU F 373 -32.31 34.81 -20.33
CA GLU F 373 -33.52 34.97 -19.55
C GLU F 373 -34.05 33.66 -19.01
N ASP F 374 -33.83 32.54 -19.71
CA ASP F 374 -34.53 31.32 -19.34
C ASP F 374 -34.10 30.82 -17.97
N VAL F 375 -32.80 30.86 -17.70
CA VAL F 375 -32.34 30.42 -16.41
C VAL F 375 -32.88 31.36 -15.35
N LYS F 376 -32.94 32.64 -15.68
CA LYS F 376 -33.51 33.61 -14.76
C LYS F 376 -34.95 33.30 -14.49
N LYS F 377 -35.67 32.83 -15.50
CA LYS F 377 -37.07 32.50 -15.32
C LYS F 377 -37.18 31.37 -14.33
N ARG F 378 -36.30 30.39 -14.48
CA ARG F 378 -36.35 29.24 -13.58
C ARG F 378 -36.04 29.66 -12.15
N ILE F 379 -35.13 30.61 -11.98
CA ILE F 379 -34.78 30.99 -10.62
C ILE F 379 -35.85 31.86 -10.00
N LEU F 380 -36.48 32.74 -10.80
CA LEU F 380 -37.64 33.49 -10.31
C LEU F 380 -38.68 32.52 -9.82
N GLU F 381 -38.89 31.49 -10.61
CA GLU F 381 -39.90 30.52 -10.29
C GLU F 381 -39.52 29.76 -9.03
N PHE F 382 -38.23 29.46 -8.85
CA PHE F 382 -37.85 28.74 -7.66
C PHE F 382 -38.14 29.61 -6.45
N ILE F 383 -37.78 30.88 -6.58
CA ILE F 383 -37.99 31.82 -5.50
C ILE F 383 -39.46 31.85 -5.16
N ALA F 384 -40.28 31.83 -6.21
CA ALA F 384 -41.72 31.92 -6.02
C ALA F 384 -42.20 30.73 -5.19
N VAL F 385 -41.83 29.52 -5.61
CA VAL F 385 -42.37 28.35 -4.92
C VAL F 385 -41.86 28.32 -3.49
N SER F 386 -40.62 28.75 -3.27
CA SER F 386 -40.10 28.68 -1.92
C SER F 386 -40.83 29.66 -1.03
N GLN F 387 -41.13 30.83 -1.57
CA GLN F 387 -41.94 31.76 -0.84
C GLN F 387 -43.34 31.25 -0.64
N LEU F 388 -43.84 30.51 -1.61
CA LEU F 388 -45.24 30.15 -1.55
C LEU F 388 -45.50 29.12 -0.49
N ARG F 389 -44.59 28.16 -0.33
CA ARG F 389 -44.77 27.11 0.66
C ARG F 389 -43.86 27.39 1.83
N GLY F 390 -44.11 28.51 2.50
CA GLY F 390 -43.44 28.78 3.75
C GLY F 390 -41.93 28.81 3.64
N SER F 391 -41.32 28.00 4.51
CA SER F 391 -39.89 28.03 4.76
C SER F 391 -39.09 27.54 3.55
N THR F 392 -37.84 27.98 3.54
CA THR F 392 -36.95 27.68 2.43
C THR F 392 -36.70 26.18 2.36
N GLN F 393 -36.52 25.71 1.12
CA GLN F 393 -36.15 24.33 0.85
C GLN F 393 -35.02 24.37 -0.16
N GLY F 394 -34.16 23.36 -0.12
CA GLY F 394 -32.93 23.39 -0.89
C GLY F 394 -32.84 22.34 -1.97
N LYS F 395 -32.78 22.78 -3.22
CA LYS F 395 -32.74 21.93 -4.40
C LYS F 395 -31.41 22.00 -5.13
N ILE F 396 -30.93 20.82 -5.53
CA ILE F 396 -29.77 20.73 -6.39
C ILE F 396 -30.19 21.19 -7.78
N LEU F 397 -29.24 21.64 -8.58
CA LEU F 397 -29.49 21.86 -10.00
C LEU F 397 -28.18 21.97 -10.78
N CYS F 398 -28.25 21.65 -12.08
CA CYS F 398 -27.06 21.34 -12.88
C CYS F 398 -27.08 21.96 -14.28
N PHE F 399 -26.30 23.00 -14.45
CA PHE F 399 -26.10 23.66 -15.73
C PHE F 399 -25.18 22.87 -16.67
N TYR F 400 -25.34 23.16 -17.97
CA TYR F 400 -24.36 22.59 -18.88
C TYR F 400 -24.41 23.37 -20.18
N GLY F 401 -23.26 23.43 -20.84
CA GLY F 401 -23.14 24.18 -22.07
C GLY F 401 -21.71 24.43 -22.51
N PRO F 402 -21.57 25.22 -23.57
CA PRO F 402 -20.22 25.53 -24.08
C PRO F 402 -19.42 26.32 -23.07
N PRO F 403 -18.09 26.12 -23.04
CA PRO F 403 -17.27 26.80 -22.03
C PRO F 403 -17.28 28.30 -22.21
N GLY F 404 -17.19 29.03 -21.10
CA GLY F 404 -17.07 30.45 -21.21
C GLY F 404 -18.36 31.18 -21.43
N VAL F 405 -19.49 30.49 -21.34
CA VAL F 405 -20.78 31.12 -21.59
C VAL F 405 -21.25 31.93 -20.39
N GLY F 406 -20.51 31.91 -19.29
CA GLY F 406 -20.94 32.49 -18.04
C GLY F 406 -21.46 31.49 -17.05
N LYS F 407 -21.27 30.18 -17.30
CA LYS F 407 -21.90 29.16 -16.47
C LYS F 407 -21.47 29.25 -15.02
N THR F 408 -20.24 29.66 -14.80
CA THR F 408 -19.67 29.78 -13.47
C THR F 408 -19.80 31.20 -12.94
N SER F 409 -19.87 32.18 -13.83
CA SER F 409 -19.87 33.58 -13.42
C SER F 409 -21.22 34.10 -13.00
N ILE F 410 -22.27 33.30 -13.09
CA ILE F 410 -23.58 33.73 -12.64
C ILE F 410 -23.85 33.42 -11.19
N ALA F 411 -23.26 32.32 -10.69
CA ALA F 411 -23.56 31.79 -9.37
C ALA F 411 -23.43 32.84 -8.30
N ARG F 412 -22.30 33.55 -8.31
CA ARG F 412 -22.02 34.56 -7.31
C ARG F 412 -23.16 35.56 -7.24
N SER F 413 -23.55 36.09 -8.41
CA SER F 413 -24.61 37.08 -8.43
C SER F 413 -25.91 36.48 -7.94
N ILE F 414 -26.17 35.22 -8.34
CA ILE F 414 -27.39 34.55 -7.90
C ILE F 414 -27.44 34.52 -6.39
N ALA F 415 -26.35 34.05 -5.77
CA ALA F 415 -26.33 33.94 -4.33
C ALA F 415 -26.45 35.30 -3.66
N ARG F 416 -26.04 36.34 -4.38
CA ARG F 416 -26.13 37.67 -3.83
C ARG F 416 -27.56 38.14 -3.78
N ALA F 417 -28.31 37.80 -4.82
CA ALA F 417 -29.68 38.25 -4.83
C ALA F 417 -30.48 37.38 -3.88
N LEU F 418 -30.28 36.08 -3.98
CA LEU F 418 -31.02 35.18 -3.11
C LEU F 418 -30.54 35.29 -1.68
N ASN F 419 -29.35 35.82 -1.46
CA ASN F 419 -28.83 36.28 -0.19
C ASN F 419 -28.32 35.14 0.69
N ARG F 420 -28.44 33.88 0.30
CA ARG F 420 -27.76 32.88 1.11
C ARG F 420 -26.28 32.89 0.75
N GLU F 421 -25.45 32.44 1.69
CA GLU F 421 -24.01 32.48 1.46
C GLU F 421 -23.59 31.58 0.32
N TYR F 422 -22.54 32.01 -0.36
CA TYR F 422 -22.03 31.41 -1.57
C TYR F 422 -20.76 30.62 -1.31
N PHE F 423 -20.58 29.56 -2.08
CA PHE F 423 -19.33 28.85 -1.97
C PHE F 423 -19.17 27.97 -3.19
N ARG F 424 -18.15 28.26 -3.98
CA ARG F 424 -17.85 27.39 -5.10
C ARG F 424 -17.11 26.20 -4.57
N PHE F 425 -17.03 25.17 -5.40
CA PHE F 425 -16.44 23.93 -4.95
C PHE F 425 -15.89 23.23 -6.18
N SER F 426 -14.61 23.42 -6.45
CA SER F 426 -14.04 22.75 -7.59
C SER F 426 -14.03 21.26 -7.26
N VAL F 427 -14.33 20.42 -8.24
CA VAL F 427 -14.22 18.98 -8.08
C VAL F 427 -13.48 18.30 -9.22
N GLY F 428 -12.94 19.06 -10.17
CA GLY F 428 -12.27 18.45 -11.29
C GLY F 428 -11.08 17.65 -10.84
N GLY F 429 -11.04 16.37 -11.21
CA GLY F 429 -9.90 15.55 -10.87
C GLY F 429 -9.88 15.04 -9.45
N MET F 430 -10.87 15.34 -8.63
CA MET F 430 -10.86 14.85 -7.26
C MET F 430 -10.93 13.34 -7.25
N THR F 431 -10.21 12.75 -6.34
CA THR F 431 -10.12 11.31 -6.18
C THR F 431 -10.30 10.85 -4.75
N ASP F 432 -9.77 11.57 -3.79
CA ASP F 432 -9.81 11.11 -2.41
C ASP F 432 -11.20 11.32 -1.83
N VAL F 433 -11.89 10.22 -1.55
CA VAL F 433 -13.24 10.31 -1.01
C VAL F 433 -13.23 10.95 0.37
N ALA F 434 -12.11 10.85 1.09
CA ALA F 434 -12.06 11.35 2.46
C ALA F 434 -12.34 12.84 2.50
N GLU F 435 -12.03 13.57 1.42
CA GLU F 435 -12.30 14.99 1.39
C GLU F 435 -13.78 15.22 1.55
N ILE F 436 -14.59 14.30 1.03
CA ILE F 436 -16.01 14.40 1.20
C ILE F 436 -16.48 13.73 2.48
N LYS F 437 -15.62 12.92 3.14
CA LYS F 437 -16.04 12.14 4.29
C LYS F 437 -15.13 12.23 5.49
N GLY F 438 -14.09 13.05 5.44
CA GLY F 438 -13.25 13.19 6.61
C GLY F 438 -12.52 11.86 6.80
N HIS F 439 -12.11 11.63 8.05
CA HIS F 439 -11.42 10.42 8.43
C HIS F 439 -12.02 9.93 9.73
N ARG F 440 -11.47 8.85 10.27
CA ARG F 440 -12.15 8.19 11.37
C ARG F 440 -12.02 8.88 12.71
N ARG F 441 -11.20 9.94 12.83
CA ARG F 441 -10.91 10.74 14.00
C ARG F 441 -9.98 10.01 14.97
N THR F 442 -9.69 8.73 14.75
CA THR F 442 -8.72 8.03 15.56
C THR F 442 -7.34 8.19 14.97
N TYR F 443 -7.28 8.45 13.68
CA TYR F 443 -6.01 8.73 13.02
C TYR F 443 -5.46 10.04 13.57
N VAL F 444 -4.15 10.18 13.58
CA VAL F 444 -3.56 11.45 13.97
C VAL F 444 -3.94 12.49 12.93
N GLY F 445 -4.35 13.66 13.40
CA GLY F 445 -4.56 14.77 12.50
C GLY F 445 -5.80 14.71 11.65
N ALA F 446 -6.75 13.81 11.94
CA ALA F 446 -7.93 13.66 11.10
C ALA F 446 -8.75 14.94 11.11
N MET F 447 -9.36 15.25 9.97
CA MET F 447 -10.17 16.46 9.81
C MET F 447 -11.45 16.16 9.06
N PRO F 448 -12.53 16.90 9.36
CA PRO F 448 -13.82 16.58 8.73
C PRO F 448 -13.76 16.87 7.24
N GLY F 449 -14.60 16.17 6.48
CA GLY F 449 -14.68 16.39 5.05
C GLY F 449 -14.85 17.86 4.69
N LYS F 450 -14.58 18.23 3.44
CA LYS F 450 -14.50 19.64 3.11
C LYS F 450 -15.85 20.33 3.22
N ILE F 451 -16.93 19.61 2.92
CA ILE F 451 -18.22 20.29 2.88
C ILE F 451 -18.56 20.77 4.28
N ILE F 452 -18.19 20.00 5.29
CA ILE F 452 -18.43 20.47 6.64
C ILE F 452 -17.56 21.65 6.93
N GLN F 453 -16.37 21.71 6.35
CA GLN F 453 -15.56 22.92 6.50
C GLN F 453 -16.28 24.09 5.88
N CYS F 454 -16.95 23.84 4.75
CA CYS F 454 -17.72 24.88 4.12
C CYS F 454 -18.85 25.32 5.01
N LEU F 455 -19.43 24.37 5.73
CA LEU F 455 -20.53 24.74 6.59
C LEU F 455 -20.00 25.60 7.73
N LYS F 456 -18.89 25.17 8.33
CA LYS F 456 -18.36 25.90 9.47
C LYS F 456 -17.90 27.28 9.06
N LYS F 457 -17.48 27.43 7.81
CA LYS F 457 -16.99 28.71 7.35
C LYS F 457 -18.13 29.60 6.91
N THR F 458 -19.09 29.03 6.20
CA THR F 458 -20.28 29.76 5.79
C THR F 458 -21.13 30.15 6.97
N LYS F 459 -21.05 29.41 8.08
CA LYS F 459 -21.73 29.77 9.31
C LYS F 459 -23.24 29.82 9.11
N THR F 460 -23.76 28.99 8.20
CA THR F 460 -25.20 28.90 7.98
C THR F 460 -25.51 27.53 7.43
N GLU F 461 -26.69 27.02 7.78
CA GLU F 461 -27.08 25.69 7.35
C GLU F 461 -27.78 25.70 6.01
N ASN F 462 -27.94 26.87 5.39
CA ASN F 462 -28.56 26.96 4.08
C ASN F 462 -27.76 27.86 3.13
N PRO F 463 -26.54 27.46 2.77
CA PRO F 463 -25.74 28.15 1.75
C PRO F 463 -26.00 27.68 0.32
N LEU F 464 -25.46 28.45 -0.62
CA LEU F 464 -25.51 28.14 -2.06
C LEU F 464 -24.21 27.47 -2.50
N ILE F 465 -24.03 26.26 -2.00
CA ILE F 465 -22.85 25.50 -2.37
C ILE F 465 -22.86 25.37 -3.89
N LEU F 466 -21.70 25.49 -4.50
CA LEU F 466 -21.54 25.46 -5.97
C LEU F 466 -20.45 24.48 -6.36
N ILE F 467 -20.85 23.23 -6.60
CA ILE F 467 -19.93 22.31 -7.21
C ILE F 467 -19.74 22.80 -8.64
N ASP F 468 -18.57 22.52 -9.21
CA ASP F 468 -18.25 23.01 -10.54
C ASP F 468 -17.50 21.95 -11.32
N GLU F 469 -17.87 21.82 -12.59
CA GLU F 469 -17.30 20.87 -13.53
C GLU F 469 -17.33 19.45 -12.95
N VAL F 470 -18.54 19.01 -12.67
CA VAL F 470 -18.78 17.74 -11.99
C VAL F 470 -18.27 16.57 -12.81
N ASP F 471 -18.25 16.69 -14.11
CA ASP F 471 -18.11 15.53 -14.96
C ASP F 471 -16.69 15.00 -15.09
N LYS F 472 -15.70 15.71 -14.56
CA LYS F 472 -14.29 15.38 -14.74
C LYS F 472 -13.72 14.45 -13.66
N ILE F 473 -14.55 13.90 -12.77
CA ILE F 473 -14.04 13.11 -11.66
C ILE F 473 -13.29 11.86 -12.14
N GLY F 474 -12.20 11.51 -11.44
CA GLY F 474 -11.36 10.42 -11.88
C GLY F 474 -11.90 9.04 -11.57
N ARG F 475 -12.65 8.92 -10.47
CA ARG F 475 -13.33 7.71 -9.95
C ARG F 475 -12.60 6.37 -10.18
N GLY F 476 -11.39 6.26 -9.63
CA GLY F 476 -10.59 5.04 -9.72
C GLY F 476 -10.26 4.40 -8.39
N TYR F 477 -9.02 3.90 -8.31
CA TYR F 477 -8.60 2.99 -7.25
C TYR F 477 -8.74 3.67 -5.89
N GLN F 478 -9.13 2.88 -4.89
CA GLN F 478 -9.15 3.28 -3.48
C GLN F 478 -10.08 4.44 -3.11
N GLY F 479 -10.74 5.05 -4.10
CA GLY F 479 -11.63 6.18 -3.93
C GLY F 479 -13.04 5.84 -4.34
N ASP F 480 -13.38 6.25 -5.56
CA ASP F 480 -14.72 6.31 -6.12
C ASP F 480 -15.46 7.41 -5.36
N PRO F 481 -14.99 8.67 -5.39
CA PRO F 481 -15.76 9.75 -4.76
C PRO F 481 -17.14 9.89 -5.34
N SER F 482 -17.32 9.54 -6.61
CA SER F 482 -18.64 9.62 -7.23
C SER F 482 -19.67 8.80 -6.45
N SER F 483 -19.25 7.71 -5.83
CA SER F 483 -20.17 6.95 -4.99
C SER F 483 -20.63 7.79 -3.82
N ALA F 484 -19.68 8.43 -3.13
CA ALA F 484 -20.05 9.30 -2.02
C ALA F 484 -20.89 10.46 -2.50
N LEU F 485 -20.65 10.91 -3.72
CA LEU F 485 -21.44 12.00 -4.26
C LEU F 485 -22.88 11.57 -4.44
N LEU F 486 -23.10 10.35 -4.94
CA LEU F 486 -24.48 9.88 -5.02
C LEU F 486 -25.07 9.74 -3.64
N GLU F 487 -24.24 9.33 -2.67
CA GLU F 487 -24.71 9.27 -1.29
C GLU F 487 -25.11 10.66 -0.81
N LEU F 488 -24.47 11.70 -1.36
CA LEU F 488 -24.72 13.07 -0.96
C LEU F 488 -25.96 13.63 -1.64
N LEU F 489 -26.12 13.34 -2.92
CA LEU F 489 -27.18 13.97 -3.69
C LEU F 489 -28.51 13.25 -3.56
N ASP F 490 -28.58 12.18 -2.80
CA ASP F 490 -29.83 11.49 -2.59
C ASP F 490 -30.77 12.47 -1.88
N PRO F 491 -31.98 12.74 -2.40
CA PRO F 491 -32.81 13.78 -1.77
C PRO F 491 -33.15 13.54 -0.31
N GLU F 492 -33.31 12.30 0.10
CA GLU F 492 -33.68 11.96 1.48
C GLU F 492 -32.52 11.46 2.32
N GLN F 493 -31.56 10.74 1.73
CA GLN F 493 -30.43 10.25 2.51
C GLN F 493 -29.65 11.38 3.11
N ASN F 494 -29.60 12.53 2.41
CA ASN F 494 -28.83 13.65 2.89
C ASN F 494 -29.34 14.15 4.23
N ALA F 495 -30.62 13.90 4.53
CA ALA F 495 -31.18 14.33 5.80
C ALA F 495 -30.43 13.70 6.96
N ASN F 496 -29.89 12.50 6.75
CA ASN F 496 -29.16 11.78 7.78
C ASN F 496 -27.75 11.50 7.26
N PHE F 497 -27.17 12.48 6.59
CA PHE F 497 -25.82 12.35 6.10
C PHE F 497 -24.87 12.28 7.27
N LEU F 498 -23.82 11.45 7.16
CA LEU F 498 -22.79 11.37 8.18
C LEU F 498 -21.46 11.06 7.54
N ASP F 499 -20.41 11.62 8.14
CA ASP F 499 -19.05 11.52 7.64
C ASP F 499 -18.13 11.07 8.76
N HIS F 500 -17.08 10.34 8.38
CA HIS F 500 -16.37 9.48 9.32
C HIS F 500 -15.81 10.24 10.51
N TYR F 501 -15.47 11.51 10.31
CA TYR F 501 -15.01 12.27 11.46
C TYR F 501 -16.17 12.62 12.35
N LEU F 502 -17.07 13.46 11.86
CA LEU F 502 -18.24 13.82 12.65
C LEU F 502 -19.30 12.78 12.38
N ASP F 503 -19.26 11.78 13.23
CA ASP F 503 -20.07 10.59 13.09
C ASP F 503 -21.57 10.84 13.15
N VAL F 504 -21.99 11.91 13.80
CA VAL F 504 -23.44 12.11 13.96
C VAL F 504 -24.07 12.45 12.62
N PRO F 505 -25.22 11.88 12.27
CA PRO F 505 -25.87 12.27 11.01
C PRO F 505 -26.33 13.72 11.02
N VAL F 506 -26.33 14.34 9.85
CA VAL F 506 -26.70 15.74 9.69
C VAL F 506 -27.63 16.00 8.51
N ASP F 507 -28.62 16.85 8.74
CA ASP F 507 -29.51 17.29 7.66
C ASP F 507 -28.75 18.18 6.70
N LEU F 508 -29.09 18.06 5.42
CA LEU F 508 -28.55 18.93 4.39
C LEU F 508 -29.62 19.45 3.45
N SER F 509 -30.90 19.18 3.72
CA SER F 509 -31.93 19.43 2.71
C SER F 509 -32.03 20.89 2.32
N LYS F 510 -31.65 21.79 3.20
CA LYS F 510 -31.88 23.20 2.99
C LYS F 510 -30.82 23.82 2.10
N VAL F 511 -29.70 23.14 1.87
CA VAL F 511 -28.67 23.74 1.05
C VAL F 511 -29.20 23.80 -0.36
N LEU F 512 -28.76 24.78 -1.10
CA LEU F 512 -29.11 24.92 -2.50
C LEU F 512 -27.86 24.68 -3.33
N PHE F 513 -27.58 23.42 -3.63
CA PHE F 513 -26.42 23.11 -4.44
C PHE F 513 -26.57 23.69 -5.83
N ILE F 514 -25.48 23.59 -6.59
CA ILE F 514 -25.48 23.89 -8.02
C ILE F 514 -24.46 22.93 -8.62
N CYS F 515 -24.46 22.81 -9.95
CA CYS F 515 -23.48 22.03 -10.65
C CYS F 515 -23.29 22.65 -12.01
N THR F 516 -22.25 22.19 -12.70
CA THR F 516 -21.97 22.60 -14.05
C THR F 516 -21.23 21.47 -14.76
N ALA F 517 -21.37 21.42 -16.07
CA ALA F 517 -20.55 20.50 -16.84
C ALA F 517 -20.59 20.88 -18.30
N ASN F 518 -19.47 20.72 -18.97
CA ASN F 518 -19.43 21.06 -20.38
C ASN F 518 -19.99 19.96 -21.26
N VAL F 519 -20.23 18.76 -20.74
CA VAL F 519 -20.83 17.72 -21.56
C VAL F 519 -21.54 16.72 -20.68
N THR F 520 -22.70 16.28 -21.16
CA THR F 520 -23.62 15.44 -20.41
C THR F 520 -23.24 13.97 -20.44
N ASP F 521 -22.25 13.59 -21.24
CA ASP F 521 -21.99 12.18 -21.44
C ASP F 521 -21.20 11.55 -20.30
N THR F 522 -20.09 12.18 -19.92
CA THR F 522 -19.17 11.55 -18.97
C THR F 522 -19.73 11.50 -17.56
N ILE F 523 -20.74 12.32 -17.25
CA ILE F 523 -21.29 12.32 -15.89
C ILE F 523 -21.88 10.94 -15.61
N PRO F 524 -21.69 10.34 -14.42
CA PRO F 524 -22.17 8.97 -14.22
C PRO F 524 -23.67 8.92 -14.36
N GLU F 525 -24.15 7.82 -14.93
CA GLU F 525 -25.58 7.70 -15.18
C GLU F 525 -26.42 7.83 -13.92
N PRO F 526 -26.13 7.12 -12.80
CA PRO F 526 -27.02 7.23 -11.64
C PRO F 526 -27.17 8.65 -11.17
N LEU F 527 -26.10 9.41 -11.31
CA LEU F 527 -26.16 10.82 -11.00
C LEU F 527 -26.88 11.59 -12.08
N ARG F 528 -26.64 11.21 -13.34
CA ARG F 528 -27.23 11.96 -14.44
C ARG F 528 -28.74 11.88 -14.47
N ASP F 529 -29.31 10.77 -14.01
CA ASP F 529 -30.76 10.66 -14.04
C ASP F 529 -31.42 11.62 -13.06
N ARG F 530 -30.69 11.96 -12.01
CA ARG F 530 -31.29 12.43 -10.79
C ARG F 530 -31.60 13.89 -10.81
N MET F 531 -31.03 14.63 -11.77
CA MET F 531 -30.95 16.06 -11.65
C MET F 531 -31.10 16.71 -13.01
N GLU F 532 -31.89 17.77 -13.05
CA GLU F 532 -32.18 18.49 -14.28
C GLU F 532 -30.92 19.08 -14.89
N MET F 533 -30.95 19.25 -16.20
CA MET F 533 -29.76 19.58 -16.97
C MET F 533 -30.22 20.82 -17.70
N ILE F 534 -30.07 21.98 -17.07
CA ILE F 534 -30.37 23.21 -17.80
C ILE F 534 -29.36 23.35 -18.93
N ASN F 535 -29.85 23.69 -20.13
CA ASN F 535 -29.00 23.73 -21.31
C ASN F 535 -28.76 25.19 -21.63
N VAL F 536 -27.81 25.77 -20.92
CA VAL F 536 -27.26 27.04 -21.33
C VAL F 536 -26.48 26.87 -22.62
N SER F 537 -26.67 27.80 -23.56
CA SER F 537 -25.94 27.78 -24.82
C SER F 537 -26.26 28.98 -25.70
N GLY F 538 -25.33 29.33 -26.57
CA GLY F 538 -25.54 30.19 -27.71
C GLY F 538 -25.61 31.66 -27.33
N TYR F 539 -25.34 32.50 -28.32
CA TYR F 539 -25.43 33.95 -28.17
C TYR F 539 -25.42 34.57 -29.54
N VAL F 540 -26.50 35.25 -29.90
CA VAL F 540 -26.59 36.00 -31.15
C VAL F 540 -25.71 37.23 -31.10
N ALA F 541 -25.27 37.68 -32.29
CA ALA F 541 -24.36 38.82 -32.39
C ALA F 541 -24.93 40.06 -31.74
N GLN F 542 -26.25 40.22 -31.75
CA GLN F 542 -26.81 41.39 -31.10
C GLN F 542 -26.53 41.35 -29.60
N GLU F 543 -26.75 40.19 -28.99
CA GLU F 543 -26.47 40.06 -27.56
C GLU F 543 -25.00 40.26 -27.30
N LYS F 544 -24.18 39.72 -28.18
CA LYS F 544 -22.74 39.81 -28.01
C LYS F 544 -22.30 41.25 -28.13
N LEU F 545 -22.96 41.99 -29.00
CA LEU F 545 -22.65 43.40 -29.16
C LEU F 545 -23.05 44.19 -27.93
N ALA F 546 -24.24 43.92 -27.40
CA ALA F 546 -24.68 44.67 -26.24
C ALA F 546 -23.81 44.40 -25.03
N ILE F 547 -23.47 43.13 -24.79
CA ILE F 547 -22.64 42.81 -23.65
C ILE F 547 -21.29 43.43 -23.82
N ALA F 548 -20.75 43.35 -25.04
CA ALA F 548 -19.44 43.92 -25.26
C ALA F 548 -19.46 45.41 -25.02
N GLU F 549 -20.61 46.03 -25.27
CA GLU F 549 -20.65 47.48 -25.15
C GLU F 549 -20.80 47.92 -23.73
N ARG F 550 -21.53 47.14 -22.92
CA ARG F 550 -21.80 47.53 -21.54
C ARG F 550 -21.09 46.76 -20.47
N TYR F 551 -20.44 45.64 -20.78
CA TYR F 551 -19.76 44.85 -19.77
C TYR F 551 -18.28 44.74 -20.13
N LEU F 552 -17.96 44.22 -21.30
CA LEU F 552 -16.57 43.88 -21.56
C LEU F 552 -15.77 45.15 -21.76
N VAL F 553 -16.13 45.93 -22.79
CA VAL F 553 -15.31 47.07 -23.22
C VAL F 553 -15.01 48.03 -22.07
N PRO F 554 -16.00 48.52 -21.32
CA PRO F 554 -15.65 49.37 -20.17
C PRO F 554 -14.75 48.68 -19.20
N GLN F 555 -14.95 47.38 -19.01
CA GLN F 555 -14.21 46.67 -17.98
C GLN F 555 -12.77 46.51 -18.38
N ALA F 556 -12.53 46.06 -19.60
CA ALA F 556 -11.16 45.96 -20.08
C ALA F 556 -10.51 47.33 -20.16
N ARG F 557 -11.30 48.36 -20.47
CA ARG F 557 -10.77 49.71 -20.55
C ARG F 557 -10.28 50.14 -19.19
N ALA F 558 -11.06 49.83 -18.16
CA ALA F 558 -10.64 50.09 -16.80
C ALA F 558 -9.46 49.22 -16.42
N LEU F 559 -9.39 47.99 -16.93
CA LEU F 559 -8.28 47.13 -16.54
C LEU F 559 -6.98 47.71 -17.04
N CYS F 560 -7.01 48.36 -18.20
CA CYS F 560 -5.81 48.96 -18.74
C CYS F 560 -5.75 50.45 -18.44
N GLY F 561 -6.84 51.04 -17.96
CA GLY F 561 -6.83 52.39 -17.46
C GLY F 561 -6.92 53.45 -18.54
N LEU F 562 -6.93 53.06 -19.80
CA LEU F 562 -6.99 54.02 -20.89
C LEU F 562 -8.30 54.76 -20.93
N ASP F 563 -8.20 56.05 -21.15
CA ASP F 563 -9.37 56.87 -21.35
C ASP F 563 -10.07 56.49 -22.65
N GLU F 564 -11.39 56.48 -22.58
CA GLU F 564 -12.22 56.14 -23.72
C GLU F 564 -12.06 57.10 -24.88
N SER F 565 -11.79 58.39 -24.60
CA SER F 565 -11.66 59.36 -25.68
C SER F 565 -10.47 59.04 -26.55
N LYS F 566 -9.45 58.42 -25.98
CA LYS F 566 -8.21 58.25 -26.69
C LYS F 566 -8.33 57.13 -27.71
N ALA F 567 -9.41 56.33 -27.66
CA ALA F 567 -9.54 55.19 -28.53
C ALA F 567 -11.03 54.94 -28.71
N LYS F 568 -11.63 55.66 -29.65
CA LYS F 568 -13.01 55.41 -29.98
C LYS F 568 -13.09 53.99 -30.54
N LEU F 569 -14.21 53.34 -30.26
CA LEU F 569 -14.48 52.02 -30.80
C LEU F 569 -15.86 52.04 -31.43
N SER F 570 -15.91 52.20 -32.76
CA SER F 570 -17.20 52.23 -33.43
C SER F 570 -17.82 50.86 -33.27
N SER F 571 -19.11 50.85 -32.97
CA SER F 571 -19.80 49.58 -32.85
C SER F 571 -19.84 48.85 -34.16
N ASP F 572 -19.85 49.59 -35.27
CA ASP F 572 -19.79 48.93 -36.55
C ASP F 572 -18.47 48.18 -36.72
N VAL F 573 -17.38 48.75 -36.22
CA VAL F 573 -16.11 48.03 -36.32
C VAL F 573 -16.21 46.76 -35.49
N LEU F 574 -16.89 46.86 -34.35
CA LEU F 574 -17.09 45.66 -33.55
C LEU F 574 -17.91 44.65 -34.32
N THR F 575 -18.86 45.15 -35.11
CA THR F 575 -19.67 44.26 -35.92
C THR F 575 -18.79 43.54 -36.91
N LEU F 576 -17.85 44.27 -37.49
CA LEU F 576 -16.93 43.66 -38.43
C LEU F 576 -16.12 42.58 -37.73
N LEU F 577 -15.79 42.82 -36.46
CA LEU F 577 -15.01 41.81 -35.74
C LEU F 577 -15.87 40.58 -35.53
N ILE F 578 -17.14 40.81 -35.24
CA ILE F 578 -18.07 39.70 -35.04
C ILE F 578 -18.20 38.91 -36.32
N LYS F 579 -18.11 39.59 -37.45
CA LYS F 579 -18.40 38.93 -38.71
C LYS F 579 -17.22 38.15 -39.20
N GLN F 580 -16.03 38.76 -39.13
CA GLN F 580 -14.87 38.13 -39.71
C GLN F 580 -14.08 37.28 -38.72
N TYR F 581 -13.67 37.87 -37.62
CA TYR F 581 -12.68 37.21 -36.77
C TYR F 581 -13.33 36.39 -35.66
N CYS F 582 -14.07 37.06 -34.77
CA CYS F 582 -14.66 36.40 -33.61
C CYS F 582 -16.08 35.99 -33.94
N ARG F 583 -16.29 34.74 -34.31
CA ARG F 583 -17.62 34.25 -34.67
C ARG F 583 -17.75 32.85 -34.07
N GLU F 584 -18.18 32.80 -32.82
CA GLU F 584 -18.32 31.52 -32.14
C GLU F 584 -19.13 31.69 -30.87
N SER F 585 -19.59 30.54 -30.35
CA SER F 585 -20.56 30.49 -29.26
C SER F 585 -20.04 31.11 -27.96
N GLY F 586 -18.73 31.12 -27.76
CA GLY F 586 -18.16 31.63 -26.52
C GLY F 586 -18.06 33.15 -26.50
N VAL F 587 -17.56 33.64 -25.37
CA VAL F 587 -17.32 35.06 -25.17
C VAL F 587 -15.85 35.37 -24.97
N ARG F 588 -15.05 34.38 -24.58
CA ARG F 588 -13.65 34.57 -24.25
C ARG F 588 -12.91 35.21 -25.43
N ASN F 589 -13.19 34.68 -26.63
CA ASN F 589 -12.45 35.09 -27.81
C ASN F 589 -12.67 36.56 -28.14
N LEU F 590 -13.90 37.03 -27.99
CA LEU F 590 -14.15 38.45 -28.23
C LEU F 590 -13.42 39.32 -27.26
N GLN F 591 -13.34 38.88 -26.01
CA GLN F 591 -12.66 39.67 -25.02
C GLN F 591 -11.19 39.79 -25.37
N LYS F 592 -10.57 38.68 -25.73
CA LYS F 592 -9.16 38.78 -26.09
C LYS F 592 -8.98 39.64 -27.32
N GLN F 593 -9.92 39.61 -28.28
CA GLN F 593 -9.73 40.42 -29.47
C GLN F 593 -9.75 41.90 -29.15
N VAL F 594 -10.78 42.32 -28.41
CA VAL F 594 -10.88 43.73 -28.11
C VAL F 594 -9.71 44.15 -27.25
N GLU F 595 -9.27 43.25 -26.38
CA GLU F 595 -8.11 43.56 -25.58
C GLU F 595 -6.88 43.71 -26.45
N LYS F 596 -6.79 42.93 -27.53
CA LYS F 596 -5.63 43.04 -28.40
C LYS F 596 -5.54 44.40 -29.03
N VAL F 597 -6.67 44.84 -29.59
CA VAL F 597 -6.63 46.15 -30.24
C VAL F 597 -6.32 47.22 -29.19
N LEU F 598 -6.84 47.02 -27.98
CA LEU F 598 -6.59 47.99 -26.94
C LEU F 598 -5.12 48.03 -26.59
N ARG F 599 -4.46 46.88 -26.59
CA ARG F 599 -3.05 46.84 -26.30
C ARG F 599 -2.26 47.60 -27.34
N LYS F 600 -2.57 47.34 -28.60
CA LYS F 600 -1.79 47.99 -29.65
C LYS F 600 -2.00 49.49 -29.61
N SER F 601 -3.23 49.90 -29.32
CA SER F 601 -3.50 51.32 -29.20
C SER F 601 -2.72 51.89 -28.02
N ALA F 602 -2.62 51.10 -26.97
CA ALA F 602 -1.93 51.55 -25.78
C ALA F 602 -0.47 51.78 -26.05
N TYR F 603 0.20 50.79 -26.64
CA TYR F 603 1.61 50.97 -26.89
C TYR F 603 1.85 52.09 -27.86
N LYS F 604 0.93 52.24 -28.81
CA LYS F 604 1.07 53.25 -29.83
C LYS F 604 1.00 54.62 -29.20
N ILE F 605 0.18 54.78 -28.18
CA ILE F 605 0.04 56.10 -27.63
C ILE F 605 1.15 56.35 -26.65
N VAL F 606 1.36 55.37 -25.76
CA VAL F 606 2.21 55.55 -24.60
C VAL F 606 3.63 55.79 -25.02
N SER F 607 4.01 55.24 -26.17
CA SER F 607 5.39 55.31 -26.62
C SER F 607 5.49 55.90 -27.99
N GLY F 608 4.45 55.82 -28.79
CA GLY F 608 4.55 56.33 -30.13
C GLY F 608 4.30 57.80 -30.00
N GLU F 609 3.28 58.26 -30.72
CA GLU F 609 3.07 59.68 -30.96
C GLU F 609 1.63 60.08 -30.64
N ALA F 610 0.66 59.40 -31.25
CA ALA F 610 -0.73 59.81 -31.20
C ALA F 610 -1.24 59.86 -29.78
N GLU F 611 -1.95 60.92 -29.46
CA GLU F 611 -2.59 61.08 -28.17
C GLU F 611 -4.01 60.53 -28.16
N SER F 612 -4.52 60.09 -29.31
CA SER F 612 -5.81 59.40 -29.36
C SER F 612 -5.78 58.50 -30.60
N VAL F 613 -5.60 57.21 -30.38
CA VAL F 613 -5.78 56.26 -31.47
C VAL F 613 -7.21 56.35 -31.97
N GLU F 614 -7.37 56.17 -33.27
CA GLU F 614 -8.68 56.27 -33.91
C GLU F 614 -8.77 55.05 -34.83
N VAL F 615 -9.34 53.99 -34.29
CA VAL F 615 -9.54 52.77 -35.05
C VAL F 615 -10.46 53.07 -36.21
N THR F 616 -10.12 52.54 -37.38
CA THR F 616 -10.98 52.62 -38.54
C THR F 616 -10.94 51.25 -39.19
N PRO F 617 -12.03 50.81 -39.87
CA PRO F 617 -11.99 49.46 -40.48
C PRO F 617 -10.83 49.33 -41.43
N GLU F 618 -10.55 50.43 -42.12
CA GLU F 618 -9.47 50.51 -43.08
C GLU F 618 -8.14 50.26 -42.39
N ASN F 619 -8.02 50.75 -41.15
CA ASN F 619 -6.81 50.56 -40.37
C ASN F 619 -6.79 49.22 -39.66
N LEU F 620 -7.93 48.51 -39.60
CA LEU F 620 -8.06 47.37 -38.71
C LEU F 620 -7.05 46.28 -39.03
N GLN F 621 -6.61 46.20 -40.28
CA GLN F 621 -5.71 45.14 -40.69
C GLN F 621 -4.44 45.14 -39.91
N ASP F 622 -3.97 46.32 -39.52
CA ASP F 622 -2.73 46.36 -38.78
C ASP F 622 -2.91 46.08 -37.30
N PHE F 623 -4.14 46.12 -36.78
CA PHE F 623 -4.32 45.83 -35.37
C PHE F 623 -4.67 44.38 -35.09
N VAL F 624 -5.55 43.79 -35.89
CA VAL F 624 -5.98 42.41 -35.71
C VAL F 624 -5.62 41.53 -36.90
N GLY F 625 -4.90 42.05 -37.88
CA GLY F 625 -4.45 41.21 -38.97
C GLY F 625 -5.50 40.79 -39.99
N LYS F 626 -5.13 39.73 -40.69
CA LYS F 626 -5.89 39.20 -41.81
C LYS F 626 -7.20 38.57 -41.36
N PRO F 627 -8.35 38.91 -41.97
CA PRO F 627 -9.57 38.22 -41.59
C PRO F 627 -9.44 36.76 -41.92
N VAL F 628 -10.07 35.95 -41.08
CA VAL F 628 -10.01 34.52 -41.25
C VAL F 628 -11.14 34.24 -42.21
N PHE F 629 -12.33 34.61 -41.79
CA PHE F 629 -13.55 34.29 -42.50
C PHE F 629 -13.71 35.31 -43.61
N THR F 630 -13.61 34.85 -44.85
CA THR F 630 -13.79 35.73 -46.00
C THR F 630 -15.24 36.17 -46.14
N VAL F 631 -15.42 37.44 -46.52
CA VAL F 631 -16.76 37.93 -46.80
C VAL F 631 -17.26 37.28 -48.08
N GLU F 632 -18.55 36.93 -48.10
CA GLU F 632 -19.18 36.43 -49.31
C GLU F 632 -19.28 37.52 -50.35
N ARG F 633 -19.18 37.16 -51.63
CA ARG F 633 -19.31 38.17 -52.65
C ARG F 633 -20.73 38.71 -52.58
N MET F 634 -20.90 40.01 -52.85
CA MET F 634 -22.22 40.65 -52.77
C MET F 634 -22.64 41.04 -54.17
N TYR F 635 -23.61 40.31 -54.71
CA TYR F 635 -24.32 40.69 -55.91
C TYR F 635 -25.46 41.66 -55.59
N ASP F 636 -25.74 42.54 -56.54
CA ASP F 636 -26.79 43.54 -56.38
C ASP F 636 -28.11 43.20 -57.08
N VAL F 637 -28.09 42.35 -58.10
CA VAL F 637 -29.27 42.12 -58.95
C VAL F 637 -29.56 40.64 -59.22
N THR F 638 -28.81 39.71 -58.65
CA THR F 638 -29.03 38.27 -58.80
C THR F 638 -29.07 37.83 -60.26
N PRO F 639 -27.93 37.83 -60.96
CA PRO F 639 -27.91 37.32 -62.33
C PRO F 639 -28.26 35.83 -62.32
N PRO F 640 -28.84 35.31 -63.41
CA PRO F 640 -29.34 33.92 -63.35
C PRO F 640 -28.23 32.97 -62.99
N GLY F 641 -28.59 31.98 -62.18
CA GLY F 641 -27.65 31.07 -61.57
C GLY F 641 -27.14 31.50 -60.20
N VAL F 642 -27.70 32.56 -59.61
CA VAL F 642 -27.45 32.89 -58.21
C VAL F 642 -28.77 33.38 -57.67
N VAL F 643 -29.02 33.10 -56.39
CA VAL F 643 -30.30 33.49 -55.80
C VAL F 643 -30.07 33.76 -54.32
N MET F 644 -30.86 34.68 -53.80
CA MET F 644 -30.76 35.07 -52.41
C MET F 644 -31.64 34.15 -51.58
N GLY F 645 -31.26 33.98 -50.31
CA GLY F 645 -31.97 33.08 -49.43
C GLY F 645 -31.69 33.30 -47.97
N LEU F 646 -32.72 33.25 -47.13
CA LEU F 646 -32.51 33.39 -45.70
C LEU F 646 -31.90 32.13 -45.12
N ALA F 647 -31.13 32.28 -44.05
CA ALA F 647 -30.49 31.16 -43.38
C ALA F 647 -30.33 31.48 -41.90
N TRP F 648 -30.61 30.48 -41.06
CA TRP F 648 -30.43 30.59 -39.61
C TRP F 648 -29.05 30.02 -39.36
N THR F 649 -28.04 30.88 -39.44
CA THR F 649 -26.70 30.44 -39.09
C THR F 649 -26.65 30.25 -37.58
N ALA F 650 -25.68 29.43 -37.15
CA ALA F 650 -25.63 28.96 -35.76
C ALA F 650 -25.62 30.09 -34.74
N MET F 651 -25.14 31.27 -35.13
CA MET F 651 -25.21 32.49 -34.34
C MET F 651 -25.91 33.53 -35.20
N GLY F 652 -27.20 33.74 -34.97
CA GLY F 652 -27.93 34.78 -35.68
C GLY F 652 -28.42 34.30 -37.04
N GLY F 653 -29.15 35.18 -37.72
CA GLY F 653 -29.55 34.94 -39.08
C GLY F 653 -28.48 35.38 -40.08
N SER F 654 -28.78 35.14 -41.36
CA SER F 654 -27.89 35.53 -42.43
C SER F 654 -28.64 35.43 -43.75
N THR F 655 -28.12 36.12 -44.76
CA THR F 655 -28.67 36.15 -46.10
C THR F 655 -27.63 35.56 -47.04
N LEU F 656 -27.82 34.31 -47.45
CA LEU F 656 -26.98 33.71 -48.46
C LEU F 656 -27.36 34.21 -49.84
N PHE F 657 -26.38 34.22 -50.74
CA PHE F 657 -26.61 34.28 -52.18
C PHE F 657 -26.03 32.96 -52.67
N VAL F 658 -26.86 31.93 -52.79
CA VAL F 658 -26.32 30.66 -53.26
C VAL F 658 -25.89 30.83 -54.71
N GLU F 659 -24.72 30.30 -55.02
CA GLU F 659 -24.09 30.44 -56.33
C GLU F 659 -24.29 29.11 -57.05
N THR F 660 -24.62 29.18 -58.33
CA THR F 660 -24.81 27.97 -59.13
C THR F 660 -24.36 28.24 -60.56
N SER F 661 -23.44 27.45 -61.09
CA SER F 661 -22.98 27.72 -62.45
C SER F 661 -22.47 26.45 -63.10
N LEU F 662 -22.46 26.50 -64.42
CA LEU F 662 -21.97 25.38 -65.21
C LEU F 662 -20.51 25.19 -64.86
N ARG F 663 -20.08 23.93 -64.80
CA ARG F 663 -18.66 23.68 -64.55
C ARG F 663 -17.88 23.32 -65.79
N ARG F 664 -18.54 22.85 -66.83
CA ARG F 664 -17.80 22.41 -68.00
C ARG F 664 -18.77 22.26 -69.16
N PRO F 665 -18.43 22.63 -70.40
CA PRO F 665 -19.43 22.57 -71.49
C PRO F 665 -19.95 21.17 -71.71
N GLN F 666 -21.23 21.11 -72.03
CA GLN F 666 -21.92 19.83 -72.19
C GLN F 666 -21.33 19.02 -73.33
N ASP F 667 -20.81 19.68 -74.37
CA ASP F 667 -20.54 18.99 -75.62
C ASP F 667 -19.17 18.31 -75.60
N LYS F 668 -19.06 17.27 -74.77
CA LYS F 668 -18.02 16.28 -75.03
C LYS F 668 -18.29 15.59 -76.36
N ASP F 669 -19.57 15.41 -76.66
CA ASP F 669 -20.09 15.01 -77.95
C ASP F 669 -21.59 15.23 -77.87
N ALA F 670 -22.16 15.66 -78.99
CA ALA F 670 -23.58 16.02 -79.02
C ALA F 670 -24.49 14.85 -78.65
N LYS F 671 -24.05 13.61 -78.90
CA LYS F 671 -24.86 12.44 -78.59
C LYS F 671 -24.79 11.95 -77.16
N GLY F 672 -23.94 12.51 -76.30
CA GLY F 672 -23.75 11.92 -74.97
C GLY F 672 -25.03 11.85 -74.15
N ASP F 673 -25.37 10.65 -73.69
CA ASP F 673 -26.51 10.42 -72.82
C ASP F 673 -26.18 10.50 -71.34
N LYS F 674 -24.91 10.73 -71.00
CA LYS F 674 -24.50 10.77 -69.62
C LYS F 674 -25.20 11.90 -68.90
N ASP F 675 -25.63 11.62 -67.68
CA ASP F 675 -26.45 12.56 -66.96
C ASP F 675 -25.61 13.77 -66.58
N GLY F 676 -26.27 14.90 -66.44
CA GLY F 676 -25.58 16.11 -66.04
C GLY F 676 -25.37 16.00 -64.55
N SER F 677 -24.39 15.19 -64.16
CA SER F 677 -24.10 14.98 -62.76
C SER F 677 -23.76 16.28 -62.07
N LEU F 678 -24.34 16.44 -60.89
CA LEU F 678 -24.12 17.63 -60.09
C LEU F 678 -22.76 17.53 -59.42
N GLU F 679 -22.17 18.70 -59.11
CA GLU F 679 -20.86 18.74 -58.44
C GLU F 679 -20.96 19.82 -57.38
N VAL F 680 -21.38 19.37 -56.21
CA VAL F 680 -21.57 20.28 -55.11
C VAL F 680 -20.22 20.77 -54.64
N THR F 681 -20.22 21.96 -54.06
CA THR F 681 -19.07 22.49 -53.36
C THR F 681 -19.66 23.27 -52.21
N GLY F 682 -18.83 23.51 -51.20
CA GLY F 682 -19.29 24.16 -49.99
C GLY F 682 -19.35 23.24 -48.79
N GLN F 683 -18.39 22.30 -48.69
CA GLN F 683 -18.25 21.44 -47.50
C GLN F 683 -19.56 20.71 -47.20
N LEU F 684 -20.01 19.93 -48.17
CA LEU F 684 -21.19 19.09 -47.97
C LEU F 684 -21.00 18.10 -46.83
N GLY F 685 -22.07 17.90 -46.06
CA GLY F 685 -22.08 16.85 -45.08
C GLY F 685 -22.61 15.61 -45.77
N GLU F 686 -23.70 15.06 -45.24
CA GLU F 686 -24.43 13.95 -45.83
C GLU F 686 -25.83 14.38 -46.25
N VAL F 687 -26.60 14.94 -45.31
CA VAL F 687 -27.97 15.34 -45.59
C VAL F 687 -28.01 16.36 -46.71
N MET F 688 -26.99 17.20 -46.81
CA MET F 688 -26.93 18.13 -47.93
C MET F 688 -26.76 17.40 -49.24
N LYS F 689 -26.01 16.28 -49.25
CA LYS F 689 -25.86 15.52 -50.50
C LYS F 689 -27.20 14.99 -50.96
N GLU F 690 -27.92 14.30 -50.08
CA GLU F 690 -29.22 13.76 -50.48
C GLU F 690 -30.18 14.87 -50.86
N SER F 691 -30.09 16.03 -50.19
CA SER F 691 -31.00 17.10 -50.50
C SER F 691 -30.73 17.63 -51.89
N ALA F 692 -29.45 17.82 -52.22
CA ALA F 692 -29.11 18.28 -53.55
C ALA F 692 -29.53 17.28 -54.60
N ARG F 693 -29.45 15.98 -54.29
CA ARG F 693 -29.84 15.00 -55.29
C ARG F 693 -31.35 15.04 -55.48
N ILE F 694 -32.10 15.21 -54.40
CA ILE F 694 -33.55 15.32 -54.49
C ILE F 694 -33.92 16.52 -55.33
N ALA F 695 -33.32 17.65 -55.03
CA ALA F 695 -33.63 18.86 -55.77
C ALA F 695 -33.24 18.69 -57.22
N TYR F 696 -32.15 17.97 -57.47
CA TYR F 696 -31.66 17.80 -58.82
C TYR F 696 -32.65 16.98 -59.63
N THR F 697 -33.05 15.85 -59.09
CA THR F 697 -34.01 15.01 -59.80
C THR F 697 -35.34 15.71 -59.95
N PHE F 698 -35.78 16.46 -58.93
CA PHE F 698 -37.08 17.09 -59.07
C PHE F 698 -37.03 18.21 -60.08
N ALA F 699 -35.95 18.99 -60.06
CA ALA F 699 -35.83 20.07 -61.03
C ALA F 699 -35.79 19.49 -62.42
N ARG F 700 -35.18 18.32 -62.55
CA ARG F 700 -35.19 17.63 -63.82
C ARG F 700 -36.62 17.32 -64.20
N ALA F 701 -37.39 16.83 -63.23
CA ALA F 701 -38.79 16.50 -63.50
C ALA F 701 -39.59 17.73 -63.88
N PHE F 702 -39.28 18.88 -63.28
CA PHE F 702 -40.09 20.04 -63.60
C PHE F 702 -39.78 20.47 -65.02
N LEU F 703 -38.50 20.58 -65.37
CA LEU F 703 -38.17 20.96 -66.72
C LEU F 703 -38.70 19.97 -67.73
N MET F 704 -38.77 18.70 -67.35
CA MET F 704 -39.37 17.68 -68.19
C MET F 704 -40.83 18.03 -68.45
N GLN F 705 -41.58 18.18 -67.36
CA GLN F 705 -43.02 18.34 -67.48
C GLN F 705 -43.38 19.67 -68.13
N HIS F 706 -42.60 20.73 -67.89
CA HIS F 706 -43.01 22.07 -68.29
C HIS F 706 -42.38 22.50 -69.60
N ALA F 707 -41.11 22.19 -69.80
CA ALA F 707 -40.37 22.63 -70.99
C ALA F 707 -39.68 21.39 -71.53
N PRO F 708 -40.42 20.49 -72.18
CA PRO F 708 -39.78 19.25 -72.65
C PRO F 708 -38.65 19.47 -73.62
N ALA F 709 -38.73 20.53 -74.44
CA ALA F 709 -37.74 20.72 -75.49
C ALA F 709 -36.35 20.96 -74.90
N ASN F 710 -36.28 21.65 -73.77
CA ASN F 710 -34.98 21.93 -73.20
C ASN F 710 -34.49 20.64 -72.58
N ASP F 711 -33.17 20.47 -72.59
CA ASP F 711 -32.55 19.33 -71.95
C ASP F 711 -31.26 19.70 -71.22
N TYR F 712 -30.95 21.00 -71.13
CA TYR F 712 -29.64 21.47 -70.68
C TYR F 712 -29.31 20.93 -69.28
N LEU F 713 -30.32 20.67 -68.48
CA LEU F 713 -30.07 20.13 -67.15
C LEU F 713 -29.75 18.64 -67.20
N VAL F 714 -29.93 17.99 -68.33
CA VAL F 714 -29.81 16.54 -68.35
C VAL F 714 -28.38 16.08 -68.61
N THR F 715 -27.59 16.85 -69.35
CA THR F 715 -26.30 16.38 -69.86
C THR F 715 -25.23 17.44 -69.70
N SER F 716 -25.15 18.09 -68.53
CA SER F 716 -24.13 19.08 -68.28
C SER F 716 -23.74 19.12 -66.81
N HIS F 717 -22.44 19.02 -66.57
CA HIS F 717 -21.87 19.07 -65.23
C HIS F 717 -22.13 20.44 -64.64
N ILE F 718 -22.38 20.49 -63.33
CA ILE F 718 -22.89 21.71 -62.69
C ILE F 718 -22.15 21.92 -61.37
N HIS F 719 -21.27 22.92 -61.34
CA HIS F 719 -20.70 23.38 -60.09
C HIS F 719 -21.75 24.15 -59.30
N LEU F 720 -21.73 23.99 -57.98
CA LEU F 720 -22.60 24.87 -57.20
C LEU F 720 -21.99 25.07 -55.82
N HIS F 721 -22.36 26.18 -55.21
CA HIS F 721 -21.78 26.66 -53.96
C HIS F 721 -22.84 27.23 -53.05
N VAL F 722 -23.04 26.57 -51.91
CA VAL F 722 -23.90 27.06 -50.84
C VAL F 722 -22.97 27.53 -49.73
N PRO F 723 -22.89 28.84 -49.44
CA PRO F 723 -21.92 29.29 -48.44
C PRO F 723 -22.18 28.71 -47.08
N GLU F 724 -21.10 28.41 -46.37
CA GLU F 724 -21.23 27.81 -45.06
C GLU F 724 -21.68 28.87 -44.06
N GLY F 725 -22.22 28.38 -42.95
CA GLY F 725 -22.64 29.21 -41.86
C GLY F 725 -23.91 28.62 -41.29
N ALA F 726 -24.73 28.01 -42.13
CA ALA F 726 -25.94 27.39 -41.63
C ALA F 726 -25.59 26.21 -40.72
N THR F 727 -26.30 26.11 -39.61
CA THR F 727 -26.18 24.94 -38.76
C THR F 727 -26.79 23.77 -39.54
N PRO F 728 -26.28 22.53 -39.38
CA PRO F 728 -26.76 21.44 -40.23
C PRO F 728 -28.26 21.21 -40.16
N LYS F 729 -28.85 21.41 -38.97
CA LYS F 729 -30.28 21.21 -38.83
C LYS F 729 -31.08 22.15 -39.69
N ASP F 730 -30.54 23.32 -40.01
CA ASP F 730 -31.24 24.28 -40.86
C ASP F 730 -30.93 24.08 -42.33
N GLY F 731 -30.05 23.14 -42.69
CA GLY F 731 -29.63 22.98 -44.05
C GLY F 731 -30.68 22.61 -45.08
N PRO F 732 -31.67 21.75 -44.75
CA PRO F 732 -32.68 21.41 -45.75
C PRO F 732 -33.48 22.59 -46.30
N SER F 733 -33.71 23.63 -45.50
CA SER F 733 -34.65 24.71 -45.87
C SER F 733 -34.22 25.38 -47.17
N ALA F 734 -32.91 25.43 -47.43
CA ALA F 734 -32.40 26.16 -48.58
C ALA F 734 -32.72 25.45 -49.89
N GLY F 735 -33.18 24.20 -49.86
CA GLY F 735 -33.33 23.42 -51.09
C GLY F 735 -34.24 24.07 -52.09
N CYS F 736 -35.27 24.78 -51.62
CA CYS F 736 -36.15 25.54 -52.51
C CYS F 736 -35.34 26.49 -53.36
N THR F 737 -34.48 27.29 -52.71
CA THR F 737 -33.58 28.18 -53.40
C THR F 737 -32.77 27.41 -54.43
N ILE F 738 -32.20 26.28 -54.01
CA ILE F 738 -31.35 25.46 -54.88
C ILE F 738 -32.13 25.14 -56.13
N VAL F 739 -33.37 24.71 -55.94
CA VAL F 739 -34.20 24.29 -57.06
C VAL F 739 -34.36 25.43 -58.05
N THR F 740 -34.79 26.60 -57.55
CA THR F 740 -35.02 27.70 -58.48
C THR F 740 -33.73 28.10 -59.16
N ALA F 741 -32.61 28.04 -58.41
CA ALA F 741 -31.30 28.30 -58.99
C ALA F 741 -31.10 27.41 -60.20
N LEU F 742 -31.32 26.10 -60.00
CA LEU F 742 -31.16 25.14 -61.07
C LEU F 742 -32.04 25.53 -62.25
N LEU F 743 -33.29 25.92 -61.95
CA LEU F 743 -34.22 26.23 -63.01
C LEU F 743 -33.73 27.41 -63.82
N SER F 744 -33.18 28.42 -63.13
CA SER F 744 -32.64 29.56 -63.83
C SER F 744 -31.48 29.14 -64.70
N LEU F 745 -30.64 28.27 -64.16
CA LEU F 745 -29.51 27.78 -64.93
C LEU F 745 -29.97 26.98 -66.13
N ALA F 746 -31.10 26.29 -66.02
CA ALA F 746 -31.54 25.52 -67.18
C ALA F 746 -32.01 26.41 -68.33
N MET F 747 -32.50 27.62 -68.04
CA MET F 747 -33.11 28.48 -69.06
C MET F 747 -32.49 29.87 -69.19
N GLY F 748 -31.88 30.40 -68.15
CA GLY F 748 -31.26 31.72 -68.17
C GLY F 748 -32.12 32.91 -67.80
N ARG F 749 -33.40 32.74 -67.50
CA ARG F 749 -34.22 33.87 -67.05
C ARG F 749 -33.78 34.23 -65.64
N PRO F 750 -33.36 35.48 -65.35
CA PRO F 750 -33.06 35.83 -63.95
C PRO F 750 -34.30 35.71 -63.09
N VAL F 751 -34.10 35.29 -61.85
CA VAL F 751 -35.16 35.39 -60.87
C VAL F 751 -35.38 36.87 -60.60
N ARG F 752 -36.62 37.24 -60.29
CA ARG F 752 -36.90 38.63 -60.00
C ARG F 752 -36.09 39.04 -58.78
N GLN F 753 -35.58 40.26 -58.81
CA GLN F 753 -34.68 40.75 -57.78
C GLN F 753 -35.41 40.84 -56.46
N ASN F 754 -34.65 40.69 -55.36
CA ASN F 754 -35.08 40.90 -53.96
C ASN F 754 -36.40 40.18 -53.70
N LEU F 755 -36.26 38.86 -53.69
CA LEU F 755 -37.35 37.93 -53.45
C LEU F 755 -36.80 36.91 -52.47
N ALA F 756 -37.10 37.06 -51.18
CA ALA F 756 -36.63 36.06 -50.25
C ALA F 756 -37.50 34.83 -50.38
N MET F 757 -36.92 33.67 -50.08
CA MET F 757 -37.66 32.43 -50.04
C MET F 757 -36.89 31.43 -49.20
N THR F 758 -37.62 30.48 -48.64
CA THR F 758 -37.02 29.44 -47.83
C THR F 758 -37.98 28.27 -47.70
N GLY F 759 -37.43 27.06 -47.64
CA GLY F 759 -38.25 25.89 -47.42
C GLY F 759 -37.65 24.58 -47.85
N GLU F 760 -38.07 23.55 -47.14
CA GLU F 760 -37.70 22.18 -47.43
C GLU F 760 -38.47 21.66 -48.61
N VAL F 761 -37.90 20.71 -49.32
CA VAL F 761 -38.59 20.04 -50.40
C VAL F 761 -38.48 18.54 -50.17
N SER F 762 -39.46 17.81 -50.69
CA SER F 762 -39.67 16.42 -50.35
C SER F 762 -39.96 15.59 -51.59
N LEU F 763 -39.15 15.71 -52.64
CA LEU F 763 -39.17 14.77 -53.78
C LEU F 763 -40.50 14.65 -54.55
N THR F 764 -41.52 15.41 -54.15
CA THR F 764 -42.83 15.43 -54.79
C THR F 764 -43.37 16.84 -54.83
N GLY F 765 -42.55 17.86 -54.59
CA GLY F 765 -43.03 19.21 -54.71
C GLY F 765 -44.01 19.59 -53.62
N LYS F 766 -43.81 19.09 -52.41
CA LYS F 766 -44.57 19.53 -51.23
C LYS F 766 -43.59 20.11 -50.22
N ILE F 767 -43.60 21.42 -50.08
CA ILE F 767 -42.68 22.10 -49.18
C ILE F 767 -43.07 21.78 -47.75
N LEU F 768 -42.09 21.83 -46.83
CA LEU F 768 -42.24 21.36 -45.46
C LEU F 768 -41.88 22.45 -44.44
N PRO F 769 -42.42 22.37 -43.21
CA PRO F 769 -42.12 23.41 -42.21
C PRO F 769 -40.64 23.45 -41.82
N VAL F 770 -40.17 24.66 -41.52
CA VAL F 770 -38.81 24.86 -41.03
C VAL F 770 -38.89 25.90 -39.92
N GLY F 771 -38.02 25.74 -38.92
CA GLY F 771 -38.10 26.53 -37.71
C GLY F 771 -37.27 27.80 -37.80
N GLY F 772 -37.08 28.43 -36.65
CA GLY F 772 -36.26 29.63 -36.57
C GLY F 772 -36.77 30.78 -37.39
N ILE F 773 -38.08 30.82 -37.63
CA ILE F 773 -38.62 31.77 -38.61
C ILE F 773 -38.45 33.19 -38.10
N LYS F 774 -38.46 33.37 -36.79
CA LYS F 774 -38.28 34.71 -36.23
C LYS F 774 -36.93 35.27 -36.60
N GLU F 775 -35.91 34.43 -36.53
CA GLU F 775 -34.54 34.87 -36.79
C GLU F 775 -34.36 35.21 -38.26
N LYS F 776 -34.78 34.30 -39.14
CA LYS F 776 -34.66 34.57 -40.56
C LYS F 776 -35.52 35.77 -40.95
N THR F 777 -36.65 35.95 -40.27
CA THR F 777 -37.52 37.07 -40.59
C THR F 777 -36.85 38.39 -40.25
N ILE F 778 -36.31 38.49 -39.03
CA ILE F 778 -35.63 39.73 -38.65
C ILE F 778 -34.40 39.93 -39.50
N ALA F 779 -33.70 38.87 -39.88
CA ALA F 779 -32.54 39.02 -40.74
C ALA F 779 -32.98 39.55 -42.10
N ALA F 780 -34.11 39.08 -42.60
CA ALA F 780 -34.61 39.55 -43.87
C ALA F 780 -34.99 41.02 -43.79
N LYS F 781 -35.58 41.42 -42.66
CA LYS F 781 -35.89 42.84 -42.48
C LYS F 781 -34.62 43.66 -42.37
N ARG F 782 -33.62 43.12 -41.69
CA ARG F 782 -32.38 43.84 -41.52
C ARG F 782 -31.67 44.01 -42.85
N ALA F 783 -31.79 43.03 -43.74
CA ALA F 783 -31.16 43.12 -45.05
C ALA F 783 -31.98 43.93 -46.05
N GLY F 784 -33.23 44.27 -45.72
CA GLY F 784 -34.05 45.07 -46.61
C GLY F 784 -34.80 44.33 -47.69
N VAL F 785 -34.69 42.99 -47.76
CA VAL F 785 -35.41 42.24 -48.78
C VAL F 785 -36.91 42.38 -48.60
N THR F 786 -37.63 42.50 -49.73
CA THR F 786 -39.03 42.91 -49.73
C THR F 786 -40.07 41.84 -50.07
N CYS F 787 -39.69 40.61 -50.46
CA CYS F 787 -40.70 39.62 -50.89
C CYS F 787 -40.30 38.23 -50.43
N ILE F 788 -40.60 37.93 -49.17
CA ILE F 788 -40.44 36.58 -48.66
C ILE F 788 -41.52 35.65 -49.18
N VAL F 789 -41.16 34.37 -49.25
CA VAL F 789 -42.06 33.29 -49.67
C VAL F 789 -41.76 32.13 -48.73
N LEU F 790 -42.78 31.58 -48.09
CA LEU F 790 -42.63 30.72 -46.93
C LEU F 790 -43.41 29.41 -47.03
N PRO F 791 -42.97 28.35 -46.32
CA PRO F 791 -43.81 27.17 -46.21
C PRO F 791 -45.10 27.50 -45.48
N ALA F 792 -46.17 26.85 -45.91
CA ALA F 792 -47.48 27.16 -45.33
C ALA F 792 -47.54 26.75 -43.86
N GLU F 793 -46.90 25.65 -43.49
CA GLU F 793 -47.13 25.07 -42.16
C GLU F 793 -46.58 25.95 -41.05
N ASN F 794 -45.59 26.79 -41.34
CA ASN F 794 -45.04 27.68 -40.33
C ASN F 794 -45.84 28.96 -40.18
N LYS F 795 -46.90 29.14 -40.98
CA LYS F 795 -47.61 30.41 -41.13
C LYS F 795 -48.00 30.97 -39.78
N LYS F 796 -48.52 30.10 -38.91
CA LYS F 796 -49.02 30.52 -37.62
C LYS F 796 -47.89 31.16 -36.83
N ASP F 797 -46.68 30.61 -36.94
CA ASP F 797 -45.54 31.18 -36.26
C ASP F 797 -45.24 32.57 -36.79
N PHE F 798 -45.40 32.76 -38.11
CA PHE F 798 -45.20 34.10 -38.67
C PHE F 798 -46.27 35.04 -38.15
N TYR F 799 -47.47 34.53 -37.92
CA TYR F 799 -48.50 35.38 -37.36
C TYR F 799 -48.15 35.70 -35.93
N ASP F 800 -47.42 34.80 -35.26
CA ASP F 800 -47.07 35.03 -33.87
C ASP F 800 -45.91 36.02 -33.76
N LEU F 801 -45.22 36.32 -34.86
CA LEU F 801 -44.18 37.31 -34.83
C LEU F 801 -44.81 38.68 -34.66
N ALA F 802 -44.05 39.60 -34.06
CA ALA F 802 -44.53 40.96 -33.83
C ALA F 802 -44.89 41.60 -35.15
N ALA F 803 -46.05 42.26 -35.19
CA ALA F 803 -46.59 42.73 -36.47
C ALA F 803 -45.68 43.76 -37.12
N PHE F 804 -44.92 44.50 -36.32
CA PHE F 804 -44.13 45.62 -36.82
C PHE F 804 -43.09 45.16 -37.83
N ILE F 805 -42.58 43.94 -37.68
CA ILE F 805 -41.59 43.43 -38.61
C ILE F 805 -42.21 43.16 -39.97
N THR F 806 -43.53 42.97 -40.04
CA THR F 806 -44.16 42.49 -41.27
C THR F 806 -44.41 43.59 -42.29
N GLU F 807 -44.30 44.87 -41.92
CA GLU F 807 -44.64 45.92 -42.87
C GLU F 807 -43.60 45.95 -43.98
N GLY F 808 -44.08 46.12 -45.21
CA GLY F 808 -43.24 46.37 -46.35
C GLY F 808 -42.65 45.15 -47.00
N LEU F 809 -42.87 43.95 -46.45
CA LEU F 809 -42.42 42.70 -47.06
C LEU F 809 -43.66 41.94 -47.50
N GLU F 810 -43.62 41.39 -48.71
CA GLU F 810 -44.76 40.67 -49.26
C GLU F 810 -44.57 39.19 -48.95
N VAL F 811 -45.37 38.68 -48.02
CA VAL F 811 -45.29 37.28 -47.62
C VAL F 811 -46.00 36.43 -48.65
N HIS F 812 -45.60 35.15 -48.73
CA HIS F 812 -46.30 34.20 -49.58
C HIS F 812 -46.16 32.81 -48.97
N PHE F 813 -47.27 32.27 -48.46
CA PHE F 813 -47.29 30.93 -47.90
C PHE F 813 -47.73 29.93 -48.95
N VAL F 814 -47.01 28.82 -49.03
CA VAL F 814 -47.25 27.80 -50.05
C VAL F 814 -46.76 26.44 -49.56
N GLU F 815 -47.34 25.39 -50.16
CA GLU F 815 -46.89 24.02 -49.97
C GLU F 815 -46.34 23.45 -51.27
N HIS F 816 -47.10 23.53 -52.36
CA HIS F 816 -46.60 23.09 -53.65
C HIS F 816 -45.57 24.05 -54.22
N TYR F 817 -44.48 23.50 -54.76
CA TYR F 817 -43.47 24.40 -55.32
C TYR F 817 -43.99 25.11 -56.55
N ARG F 818 -44.95 24.54 -57.30
CA ARG F 818 -45.38 25.17 -58.55
C ARG F 818 -45.89 26.56 -58.26
N GLU F 819 -46.48 26.73 -57.08
CA GLU F 819 -46.96 28.02 -56.70
C GLU F 819 -45.75 28.95 -56.64
N ILE F 820 -44.60 28.43 -56.16
CA ILE F 820 -43.40 29.25 -56.15
C ILE F 820 -42.94 29.48 -57.57
N PHE F 821 -43.19 28.51 -58.46
CA PHE F 821 -42.83 28.69 -59.86
C PHE F 821 -43.63 29.82 -60.48
N ASP F 822 -44.79 30.10 -59.91
CA ASP F 822 -45.60 31.19 -60.40
C ASP F 822 -45.06 32.54 -59.94
N ILE F 823 -44.17 32.54 -58.94
CA ILE F 823 -43.66 33.76 -58.33
C ILE F 823 -42.27 34.09 -58.83
N ALA F 824 -41.37 33.12 -58.76
CA ALA F 824 -39.97 33.35 -59.11
C ALA F 824 -39.78 33.81 -60.54
N PHE F 825 -40.68 33.41 -61.42
CA PHE F 825 -40.60 33.62 -62.87
C PHE F 825 -41.91 34.29 -63.25
N PRO F 826 -42.08 35.57 -62.87
CA PRO F 826 -43.34 36.23 -63.17
C PRO F 826 -43.48 36.52 -64.65
N UNK G 1 9.04 3.17 48.32
CA UNK G 1 7.79 2.84 47.66
C UNK G 1 7.79 3.34 46.23
N UNK G 2 8.95 3.35 45.59
CA UNK G 2 9.06 3.82 44.22
C UNK G 2 8.36 2.82 43.32
N UNK G 3 7.74 3.35 42.27
CA UNK G 3 7.02 2.53 41.30
C UNK G 3 7.25 3.16 39.94
N UNK G 4 7.80 2.36 39.02
CA UNK G 4 8.06 2.84 37.67
C UNK G 4 6.76 3.18 36.98
N UNK G 5 6.57 4.46 36.68
CA UNK G 5 5.36 4.93 36.03
C UNK G 5 5.39 4.55 34.55
N UNK G 6 4.92 3.34 34.24
CA UNK G 6 4.88 2.85 32.86
C UNK G 6 3.94 3.68 31.99
N UNK G 7 4.29 3.86 30.72
CA UNK G 7 3.46 4.62 29.78
C UNK G 7 4.00 4.56 28.35
N UNK G 8 3.14 4.90 27.39
CA UNK G 8 3.48 4.86 25.97
C UNK G 8 2.47 5.67 25.16
N UNK G 9 2.66 5.75 23.83
CA UNK G 9 1.71 6.47 22.97
C UNK G 9 1.80 6.09 21.50
N UNK G 10 0.65 6.06 20.84
CA UNK G 10 0.57 5.69 19.44
C UNK G 10 -0.87 5.78 18.96
N UNK G 11 -1.05 5.77 17.65
CA UNK G 11 -2.37 5.91 17.05
C UNK G 11 -2.26 5.75 15.56
N UNK G 12 -3.39 5.83 14.88
CA UNK G 12 -3.49 5.31 13.53
C UNK G 12 -3.20 6.41 12.50
N UNK G 13 -2.04 7.05 12.64
CA UNK G 13 -1.58 7.99 11.62
C UNK G 13 -1.28 7.24 10.35
N UNK G 14 -1.98 7.60 9.28
CA UNK G 14 -2.04 6.79 8.05
C UNK G 14 -1.45 7.53 6.87
N UNK G 15 -1.65 7.00 5.67
CA UNK G 15 -1.16 7.63 4.44
C UNK G 15 -1.91 7.06 3.23
N UNK G 16 -1.26 6.94 2.06
CA UNK G 16 -1.90 6.29 0.93
C UNK G 16 -0.85 5.73 0.00
N UNK G 17 -1.30 4.97 -0.99
CA UNK G 17 -0.41 4.29 -1.92
C UNK G 17 -1.05 4.23 -3.29
N UNK G 18 -0.27 4.47 -4.32
CA UNK G 18 -0.74 4.34 -5.68
C UNK G 18 -0.86 2.86 -6.03
N UNK G 19 -1.36 2.57 -7.23
CA UNK G 19 -1.38 1.20 -7.72
C UNK G 19 -1.63 1.16 -9.21
N UNK G 20 -0.80 0.42 -9.94
CA UNK G 20 -1.07 0.18 -11.34
C UNK G 20 -2.34 -0.63 -11.42
N UNK G 21 -3.10 -0.45 -12.49
CA UNK G 21 -4.36 -1.15 -12.62
C UNK G 21 -4.96 -0.97 -14.00
N UNK G 22 -5.04 -2.05 -14.76
CA UNK G 22 -5.71 -2.03 -16.04
C UNK G 22 -7.19 -1.72 -15.81
N UNK G 23 -7.78 -0.93 -16.69
CA UNK G 23 -9.20 -0.61 -16.61
C UNK G 23 -10.07 -1.86 -16.64
PG ATP H . 11.54 22.09 -28.92
O1G ATP H . 10.37 22.92 -28.49
O2G ATP H . 12.54 21.77 -27.87
O3G ATP H . 11.20 20.99 -29.87
PB ATP H . 12.39 24.58 -29.41
O1B ATP H . 12.26 24.70 -27.92
O2B ATP H . 11.36 25.04 -30.38
O3B ATP H . 12.48 23.04 -29.76
PA ATP H . 14.60 25.83 -28.65
O1A ATP H . 15.04 24.71 -27.76
O2A ATP H . 13.79 26.94 -28.07
O3A ATP H . 13.79 25.14 -29.81
O5' ATP H . 15.85 26.38 -29.50
C5' ATP H . 17.15 26.07 -29.06
C4' ATP H . 18.13 26.63 -30.07
O4' ATP H . 17.45 27.33 -31.09
C3' ATP H . 19.12 27.58 -29.43
O3' ATP H . 20.42 27.07 -29.68
C2' ATP H . 18.90 28.87 -30.15
O2' ATP H . 20.10 29.55 -30.47
C1' ATP H . 18.16 28.51 -31.41
N9 ATP H . 17.19 29.57 -31.73
C8 ATP H . 15.92 29.35 -32.04
N7 ATP H . 15.29 30.53 -32.25
C5 ATP H . 16.17 31.52 -32.09
C6 ATP H . 16.14 32.99 -32.18
N6 ATP H . 15.00 33.63 -32.50
N1 ATP H . 17.28 33.64 -31.94
C2 ATP H . 18.40 32.98 -31.62
N3 ATP H . 18.49 31.66 -31.52
C4 ATP H . 17.43 30.87 -31.76
H5'1 ATP H . 17.30 25.00 -29.09
H5'2 ATP H . 17.28 26.37 -28.03
H4' ATP H . 18.69 25.79 -30.51
H3' ATP H . 19.00 27.77 -28.35
HO3' ATP H . 21.08 27.59 -29.18
H2' ATP H . 18.27 29.49 -29.48
HO2' ATP H . 20.55 29.83 -29.66
H1' ATP H . 18.86 28.34 -32.23
H8 ATP H . 15.46 28.38 -32.10
HN61 ATP H . 14.15 33.11 -32.67
HN62 ATP H . 14.98 34.63 -32.54
H2 ATP H . 19.30 33.56 -31.42
MG MG I . 12.10 23.22 -26.44
PG ATP J . 21.36 -6.09 -31.69
O1G ATP J . 21.37 -4.58 -31.60
O2G ATP J . 21.89 -6.81 -30.49
O3G ATP J . 20.18 -6.71 -32.38
PB ATP J . 23.79 -5.55 -32.68
O1B ATP J . 23.95 -4.89 -31.35
O2B ATP J . 23.56 -4.81 -33.96
O3B ATP J . 22.58 -6.54 -32.59
PA ATP J . 25.82 -6.61 -31.57
O1A ATP J . 24.98 -7.15 -30.45
O2A ATP J . 26.54 -5.30 -31.38
O3A ATP J . 24.89 -6.65 -32.84
O5' ATP J . 26.83 -7.73 -32.01
C5' ATP J . 26.57 -9.04 -31.55
C4' ATP J . 27.67 -9.87 -32.16
O4' ATP J . 28.05 -9.36 -33.44
C3' ATP J . 28.88 -9.81 -31.25
O3' ATP J . 29.17 -11.12 -30.80
C2' ATP J . 29.98 -9.29 -32.12
O2' ATP J . 31.22 -9.98 -31.98
C1' ATP J . 29.46 -9.41 -33.54
N9 ATP J . 29.96 -8.31 -34.37
C8 ATP J . 29.24 -7.65 -35.28
N7 ATP J . 30.01 -6.72 -35.87
C5 ATP J . 31.24 -6.78 -35.35
C6 ATP J . 32.53 -6.09 -35.53
N6 ATP J . 32.70 -5.08 -36.40
N1 ATP J . 33.55 -6.48 -34.79
C2 ATP J . 33.46 -7.46 -33.88
N3 ATP J . 32.33 -8.13 -33.68
C4 ATP J . 31.21 -7.85 -34.37
H5'1 ATP J . 25.64 -9.38 -31.99
H5'2 ATP J . 26.50 -9.13 -30.47
H4' ATP J . 27.33 -10.91 -32.25
H3' ATP J . 28.77 -9.12 -30.41
HO3' ATP J . 29.87 -11.11 -30.13
H2' ATP J . 30.09 -8.23 -31.84
HO2' ATP J . 31.58 -9.83 -31.09
H1' ATP J . 29.79 -10.39 -33.96
H8 ATP J . 28.20 -7.83 -35.50
HN61 ATP J . 31.93 -4.79 -36.97
HN62 ATP J . 33.60 -4.64 -36.49
H2 ATP J . 34.34 -7.73 -33.32
MG MG K . 22.64 -5.01 -29.74
PB ADP L . 3.36 -31.57 -28.83
O1B ADP L . 4.80 -31.22 -28.57
O2B ADP L . 3.22 -32.53 -29.97
O3B ADP L . 2.41 -30.42 -28.87
PA ADP L . 3.76 -33.43 -26.78
O1A ADP L . 3.36 -33.38 -25.33
O2A ADP L . 5.17 -33.43 -27.28
O3A ADP L . 2.81 -32.48 -27.64
O5' ADP L . 3.30 -34.86 -27.24
C5' ADP L . 2.15 -35.18 -27.96
C4' ADP L . 2.04 -36.70 -28.00
O4' ADP L . 2.74 -37.22 -29.14
C3' ADP L . 2.63 -37.41 -26.77
O3' ADP L . 1.58 -38.19 -26.23
C2' ADP L . 3.70 -38.33 -27.31
O2' ADP L . 3.69 -39.63 -26.73
C1' ADP L . 3.38 -38.44 -28.79
N9 ADP L . 4.58 -38.63 -29.63
C8 ADP L . 4.75 -38.11 -30.86
N7 ADP L . 5.92 -38.50 -31.39
C5 ADP L . 6.52 -39.31 -30.50
C6 ADP L . 7.78 -40.07 -30.41
N6 ADP L . 8.70 -40.08 -31.40
N1 ADP L . 8.00 -40.79 -29.31
C2 ADP L . 7.15 -40.82 -28.28
N3 ADP L . 5.99 -40.16 -28.29
C4 ADP L . 5.62 -39.41 -29.35
H5'1 ADP L . 2.23 -34.79 -28.97
H5'2 ADP L . 1.27 -34.75 -27.49
H4' ADP L . 0.98 -36.97 -28.08
H3' ADP L . 3.03 -36.83 -25.93
HO3' ADP L . 1.86 -38.57 -25.37
H2' ADP L . 4.67 -37.85 -27.17
HO2' ADP L . 3.95 -39.58 -25.80
H1' ADP L . 2.69 -39.27 -28.93
H8 ADP L . 4.04 -37.46 -31.35
HN61 ADP L . 8.55 -39.55 -32.25
HN62 ADP L . 9.54 -40.61 -31.28
H2 ADP L . 7.40 -41.43 -27.42
PG ATP M . -28.41 -24.69 -20.92
O1G ATP M . -28.66 -23.88 -22.16
O2G ATP M . -28.64 -24.26 -19.51
O3G ATP M . -27.10 -25.42 -21.09
PB ATP M . -29.09 -27.23 -20.76
O1B ATP M . -28.16 -27.22 -19.56
O2B ATP M . -28.81 -27.67 -22.17
O3B ATP M . -29.59 -25.75 -20.96
PA ATP M . -30.55 -28.26 -18.83
O1A ATP M . -30.32 -27.00 -18.06
O2A ATP M . -29.86 -29.50 -18.34
O3A ATP M . -30.46 -27.85 -20.33
O5' ATP M . -32.12 -28.51 -19.00
C5' ATP M . -33.03 -27.48 -18.67
C4' ATP M . -34.35 -28.19 -18.53
O4' ATP M . -34.46 -29.24 -19.50
C3' ATP M . -34.32 -28.79 -17.14
O3' ATP M . -35.37 -28.22 -16.34
C2' ATP M . -34.55 -30.26 -17.40
O2' ATP M . -35.53 -30.82 -16.53
C1' ATP M . -34.96 -30.41 -18.86
N9 ATP M . -34.35 -31.59 -19.46
C8 ATP M . -33.92 -31.63 -20.72
N7 ATP M . -33.49 -32.87 -21.03
C5 ATP M . -33.75 -33.66 -19.98
C6 ATP M . -33.56 -35.08 -19.65
N6 ATP M . -33.01 -35.91 -20.56
N1 ATP M . -33.99 -35.50 -18.45
C2 ATP M . -34.55 -34.66 -17.55
N3 ATP M . -34.73 -33.36 -17.81
C4 ATP M . -34.40 -32.83 -18.99
H5'1 ATP M . -33.10 -26.80 -19.52
H5'2 ATP M . -32.78 -26.87 -17.80
H4' ATP M . -35.18 -27.48 -18.62
H3' ATP M . -33.35 -28.71 -16.63
HO3' ATP M . -35.25 -28.48 -15.42
H2' ATP M . -33.58 -30.75 -17.25
HO2' ATP M . -35.21 -30.80 -15.62
H1' ATP M . -36.06 -30.45 -18.93
H8 ATP M . -33.82 -30.78 -21.36
HN61 ATP M . -32.70 -35.56 -21.46
HN62 ATP M . -32.88 -36.88 -20.35
H2 ATP M . -34.86 -35.06 -16.60
MG MG N . -27.48 -25.60 -18.37
PG ATP O . -37.10 4.21 -10.80
O1G ATP O . -36.38 2.90 -10.62
O2G ATP O . -37.81 4.73 -9.60
O3G ATP O . -36.31 5.25 -11.55
PB ATP O . -39.50 2.91 -11.45
O1B ATP O . -39.19 2.19 -10.16
O2B ATP O . -39.84 2.13 -12.68
O3B ATP O . -38.28 3.88 -11.82
PA ATP O . -41.24 4.09 -9.74
O1A ATP O . -40.32 4.69 -8.72
O2A ATP O . -41.74 2.68 -9.60
O3A ATP O . -40.56 4.05 -11.18
O5' ATP O . -42.49 5.06 -9.96
C5' ATP O . -42.53 5.92 -11.09
C4' ATP O . -43.72 6.87 -11.09
O4' ATP O . -44.78 6.31 -11.86
C3' ATP O . -44.29 7.18 -9.71
O3' ATP O . -44.35 8.61 -9.63
C2' ATP O . -45.70 6.60 -9.74
O2' ATP O . -46.66 7.40 -9.06
C1' ATP O . -46.03 6.54 -11.20
N9 ATP O . -47.00 5.48 -11.57
C8 ATP O . -46.98 4.89 -12.78
N7 ATP O . -47.98 4.00 -12.92
C5 ATP O . -48.70 4.02 -11.79
C6 ATP O . -49.91 3.31 -11.32
N6 ATP O . -50.51 2.40 -12.13
N1 ATP O . -50.36 3.61 -10.09
C2 ATP O . -49.73 4.52 -9.31
N3 ATP O . -48.63 5.20 -9.68
C4 ATP O . -48.08 5.01 -10.91
H5'1 ATP O . -42.65 5.25 -11.93
H5'2 ATP O . -41.59 6.46 -11.19
H4' ATP O . -43.41 7.81 -11.55
H3' ATP O . -43.73 6.81 -8.85
HO3' ATP O . -44.63 8.87 -8.75
H2' ATP O . -45.68 5.58 -9.33
HO2' ATP O . -46.45 7.44 -8.12
H1' ATP O . -46.42 7.51 -11.51
H8 ATP O . -46.23 5.10 -13.54
HN61 ATP O . -50.12 2.23 -13.03
HN62 ATP O . -51.33 1.90 -11.83
H2 ATP O . -50.13 4.71 -8.33
MG MG P . -38.84 3.34 -8.45
PG ATP Q . -16.28 27.07 -18.17
O1G ATP Q . -17.68 26.58 -18.03
O2G ATP Q . -15.54 27.21 -16.89
O3G ATP Q . -15.51 26.52 -19.34
PB ATP Q . -17.80 29.18 -17.97
O1B ATP Q . -17.95 28.87 -16.52
O2B ATP Q . -18.82 28.82 -19.00
O3B ATP Q . -16.46 28.59 -18.55
PA ATP Q . -17.77 31.66 -17.01
O1A ATP Q . -16.56 31.60 -16.13
O2A ATP Q . -19.08 31.38 -16.38
O3A ATP Q . -17.39 30.66 -18.17
O5' ATP Q . -17.76 32.98 -17.89
C5' ATP Q . -16.50 33.36 -18.39
C4' ATP Q . -16.68 34.67 -19.12
O4' ATP Q . -17.95 34.73 -19.74
C3' ATP Q . -16.56 35.81 -18.13
O3' ATP Q . -15.46 36.66 -18.48
C2' ATP Q . -17.88 36.52 -18.28
O2' ATP Q . -17.77 37.94 -18.24
C1' ATP Q . -18.41 36.06 -19.62
N9 ATP Q . -19.87 36.11 -19.72
C8 ATP Q . -20.60 35.24 -20.45
N7 ATP Q . -21.93 35.54 -20.34
C5 ATP Q . -22.04 36.59 -19.54
C6 ATP Q . -23.13 37.42 -19.00
N6 ATP Q . -24.42 37.21 -19.28
N1 ATP Q . -22.82 38.45 -18.20
C2 ATP Q . -21.56 38.75 -17.87
N3 ATP Q . -20.53 38.04 -18.32
C4 ATP Q . -20.69 36.98 -19.14
H5'1 ATP Q . -16.18 32.65 -19.12
H5'2 ATP Q . -15.73 33.41 -17.62
H4' ATP Q . -15.88 34.76 -19.88
H3' ATP Q . -16.46 35.48 -17.09
HO3' ATP Q . -15.33 37.34 -17.81
H2' ATP Q . -18.53 36.16 -17.47
HO2' ATP Q . -17.45 38.23 -17.38
H1' ATP Q . -17.96 36.69 -20.41
H8 ATP Q . -20.19 34.43 -21.02
HN61 ATP Q . -24.70 36.46 -19.88
HN62 ATP Q . -25.11 37.83 -18.86
H2 ATP Q . -21.38 39.59 -17.20
MG MG R . -16.86 27.57 -15.31
#